data_9D7Z
#
_entry.id   9D7Z
#
loop_
_entity.id
_entity.type
_entity.pdbx_description
1 polymer 'Major capsid protein'
2 polymer 'Ig-like domain-containing protein'
#
loop_
_entity_poly.entity_id
_entity_poly.type
_entity_poly.pdbx_seq_one_letter_code
_entity_poly.pdbx_strand_id
1 'polypeptide(L)'
;MLNYNAPIDGQKSSIDGAGSDQMNTFYWLKKAIIQARKDQYFMPLASVTNMPKNMGKTIKVYEYVPLLDDRNINDQGIDA
NGAHIVNGNLYGSSKDIGTITSKLPLLTENGGRVNRVGFTRLSREGSIHKFGFFYEFTQESLDFDSDDQLKEHLSRELMN
GAVQITEAVLQKDLLAAAGTVLYAGAATSDATITGEGSTPSVITYKNLMRLDAILTDNRTPTQTTIITGSRLVDTKVIGG
TRVMYVGSELVPDLKAMKDLFGNKAFIEIQHYGDAGTLMNGEIGTIDKFRIIQVPEMLHWAGAGAAATDANPGYRTSTVN
GTEHYDVYPVLVVGDDSFTTIGFQTDGKSVKFNVMTKMPGKETADRNDPYGETGFSSIKWYYGILVKRPERIAVMKAVAP
L
;
A,B,C,D,E,F,G,H,I
2 'polypeptide(L)'
;MPELKVAFNKDTYVATVLDASGSVPSGSVNVGTFFHPDETYPDSYVIYHGVRELLYKRSEVDPAQPGFWPENITNMQAVT
IDNKATARLVLNTSLPRVVSTIEGGKVTLSVVALGGKAPLKYKWEFRAPNASTWTAVSGQTTANLVLDNIDADKAGEYKV
TVTDAAGTSVDSTALVAVGAYPPPALTGIKATPTSLSLSVATDAAGKTVALSAIPTDAELGTLSIKTAPDSARATATISG
STLTVKPVAAGAATSVVVTNGKVDVTITINVAA
;
J,K,L
#
# COMPACT_ATOMS: atom_id res chain seq x y z
N MET A 1 -7.28 56.86 -122.18
CA MET A 1 -6.02 56.14 -121.97
C MET A 1 -6.10 55.32 -120.70
N LEU A 2 -5.27 54.27 -120.60
CA LEU A 2 -5.25 53.39 -119.43
C LEU A 2 -4.54 54.11 -118.29
N ASN A 3 -5.22 55.13 -117.77
CA ASN A 3 -4.66 55.96 -116.71
C ASN A 3 -4.63 55.17 -115.40
N TYR A 4 -4.16 55.83 -114.34
CA TYR A 4 -3.94 55.15 -113.07
C TYR A 4 -4.82 55.68 -111.94
N ASN A 5 -5.33 56.91 -112.04
CA ASN A 5 -6.23 57.51 -111.05
C ASN A 5 -5.56 57.42 -109.68
N ALA A 6 -6.28 57.05 -108.62
CA ALA A 6 -5.69 56.87 -107.30
C ALA A 6 -6.43 55.70 -106.65
N PRO A 7 -5.85 54.51 -106.67
CA PRO A 7 -6.55 53.34 -106.11
C PRO A 7 -6.41 53.25 -104.59
N ILE A 8 -5.93 54.32 -103.97
CA ILE A 8 -5.87 54.39 -102.52
C ILE A 8 -6.97 55.26 -101.94
N ASP A 9 -7.53 56.21 -102.69
CA ASP A 9 -8.57 57.09 -102.20
C ASP A 9 -9.97 56.67 -102.63
N GLY A 10 -10.10 55.49 -103.24
CA GLY A 10 -11.40 55.00 -103.63
C GLY A 10 -11.56 54.78 -105.12
N GLN A 11 -10.84 55.55 -105.93
CA GLN A 11 -10.94 55.42 -107.37
C GLN A 11 -10.31 54.11 -107.83
N LYS A 12 -10.71 53.66 -109.02
CA LYS A 12 -10.19 52.43 -109.58
C LYS A 12 -9.00 52.75 -110.48
N SER A 13 -8.42 51.75 -111.13
CA SER A 13 -7.22 51.94 -111.93
C SER A 13 -7.50 51.86 -113.43
N SER A 14 -8.77 51.95 -113.83
CA SER A 14 -9.18 51.97 -115.23
C SER A 14 -8.80 50.68 -115.97
N ILE A 15 -8.25 49.71 -115.25
CA ILE A 15 -7.99 48.39 -115.81
C ILE A 15 -8.62 47.33 -114.92
N ASP A 16 -8.36 47.40 -113.62
CA ASP A 16 -8.90 46.45 -112.66
C ASP A 16 -10.41 46.65 -112.54
N GLY A 17 -11.18 45.75 -113.15
CA GLY A 17 -12.62 45.86 -113.18
C GLY A 17 -13.30 44.95 -112.17
N ALA A 18 -14.63 44.98 -112.21
CA ALA A 18 -15.48 44.19 -111.32
C ALA A 18 -15.12 44.45 -109.86
N GLY A 19 -14.81 43.40 -109.12
CA GLY A 19 -14.46 43.55 -107.72
C GLY A 19 -12.96 43.59 -107.48
N SER A 20 -12.19 43.17 -108.48
CA SER A 20 -10.75 43.14 -108.35
C SER A 20 -10.17 44.54 -108.29
N ASP A 21 -9.19 44.73 -107.40
CA ASP A 21 -8.45 45.98 -107.29
C ASP A 21 -6.96 45.64 -107.20
N GLN A 22 -6.15 46.66 -106.94
CA GLN A 22 -4.70 46.49 -106.94
C GLN A 22 -4.25 45.66 -105.74
N MET A 23 -3.13 44.96 -105.92
CA MET A 23 -2.56 44.14 -104.85
C MET A 23 -1.89 45.03 -103.82
N ASN A 24 -0.90 45.79 -104.24
CA ASN A 24 -0.21 46.74 -103.37
C ASN A 24 -0.56 48.17 -103.78
N THR A 25 -0.63 49.05 -102.78
CA THR A 25 -0.92 50.45 -103.05
C THR A 25 -0.06 51.40 -102.23
N PHE A 26 0.89 50.89 -101.46
CA PHE A 26 1.83 51.74 -100.74
C PHE A 26 3.11 50.95 -100.50
N TYR A 27 4.06 51.60 -99.84
CA TYR A 27 5.34 50.98 -99.49
C TYR A 27 5.46 51.05 -97.98
N TRP A 28 5.36 49.90 -97.34
CA TRP A 28 5.36 49.82 -95.87
C TRP A 28 6.77 50.09 -95.36
N LEU A 29 6.97 51.29 -94.80
CA LEU A 29 8.24 51.63 -94.16
C LEU A 29 8.45 50.74 -92.94
N LYS A 30 9.46 49.87 -92.99
CA LYS A 30 9.61 48.87 -91.95
C LYS A 30 10.02 49.49 -90.63
N LYS A 31 10.83 50.55 -90.66
CA LYS A 31 11.24 51.22 -89.44
C LYS A 31 10.04 51.77 -88.70
N ALA A 32 9.97 51.49 -87.40
CA ALA A 32 8.84 51.89 -86.58
C ALA A 32 9.18 53.09 -85.72
N ILE A 33 8.17 53.94 -85.49
CA ILE A 33 8.35 55.14 -84.67
C ILE A 33 8.08 54.73 -83.22
N ILE A 34 9.15 54.55 -82.46
CA ILE A 34 9.03 54.22 -81.05
C ILE A 34 9.27 55.48 -80.23
N GLN A 35 8.88 55.44 -78.96
CA GLN A 35 8.83 56.63 -78.11
C GLN A 35 9.83 56.59 -76.97
N ALA A 36 10.94 55.88 -77.16
CA ALA A 36 12.07 55.88 -76.22
C ALA A 36 11.59 55.56 -74.80
N ARG A 37 12.29 56.08 -73.79
CA ARG A 37 11.94 55.87 -72.40
C ARG A 37 12.04 57.18 -71.65
N LYS A 38 11.21 57.34 -70.63
CA LYS A 38 11.16 58.60 -69.89
C LYS A 38 12.37 58.72 -68.96
N ASP A 39 12.60 59.95 -68.50
CA ASP A 39 13.74 60.24 -67.63
C ASP A 39 13.39 60.00 -66.17
N GLN A 40 14.41 59.63 -65.39
CA GLN A 40 14.25 59.34 -63.98
C GLN A 40 15.21 60.21 -63.18
N TYR A 41 14.69 60.82 -62.11
CA TYR A 41 15.51 61.67 -61.25
C TYR A 41 15.39 61.35 -59.77
N PHE A 42 14.46 60.47 -59.38
CA PHE A 42 14.27 60.14 -57.96
C PHE A 42 14.69 58.71 -57.62
N MET A 43 14.71 57.81 -58.60
CA MET A 43 15.24 56.47 -58.35
C MET A 43 16.72 56.48 -57.96
N PRO A 44 17.62 57.21 -58.65
CA PRO A 44 19.04 57.17 -58.26
C PRO A 44 19.31 57.64 -56.84
N LEU A 45 18.55 58.62 -56.34
CA LEU A 45 18.81 59.15 -55.00
C LEU A 45 18.52 58.14 -53.89
N ALA A 46 17.87 57.03 -54.21
CA ALA A 46 17.40 56.09 -53.19
C ALA A 46 18.47 55.06 -52.87
N SER A 47 18.84 55.00 -51.60
CA SER A 47 19.70 53.93 -51.10
C SER A 47 18.82 52.76 -50.65
N VAL A 48 19.35 51.55 -50.84
CA VAL A 48 18.60 50.32 -50.58
C VAL A 48 18.89 49.87 -49.16
N THR A 49 17.90 49.23 -48.53
CA THR A 49 18.04 48.59 -47.23
C THR A 49 17.48 47.19 -47.33
N ASN A 50 18.28 46.19 -46.95
CA ASN A 50 17.91 44.81 -47.18
C ASN A 50 16.85 44.38 -46.17
N MET A 51 15.80 43.73 -46.68
CA MET A 51 14.72 43.20 -45.85
C MET A 51 14.81 41.68 -45.85
N PRO A 52 15.23 41.06 -44.75
CA PRO A 52 15.38 39.60 -44.74
C PRO A 52 14.02 38.91 -44.85
N LYS A 53 14.06 37.69 -45.39
CA LYS A 53 12.88 36.86 -45.41
C LYS A 53 12.53 36.40 -44.00
N ASN A 54 11.31 35.91 -43.85
CA ASN A 54 10.81 35.33 -42.61
C ASN A 54 10.74 36.34 -41.47
N MET A 55 10.53 37.62 -41.76
CA MET A 55 10.45 38.64 -40.73
C MET A 55 9.32 39.64 -40.96
N GLY A 56 8.16 39.20 -41.43
CA GLY A 56 7.06 40.11 -41.68
C GLY A 56 7.36 41.01 -42.86
N LYS A 57 6.60 42.11 -42.95
CA LYS A 57 6.85 43.15 -43.95
C LYS A 57 6.85 44.50 -43.23
N THR A 58 7.98 44.83 -42.59
CA THR A 58 8.12 46.12 -41.90
C THR A 58 9.55 46.33 -41.42
N ILE A 59 10.14 47.49 -41.70
CA ILE A 59 11.41 47.88 -41.12
C ILE A 59 11.17 49.05 -40.18
N LYS A 60 11.65 48.94 -38.94
CA LYS A 60 11.51 50.01 -37.96
C LYS A 60 12.88 50.30 -37.35
N VAL A 61 13.10 51.57 -37.02
CA VAL A 61 14.35 52.03 -36.44
C VAL A 61 14.04 52.77 -35.15
N TYR A 62 15.07 53.31 -34.50
CA TYR A 62 14.89 54.05 -33.25
C TYR A 62 15.46 55.44 -33.43
N GLU A 63 14.68 56.46 -33.11
CA GLU A 63 15.20 57.81 -33.03
C GLU A 63 15.51 58.16 -31.57
N TYR A 64 16.55 58.97 -31.39
CA TYR A 64 17.01 59.34 -30.04
C TYR A 64 17.03 60.86 -29.95
N VAL A 65 15.96 61.41 -29.40
CA VAL A 65 15.83 62.87 -29.27
C VAL A 65 16.88 63.38 -28.29
N PRO A 66 17.51 64.53 -28.54
CA PRO A 66 18.42 65.10 -27.55
C PRO A 66 17.66 65.62 -26.34
N LEU A 67 18.43 66.07 -25.34
CA LEU A 67 17.82 66.56 -24.10
C LEU A 67 17.10 67.88 -24.34
N LEU A 68 17.80 68.87 -24.88
CA LEU A 68 17.21 70.17 -25.17
C LEU A 68 16.49 70.09 -26.52
N ASP A 69 15.21 69.73 -26.45
CA ASP A 69 14.41 69.54 -27.64
C ASP A 69 12.95 69.50 -27.24
N ASP A 70 12.10 70.22 -27.97
CA ASP A 70 10.67 70.18 -27.69
C ASP A 70 10.08 68.80 -27.86
N ARG A 71 10.68 67.95 -28.70
CA ARG A 71 10.25 66.56 -28.84
C ARG A 71 10.53 65.73 -27.60
N ASN A 72 11.32 66.25 -26.67
CA ASN A 72 11.65 65.53 -25.43
C ASN A 72 10.58 65.83 -24.38
N ILE A 73 9.38 65.32 -24.65
CA ILE A 73 8.25 65.51 -23.75
C ILE A 73 8.26 64.39 -22.71
N ASN A 74 9.01 64.60 -21.64
CA ASN A 74 9.16 63.62 -20.58
C ASN A 74 8.45 64.07 -19.32
N ASP A 75 8.35 63.15 -18.36
CA ASP A 75 7.69 63.41 -17.08
C ASP A 75 8.65 63.71 -15.96
N GLN A 76 9.77 63.00 -15.87
CA GLN A 76 10.70 63.20 -14.77
C GLN A 76 11.42 64.54 -14.90
N GLY A 77 10.98 65.52 -14.13
CA GLY A 77 11.61 66.83 -14.15
C GLY A 77 11.34 67.62 -12.89
N ILE A 78 12.39 68.14 -12.27
CA ILE A 78 12.28 68.88 -11.02
C ILE A 78 13.17 70.11 -11.12
N ASP A 79 12.64 71.28 -10.76
CA ASP A 79 13.35 72.53 -10.97
C ASP A 79 14.28 72.84 -9.81
N ALA A 80 15.01 73.95 -9.94
CA ALA A 80 16.02 74.32 -8.96
C ALA A 80 15.43 74.41 -7.56
N ASN A 81 14.19 74.83 -7.44
CA ASN A 81 13.55 74.92 -6.12
C ASN A 81 13.15 73.56 -5.57
N GLY A 82 13.53 72.46 -6.20
CA GLY A 82 13.17 71.16 -5.68
C GLY A 82 11.71 70.79 -5.86
N ALA A 83 11.03 71.39 -6.84
CA ALA A 83 9.64 71.09 -7.11
C ALA A 83 9.51 70.46 -8.49
N HIS A 84 8.68 69.42 -8.58
CA HIS A 84 8.46 68.74 -9.86
C HIS A 84 7.64 69.61 -10.80
N ILE A 85 8.07 69.70 -12.05
CA ILE A 85 7.39 70.53 -13.04
C ILE A 85 6.77 69.65 -14.12
N VAL A 86 5.91 70.24 -14.96
CA VAL A 86 5.25 69.50 -16.02
C VAL A 86 6.21 69.14 -17.15
N ASN A 87 7.43 69.66 -17.12
CA ASN A 87 8.46 69.45 -18.12
C ASN A 87 9.70 68.90 -17.42
N GLY A 88 10.88 69.09 -17.98
CA GLY A 88 12.03 68.32 -17.57
C GLY A 88 12.98 68.03 -18.71
N ASN A 89 12.81 68.78 -19.79
CA ASN A 89 13.83 68.89 -20.82
C ASN A 89 14.49 70.26 -20.71
N LEU A 90 14.71 70.71 -19.48
CA LEU A 90 15.19 72.05 -19.17
C LEU A 90 14.43 73.12 -19.92
N TYR A 91 15.12 74.00 -20.63
CA TYR A 91 14.46 75.08 -21.36
C TYR A 91 14.04 74.65 -22.76
N GLY A 92 14.21 73.38 -23.11
CA GLY A 92 13.74 72.88 -24.39
C GLY A 92 14.47 73.47 -25.57
N SER A 93 13.70 74.06 -26.49
CA SER A 93 14.28 74.67 -27.68
C SER A 93 14.06 76.17 -27.75
N SER A 94 13.25 76.74 -26.87
CA SER A 94 13.04 78.18 -26.87
C SER A 94 14.33 78.91 -26.51
N LYS A 95 14.50 80.10 -27.08
CA LYS A 95 15.73 80.86 -26.91
C LYS A 95 15.45 82.23 -26.30
N ASP A 96 14.50 82.30 -25.37
CA ASP A 96 14.23 83.54 -24.66
C ASP A 96 15.22 83.67 -23.50
N ILE A 97 15.77 84.88 -23.32
CA ILE A 97 16.70 85.10 -22.22
C ILE A 97 16.00 84.86 -20.89
N GLY A 98 14.76 85.36 -20.76
CA GLY A 98 14.04 85.14 -19.52
C GLY A 98 13.77 83.67 -19.24
N THR A 99 13.38 82.94 -20.28
CA THR A 99 13.05 81.52 -20.09
C THR A 99 14.28 80.71 -19.71
N ILE A 100 15.40 80.94 -20.41
CA ILE A 100 16.64 80.23 -20.09
C ILE A 100 17.12 80.61 -18.69
N THR A 101 16.99 81.90 -18.35
CA THR A 101 17.39 82.33 -17.01
C THR A 101 16.56 81.65 -15.93
N SER A 102 15.25 81.51 -16.17
CA SER A 102 14.37 80.91 -15.19
C SER A 102 14.49 79.39 -15.14
N LYS A 103 15.03 78.76 -16.20
CA LYS A 103 15.17 77.31 -16.22
C LYS A 103 16.62 76.86 -16.24
N LEU A 104 17.54 77.74 -15.87
CA LEU A 104 18.94 77.33 -15.77
C LEU A 104 19.11 76.35 -14.61
N PRO A 105 19.88 75.29 -14.80
CA PRO A 105 20.13 74.34 -13.69
C PRO A 105 21.10 74.92 -12.67
N LEU A 106 20.64 75.93 -11.92
CA LEU A 106 21.44 76.60 -10.92
C LEU A 106 21.41 75.80 -9.63
N LEU A 107 22.57 75.59 -9.03
CA LEU A 107 22.71 74.71 -7.88
C LEU A 107 23.44 75.42 -6.74
N THR A 108 23.21 74.96 -5.51
CA THR A 108 23.69 75.62 -4.31
C THR A 108 24.67 74.70 -3.58
N GLU A 109 25.11 75.11 -2.38
CA GLU A 109 26.08 74.31 -1.62
C GLU A 109 25.44 73.01 -1.14
N ASN A 110 24.38 73.12 -0.34
CA ASN A 110 23.68 71.96 0.20
C ASN A 110 22.51 71.64 -0.73
N GLY A 111 22.84 71.11 -1.90
CA GLY A 111 21.83 70.81 -2.90
C GLY A 111 21.82 69.37 -3.34
N GLY A 112 20.66 68.73 -3.20
CA GLY A 112 20.53 67.33 -3.61
C GLY A 112 19.57 67.19 -4.78
N ARG A 113 18.43 66.53 -4.56
CA ARG A 113 17.45 66.31 -5.65
C ARG A 113 16.95 67.67 -6.12
N VAL A 114 17.68 68.32 -7.02
CA VAL A 114 17.30 69.70 -7.43
C VAL A 114 16.99 69.73 -8.94
N ASN A 115 17.88 69.27 -9.81
CA ASN A 115 17.64 69.39 -11.24
C ASN A 115 17.72 68.01 -11.89
N ARG A 116 16.59 67.49 -12.33
CA ARG A 116 16.52 66.19 -12.98
C ARG A 116 15.98 66.33 -14.39
N VAL A 117 16.61 65.65 -15.33
CA VAL A 117 16.25 65.73 -16.73
C VAL A 117 15.67 64.39 -17.18
N GLY A 118 15.08 64.39 -18.37
CA GLY A 118 14.47 63.18 -18.90
C GLY A 118 14.70 63.08 -20.40
N PHE A 119 14.58 61.86 -20.91
CA PHE A 119 14.88 61.57 -22.31
C PHE A 119 13.72 60.79 -22.93
N THR A 120 13.61 60.88 -24.25
CA THR A 120 12.55 60.23 -25.00
C THR A 120 13.13 59.48 -26.18
N ARG A 121 12.30 58.63 -26.77
CA ARG A 121 12.72 57.78 -27.88
C ARG A 121 11.59 57.73 -28.91
N LEU A 122 11.96 57.52 -30.17
CA LEU A 122 11.01 57.55 -31.27
C LEU A 122 11.32 56.43 -32.25
N SER A 123 10.33 56.04 -33.03
CA SER A 123 10.47 54.94 -33.98
C SER A 123 9.90 55.35 -35.33
N ARG A 124 10.58 54.93 -36.39
CA ARG A 124 10.18 55.25 -37.76
C ARG A 124 9.82 53.96 -38.48
N GLU A 125 8.52 53.70 -38.62
CA GLU A 125 8.07 52.51 -39.32
C GLU A 125 8.31 52.66 -40.82
N GLY A 126 8.41 51.51 -41.49
CA GLY A 126 8.54 51.47 -42.93
C GLY A 126 8.07 50.14 -43.48
N SER A 127 7.17 50.17 -44.46
CA SER A 127 6.50 48.98 -44.92
C SER A 127 6.97 48.59 -46.32
N ILE A 128 6.39 47.53 -46.86
CA ILE A 128 6.67 47.08 -48.21
C ILE A 128 5.36 46.63 -48.84
N HIS A 129 5.18 46.92 -50.13
CA HIS A 129 3.95 46.56 -50.82
C HIS A 129 4.29 45.76 -52.07
N LYS A 130 3.26 45.38 -52.84
CA LYS A 130 3.44 44.58 -54.04
C LYS A 130 2.73 45.25 -55.21
N PHE A 131 3.36 45.15 -56.38
CA PHE A 131 2.77 45.62 -57.62
C PHE A 131 2.92 44.56 -58.68
N GLY A 132 2.40 44.85 -59.87
CA GLY A 132 2.55 43.92 -60.98
C GLY A 132 1.34 43.85 -61.89
N PHE A 133 1.57 43.92 -63.19
CA PHE A 133 0.55 43.74 -64.20
C PHE A 133 0.95 42.60 -65.13
N PHE A 134 0.14 42.38 -66.16
CA PHE A 134 0.39 41.32 -67.13
C PHE A 134 -0.36 41.64 -68.41
N TYR A 135 -0.21 40.79 -69.42
CA TYR A 135 -0.93 40.92 -70.66
C TYR A 135 -0.98 39.58 -71.36
N GLU A 136 -2.09 39.28 -72.03
CA GLU A 136 -2.27 38.04 -72.77
C GLU A 136 -2.00 38.29 -74.25
N PHE A 137 -1.85 37.19 -74.99
CA PHE A 137 -1.67 37.28 -76.43
C PHE A 137 -1.92 35.91 -77.06
N THR A 138 -2.81 35.87 -78.05
CA THR A 138 -3.18 34.65 -78.74
C THR A 138 -2.08 34.23 -79.71
N GLN A 139 -2.10 32.95 -80.09
CA GLN A 139 -1.11 32.44 -81.02
C GLN A 139 -1.31 33.03 -82.42
N GLU A 140 -2.54 33.00 -82.91
CA GLU A 140 -2.79 33.54 -84.25
C GLU A 140 -2.71 35.05 -84.30
N SER A 141 -2.47 35.70 -83.17
CA SER A 141 -2.20 37.12 -83.12
C SER A 141 -0.71 37.42 -83.16
N LEU A 142 0.12 36.41 -83.32
CA LEU A 142 1.56 36.58 -83.44
C LEU A 142 2.13 36.02 -84.73
N ASP A 143 1.57 34.92 -85.24
CA ASP A 143 2.04 34.34 -86.49
C ASP A 143 1.46 35.06 -87.69
N PHE A 144 0.14 35.04 -87.83
CA PHE A 144 -0.54 35.65 -88.97
C PHE A 144 -0.87 37.10 -88.62
N ASP A 145 0.13 37.96 -88.76
CA ASP A 145 -0.05 39.38 -88.50
C ASP A 145 0.94 40.17 -89.35
N SER A 146 0.63 41.44 -89.58
CA SER A 146 1.45 42.30 -90.43
C SER A 146 2.88 42.39 -89.92
N ASP A 147 3.06 42.95 -88.73
CA ASP A 147 4.38 43.07 -88.15
C ASP A 147 4.89 41.70 -87.69
N ASP A 148 6.18 41.45 -87.93
CA ASP A 148 6.77 40.18 -87.53
C ASP A 148 7.45 40.25 -86.17
N GLN A 149 7.55 41.43 -85.57
CA GLN A 149 8.20 41.57 -84.27
C GLN A 149 7.25 42.24 -83.28
N LEU A 150 6.00 41.79 -83.25
CA LEU A 150 5.05 42.33 -82.29
C LEU A 150 5.41 41.96 -80.85
N LYS A 151 5.99 40.78 -80.65
CA LYS A 151 6.37 40.35 -79.30
C LYS A 151 7.52 41.20 -78.75
N GLU A 152 8.53 41.47 -79.59
CA GLU A 152 9.69 42.25 -79.15
C GLU A 152 9.35 43.69 -78.86
N HIS A 153 8.16 44.15 -79.25
CA HIS A 153 7.66 45.47 -78.87
C HIS A 153 6.72 45.39 -77.68
N LEU A 154 5.85 44.40 -77.64
CA LEU A 154 4.91 44.22 -76.55
C LEU A 154 5.58 43.82 -75.26
N SER A 155 6.84 43.38 -75.29
CA SER A 155 7.61 43.18 -74.07
C SER A 155 8.35 44.42 -73.62
N ARG A 156 8.99 45.13 -74.55
CA ARG A 156 9.71 46.35 -74.21
C ARG A 156 8.76 47.42 -73.68
N GLU A 157 7.56 47.51 -74.27
CA GLU A 157 6.56 48.44 -73.76
C GLU A 157 6.17 48.09 -72.33
N LEU A 158 6.01 46.80 -72.03
CA LEU A 158 5.70 46.38 -70.68
C LEU A 158 6.79 46.81 -69.70
N MET A 159 8.05 46.59 -70.08
CA MET A 159 9.14 46.95 -69.16
C MET A 159 9.25 48.45 -68.97
N ASN A 160 9.07 49.23 -70.04
CA ASN A 160 9.09 50.69 -69.89
C ASN A 160 7.93 51.18 -69.03
N GLY A 161 6.74 50.59 -69.20
CA GLY A 161 5.66 50.90 -68.30
C GLY A 161 5.99 50.59 -66.85
N ALA A 162 6.66 49.46 -66.62
CA ALA A 162 7.04 49.10 -65.26
C ALA A 162 7.99 50.13 -64.65
N VAL A 163 9.00 50.56 -65.41
CA VAL A 163 9.96 51.51 -64.83
C VAL A 163 9.31 52.87 -64.61
N GLN A 164 8.44 53.30 -65.53
CA GLN A 164 7.72 54.56 -65.32
C GLN A 164 6.85 54.48 -64.08
N ILE A 165 6.14 53.36 -63.91
CA ILE A 165 5.26 53.21 -62.76
C ILE A 165 6.05 53.23 -61.46
N THR A 166 7.18 52.52 -61.42
CA THR A 166 7.95 52.49 -60.19
C THR A 166 8.55 53.86 -59.86
N GLU A 167 9.01 54.61 -60.87
CA GLU A 167 9.52 55.95 -60.61
C GLU A 167 8.43 56.87 -60.10
N ALA A 168 7.25 56.82 -60.71
CA ALA A 168 6.14 57.65 -60.26
C ALA A 168 5.71 57.29 -58.84
N VAL A 169 5.71 56.00 -58.51
CA VAL A 169 5.33 55.58 -57.15
C VAL A 169 6.34 56.09 -56.13
N LEU A 170 7.64 55.96 -56.44
CA LEU A 170 8.65 56.48 -55.53
C LEU A 170 8.49 57.98 -55.34
N GLN A 171 8.24 58.71 -56.42
CA GLN A 171 8.09 60.15 -56.31
C GLN A 171 6.87 60.51 -55.49
N LYS A 172 5.77 59.77 -55.66
CA LYS A 172 4.57 60.02 -54.86
C LYS A 172 4.86 59.79 -53.38
N ASP A 173 5.58 58.72 -53.05
CA ASP A 173 5.90 58.45 -51.66
C ASP A 173 6.79 59.53 -51.07
N LEU A 174 7.79 59.97 -51.82
CA LEU A 174 8.64 61.08 -51.34
C LEU A 174 7.82 62.34 -51.13
N LEU A 175 6.90 62.63 -52.06
CA LEU A 175 6.07 63.82 -51.95
C LEU A 175 5.19 63.76 -50.72
N ALA A 176 4.61 62.60 -50.45
CA ALA A 176 3.71 62.47 -49.30
C ALA A 176 4.47 62.53 -47.98
N ALA A 177 5.63 61.87 -47.89
CA ALA A 177 6.40 61.83 -46.65
C ALA A 177 7.30 63.08 -46.61
N ALA A 178 6.87 64.07 -45.83
CA ALA A 178 7.60 65.32 -45.74
C ALA A 178 7.25 65.99 -44.42
N GLY A 179 8.26 66.30 -43.61
CA GLY A 179 8.05 66.98 -42.36
C GLY A 179 8.08 68.48 -42.48
N THR A 180 8.12 68.98 -43.72
CA THR A 180 8.18 70.40 -44.00
C THR A 180 7.23 70.70 -45.14
N VAL A 181 6.19 71.49 -44.87
CA VAL A 181 5.26 71.87 -45.92
C VAL A 181 5.02 73.36 -45.83
N LEU A 182 5.73 74.13 -46.65
CA LEU A 182 5.64 75.60 -46.67
C LEU A 182 4.72 76.03 -47.80
N TYR A 183 3.45 76.20 -47.46
CA TYR A 183 2.44 76.59 -48.45
C TYR A 183 2.73 77.96 -49.03
N ALA A 184 3.03 78.02 -50.33
CA ALA A 184 3.39 79.30 -50.91
C ALA A 184 2.18 80.23 -50.94
N GLY A 185 2.45 81.53 -50.85
CA GLY A 185 1.39 82.52 -50.82
C GLY A 185 0.86 82.77 -49.43
N ALA A 186 -0.46 82.91 -49.31
CA ALA A 186 -1.13 83.14 -48.04
C ALA A 186 -2.11 82.02 -47.72
N ALA A 187 -1.77 80.80 -48.11
CA ALA A 187 -2.63 79.64 -47.90
C ALA A 187 -2.20 78.89 -46.64
N THR A 188 -3.17 78.63 -45.75
CA THR A 188 -2.86 77.96 -44.49
C THR A 188 -2.96 76.45 -44.58
N SER A 189 -3.59 75.91 -45.62
CA SER A 189 -3.71 74.47 -45.80
C SER A 189 -3.73 74.16 -47.28
N ASP A 190 -3.95 72.89 -47.60
CA ASP A 190 -3.91 72.45 -48.99
C ASP A 190 -5.15 72.84 -49.77
N ALA A 191 -6.25 73.16 -49.09
CA ALA A 191 -7.49 73.58 -49.73
C ALA A 191 -7.61 75.09 -49.86
N THR A 192 -6.60 75.83 -49.43
CA THR A 192 -6.62 77.29 -49.49
C THR A 192 -5.77 77.82 -50.63
N ILE A 193 -4.93 76.99 -51.23
CA ILE A 193 -4.03 77.43 -52.29
C ILE A 193 -4.82 77.86 -53.51
N THR A 194 -4.82 79.16 -53.77
CA THR A 194 -5.57 79.75 -54.88
C THR A 194 -4.73 80.82 -55.56
N GLY A 195 -5.30 81.43 -56.59
CA GLY A 195 -4.63 82.49 -57.33
C GLY A 195 -5.60 83.56 -57.75
N GLU A 196 -6.73 83.64 -57.06
CA GLU A 196 -7.82 84.54 -57.42
C GLU A 196 -7.85 85.83 -56.62
N GLY A 197 -7.62 85.76 -55.32
CA GLY A 197 -7.74 86.91 -54.46
C GLY A 197 -6.55 87.85 -54.59
N SER A 198 -6.44 88.75 -53.61
CA SER A 198 -5.35 89.70 -53.58
C SER A 198 -4.01 89.04 -53.26
N THR A 199 -4.01 87.78 -52.83
CA THR A 199 -2.79 87.06 -52.47
C THR A 199 -2.74 85.73 -53.23
N PRO A 200 -2.44 85.76 -54.52
CA PRO A 200 -2.28 84.51 -55.27
C PRO A 200 -1.17 83.66 -54.67
N SER A 201 -1.39 82.34 -54.64
CA SER A 201 -0.43 81.42 -54.06
C SER A 201 0.67 81.09 -55.07
N VAL A 202 1.45 82.10 -55.40
CA VAL A 202 2.59 81.94 -56.27
C VAL A 202 3.86 82.01 -55.42
N ILE A 203 4.90 81.34 -55.87
CA ILE A 203 6.15 81.25 -55.11
C ILE A 203 6.87 82.59 -55.17
N THR A 204 7.29 83.07 -54.00
CA THR A 204 8.02 84.33 -53.89
C THR A 204 9.42 84.07 -53.34
N TYR A 205 10.26 85.10 -53.44
CA TYR A 205 11.64 84.98 -52.97
C TYR A 205 11.67 84.73 -51.46
N LYS A 206 10.82 85.44 -50.72
CA LYS A 206 10.74 85.25 -49.27
C LYS A 206 10.38 83.81 -48.94
N ASN A 207 9.55 83.18 -49.77
CA ASN A 207 9.17 81.79 -49.51
C ASN A 207 10.37 80.86 -49.63
N LEU A 208 11.21 81.07 -50.65
CA LEU A 208 12.42 80.27 -50.77
C LEU A 208 13.38 80.54 -49.61
N MET A 209 13.51 81.80 -49.19
CA MET A 209 14.37 82.09 -48.05
C MET A 209 13.87 81.42 -46.79
N ARG A 210 12.55 81.42 -46.56
CA ARG A 210 12.00 80.74 -45.39
C ARG A 210 12.19 79.23 -45.47
N LEU A 211 12.06 78.66 -46.67
CA LEU A 211 12.33 77.24 -46.84
C LEU A 211 13.78 76.91 -46.48
N ASP A 212 14.70 77.74 -46.95
CA ASP A 212 16.11 77.52 -46.63
C ASP A 212 16.36 77.64 -45.14
N ALA A 213 15.74 78.64 -44.50
CA ALA A 213 15.90 78.80 -43.05
C ALA A 213 15.38 77.58 -42.30
N ILE A 214 14.20 77.08 -42.71
CA ILE A 214 13.63 75.91 -42.05
C ILE A 214 14.54 74.71 -42.22
N LEU A 215 15.07 74.51 -43.43
CA LEU A 215 15.95 73.38 -43.66
C LEU A 215 17.25 73.52 -42.88
N THR A 216 17.73 74.75 -42.67
CA THR A 216 18.96 74.95 -41.92
C THR A 216 18.76 74.65 -40.44
N ASP A 217 17.68 75.18 -39.85
CA ASP A 217 17.41 74.89 -38.44
C ASP A 217 17.13 73.42 -38.22
N ASN A 218 16.62 72.74 -39.23
CA ASN A 218 16.32 71.31 -39.12
C ASN A 218 17.52 70.44 -39.31
N ARG A 219 18.70 71.05 -39.46
CA ARG A 219 19.96 70.33 -39.66
C ARG A 219 19.89 69.42 -40.89
N THR A 220 19.66 70.04 -42.03
CA THR A 220 19.74 69.34 -43.31
C THR A 220 21.07 69.67 -43.95
N PRO A 221 21.99 68.72 -44.08
CA PRO A 221 23.30 69.02 -44.65
C PRO A 221 23.19 69.55 -46.07
N THR A 222 24.04 70.51 -46.40
CA THR A 222 24.04 71.09 -47.73
C THR A 222 24.53 70.07 -48.75
N GLN A 223 23.87 70.03 -49.89
CA GLN A 223 24.16 69.02 -50.91
C GLN A 223 25.18 69.48 -51.95
N THR A 224 25.35 70.79 -52.15
CA THR A 224 26.32 71.30 -53.11
C THR A 224 27.16 72.37 -52.44
N THR A 225 27.98 73.05 -53.24
CA THR A 225 28.85 74.10 -52.76
C THR A 225 28.64 75.36 -53.59
N ILE A 226 29.01 76.51 -53.00
CA ILE A 226 28.87 77.77 -53.71
C ILE A 226 29.87 77.83 -54.86
N ILE A 227 29.48 78.53 -55.92
CA ILE A 227 30.24 78.59 -57.15
C ILE A 227 30.78 80.00 -57.29
N THR A 228 32.09 80.17 -57.15
CA THR A 228 32.71 81.43 -57.49
C THR A 228 32.92 81.52 -58.99
N GLY A 229 32.85 82.74 -59.52
CA GLY A 229 32.83 82.94 -60.95
C GLY A 229 34.14 82.59 -61.62
N SER A 230 34.14 82.75 -62.94
CA SER A 230 35.33 82.56 -63.76
C SER A 230 35.78 83.92 -64.31
N ARG A 231 36.87 83.90 -65.07
CA ARG A 231 37.35 85.10 -65.75
C ARG A 231 36.74 85.20 -67.15
N LEU A 232 35.42 85.07 -67.23
CA LEU A 232 34.70 85.23 -68.49
C LEU A 232 34.20 86.67 -68.63
N VAL A 233 33.24 86.91 -69.52
CA VAL A 233 32.79 88.27 -69.77
C VAL A 233 31.41 88.51 -69.16
N ASP A 234 30.65 87.45 -68.91
CA ASP A 234 29.29 87.60 -68.40
C ASP A 234 28.96 86.61 -67.29
N THR A 235 29.95 85.92 -66.75
CA THR A 235 29.68 84.91 -65.73
C THR A 235 29.20 85.58 -64.45
N LYS A 236 28.08 85.08 -63.91
CA LYS A 236 27.50 85.59 -62.68
C LYS A 236 27.81 84.60 -61.56
N VAL A 237 28.36 85.10 -60.46
CA VAL A 237 28.62 84.27 -59.30
C VAL A 237 27.31 83.91 -58.64
N ILE A 238 27.23 82.69 -58.09
CA ILE A 238 26.01 82.20 -57.47
C ILE A 238 26.36 81.48 -56.17
N GLY A 239 25.36 81.33 -55.30
CA GLY A 239 25.55 80.70 -54.02
C GLY A 239 24.61 79.55 -53.75
N GLY A 240 24.30 78.76 -54.78
CA GLY A 240 23.43 77.62 -54.63
C GLY A 240 24.09 76.54 -53.79
N THR A 241 23.37 76.10 -52.75
CA THR A 241 23.82 75.02 -51.89
C THR A 241 22.91 73.80 -51.91
N ARG A 242 21.60 73.98 -51.75
CA ARG A 242 20.64 72.89 -51.82
C ARG A 242 20.21 72.67 -53.26
N VAL A 243 19.65 71.48 -53.52
CA VAL A 243 19.14 71.12 -54.83
C VAL A 243 17.62 71.05 -54.74
N MET A 244 16.95 71.78 -55.62
CA MET A 244 15.50 71.88 -55.61
C MET A 244 14.94 71.09 -56.80
N TYR A 245 13.65 70.72 -56.70
CA TYR A 245 13.01 69.90 -57.73
C TYR A 245 11.72 70.60 -58.16
N VAL A 246 11.74 71.17 -59.35
CA VAL A 246 10.63 71.96 -59.85
C VAL A 246 10.01 71.26 -61.06
N GLY A 247 8.69 71.12 -61.04
CA GLY A 247 7.97 70.54 -62.16
C GLY A 247 7.97 71.47 -63.36
N SER A 248 7.72 70.90 -64.53
CA SER A 248 7.84 71.66 -65.78
C SER A 248 6.67 72.62 -65.95
N GLU A 249 5.84 72.75 -64.92
CA GLU A 249 4.70 73.66 -64.94
C GLU A 249 4.95 74.95 -64.18
N LEU A 250 5.78 74.91 -63.14
CA LEU A 250 6.02 76.06 -62.29
C LEU A 250 7.10 76.99 -62.81
N VAL A 251 7.87 76.57 -63.82
CA VAL A 251 9.02 77.36 -64.26
C VAL A 251 8.62 78.74 -64.78
N PRO A 252 7.55 78.91 -65.57
CA PRO A 252 7.16 80.27 -65.98
C PRO A 252 6.97 81.21 -64.80
N ASP A 253 6.44 80.69 -63.70
CA ASP A 253 6.24 81.50 -62.50
C ASP A 253 7.49 81.61 -61.63
N LEU A 254 8.50 80.80 -61.89
CA LEU A 254 9.76 80.85 -61.14
C LEU A 254 10.85 81.60 -61.88
N LYS A 255 10.62 81.96 -63.14
CA LYS A 255 11.57 82.77 -63.89
C LYS A 255 11.26 84.25 -63.87
N ALA A 256 10.00 84.63 -63.62
CA ALA A 256 9.62 86.03 -63.50
C ALA A 256 9.57 86.49 -62.05
N MET A 257 10.39 85.89 -61.19
CA MET A 257 10.40 86.24 -59.78
C MET A 257 11.40 87.35 -59.53
N LYS A 258 11.00 88.32 -58.72
CA LYS A 258 11.82 89.49 -58.43
C LYS A 258 12.40 89.37 -57.03
N ASP A 259 13.71 89.58 -56.91
CA ASP A 259 14.35 89.54 -55.62
C ASP A 259 13.98 90.79 -54.81
N LEU A 260 14.62 90.94 -53.65
CA LEU A 260 14.27 91.98 -52.70
C LEU A 260 14.68 93.38 -53.14
N PHE A 261 15.11 93.55 -54.40
CA PHE A 261 15.48 94.87 -54.89
C PHE A 261 14.91 95.21 -56.25
N GLY A 262 14.25 94.27 -56.95
CA GLY A 262 13.58 94.55 -58.21
C GLY A 262 14.10 93.73 -59.37
N ASN A 263 15.37 93.34 -59.33
CA ASN A 263 15.97 92.62 -60.44
C ASN A 263 15.47 91.18 -60.47
N LYS A 264 15.69 90.53 -61.61
CA LYS A 264 15.33 89.12 -61.75
C LYS A 264 16.19 88.27 -60.83
N ALA A 265 15.60 87.19 -60.32
CA ALA A 265 16.27 86.29 -59.40
C ALA A 265 16.80 85.03 -60.06
N PHE A 266 16.18 84.58 -61.14
CA PHE A 266 16.54 83.33 -61.78
C PHE A 266 17.83 83.46 -62.58
N ILE A 267 18.93 82.97 -62.04
CA ILE A 267 20.22 82.97 -62.74
C ILE A 267 20.33 81.67 -63.51
N GLU A 268 20.29 81.76 -64.84
CA GLU A 268 20.26 80.56 -65.67
C GLU A 268 21.63 79.90 -65.72
N ILE A 269 21.64 78.66 -66.24
CA ILE A 269 22.84 77.84 -66.22
C ILE A 269 23.91 78.39 -67.15
N GLN A 270 23.52 79.28 -68.07
CA GLN A 270 24.49 79.84 -69.00
C GLN A 270 25.53 80.69 -68.27
N HIS A 271 25.09 81.45 -67.27
CA HIS A 271 26.00 82.36 -66.58
C HIS A 271 27.04 81.61 -65.76
N TYR A 272 26.61 80.60 -64.99
CA TYR A 272 27.51 79.86 -64.12
C TYR A 272 27.82 78.47 -64.65
N GLY A 273 27.65 78.25 -65.96
CA GLY A 273 28.03 76.97 -66.53
C GLY A 273 29.52 76.73 -66.51
N ASP A 274 30.31 77.78 -66.43
CA ASP A 274 31.76 77.68 -66.31
C ASP A 274 32.17 77.90 -64.86
N ALA A 275 33.32 77.34 -64.50
CA ALA A 275 33.84 77.40 -63.13
C ALA A 275 32.85 76.83 -62.14
N GLY A 276 32.09 75.84 -62.59
CA GLY A 276 31.13 75.15 -61.75
C GLY A 276 30.45 74.02 -62.49
N THR A 277 30.40 72.84 -61.87
CA THR A 277 29.80 71.68 -62.52
C THR A 277 28.29 71.87 -62.65
N LEU A 278 27.73 71.28 -63.69
CA LEU A 278 26.29 71.34 -63.94
C LEU A 278 25.69 69.95 -63.77
N MET A 279 24.84 69.79 -62.76
CA MET A 279 24.19 68.51 -62.53
C MET A 279 23.05 68.32 -63.53
N ASN A 280 22.67 67.06 -63.71
CA ASN A 280 21.76 66.70 -64.79
C ASN A 280 20.45 67.45 -64.69
N GLY A 281 20.11 68.18 -65.76
CA GLY A 281 18.80 68.78 -65.89
C GLY A 281 18.62 70.13 -65.24
N GLU A 282 19.68 70.87 -64.95
CA GLU A 282 19.49 72.22 -64.43
C GLU A 282 18.78 73.10 -65.44
N ILE A 283 17.75 73.81 -64.99
CA ILE A 283 17.23 74.94 -65.73
C ILE A 283 17.75 76.27 -65.19
N GLY A 284 18.39 76.25 -64.03
CA GLY A 284 18.92 77.45 -63.41
C GLY A 284 19.00 77.28 -61.92
N THR A 285 19.28 78.38 -61.23
CA THR A 285 19.32 78.39 -59.77
C THR A 285 18.70 79.69 -59.26
N ILE A 286 18.17 79.62 -58.04
CA ILE A 286 17.56 80.78 -57.39
C ILE A 286 18.06 80.86 -55.96
N ASP A 287 18.61 82.01 -55.59
CA ASP A 287 19.03 82.26 -54.21
C ASP A 287 20.02 81.20 -53.74
N LYS A 288 19.50 80.13 -53.15
CA LYS A 288 20.31 79.07 -52.56
C LYS A 288 19.82 77.70 -52.98
N PHE A 289 19.34 77.56 -54.22
CA PHE A 289 18.74 76.31 -54.68
C PHE A 289 19.08 76.09 -56.15
N ARG A 290 20.03 75.20 -56.42
CA ARG A 290 20.26 74.73 -57.77
C ARG A 290 19.04 73.93 -58.23
N ILE A 291 18.27 74.46 -59.17
CA ILE A 291 16.97 73.89 -59.52
C ILE A 291 17.15 72.80 -60.57
N ILE A 292 16.51 71.66 -60.33
CA ILE A 292 16.44 70.56 -61.29
C ILE A 292 15.00 70.43 -61.75
N GLN A 293 14.79 70.37 -63.06
CA GLN A 293 13.46 70.33 -63.66
C GLN A 293 13.13 68.88 -64.02
N VAL A 294 12.36 68.24 -63.15
CA VAL A 294 11.90 66.87 -63.40
C VAL A 294 10.82 66.90 -64.48
N PRO A 295 10.97 66.13 -65.56
CA PRO A 295 9.96 66.14 -66.62
C PRO A 295 8.62 65.59 -66.15
N GLU A 296 8.64 64.42 -65.50
CA GLU A 296 7.43 63.78 -65.01
C GLU A 296 7.32 64.02 -63.51
N MET A 297 6.77 65.17 -63.14
CA MET A 297 6.57 65.54 -61.75
C MET A 297 5.08 65.49 -61.44
N LEU A 298 4.68 64.53 -60.60
CA LEU A 298 3.27 64.36 -60.27
C LEU A 298 2.76 65.53 -59.44
N HIS A 299 1.50 65.89 -59.68
CA HIS A 299 0.85 67.01 -59.01
C HIS A 299 -0.57 66.63 -58.66
N TRP A 300 -1.06 67.16 -57.54
CA TRP A 300 -2.46 66.96 -57.18
C TRP A 300 -3.33 67.88 -58.02
N ALA A 301 -4.30 67.31 -58.72
CA ALA A 301 -5.19 68.04 -59.60
C ALA A 301 -6.53 68.26 -58.92
N GLY A 302 -6.96 69.51 -58.86
CA GLY A 302 -8.23 69.85 -58.26
C GLY A 302 -8.22 69.93 -56.75
N ALA A 303 -7.06 69.72 -56.12
CA ALA A 303 -6.95 69.78 -54.66
C ALA A 303 -6.67 71.18 -54.16
N GLY A 304 -6.97 72.20 -54.96
CA GLY A 304 -6.71 73.57 -54.56
C GLY A 304 -7.88 74.20 -53.85
N ALA A 305 -8.44 75.26 -54.43
CA ALA A 305 -9.54 75.99 -53.83
C ALA A 305 -10.61 76.24 -54.90
N ALA A 306 -11.58 77.07 -54.55
CA ALA A 306 -12.64 77.39 -55.50
C ALA A 306 -12.08 78.12 -56.72
N ALA A 307 -12.66 77.84 -57.88
CA ALA A 307 -12.21 78.39 -59.15
C ALA A 307 -13.37 79.20 -59.75
N THR A 308 -13.44 80.48 -59.40
CA THR A 308 -14.46 81.36 -59.95
C THR A 308 -13.99 81.88 -61.31
N ASP A 309 -14.70 82.88 -61.84
CA ASP A 309 -14.38 83.45 -63.13
C ASP A 309 -13.30 84.52 -63.05
N ALA A 310 -12.78 84.80 -61.86
CA ALA A 310 -11.72 85.78 -61.66
C ALA A 310 -10.33 85.21 -61.91
N ASN A 311 -10.24 83.99 -62.45
CA ASN A 311 -8.99 83.31 -62.73
C ASN A 311 -8.09 84.18 -63.60
N PRO A 312 -6.91 84.57 -63.12
CA PRO A 312 -5.99 85.35 -63.96
C PRO A 312 -5.18 84.48 -64.90
N GLY A 313 -5.53 83.20 -64.99
CA GLY A 313 -4.86 82.31 -65.93
C GLY A 313 -4.07 81.21 -65.26
N TYR A 314 -4.49 80.76 -64.09
CA TYR A 314 -3.81 79.69 -63.39
C TYR A 314 -4.53 78.36 -63.61
N ARG A 315 -3.76 77.27 -63.47
CA ARG A 315 -4.26 75.96 -63.85
C ARG A 315 -5.42 75.53 -62.96
N THR A 316 -6.35 74.79 -63.57
CA THR A 316 -7.56 74.34 -62.90
C THR A 316 -7.80 72.87 -63.23
N SER A 317 -8.73 72.27 -62.48
CA SER A 317 -9.06 70.86 -62.68
C SER A 317 -10.44 70.61 -62.11
N THR A 318 -11.35 70.10 -62.96
CA THR A 318 -12.72 69.86 -62.53
C THR A 318 -12.76 68.80 -61.43
N VAL A 319 -13.51 69.08 -60.37
CA VAL A 319 -13.69 68.17 -59.26
C VAL A 319 -15.13 68.27 -58.80
N ASN A 320 -15.87 67.15 -58.89
CA ASN A 320 -17.27 67.09 -58.49
C ASN A 320 -18.10 68.18 -59.17
N GLY A 321 -17.84 68.37 -60.47
CA GLY A 321 -18.58 69.34 -61.24
C GLY A 321 -17.93 70.71 -61.32
N THR A 322 -17.74 71.35 -60.17
CA THR A 322 -17.15 72.69 -60.16
C THR A 322 -15.64 72.59 -60.40
N GLU A 323 -15.06 73.64 -60.96
CA GLU A 323 -13.63 73.66 -61.20
C GLU A 323 -12.87 73.96 -59.91
N HIS A 324 -11.64 73.44 -59.84
CA HIS A 324 -10.78 73.65 -58.70
C HIS A 324 -9.34 73.81 -59.18
N TYR A 325 -8.53 74.49 -58.37
CA TYR A 325 -7.17 74.78 -58.79
C TYR A 325 -6.27 73.56 -58.60
N ASP A 326 -5.11 73.61 -59.25
CA ASP A 326 -4.13 72.55 -59.17
C ASP A 326 -2.95 72.99 -58.33
N VAL A 327 -2.56 72.15 -57.38
CA VAL A 327 -1.45 72.45 -56.47
C VAL A 327 -0.23 71.69 -56.95
N TYR A 328 0.86 72.42 -57.20
CA TYR A 328 2.07 71.85 -57.73
C TYR A 328 3.17 71.85 -56.67
N PRO A 329 3.79 70.70 -56.43
CA PRO A 329 4.80 70.62 -55.36
C PRO A 329 6.21 70.97 -55.82
N VAL A 330 7.04 71.43 -54.89
CA VAL A 330 8.45 71.69 -55.15
C VAL A 330 9.27 70.96 -54.09
N LEU A 331 9.72 69.76 -54.41
CA LEU A 331 10.34 68.89 -53.43
C LEU A 331 11.84 69.16 -53.29
N VAL A 332 12.35 69.00 -52.07
CA VAL A 332 13.78 69.12 -51.80
C VAL A 332 14.24 67.92 -50.98
N VAL A 333 14.82 66.91 -51.66
CA VAL A 333 15.26 65.71 -50.97
C VAL A 333 16.53 66.02 -50.18
N GLY A 334 16.53 65.61 -48.91
CA GLY A 334 17.71 65.77 -48.08
C GLY A 334 18.80 64.76 -48.40
N ASP A 335 19.94 64.92 -47.72
CA ASP A 335 21.10 64.10 -48.02
C ASP A 335 20.82 62.62 -47.74
N ASP A 336 20.52 62.28 -46.49
CA ASP A 336 20.26 60.90 -46.08
C ASP A 336 18.95 60.89 -45.30
N SER A 337 17.83 60.78 -46.01
CA SER A 337 16.52 60.82 -45.39
C SER A 337 15.76 59.51 -45.55
N PHE A 338 15.61 59.02 -46.77
CA PHE A 338 14.80 57.84 -47.05
C PHE A 338 15.67 56.73 -47.62
N THR A 339 15.29 55.49 -47.31
CA THR A 339 15.92 54.32 -47.90
C THR A 339 14.81 53.41 -48.41
N THR A 340 14.92 53.00 -49.68
CA THR A 340 13.97 52.04 -50.22
C THR A 340 14.23 50.67 -49.61
N ILE A 341 13.16 50.02 -49.14
CA ILE A 341 13.27 48.70 -48.53
C ILE A 341 13.23 47.65 -49.63
N GLY A 342 14.35 46.97 -49.85
CA GLY A 342 14.50 46.00 -50.91
C GLY A 342 14.43 44.59 -50.37
N PHE A 343 13.55 43.78 -50.98
CA PHE A 343 13.31 42.42 -50.55
C PHE A 343 13.69 41.45 -51.66
N GLN A 344 14.53 40.47 -51.33
CA GLN A 344 14.95 39.43 -52.26
C GLN A 344 15.52 40.04 -53.55
N THR A 345 16.31 41.09 -53.39
CA THR A 345 16.96 41.77 -54.51
C THR A 345 18.43 41.96 -54.20
N ASP A 346 19.24 41.95 -55.26
CA ASP A 346 20.69 42.00 -55.13
C ASP A 346 21.12 43.46 -54.94
N GLY A 347 20.62 44.06 -53.88
CA GLY A 347 20.98 45.43 -53.54
C GLY A 347 20.34 46.49 -54.42
N LYS A 348 19.51 46.06 -55.36
CA LYS A 348 18.81 46.99 -56.23
C LYS A 348 17.55 47.49 -55.55
N SER A 349 17.13 48.71 -55.90
CA SER A 349 15.95 49.30 -55.28
C SER A 349 14.71 48.46 -55.55
N VAL A 350 14.58 47.96 -56.77
CA VAL A 350 13.45 47.14 -57.18
C VAL A 350 13.96 46.06 -58.13
N LYS A 351 13.38 44.86 -58.01
CA LYS A 351 13.74 43.73 -58.84
C LYS A 351 12.52 43.35 -59.68
N PHE A 352 12.56 43.67 -60.97
CA PHE A 352 11.47 43.32 -61.86
C PHE A 352 11.59 41.85 -62.26
N ASN A 353 10.55 41.07 -61.96
CA ASN A 353 10.52 39.65 -62.28
C ASN A 353 9.49 39.44 -63.39
N VAL A 354 9.94 38.87 -64.49
CA VAL A 354 9.12 38.73 -65.69
C VAL A 354 8.90 37.25 -65.98
N MET A 355 7.64 36.87 -66.13
CA MET A 355 7.25 35.49 -66.43
C MET A 355 6.44 35.48 -67.72
N THR A 356 6.95 34.78 -68.73
CA THR A 356 6.26 34.63 -70.00
C THR A 356 6.16 33.15 -70.34
N LYS A 357 5.06 32.76 -70.97
CA LYS A 357 4.80 31.38 -71.38
C LYS A 357 4.25 31.42 -72.80
N MET A 358 5.11 31.17 -73.79
CA MET A 358 4.69 31.23 -75.17
C MET A 358 3.74 30.07 -75.49
N PRO A 359 2.80 30.26 -76.41
CA PRO A 359 1.84 29.20 -76.73
C PRO A 359 2.52 27.99 -77.34
N GLY A 360 1.92 26.82 -77.10
CA GLY A 360 2.47 25.58 -77.59
C GLY A 360 2.30 24.45 -76.58
N LYS A 361 3.36 23.67 -76.36
CA LYS A 361 3.35 22.60 -75.38
C LYS A 361 3.55 23.12 -73.96
N GLU A 362 3.56 24.44 -73.77
CA GLU A 362 3.73 25.03 -72.46
C GLU A 362 2.48 25.71 -71.93
N THR A 363 1.45 25.87 -72.75
CA THR A 363 0.19 26.46 -72.30
C THR A 363 -0.97 25.50 -72.47
N ALA A 364 -0.79 24.38 -73.16
CA ALA A 364 -1.83 23.39 -73.33
C ALA A 364 -2.04 22.65 -72.01
N ASP A 365 -3.29 22.60 -71.55
CA ASP A 365 -3.62 21.95 -70.29
C ASP A 365 -5.03 21.36 -70.44
N ARG A 366 -5.56 20.86 -69.33
CA ARG A 366 -6.89 20.24 -69.36
C ARG A 366 -8.00 21.23 -69.66
N ASN A 367 -7.79 22.52 -69.39
CA ASN A 367 -8.76 23.55 -69.74
C ASN A 367 -8.51 24.15 -71.12
N ASP A 368 -7.39 23.84 -71.76
CA ASP A 368 -7.05 24.33 -73.09
C ASP A 368 -6.16 23.30 -73.77
N PRO A 369 -6.75 22.20 -74.25
CA PRO A 369 -5.95 21.07 -74.75
C PRO A 369 -5.09 21.42 -75.96
N TYR A 370 -5.41 22.51 -76.64
CA TYR A 370 -4.72 22.86 -77.87
C TYR A 370 -3.54 23.80 -77.66
N GLY A 371 -3.65 24.74 -76.73
CA GLY A 371 -2.55 25.64 -76.45
C GLY A 371 -2.47 26.83 -77.39
N GLU A 372 -3.55 27.60 -77.46
CA GLU A 372 -3.61 28.74 -78.37
C GLU A 372 -3.60 30.06 -77.60
N THR A 373 -2.83 30.14 -76.52
CA THR A 373 -2.82 31.33 -75.69
C THR A 373 -1.46 31.44 -75.02
N GLY A 374 -1.13 32.66 -74.57
CA GLY A 374 0.08 32.90 -73.80
C GLY A 374 -0.13 34.14 -72.96
N PHE A 375 0.90 34.46 -72.17
CA PHE A 375 0.87 35.66 -71.34
C PHE A 375 2.29 36.05 -70.97
N SER A 376 2.43 37.20 -70.32
CA SER A 376 3.72 37.65 -69.81
C SER A 376 3.43 38.57 -68.63
N SER A 377 3.72 38.10 -67.43
CA SER A 377 3.41 38.82 -66.20
C SER A 377 4.69 39.33 -65.57
N ILE A 378 4.70 40.61 -65.21
CA ILE A 378 5.84 41.23 -64.54
C ILE A 378 5.37 41.73 -63.18
N LYS A 379 6.07 41.33 -62.12
CA LYS A 379 5.75 41.73 -60.75
C LYS A 379 7.04 42.07 -60.02
N TRP A 380 6.90 42.88 -58.97
CA TRP A 380 8.05 43.32 -58.21
C TRP A 380 7.61 43.71 -56.81
N TYR A 381 8.58 43.79 -55.90
CA TYR A 381 8.36 44.17 -54.52
C TYR A 381 9.01 45.52 -54.26
N TYR A 382 8.24 46.47 -53.74
CA TYR A 382 8.74 47.81 -53.50
C TYR A 382 8.29 48.29 -52.13
N GLY A 383 9.17 49.05 -51.48
CA GLY A 383 8.84 49.66 -50.20
C GLY A 383 9.81 50.78 -49.92
N ILE A 384 9.35 51.72 -49.09
CA ILE A 384 10.14 52.90 -48.75
C ILE A 384 10.05 53.13 -47.25
N LEU A 385 11.20 53.32 -46.60
CA LEU A 385 11.25 53.70 -45.20
C LEU A 385 11.87 55.09 -45.09
N VAL A 386 11.14 56.02 -44.49
CA VAL A 386 11.63 57.40 -44.33
C VAL A 386 12.17 57.53 -42.91
N LYS A 387 13.49 57.58 -42.80
CA LYS A 387 14.11 57.72 -41.49
C LYS A 387 14.04 59.13 -40.94
N ARG A 388 13.91 60.14 -41.80
CA ARG A 388 14.01 61.51 -41.36
C ARG A 388 13.05 62.41 -42.13
N PRO A 389 11.82 62.59 -41.63
CA PRO A 389 10.88 63.47 -42.34
C PRO A 389 11.31 64.92 -42.33
N GLU A 390 12.18 65.33 -41.40
CA GLU A 390 12.61 66.71 -41.33
C GLU A 390 13.46 67.10 -42.53
N ARG A 391 14.04 66.11 -43.21
CA ARG A 391 14.96 66.36 -44.31
C ARG A 391 14.27 66.36 -45.66
N ILE A 392 12.96 66.57 -45.70
CA ILE A 392 12.21 66.66 -46.94
C ILE A 392 11.30 67.87 -46.85
N ALA A 393 11.37 68.74 -47.85
CA ALA A 393 10.58 69.97 -47.88
C ALA A 393 9.75 70.01 -49.16
N VAL A 394 8.50 70.43 -49.03
CA VAL A 394 7.58 70.54 -50.15
C VAL A 394 6.95 71.93 -50.10
N MET A 395 7.07 72.68 -51.18
CA MET A 395 6.37 73.96 -51.35
C MET A 395 5.33 73.78 -52.44
N LYS A 396 4.08 74.09 -52.12
CA LYS A 396 2.97 73.89 -53.05
C LYS A 396 2.47 75.23 -53.55
N ALA A 397 2.28 75.34 -54.86
CA ALA A 397 1.79 76.56 -55.46
C ALA A 397 1.10 76.23 -56.78
N VAL A 398 0.23 77.13 -57.22
CA VAL A 398 -0.41 76.98 -58.52
C VAL A 398 0.51 77.48 -59.62
N ALA A 399 0.21 77.09 -60.84
CA ALA A 399 1.07 77.41 -61.97
C ALA A 399 0.28 78.13 -63.05
N PRO A 400 0.93 78.94 -63.87
CA PRO A 400 0.23 79.57 -65.00
C PRO A 400 -0.26 78.53 -66.00
N LEU A 401 -1.36 78.86 -66.66
CA LEU A 401 -1.96 77.97 -67.65
C LEU A 401 -1.06 77.82 -68.86
N MET B 1 -5.97 27.58 -50.08
CA MET B 1 -4.72 28.35 -50.07
C MET B 1 -4.59 29.15 -48.78
N LEU B 2 -3.69 28.72 -47.90
CA LEU B 2 -3.42 29.45 -46.66
C LEU B 2 -2.55 30.65 -47.00
N ASN B 3 -3.07 31.85 -46.78
CA ASN B 3 -2.38 33.07 -47.16
C ASN B 3 -1.93 33.85 -45.95
N TYR B 4 -0.84 34.61 -46.12
CA TYR B 4 -0.22 35.37 -45.04
C TYR B 4 -1.10 36.47 -44.50
N ASN B 5 -2.11 36.91 -45.25
CA ASN B 5 -2.98 38.01 -44.86
C ASN B 5 -2.19 39.24 -44.45
N ALA B 6 -2.34 39.68 -43.20
CA ALA B 6 -1.66 40.85 -42.69
C ALA B 6 -1.64 40.82 -41.16
N PRO B 7 -0.63 40.20 -40.54
CA PRO B 7 -0.62 40.13 -39.07
C PRO B 7 -0.38 41.46 -38.41
N ILE B 8 0.38 42.36 -39.04
CA ILE B 8 0.69 43.65 -38.42
C ILE B 8 -0.57 44.47 -38.21
N ASP B 9 -1.46 44.48 -39.21
CA ASP B 9 -2.69 45.25 -39.14
C ASP B 9 -3.80 44.54 -38.37
N GLY B 10 -3.56 43.31 -37.92
CA GLY B 10 -4.55 42.61 -37.11
C GLY B 10 -5.00 41.27 -37.63
N GLN B 11 -5.03 41.11 -38.96
CA GLN B 11 -5.50 39.86 -39.56
C GLN B 11 -4.52 38.72 -39.30
N LYS B 12 -4.94 37.74 -38.50
CA LYS B 12 -4.08 36.61 -38.20
C LYS B 12 -3.80 35.79 -39.44
N SER B 13 -2.57 35.27 -39.54
CA SER B 13 -2.24 34.35 -40.61
C SER B 13 -3.04 33.06 -40.47
N SER B 14 -3.31 32.43 -41.61
CA SER B 14 -4.21 31.28 -41.65
C SER B 14 -3.73 30.13 -40.77
N ILE B 15 -2.43 29.80 -40.85
CA ILE B 15 -1.92 28.68 -40.06
C ILE B 15 -1.88 29.04 -38.59
N ASP B 16 -1.87 30.34 -38.26
CA ASP B 16 -1.88 30.79 -36.87
C ASP B 16 -3.33 30.89 -36.41
N GLY B 17 -3.83 29.77 -35.88
CA GLY B 17 -5.20 29.69 -35.42
C GLY B 17 -5.30 29.78 -33.90
N ALA B 18 -6.52 30.01 -33.43
CA ALA B 18 -6.87 30.09 -32.01
C ALA B 18 -6.07 31.25 -31.41
N GLY B 19 -5.43 31.07 -30.25
CA GLY B 19 -4.67 32.15 -29.64
C GLY B 19 -3.22 32.17 -30.06
N SER B 20 -2.95 32.52 -31.31
CA SER B 20 -1.59 32.56 -31.81
C SER B 20 -1.46 33.64 -32.86
N ASP B 21 -0.23 34.09 -33.09
CA ASP B 21 0.06 35.11 -34.09
C ASP B 21 1.54 35.00 -34.45
N GLN B 22 1.94 35.66 -35.53
CA GLN B 22 3.33 35.68 -35.95
C GLN B 22 4.19 36.32 -34.86
N MET B 23 5.35 35.73 -34.60
CA MET B 23 6.18 36.20 -33.50
C MET B 23 7.50 36.82 -33.97
N ASN B 24 7.63 37.10 -35.27
CA ASN B 24 8.66 37.99 -35.79
C ASN B 24 8.01 38.76 -36.93
N THR B 25 7.46 39.93 -36.62
CA THR B 25 6.61 40.65 -37.56
C THR B 25 7.28 41.88 -38.18
N PHE B 26 8.52 42.17 -37.83
CA PHE B 26 9.23 43.31 -38.41
C PHE B 26 10.72 43.05 -38.28
N TYR B 27 11.52 44.09 -38.53
CA TYR B 27 12.98 43.99 -38.43
C TYR B 27 13.48 45.23 -37.70
N TRP B 28 14.22 45.02 -36.61
CA TRP B 28 14.97 46.10 -36.00
C TRP B 28 16.30 46.32 -36.72
N LEU B 29 16.46 47.51 -37.29
CA LEU B 29 17.68 47.88 -37.99
C LEU B 29 18.83 48.08 -37.00
N LYS B 30 18.48 48.42 -35.75
CA LYS B 30 19.43 48.53 -34.66
C LYS B 30 20.46 49.64 -34.87
N LYS B 31 20.20 50.52 -35.84
CA LYS B 31 21.08 51.66 -36.10
C LYS B 31 20.27 52.93 -35.80
N ALA B 32 20.48 53.48 -34.61
CA ALA B 32 19.71 54.63 -34.18
C ALA B 32 20.07 55.86 -35.01
N ILE B 33 19.08 56.72 -35.21
CA ILE B 33 19.29 57.99 -35.90
C ILE B 33 19.44 59.11 -34.87
N ILE B 34 20.68 59.46 -34.57
CA ILE B 34 20.97 60.40 -33.50
C ILE B 34 21.43 61.73 -34.11
N GLN B 35 21.38 62.77 -33.29
CA GLN B 35 21.78 64.11 -33.69
C GLN B 35 23.09 64.49 -33.02
N ALA B 36 23.88 65.31 -33.70
CA ALA B 36 25.18 65.73 -33.23
C ALA B 36 25.05 67.01 -32.41
N ARG B 37 26.17 67.43 -31.81
CA ARG B 37 26.19 68.63 -31.00
C ARG B 37 25.93 69.87 -31.85
N LYS B 38 25.24 70.83 -31.27
CA LYS B 38 24.98 72.09 -31.96
C LYS B 38 26.28 72.86 -32.13
N ASP B 39 26.39 73.59 -33.24
CA ASP B 39 27.58 74.39 -33.50
C ASP B 39 27.77 75.42 -32.39
N GLN B 40 29.01 75.56 -31.94
CA GLN B 40 29.32 76.36 -30.75
C GLN B 40 30.31 77.46 -31.09
N TYR B 41 29.81 78.67 -31.25
CA TYR B 41 30.64 79.86 -31.27
C TYR B 41 30.71 80.41 -29.84
N PHE B 42 31.20 81.64 -29.67
CA PHE B 42 31.31 82.26 -28.36
C PHE B 42 32.27 81.50 -27.46
N MET B 43 31.94 80.25 -27.16
CA MET B 43 32.76 79.42 -26.27
C MET B 43 34.23 79.32 -26.67
N PRO B 44 34.61 79.04 -27.93
CA PRO B 44 36.04 78.87 -28.20
C PRO B 44 36.81 80.18 -28.24
N LEU B 45 36.13 81.31 -28.38
CA LEU B 45 36.78 82.62 -28.21
C LEU B 45 36.66 83.00 -26.74
N ALA B 46 37.66 82.60 -25.96
CA ALA B 46 37.68 82.86 -24.53
C ALA B 46 39.05 82.52 -23.98
N SER B 47 39.61 83.45 -23.21
CA SER B 47 40.79 83.15 -22.41
C SER B 47 40.36 82.74 -21.01
N VAL B 48 41.26 82.04 -20.32
CA VAL B 48 40.97 81.50 -19.00
C VAL B 48 41.90 82.15 -17.98
N THR B 49 41.39 82.34 -16.77
CA THR B 49 42.13 82.94 -15.67
C THR B 49 41.95 82.04 -14.46
N ASN B 50 42.98 81.26 -14.13
CA ASN B 50 42.87 80.24 -13.10
C ASN B 50 42.63 80.88 -11.73
N MET B 51 41.82 80.21 -10.91
CA MET B 51 41.50 80.66 -9.56
C MET B 51 42.07 79.69 -8.55
N PRO B 52 42.88 80.14 -7.59
CA PRO B 52 43.35 79.25 -6.53
C PRO B 52 42.20 78.82 -5.62
N LYS B 53 42.40 77.67 -4.97
CA LYS B 53 41.33 77.02 -4.22
C LYS B 53 40.92 77.81 -2.98
N ASN B 54 41.87 78.19 -2.14
CA ASN B 54 41.50 78.86 -0.86
C ASN B 54 40.82 80.20 -1.16
N MET B 55 41.59 81.24 -1.47
CA MET B 55 40.97 82.53 -1.86
C MET B 55 40.04 82.25 -3.03
N GLY B 56 38.73 82.39 -2.86
CA GLY B 56 37.86 81.99 -3.98
C GLY B 56 36.53 82.69 -4.10
N LYS B 57 35.88 82.56 -5.26
CA LYS B 57 34.53 83.11 -5.52
C LYS B 57 34.58 84.59 -5.97
N THR B 58 35.73 85.06 -6.47
CA THR B 58 35.80 86.41 -7.04
C THR B 58 37.18 86.71 -7.61
N ILE B 59 37.25 87.66 -8.53
CA ILE B 59 38.49 88.22 -9.05
C ILE B 59 38.34 89.73 -9.13
N LYS B 60 39.33 90.47 -8.65
CA LYS B 60 39.33 91.93 -8.71
C LYS B 60 40.64 92.38 -9.37
N VAL B 61 40.52 92.89 -10.60
CA VAL B 61 41.69 93.34 -11.35
C VAL B 61 41.69 94.86 -11.40
N TYR B 62 42.88 95.47 -11.40
CA TYR B 62 43.03 96.92 -11.37
C TYR B 62 43.00 97.48 -12.79
N GLU B 63 42.43 98.67 -12.93
CA GLU B 63 42.44 99.42 -14.19
C GLU B 63 43.01 100.80 -13.92
N TYR B 64 44.07 101.15 -14.65
CA TYR B 64 44.78 102.42 -14.47
C TYR B 64 44.34 103.37 -15.58
N VAL B 65 43.47 104.31 -15.25
CA VAL B 65 43.01 105.28 -16.25
C VAL B 65 44.13 106.26 -16.56
N PRO B 66 44.22 106.78 -17.78
CA PRO B 66 45.27 107.76 -18.07
C PRO B 66 45.01 109.08 -17.38
N LEU B 67 45.99 109.99 -17.49
CA LEU B 67 45.85 111.31 -16.88
C LEU B 67 44.75 112.11 -17.54
N LEU B 68 44.86 112.34 -18.84
CA LEU B 68 43.90 113.17 -19.58
C LEU B 68 42.68 112.32 -19.96
N ASP B 69 41.76 112.20 -19.00
CA ASP B 69 40.52 111.49 -19.25
C ASP B 69 39.50 112.00 -18.24
N ASP B 70 38.23 112.04 -18.65
CA ASP B 70 37.16 112.54 -17.79
C ASP B 70 36.80 111.58 -16.66
N ARG B 71 37.25 110.32 -16.72
CA ARG B 71 37.02 109.36 -15.66
C ARG B 71 37.97 109.53 -14.49
N ASN B 72 38.98 110.37 -14.62
CA ASN B 72 40.01 110.55 -13.60
C ASN B 72 39.63 111.78 -12.78
N ILE B 73 38.80 111.57 -11.77
CA ILE B 73 38.35 112.63 -10.89
C ILE B 73 39.18 112.55 -9.61
N ASN B 74 39.94 113.61 -9.33
CA ASN B 74 40.83 113.65 -8.19
C ASN B 74 40.83 115.06 -7.60
N ASP B 75 41.49 115.19 -6.45
CA ASP B 75 41.65 116.49 -5.78
C ASP B 75 43.02 117.11 -5.98
N GLN B 76 44.01 116.32 -6.39
CA GLN B 76 45.35 116.86 -6.60
C GLN B 76 45.38 117.72 -7.85
N GLY B 77 44.88 118.94 -7.73
CA GLY B 77 44.87 119.84 -8.87
C GLY B 77 45.24 121.27 -8.51
N ILE B 78 46.26 121.78 -9.16
CA ILE B 78 46.70 123.17 -9.00
C ILE B 78 46.70 123.83 -10.36
N ASP B 79 46.02 124.96 -10.47
CA ASP B 79 45.95 125.66 -11.74
C ASP B 79 47.32 126.25 -12.09
N ALA B 80 47.38 126.88 -13.27
CA ALA B 80 48.64 127.45 -13.75
C ALA B 80 49.07 128.68 -12.97
N ASN B 81 48.22 129.21 -12.09
CA ASN B 81 48.57 130.36 -11.27
C ASN B 81 48.49 130.03 -9.78
N GLY B 82 48.53 128.76 -9.43
CA GLY B 82 48.58 128.33 -8.04
C GLY B 82 47.24 128.08 -7.40
N ALA B 83 46.15 128.56 -7.99
CA ALA B 83 44.84 128.36 -7.40
C ALA B 83 44.44 126.90 -7.45
N HIS B 84 43.86 126.40 -6.36
CA HIS B 84 43.36 125.03 -6.33
C HIS B 84 42.06 124.92 -7.11
N ILE B 85 41.87 123.81 -7.80
CA ILE B 85 40.70 123.61 -8.65
C ILE B 85 40.13 122.21 -8.42
N VAL B 86 38.81 122.09 -8.62
CA VAL B 86 38.14 120.82 -8.41
C VAL B 86 38.60 119.77 -9.42
N ASN B 87 39.02 120.22 -10.60
CA ASN B 87 39.57 119.35 -11.63
C ASN B 87 41.02 119.02 -11.30
N GLY B 88 41.80 118.61 -12.29
CA GLY B 88 43.10 118.05 -12.03
C GLY B 88 43.42 116.91 -12.98
N ASN B 89 42.59 116.79 -14.02
CA ASN B 89 42.98 116.00 -15.17
C ASN B 89 43.22 116.88 -16.40
N LEU B 90 43.33 118.20 -16.24
CA LEU B 90 43.58 119.16 -17.33
C LEU B 90 42.41 119.05 -18.31
N TYR B 91 42.68 118.99 -19.61
CA TYR B 91 41.64 118.79 -20.60
C TYR B 91 41.19 117.33 -20.58
N GLY B 92 40.17 117.03 -19.79
CA GLY B 92 39.78 115.65 -19.56
C GLY B 92 39.08 115.03 -20.75
N SER B 93 39.84 114.78 -21.81
CA SER B 93 39.22 114.25 -23.05
C SER B 93 38.08 115.18 -23.46
N SER B 94 38.39 116.46 -23.70
CA SER B 94 37.36 117.45 -24.07
C SER B 94 37.36 117.67 -25.59
N LYS B 95 38.54 117.62 -26.20
CA LYS B 95 38.63 117.85 -27.66
C LYS B 95 37.85 119.12 -28.02
N ASP B 96 37.97 120.17 -27.22
CA ASP B 96 37.24 121.44 -27.45
C ASP B 96 38.23 122.59 -27.39
N ILE B 97 38.35 123.38 -28.45
CA ILE B 97 39.40 124.44 -28.45
C ILE B 97 39.27 125.29 -27.18
N GLY B 98 38.08 125.81 -26.85
CA GLY B 98 37.99 126.61 -25.65
C GLY B 98 38.51 125.90 -24.41
N THR B 99 38.00 124.69 -24.17
CA THR B 99 38.42 123.94 -22.99
C THR B 99 39.91 123.60 -23.04
N ILE B 100 40.41 123.21 -24.22
CA ILE B 100 41.82 122.89 -24.34
C ILE B 100 42.67 124.14 -24.11
N THR B 101 42.28 125.26 -24.72
CA THR B 101 43.08 126.47 -24.64
C THR B 101 43.11 127.05 -23.24
N SER B 102 42.01 126.93 -22.49
CA SER B 102 41.94 127.51 -21.16
C SER B 102 42.53 126.60 -20.08
N LYS B 103 43.20 125.51 -20.46
CA LYS B 103 43.70 124.58 -19.47
C LYS B 103 45.13 124.09 -19.75
N LEU B 104 45.72 124.51 -20.86
CA LEU B 104 47.03 123.99 -21.23
C LEU B 104 48.06 124.32 -20.15
N PRO B 105 48.96 123.39 -19.84
CA PRO B 105 50.07 123.72 -18.93
C PRO B 105 50.93 124.86 -19.44
N LEU B 106 51.18 125.86 -18.59
CA LEU B 106 51.97 127.03 -18.97
C LEU B 106 52.73 127.50 -17.76
N LEU B 107 54.02 127.22 -17.71
CA LEU B 107 54.87 127.68 -16.63
C LEU B 107 55.60 128.96 -17.04
N THR B 108 55.59 129.94 -16.15
CA THR B 108 56.37 131.15 -16.38
C THR B 108 57.85 130.85 -16.18
N GLU B 109 58.66 131.91 -16.27
CA GLU B 109 60.10 131.76 -16.11
C GLU B 109 60.45 131.19 -14.74
N ASN B 110 59.79 131.68 -13.69
CA ASN B 110 60.02 131.21 -12.33
C ASN B 110 58.94 130.19 -11.95
N GLY B 111 59.13 128.96 -12.42
CA GLY B 111 58.20 127.90 -12.17
C GLY B 111 58.07 127.55 -10.69
N GLY B 112 56.90 127.79 -10.12
CA GLY B 112 56.62 127.49 -8.72
C GLY B 112 55.85 126.20 -8.57
N ARG B 113 54.89 126.21 -7.66
CA ARG B 113 54.01 125.05 -7.43
C ARG B 113 52.73 125.18 -8.26
N VAL B 114 52.92 125.21 -9.57
CA VAL B 114 51.81 125.31 -10.50
C VAL B 114 51.73 124.02 -11.31
N ASN B 115 50.56 123.79 -11.91
CA ASN B 115 50.35 122.71 -12.86
C ASN B 115 50.57 121.34 -12.22
N ARG B 116 49.73 121.05 -11.22
CA ARG B 116 49.69 119.75 -10.59
C ARG B 116 48.69 118.85 -11.31
N VAL B 117 48.87 117.54 -11.15
CA VAL B 117 48.02 116.55 -11.80
C VAL B 117 47.67 115.45 -10.79
N GLY B 118 46.62 114.69 -11.13
CA GLY B 118 46.17 113.61 -10.27
C GLY B 118 45.94 112.34 -11.07
N PHE B 119 45.99 111.22 -10.36
CA PHE B 119 45.83 109.90 -10.96
C PHE B 119 44.87 109.07 -10.14
N THR B 120 44.07 108.25 -10.82
CA THR B 120 43.13 107.35 -10.16
C THR B 120 43.17 106.00 -10.87
N ARG B 121 42.89 104.93 -10.11
CA ARG B 121 42.82 103.58 -10.65
C ARG B 121 41.48 102.95 -10.26
N LEU B 122 40.67 102.63 -11.27
CA LEU B 122 39.40 101.97 -11.05
C LEU B 122 39.59 100.45 -11.04
N SER B 123 38.62 99.75 -10.47
CA SER B 123 38.72 98.31 -10.29
C SER B 123 37.47 97.62 -10.84
N ARG B 124 37.64 96.35 -11.21
CA ARG B 124 36.60 95.52 -11.80
C ARG B 124 36.22 94.39 -10.84
N GLU B 125 35.36 93.49 -11.32
CA GLU B 125 34.88 92.40 -10.48
C GLU B 125 34.43 91.26 -11.39
N GLY B 126 34.28 90.08 -10.78
CA GLY B 126 33.80 88.91 -11.49
C GLY B 126 33.77 87.68 -10.59
N SER B 127 32.69 86.91 -10.62
CA SER B 127 32.50 85.79 -9.72
C SER B 127 31.94 84.60 -10.49
N ILE B 128 32.01 83.43 -9.86
CA ILE B 128 31.58 82.16 -10.44
C ILE B 128 30.25 81.75 -9.82
N HIS B 129 29.53 80.87 -10.51
CA HIS B 129 28.27 80.32 -10.02
C HIS B 129 28.23 78.82 -10.26
N LYS B 130 27.46 78.11 -9.45
CA LYS B 130 27.39 76.66 -9.55
C LYS B 130 26.32 76.24 -10.56
N PHE B 131 26.34 74.96 -10.93
CA PHE B 131 25.40 74.41 -11.90
C PHE B 131 25.26 72.91 -11.66
N GLY B 132 24.27 72.32 -12.32
CA GLY B 132 24.14 70.87 -12.28
C GLY B 132 22.76 70.30 -12.57
N PHE B 133 22.72 69.16 -13.25
CA PHE B 133 21.49 68.40 -13.44
C PHE B 133 21.83 66.92 -13.58
N PHE B 134 20.85 66.07 -13.24
CA PHE B 134 21.06 64.63 -13.19
C PHE B 134 19.84 63.91 -13.75
N TYR B 135 19.89 62.57 -13.73
CA TYR B 135 18.77 61.74 -14.13
C TYR B 135 18.87 60.39 -13.44
N GLU B 136 17.73 59.83 -13.08
CA GLU B 136 17.67 58.54 -12.39
C GLU B 136 17.08 57.47 -13.29
N PHE B 137 17.53 56.24 -13.08
CA PHE B 137 17.08 55.09 -13.85
C PHE B 137 16.99 53.88 -12.95
N THR B 138 16.19 52.91 -13.34
CA THR B 138 16.09 51.65 -12.63
C THR B 138 16.81 50.55 -13.40
N GLN B 139 17.26 49.53 -12.68
CA GLN B 139 18.06 48.48 -13.31
C GLN B 139 17.25 47.74 -14.37
N GLU B 140 15.95 47.57 -14.15
CA GLU B 140 15.12 46.89 -15.13
C GLU B 140 15.07 47.65 -16.45
N SER B 141 15.02 48.99 -16.38
CA SER B 141 14.92 49.79 -17.60
C SER B 141 16.15 49.67 -18.48
N LEU B 142 17.30 49.33 -17.92
CA LEU B 142 18.50 49.09 -18.70
C LEU B 142 18.77 47.61 -18.94
N ASP B 143 18.06 46.73 -18.24
CA ASP B 143 18.33 45.31 -18.27
C ASP B 143 17.30 44.54 -19.07
N PHE B 144 16.17 45.16 -19.44
CA PHE B 144 15.19 44.48 -20.28
C PHE B 144 14.75 45.33 -21.47
N ASP B 145 15.28 46.53 -21.66
CA ASP B 145 14.93 47.36 -22.80
C ASP B 145 15.50 46.76 -24.07
N SER B 146 14.80 46.95 -25.18
CA SER B 146 15.24 46.40 -26.46
C SER B 146 16.65 46.87 -26.81
N ASP B 147 16.89 48.18 -26.73
CA ASP B 147 18.20 48.72 -27.07
C ASP B 147 19.22 48.40 -25.99
N ASP B 148 20.15 47.51 -26.28
CA ASP B 148 21.13 47.08 -25.29
C ASP B 148 22.02 48.23 -24.85
N GLN B 149 22.44 49.07 -25.79
CA GLN B 149 23.18 50.27 -25.42
C GLN B 149 22.22 51.44 -25.23
N LEU B 150 21.80 51.64 -23.98
CA LEU B 150 20.95 52.77 -23.63
C LEU B 150 21.61 53.69 -22.61
N LYS B 151 22.44 53.14 -21.73
CA LYS B 151 23.19 53.94 -20.77
C LYS B 151 24.11 54.91 -21.50
N GLU B 152 24.85 54.41 -22.49
CA GLU B 152 25.72 55.28 -23.28
C GLU B 152 24.90 56.28 -24.09
N HIS B 153 23.80 55.81 -24.69
CA HIS B 153 22.95 56.68 -25.48
C HIS B 153 22.32 57.79 -24.65
N LEU B 154 22.21 57.59 -23.34
CA LEU B 154 21.68 58.62 -22.43
C LEU B 154 22.79 59.53 -21.90
N SER B 155 23.95 58.97 -21.57
CA SER B 155 25.05 59.79 -21.09
C SER B 155 25.52 60.75 -22.18
N ARG B 156 25.49 60.30 -23.44
CA ARG B 156 25.86 61.16 -24.56
C ARG B 156 24.97 62.39 -24.64
N GLU B 157 23.65 62.17 -24.52
CA GLU B 157 22.72 63.28 -24.56
C GLU B 157 22.87 64.19 -23.34
N LEU B 158 23.17 63.61 -22.18
CA LEU B 158 23.43 64.42 -20.99
C LEU B 158 24.63 65.34 -21.20
N MET B 159 25.72 64.79 -21.75
CA MET B 159 26.90 65.61 -22.03
C MET B 159 26.59 66.71 -23.03
N ASN B 160 25.86 66.37 -24.09
CA ASN B 160 25.50 67.38 -25.10
C ASN B 160 24.67 68.49 -24.48
N GLY B 161 23.71 68.13 -23.63
CA GLY B 161 22.91 69.14 -22.95
C GLY B 161 23.75 70.04 -22.07
N ALA B 162 24.72 69.46 -21.35
CA ALA B 162 25.60 70.28 -20.52
C ALA B 162 26.39 71.27 -21.36
N VAL B 163 26.92 70.82 -22.50
CA VAL B 163 27.71 71.70 -23.36
C VAL B 163 26.83 72.84 -23.91
N GLN B 164 25.62 72.49 -24.35
CA GLN B 164 24.71 73.52 -24.86
C GLN B 164 24.34 74.53 -23.77
N ILE B 165 24.12 74.04 -22.55
CA ILE B 165 23.84 74.94 -21.43
C ILE B 165 24.99 75.92 -21.24
N THR B 166 26.22 75.40 -21.25
CA THR B 166 27.38 76.25 -21.03
C THR B 166 27.48 77.33 -22.10
N GLU B 167 27.29 76.96 -23.36
CA GLU B 167 27.37 77.95 -24.43
C GLU B 167 26.27 79.01 -24.31
N ALA B 168 25.05 78.58 -24.00
CA ALA B 168 23.94 79.51 -23.87
C ALA B 168 24.18 80.48 -22.72
N VAL B 169 24.70 79.98 -21.60
CA VAL B 169 24.98 80.86 -20.46
C VAL B 169 26.07 81.87 -20.82
N LEU B 170 27.13 81.42 -21.51
CA LEU B 170 28.19 82.35 -21.87
C LEU B 170 27.65 83.47 -22.75
N GLN B 171 26.85 83.12 -23.76
CA GLN B 171 26.38 84.19 -24.65
C GLN B 171 25.31 85.06 -23.99
N LYS B 172 24.51 84.53 -23.07
CA LYS B 172 23.60 85.37 -22.30
C LYS B 172 24.36 86.36 -21.44
N ASP B 173 25.43 85.91 -20.77
CA ASP B 173 26.25 86.83 -19.99
C ASP B 173 26.91 87.89 -20.85
N LEU B 174 27.41 87.51 -22.03
CA LEU B 174 27.99 88.49 -22.93
C LEU B 174 26.96 89.51 -23.41
N LEU B 175 25.75 89.06 -23.74
CA LEU B 175 24.70 89.99 -24.13
C LEU B 175 24.34 90.94 -23.00
N ALA B 176 24.25 90.43 -21.77
CA ALA B 176 23.91 91.26 -20.63
C ALA B 176 25.01 92.26 -20.26
N ALA B 177 26.27 91.90 -20.48
CA ALA B 177 27.38 92.74 -20.05
C ALA B 177 27.87 93.69 -21.12
N ALA B 178 27.19 93.78 -22.26
CA ALA B 178 27.62 94.66 -23.33
C ALA B 178 27.58 96.12 -22.88
N GLY B 179 28.66 96.84 -23.16
CA GLY B 179 28.80 98.21 -22.70
C GLY B 179 27.99 99.20 -23.49
N THR B 180 28.31 99.35 -24.77
CA THR B 180 27.53 100.22 -25.63
C THR B 180 26.30 99.47 -26.13
N VAL B 181 25.12 100.01 -25.86
CA VAL B 181 23.88 99.35 -26.19
C VAL B 181 23.11 100.18 -27.20
N LEU B 182 23.02 99.69 -28.44
CA LEU B 182 22.35 100.43 -29.50
C LEU B 182 20.93 99.93 -29.68
N TYR B 183 20.00 100.87 -29.85
CA TYR B 183 18.59 100.54 -30.04
C TYR B 183 18.22 100.92 -31.47
N ALA B 184 18.43 99.97 -32.38
CA ALA B 184 18.24 100.21 -33.81
C ALA B 184 16.82 100.66 -34.10
N GLY B 185 16.69 101.68 -34.93
CA GLY B 185 15.40 102.29 -35.20
C GLY B 185 15.27 103.64 -34.52
N ALA B 186 14.22 103.81 -33.71
CA ALA B 186 14.02 105.06 -32.99
C ALA B 186 13.62 104.79 -31.55
N ALA B 187 14.19 103.76 -30.93
CA ALA B 187 13.85 103.39 -29.57
C ALA B 187 14.89 103.93 -28.59
N THR B 188 14.43 104.24 -27.39
CA THR B 188 15.30 104.69 -26.31
C THR B 188 15.41 103.69 -25.17
N SER B 189 14.58 102.66 -25.14
CA SER B 189 14.63 101.64 -24.10
C SER B 189 14.21 100.31 -24.72
N ASP B 190 14.42 99.24 -23.97
CA ASP B 190 14.00 97.92 -24.43
C ASP B 190 12.49 97.88 -24.62
N ALA B 191 11.74 98.47 -23.69
CA ALA B 191 10.28 98.41 -23.69
C ALA B 191 9.64 99.31 -24.74
N THR B 192 10.43 99.89 -25.65
CA THR B 192 9.84 100.70 -26.72
C THR B 192 10.40 100.34 -28.09
N ILE B 193 10.89 99.12 -28.27
CA ILE B 193 11.39 98.68 -29.57
C ILE B 193 10.20 98.18 -30.38
N THR B 194 9.57 99.08 -31.12
CA THR B 194 8.34 98.79 -31.83
C THR B 194 8.62 98.61 -33.32
N GLY B 195 7.73 97.88 -33.98
CA GLY B 195 7.86 97.60 -35.40
C GLY B 195 6.65 98.03 -36.20
N GLU B 196 5.61 98.50 -35.53
CA GLU B 196 4.37 98.89 -36.20
C GLU B 196 4.31 100.37 -36.53
N GLY B 197 5.06 101.20 -35.81
CA GLY B 197 4.95 102.64 -36.00
C GLY B 197 5.59 103.09 -37.31
N SER B 198 5.52 104.41 -37.52
CA SER B 198 6.10 105.00 -38.72
C SER B 198 7.63 104.91 -38.74
N THR B 199 8.25 104.55 -37.62
CA THR B 199 9.70 104.36 -37.53
C THR B 199 9.96 102.96 -36.98
N PRO B 200 9.85 101.94 -37.83
CA PRO B 200 10.09 100.58 -37.36
C PRO B 200 11.52 100.41 -36.85
N SER B 201 11.66 99.61 -35.80
CA SER B 201 12.96 99.39 -35.16
C SER B 201 13.66 98.22 -35.85
N VAL B 202 14.22 98.51 -37.02
CA VAL B 202 14.96 97.53 -37.80
C VAL B 202 16.34 98.09 -38.11
N ILE B 203 17.28 97.19 -38.38
CA ILE B 203 18.65 97.59 -38.61
C ILE B 203 18.75 98.32 -39.94
N THR B 204 18.88 99.63 -39.88
CA THR B 204 19.12 100.45 -41.06
C THR B 204 20.62 100.69 -41.22
N TYR B 205 20.99 101.38 -42.29
CA TYR B 205 22.41 101.53 -42.60
C TYR B 205 23.08 102.55 -41.69
N LYS B 206 22.47 103.73 -41.53
CA LYS B 206 23.04 104.72 -40.62
C LYS B 206 23.18 104.16 -39.21
N ASN B 207 22.25 103.29 -38.82
CA ASN B 207 22.36 102.59 -37.54
C ASN B 207 23.60 101.71 -37.51
N LEU B 208 23.89 101.01 -38.61
CA LEU B 208 25.08 100.18 -38.65
C LEU B 208 26.35 101.01 -38.81
N MET B 209 26.23 102.22 -39.33
CA MET B 209 27.41 103.08 -39.45
C MET B 209 27.82 103.67 -38.11
N ARG B 210 26.90 103.76 -37.16
CA ARG B 210 27.26 104.22 -35.82
C ARG B 210 28.03 103.16 -35.03
N LEU B 211 27.60 101.89 -35.13
CA LEU B 211 28.21 100.84 -34.32
C LEU B 211 29.71 100.74 -34.55
N ASP B 212 30.18 101.04 -35.75
CA ASP B 212 31.60 101.05 -36.04
C ASP B 212 32.25 102.37 -35.60
N ALA B 213 31.46 103.42 -35.41
CA ALA B 213 31.97 104.69 -34.92
C ALA B 213 32.01 104.79 -33.41
N ILE B 214 31.33 103.89 -32.69
CA ILE B 214 31.47 103.84 -31.25
C ILE B 214 32.60 102.90 -30.84
N LEU B 215 32.93 101.95 -31.70
CA LEU B 215 34.03 101.03 -31.45
C LEU B 215 35.36 101.54 -32.01
N THR B 216 35.38 102.75 -32.58
CA THR B 216 36.61 103.39 -33.00
C THR B 216 37.07 104.47 -32.05
N ASP B 217 36.16 105.24 -31.48
CA ASP B 217 36.53 106.12 -30.37
C ASP B 217 36.89 105.29 -29.14
N ASN B 218 36.15 104.21 -28.89
CA ASN B 218 36.45 103.27 -27.82
C ASN B 218 37.75 102.52 -28.07
N ARG B 219 38.24 102.52 -29.31
CA ARG B 219 39.51 101.90 -29.68
C ARG B 219 39.50 100.40 -29.47
N THR B 220 38.43 99.72 -29.90
CA THR B 220 38.39 98.27 -29.92
C THR B 220 39.22 97.79 -31.11
N PRO B 221 40.25 96.97 -30.89
CA PRO B 221 41.11 96.55 -32.01
C PRO B 221 40.32 95.81 -33.08
N THR B 222 40.64 96.11 -34.33
CA THR B 222 39.96 95.47 -35.46
C THR B 222 40.40 94.03 -35.60
N GLN B 223 39.47 93.17 -36.01
CA GLN B 223 39.73 91.74 -36.13
C GLN B 223 40.25 91.36 -37.52
N THR B 224 39.48 91.64 -38.55
CA THR B 224 39.82 91.25 -39.91
C THR B 224 40.41 92.43 -40.67
N THR B 225 40.70 92.19 -41.94
CA THR B 225 41.30 93.20 -42.81
C THR B 225 40.46 93.37 -44.07
N ILE B 226 40.90 94.25 -44.95
CA ILE B 226 40.21 94.55 -46.20
C ILE B 226 40.74 93.62 -47.27
N ILE B 227 39.92 93.34 -48.27
CA ILE B 227 40.34 92.59 -49.45
C ILE B 227 40.46 93.61 -50.59
N THR B 228 41.48 93.43 -51.43
CA THR B 228 41.68 94.31 -52.58
C THR B 228 40.74 93.95 -53.71
N GLY B 229 40.80 92.71 -54.18
CA GLY B 229 39.90 92.25 -55.23
C GLY B 229 40.45 91.02 -55.90
N SER B 230 39.66 90.53 -56.87
CA SER B 230 40.04 89.37 -57.67
C SER B 230 39.73 89.65 -59.13
N ARG B 231 40.48 89.00 -60.01
CA ARG B 231 40.35 89.21 -61.44
C ARG B 231 39.17 88.46 -62.04
N LEU B 232 38.37 87.80 -61.20
CA LEU B 232 37.16 87.13 -61.65
C LEU B 232 36.06 88.16 -61.92
N VAL B 233 34.98 87.70 -62.51
CA VAL B 233 33.87 88.58 -62.88
C VAL B 233 32.73 88.40 -61.89
N ASP B 234 32.10 89.52 -61.56
CA ASP B 234 31.05 89.58 -60.55
C ASP B 234 31.61 89.17 -59.19
N THR B 235 32.75 89.77 -58.85
CA THR B 235 33.42 89.52 -57.57
C THR B 235 33.79 90.89 -57.00
N LYS B 236 32.87 91.46 -56.22
CA LYS B 236 33.04 92.80 -55.71
C LYS B 236 34.13 92.85 -54.66
N VAL B 237 34.69 94.05 -54.49
CA VAL B 237 35.56 94.36 -53.37
C VAL B 237 34.68 94.55 -52.14
N ILE B 238 35.18 94.13 -50.98
CA ILE B 238 34.47 94.30 -49.73
C ILE B 238 35.44 94.84 -48.69
N GLY B 239 34.99 95.80 -47.90
CA GLY B 239 35.81 96.36 -46.85
C GLY B 239 35.14 96.24 -45.50
N GLY B 240 35.74 95.47 -44.61
CA GLY B 240 35.19 95.28 -43.28
C GLY B 240 36.30 94.90 -42.32
N THR B 241 36.11 95.27 -41.05
CA THR B 241 37.12 95.04 -40.03
C THR B 241 36.60 94.38 -38.77
N ARG B 242 35.29 94.34 -38.54
CA ARG B 242 34.72 93.78 -37.34
C ARG B 242 33.96 92.50 -37.67
N VAL B 243 33.46 91.84 -36.63
CA VAL B 243 32.75 90.57 -36.76
C VAL B 243 31.40 90.74 -36.11
N MET B 244 30.33 90.56 -36.87
CA MET B 244 28.97 90.79 -36.41
C MET B 244 28.27 89.45 -36.20
N TYR B 245 27.90 89.16 -34.97
CA TYR B 245 27.17 87.93 -34.64
C TYR B 245 25.68 88.24 -34.62
N VAL B 246 24.91 87.57 -35.47
CA VAL B 246 23.47 87.74 -35.52
C VAL B 246 22.80 86.38 -35.48
N GLY B 247 21.48 86.36 -35.30
CA GLY B 247 20.71 85.15 -35.37
C GLY B 247 20.29 84.83 -36.79
N SER B 248 19.58 83.71 -36.92
CA SER B 248 19.03 83.29 -38.21
C SER B 248 17.65 83.87 -38.46
N GLU B 249 17.13 84.65 -37.51
CA GLU B 249 15.83 85.27 -37.63
C GLU B 249 15.89 86.72 -38.11
N LEU B 250 17.02 87.38 -37.98
CA LEU B 250 17.19 88.75 -38.45
C LEU B 250 17.78 88.85 -39.84
N VAL B 251 18.41 87.79 -40.33
CA VAL B 251 19.12 87.80 -41.61
C VAL B 251 18.21 88.16 -42.79
N PRO B 252 16.88 87.84 -42.79
CA PRO B 252 16.06 88.35 -43.90
C PRO B 252 16.09 89.87 -44.02
N ASP B 253 15.88 90.56 -42.89
CA ASP B 253 15.92 92.03 -42.91
C ASP B 253 17.33 92.53 -43.22
N LEU B 254 18.35 91.88 -42.68
CA LEU B 254 19.72 92.25 -43.00
C LEU B 254 20.06 92.00 -44.47
N LYS B 255 19.24 91.22 -45.17
CA LYS B 255 19.44 90.92 -46.57
C LYS B 255 18.63 91.84 -47.49
N ALA B 256 18.00 92.87 -46.93
CA ALA B 256 17.23 93.82 -47.71
C ALA B 256 17.61 95.25 -47.35
N MET B 257 18.84 95.46 -46.92
CA MET B 257 19.31 96.78 -46.54
C MET B 257 19.72 97.57 -47.78
N LYS B 258 19.61 98.89 -47.67
CA LYS B 258 19.95 99.79 -48.77
C LYS B 258 21.04 100.75 -48.33
N ASP B 259 22.00 100.99 -49.21
CA ASP B 259 23.03 101.96 -48.88
C ASP B 259 22.47 103.38 -48.98
N LEU B 260 23.31 104.36 -48.71
CA LEU B 260 22.82 105.72 -48.70
C LEU B 260 22.44 106.23 -50.09
N PHE B 261 22.50 105.40 -51.12
CA PHE B 261 22.10 105.75 -52.47
C PHE B 261 21.24 104.64 -53.07
N GLY B 262 20.28 104.15 -52.29
CA GLY B 262 19.47 103.04 -52.74
C GLY B 262 20.27 101.76 -52.74
N ASN B 263 20.39 101.13 -53.92
CA ASN B 263 21.26 99.99 -54.14
C ASN B 263 21.04 98.86 -53.13
N LYS B 264 22.06 98.00 -52.99
CA LYS B 264 22.03 96.91 -52.03
C LYS B 264 23.24 97.02 -51.11
N ALA B 265 23.08 96.53 -49.90
CA ALA B 265 24.11 96.66 -48.87
C ALA B 265 24.76 95.33 -48.49
N PHE B 266 24.00 94.24 -48.48
CA PHE B 266 24.51 92.96 -47.98
C PHE B 266 25.25 92.20 -49.09
N ILE B 267 26.52 92.57 -49.25
CA ILE B 267 27.37 91.85 -50.18
C ILE B 267 27.54 90.42 -49.70
N GLU B 268 27.08 89.46 -50.50
CA GLU B 268 26.99 88.08 -50.06
C GLU B 268 28.35 87.38 -50.13
N ILE B 269 28.35 86.12 -49.67
CA ILE B 269 29.60 85.37 -49.53
C ILE B 269 30.18 85.00 -50.89
N GLN B 270 29.33 84.76 -51.89
CA GLN B 270 29.83 84.36 -53.19
C GLN B 270 30.59 85.50 -53.87
N HIS B 271 30.30 86.74 -53.51
CA HIS B 271 30.92 87.88 -54.18
C HIS B 271 32.38 88.06 -53.80
N TYR B 272 32.85 87.55 -52.68
CA TYR B 272 34.27 87.66 -52.34
C TYR B 272 34.77 86.34 -51.75
N GLY B 273 34.33 85.22 -52.33
CA GLY B 273 34.71 83.93 -51.80
C GLY B 273 36.14 83.52 -52.07
N ASP B 274 36.77 84.07 -53.12
CA ASP B 274 38.11 83.66 -53.49
C ASP B 274 39.18 84.68 -53.12
N ALA B 275 38.87 85.98 -53.17
CA ALA B 275 39.85 86.98 -52.81
C ALA B 275 40.16 86.98 -51.31
N GLY B 276 39.14 86.73 -50.48
CA GLY B 276 39.30 86.73 -49.04
C GLY B 276 39.23 85.33 -48.44
N THR B 277 39.47 85.28 -47.13
CA THR B 277 39.43 84.04 -46.36
C THR B 277 38.14 84.06 -45.55
N LEU B 278 37.24 83.14 -45.89
CA LEU B 278 35.89 83.14 -45.32
C LEU B 278 35.90 82.49 -43.94
N MET B 279 35.47 83.23 -42.92
CA MET B 279 35.38 82.68 -41.59
C MET B 279 34.23 81.68 -41.49
N ASN B 280 34.24 80.91 -40.42
CA ASN B 280 33.27 79.84 -40.21
C ASN B 280 31.91 80.44 -39.89
N GLY B 281 30.99 80.40 -40.84
CA GLY B 281 29.66 80.96 -40.67
C GLY B 281 29.46 82.28 -41.36
N GLU B 282 30.47 82.81 -42.04
CA GLU B 282 30.36 84.09 -42.72
C GLU B 282 29.27 84.05 -43.78
N ILE B 283 28.21 84.85 -43.59
CA ILE B 283 27.11 84.88 -44.55
C ILE B 283 27.15 86.09 -45.45
N GLY B 284 28.15 86.95 -45.32
CA GLY B 284 28.26 88.14 -46.15
C GLY B 284 28.93 89.26 -45.39
N THR B 285 28.62 90.49 -45.78
CA THR B 285 29.18 91.67 -45.14
C THR B 285 28.26 92.86 -45.36
N ILE B 286 28.06 93.66 -44.31
CA ILE B 286 27.29 94.90 -44.39
C ILE B 286 28.21 96.02 -43.94
N ASP B 287 28.87 96.67 -44.89
CA ASP B 287 29.79 97.77 -44.64
C ASP B 287 30.95 97.17 -43.84
N LYS B 288 31.24 97.66 -42.64
CA LYS B 288 32.38 97.21 -41.85
C LYS B 288 31.97 96.15 -40.84
N PHE B 289 31.28 95.10 -41.30
CA PHE B 289 30.78 94.07 -40.39
C PHE B 289 30.64 92.78 -41.18
N ARG B 290 31.47 91.79 -40.87
CA ARG B 290 31.40 90.49 -41.51
C ARG B 290 30.50 89.60 -40.68
N ILE B 291 29.29 89.36 -41.19
CA ILE B 291 28.24 88.75 -40.39
C ILE B 291 28.53 87.26 -40.16
N ILE B 292 28.29 86.80 -38.94
CA ILE B 292 28.39 85.39 -38.59
C ILE B 292 27.03 84.94 -38.08
N GLN B 293 26.40 84.00 -38.79
CA GLN B 293 25.10 83.48 -38.38
C GLN B 293 25.33 82.41 -37.32
N VAL B 294 24.98 82.72 -36.08
CA VAL B 294 25.07 81.76 -34.99
C VAL B 294 23.79 80.92 -34.99
N PRO B 295 23.90 79.59 -35.11
CA PRO B 295 22.67 78.78 -35.15
C PRO B 295 21.81 78.90 -33.91
N GLU B 296 22.40 79.12 -32.74
CA GLU B 296 21.65 79.24 -31.49
C GLU B 296 21.89 80.61 -30.88
N MET B 297 21.08 81.58 -31.30
CA MET B 297 21.19 82.94 -30.80
C MET B 297 19.97 83.31 -29.97
N LEU B 298 20.22 83.81 -28.76
CA LEU B 298 19.15 84.17 -27.84
C LEU B 298 18.41 85.42 -28.32
N HIS B 299 17.23 85.64 -27.76
CA HIS B 299 16.41 86.79 -28.15
C HIS B 299 15.38 87.04 -27.04
N TRP B 300 15.45 88.22 -26.43
CA TRP B 300 14.46 88.59 -25.41
C TRP B 300 13.07 88.62 -26.03
N ALA B 301 12.20 87.72 -25.59
CA ALA B 301 10.86 87.64 -26.13
C ALA B 301 9.90 88.51 -25.35
N GLY B 302 8.96 89.12 -26.07
CA GLY B 302 7.97 89.97 -25.47
C GLY B 302 8.56 91.19 -24.79
N ALA B 303 9.75 91.59 -25.22
CA ALA B 303 10.46 92.70 -24.61
C ALA B 303 10.20 94.04 -25.29
N GLY B 304 9.37 94.06 -26.34
CA GLY B 304 9.03 95.31 -26.98
C GLY B 304 7.76 95.91 -26.40
N ALA B 305 7.11 96.78 -27.17
CA ALA B 305 5.86 97.40 -26.76
C ALA B 305 4.69 96.58 -27.27
N ALA B 306 3.48 97.02 -26.94
CA ALA B 306 2.27 96.31 -27.32
C ALA B 306 2.20 96.08 -28.82
N ALA B 307 1.92 94.85 -29.23
CA ALA B 307 1.87 94.48 -30.65
C ALA B 307 0.40 94.49 -31.09
N THR B 308 -0.04 95.62 -31.62
CA THR B 308 -1.43 95.75 -32.06
C THR B 308 -1.64 95.11 -33.42
N ASP B 309 -2.81 95.34 -34.03
CA ASP B 309 -3.14 94.77 -35.32
C ASP B 309 -2.39 95.41 -36.48
N ALA B 310 -1.70 96.53 -36.24
CA ALA B 310 -0.95 97.19 -37.31
C ALA B 310 0.36 96.50 -37.62
N ASN B 311 0.68 95.38 -36.97
CA ASN B 311 1.91 94.64 -37.19
C ASN B 311 2.05 94.27 -38.66
N PRO B 312 3.07 94.81 -39.35
CA PRO B 312 3.21 94.52 -40.78
C PRO B 312 3.88 93.19 -41.07
N GLY B 313 3.98 92.34 -40.06
CA GLY B 313 4.59 91.04 -40.20
C GLY B 313 5.82 90.79 -39.36
N TYR B 314 6.01 91.55 -38.30
CA TYR B 314 7.16 91.35 -37.42
C TYR B 314 6.82 90.36 -36.32
N ARG B 315 7.87 89.81 -35.70
CA ARG B 315 7.69 88.76 -34.71
C ARG B 315 6.99 89.30 -33.46
N THR B 316 6.32 88.40 -32.77
CA THR B 316 5.61 88.75 -31.53
C THR B 316 5.50 87.52 -30.65
N SER B 317 5.54 87.74 -29.35
CA SER B 317 5.43 86.67 -28.36
C SER B 317 4.61 87.17 -27.19
N THR B 318 3.50 86.50 -26.91
CA THR B 318 2.57 86.96 -25.89
C THR B 318 3.21 86.93 -24.50
N VAL B 319 2.94 87.97 -23.71
CA VAL B 319 3.40 88.07 -22.34
C VAL B 319 2.24 88.60 -21.50
N ASN B 320 1.75 87.77 -20.58
CA ASN B 320 0.61 88.14 -19.72
C ASN B 320 -0.61 88.53 -20.54
N GLY B 321 -0.84 87.80 -21.64
CA GLY B 321 -1.97 88.09 -22.49
C GLY B 321 -1.64 89.07 -23.59
N THR B 322 -1.25 90.28 -23.22
CA THR B 322 -0.87 91.29 -24.20
C THR B 322 0.34 90.82 -25.00
N GLU B 323 0.26 90.98 -26.32
CA GLU B 323 1.38 90.61 -27.18
C GLU B 323 2.42 91.72 -27.18
N HIS B 324 3.67 91.34 -27.43
CA HIS B 324 4.77 92.28 -27.44
C HIS B 324 5.81 91.86 -28.46
N TYR B 325 6.42 92.84 -29.11
CA TYR B 325 7.38 92.58 -30.15
C TYR B 325 8.66 91.98 -29.57
N ASP B 326 9.19 90.95 -30.23
CA ASP B 326 10.43 90.34 -29.80
C ASP B 326 11.61 91.25 -30.13
N VAL B 327 12.65 91.16 -29.32
CA VAL B 327 13.85 91.96 -29.49
C VAL B 327 14.99 91.02 -29.85
N TYR B 328 15.60 91.26 -31.01
CA TYR B 328 16.69 90.36 -31.35
C TYR B 328 18.03 91.07 -31.30
N PRO B 329 19.08 90.40 -30.83
CA PRO B 329 20.34 91.10 -30.57
C PRO B 329 21.33 91.02 -31.73
N VAL B 330 22.39 91.80 -31.60
CA VAL B 330 23.57 91.72 -32.44
C VAL B 330 24.78 91.85 -31.52
N LEU B 331 25.76 90.97 -31.68
CA LEU B 331 26.93 91.00 -30.81
C LEU B 331 28.19 91.07 -31.65
N VAL B 332 29.06 92.03 -31.33
CA VAL B 332 30.33 92.21 -32.04
C VAL B 332 31.48 92.13 -31.06
N VAL B 333 31.36 91.27 -30.05
CA VAL B 333 32.26 91.23 -28.90
C VAL B 333 33.71 91.27 -29.35
N GLY B 334 34.45 92.24 -28.84
CA GLY B 334 35.78 92.54 -29.35
C GLY B 334 36.85 91.66 -28.73
N ASP B 335 38.09 91.98 -29.10
CA ASP B 335 39.24 91.25 -28.59
C ASP B 335 39.64 91.75 -27.21
N ASP B 336 39.97 90.79 -26.33
CA ASP B 336 40.31 91.08 -24.94
C ASP B 336 39.20 91.89 -24.28
N SER B 337 38.02 91.29 -24.19
CA SER B 337 36.87 91.92 -23.56
C SER B 337 36.43 91.19 -22.30
N PHE B 338 36.63 89.88 -22.23
CA PHE B 338 36.24 89.08 -21.08
C PHE B 338 37.23 87.94 -20.92
N THR B 339 37.32 87.44 -19.69
CA THR B 339 38.07 86.21 -19.42
C THR B 339 37.21 85.34 -18.54
N THR B 340 37.08 84.06 -18.91
CA THR B 340 36.28 83.14 -18.14
C THR B 340 37.05 82.73 -16.89
N ILE B 341 36.39 82.79 -15.73
CA ILE B 341 37.02 82.38 -14.48
C ILE B 341 36.85 80.87 -14.34
N GLY B 342 37.93 80.14 -14.57
CA GLY B 342 37.90 78.69 -14.44
C GLY B 342 38.46 78.22 -13.12
N PHE B 343 37.59 77.81 -12.21
CA PHE B 343 37.99 77.36 -10.89
C PHE B 343 38.29 75.87 -10.93
N GLN B 344 39.58 75.53 -10.87
CA GLN B 344 40.05 74.15 -10.93
C GLN B 344 39.50 73.41 -12.14
N THR B 345 39.87 73.88 -13.34
CA THR B 345 39.39 73.28 -14.58
C THR B 345 40.51 72.84 -15.50
N ASP B 346 41.74 72.69 -14.98
CA ASP B 346 42.88 72.19 -15.75
C ASP B 346 43.15 73.03 -17.00
N GLY B 347 42.85 74.32 -16.93
CA GLY B 347 43.12 75.21 -18.04
C GLY B 347 42.08 75.12 -19.14
N LYS B 348 40.81 75.20 -18.77
CA LYS B 348 39.71 75.20 -19.73
C LYS B 348 38.56 75.99 -19.13
N SER B 349 37.66 76.46 -19.99
CA SER B 349 36.59 77.35 -19.56
C SER B 349 35.67 76.69 -18.54
N VAL B 350 35.24 75.48 -18.82
CA VAL B 350 34.36 74.72 -17.92
C VAL B 350 34.84 73.29 -17.90
N LYS B 351 35.02 72.72 -16.70
CA LYS B 351 35.34 71.31 -16.54
C LYS B 351 34.17 70.62 -15.85
N PHE B 352 33.79 69.45 -16.37
CA PHE B 352 32.60 68.76 -15.92
C PHE B 352 32.97 67.62 -14.97
N ASN B 353 32.21 67.49 -13.89
CA ASN B 353 32.33 66.37 -12.95
C ASN B 353 31.10 65.50 -13.11
N VAL B 354 31.30 64.23 -13.43
CA VAL B 354 30.22 63.27 -13.64
C VAL B 354 30.36 62.17 -12.61
N MET B 355 29.33 61.99 -11.80
CA MET B 355 29.31 60.98 -10.73
C MET B 355 28.18 59.99 -11.03
N THR B 356 28.56 58.77 -11.40
CA THR B 356 27.60 57.72 -11.69
C THR B 356 27.66 56.67 -10.59
N LYS B 357 26.49 56.21 -10.15
CA LYS B 357 26.38 55.15 -9.16
C LYS B 357 25.42 54.10 -9.71
N MET B 358 25.97 53.12 -10.41
CA MET B 358 25.15 52.12 -11.06
C MET B 358 24.38 51.30 -10.02
N PRO B 359 23.14 50.93 -10.31
CA PRO B 359 22.37 50.14 -9.34
C PRO B 359 23.09 48.84 -8.96
N GLY B 360 23.06 48.54 -7.67
CA GLY B 360 23.72 47.36 -7.15
C GLY B 360 23.97 47.48 -5.66
N LYS B 361 25.20 47.17 -5.23
CA LYS B 361 25.55 47.32 -3.82
C LYS B 361 25.75 48.77 -3.44
N GLU B 362 26.03 49.65 -4.42
CA GLU B 362 26.38 51.03 -4.15
C GLU B 362 25.17 51.95 -4.03
N THR B 363 23.96 51.43 -4.21
CA THR B 363 22.76 52.24 -4.05
C THR B 363 21.83 51.73 -2.96
N ALA B 364 22.23 50.69 -2.22
CA ALA B 364 21.40 50.15 -1.16
C ALA B 364 21.45 51.04 0.07
N ASP B 365 20.32 51.14 0.76
CA ASP B 365 20.21 51.90 1.99
C ASP B 365 18.99 51.41 2.74
N ARG B 366 18.80 51.93 3.95
CA ARG B 366 17.62 51.56 4.71
C ARG B 366 16.34 52.08 4.06
N ASN B 367 16.46 53.01 3.12
CA ASN B 367 15.31 53.48 2.36
C ASN B 367 15.01 52.61 1.15
N ASP B 368 16.04 52.11 0.48
CA ASP B 368 15.90 51.17 -0.63
C ASP B 368 16.83 50.00 -0.35
N PRO B 369 16.37 49.02 0.43
CA PRO B 369 17.24 47.88 0.77
C PRO B 369 17.59 47.01 -0.41
N TYR B 370 16.81 47.04 -1.50
CA TYR B 370 17.07 46.15 -2.63
C TYR B 370 18.08 46.73 -3.61
N GLY B 371 18.26 48.05 -3.63
CA GLY B 371 19.27 48.65 -4.48
C GLY B 371 18.95 48.56 -5.96
N GLU B 372 17.92 49.29 -6.40
CA GLU B 372 17.50 49.25 -7.79
C GLU B 372 17.70 50.55 -8.57
N THR B 373 17.69 51.70 -7.90
CA THR B 373 17.73 52.99 -8.59
C THR B 373 19.13 53.57 -8.52
N GLY B 374 19.69 53.89 -9.69
CA GLY B 374 20.95 54.60 -9.76
C GLY B 374 20.74 55.99 -10.32
N PHE B 375 21.82 56.71 -10.60
CA PHE B 375 21.71 58.07 -11.14
C PHE B 375 22.99 58.43 -11.87
N SER B 376 23.04 59.66 -12.38
CA SER B 376 24.22 60.20 -13.03
C SER B 376 24.14 61.72 -13.02
N SER B 377 25.00 62.38 -12.24
CA SER B 377 24.93 63.81 -12.02
C SER B 377 26.13 64.50 -12.62
N ILE B 378 25.88 65.57 -13.38
CA ILE B 378 27.00 66.37 -14.00
C ILE B 378 26.99 67.79 -13.39
N LYS B 379 28.03 68.15 -12.64
CA LYS B 379 28.09 69.48 -11.98
C LYS B 379 29.30 70.25 -12.50
N TRP B 380 29.18 71.58 -12.63
CA TRP B 380 30.30 72.38 -13.19
C TRP B 380 30.27 73.83 -12.73
N TYR B 381 31.43 74.49 -12.71
CA TYR B 381 31.56 75.88 -12.32
C TYR B 381 31.75 76.74 -13.57
N TYR B 382 31.23 77.96 -13.52
CA TYR B 382 31.37 78.90 -14.62
C TYR B 382 31.37 80.33 -14.07
N GLY B 383 32.18 81.17 -14.69
CA GLY B 383 32.27 82.57 -14.32
C GLY B 383 32.76 83.41 -15.48
N ILE B 384 32.81 84.72 -15.24
CA ILE B 384 33.23 85.67 -16.27
C ILE B 384 33.89 86.86 -15.60
N LEU B 385 34.78 87.51 -16.32
CA LEU B 385 35.47 88.72 -15.87
C LEU B 385 35.54 89.69 -17.03
N VAL B 386 34.53 90.55 -17.15
CA VAL B 386 34.52 91.55 -18.21
C VAL B 386 35.51 92.65 -17.84
N LYS B 387 36.62 92.71 -18.58
CA LYS B 387 37.68 93.66 -18.26
C LYS B 387 37.50 94.98 -18.98
N ARG B 388 37.11 94.94 -20.25
CA ARG B 388 36.89 96.14 -21.07
C ARG B 388 35.48 96.05 -21.67
N PRO B 389 34.45 96.36 -20.89
CA PRO B 389 33.08 96.39 -21.44
C PRO B 389 32.91 97.42 -22.53
N GLU B 390 33.87 98.32 -22.69
CA GLU B 390 33.89 99.27 -23.80
C GLU B 390 33.99 98.59 -25.15
N ARG B 391 34.48 97.35 -25.19
CA ARG B 391 34.70 96.66 -26.46
C ARG B 391 33.54 95.77 -26.86
N ILE B 392 32.72 95.33 -25.92
CA ILE B 392 31.52 94.57 -26.25
C ILE B 392 30.43 95.55 -26.65
N ALA B 393 29.88 95.38 -27.84
CA ALA B 393 28.79 96.22 -28.32
C ALA B 393 27.62 95.36 -28.75
N VAL B 394 26.42 95.78 -28.39
CA VAL B 394 25.20 95.07 -28.75
C VAL B 394 24.34 96.02 -29.57
N MET B 395 23.34 95.45 -30.25
CA MET B 395 22.42 96.25 -31.05
C MET B 395 21.09 95.50 -31.10
N LYS B 396 20.01 96.15 -30.66
CA LYS B 396 18.71 95.50 -30.56
C LYS B 396 17.77 96.02 -31.64
N ALA B 397 17.08 95.09 -32.30
CA ALA B 397 16.07 95.45 -33.29
C ALA B 397 15.12 94.27 -33.46
N VAL B 398 13.91 94.55 -33.93
CA VAL B 398 12.96 93.48 -34.18
C VAL B 398 13.34 92.74 -35.48
N ALA B 399 12.73 91.58 -35.66
CA ALA B 399 12.99 90.71 -36.79
C ALA B 399 11.69 90.36 -37.48
N PRO B 400 11.72 90.11 -38.79
CA PRO B 400 10.50 89.74 -39.51
C PRO B 400 10.09 88.30 -39.21
N LEU B 401 8.82 88.01 -39.46
CA LEU B 401 8.26 86.69 -39.18
C LEU B 401 9.03 85.58 -39.89
N MET C 1 18.19 30.51 60.45
CA MET C 1 17.95 29.56 59.36
C MET C 1 18.14 30.24 58.01
N LEU C 2 19.32 30.02 57.41
CA LEU C 2 19.66 30.65 56.12
C LEU C 2 19.18 29.75 54.99
N ASN C 3 17.87 29.71 54.80
CA ASN C 3 17.30 28.89 53.75
C ASN C 3 17.35 29.62 52.40
N TYR C 4 17.15 28.85 51.34
CA TYR C 4 17.29 29.34 49.97
C TYR C 4 15.99 29.90 49.40
N ASN C 5 14.84 29.48 49.92
CA ASN C 5 13.52 29.93 49.45
C ASN C 5 13.45 29.72 47.94
N ALA C 6 13.03 30.71 47.16
CA ALA C 6 12.96 30.57 45.71
C ALA C 6 13.12 31.94 45.07
N PRO C 7 14.35 32.39 44.87
CA PRO C 7 14.55 33.70 44.23
C PRO C 7 13.99 33.76 42.81
N ILE C 8 14.01 32.64 42.08
CA ILE C 8 13.46 32.61 40.72
C ILE C 8 11.97 32.91 40.71
N ASP C 9 11.27 32.67 41.82
CA ASP C 9 9.84 32.94 41.90
C ASP C 9 9.50 34.22 42.66
N GLY C 10 10.45 34.84 43.34
CA GLY C 10 10.20 36.09 44.03
C GLY C 10 10.65 36.11 45.47
N GLN C 11 10.52 34.99 46.17
CA GLN C 11 10.97 34.92 47.55
C GLN C 11 12.47 34.71 47.61
N LYS C 12 13.23 35.78 47.77
CA LYS C 12 14.68 35.70 47.72
C LYS C 12 15.23 34.96 48.94
N SER C 13 16.50 34.58 48.84
CA SER C 13 17.16 33.84 49.91
C SER C 13 17.36 34.73 51.13
N SER C 14 17.58 34.07 52.27
CA SER C 14 17.74 34.81 53.53
C SER C 14 19.05 35.59 53.56
N ILE C 15 20.10 35.08 52.92
CA ILE C 15 21.40 35.75 52.96
C ILE C 15 21.39 37.06 52.21
N ASP C 16 20.38 37.31 51.38
CA ASP C 16 20.35 38.50 50.55
C ASP C 16 19.58 39.61 51.27
N GLY C 17 20.22 40.78 51.39
CA GLY C 17 19.63 41.86 52.13
C GLY C 17 19.44 43.15 51.37
N ALA C 18 18.18 43.52 51.14
CA ALA C 18 17.81 44.82 50.60
C ALA C 18 18.52 45.15 49.29
N GLY C 19 18.31 44.36 48.25
CA GLY C 19 18.84 44.71 46.94
C GLY C 19 19.39 43.58 46.11
N SER C 20 19.93 42.54 46.74
CA SER C 20 20.53 41.47 45.97
C SER C 20 19.53 40.33 45.77
N ASP C 21 19.62 39.69 44.60
CA ASP C 21 18.68 38.61 44.28
C ASP C 21 19.36 37.43 43.59
N GLN C 22 20.53 37.00 44.07
CA GLN C 22 21.14 35.76 43.58
C GLN C 22 21.40 35.80 42.08
N MET C 23 22.43 36.51 41.64
CA MET C 23 22.62 36.88 40.25
C MET C 23 22.71 35.69 39.29
N ASN C 24 22.57 34.47 39.80
CA ASN C 24 22.40 33.30 38.94
C ASN C 24 21.24 32.43 39.44
N THR C 25 20.09 32.49 38.77
CA THR C 25 18.90 31.78 39.20
C THR C 25 18.51 30.63 38.28
N PHE C 26 19.25 30.41 37.20
CA PHE C 26 18.94 29.32 36.28
C PHE C 26 20.20 28.96 35.50
N TYR C 27 20.07 27.97 34.62
CA TYR C 27 21.15 27.57 33.73
C TYR C 27 20.63 27.68 32.31
N TRP C 28 21.39 28.37 31.46
CA TRP C 28 20.98 28.60 30.07
C TRP C 28 21.53 27.48 29.21
N LEU C 29 20.63 26.71 28.60
CA LEU C 29 21.03 25.70 27.62
C LEU C 29 21.40 26.40 26.33
N LYS C 30 22.65 26.29 25.93
CA LYS C 30 23.13 27.00 24.75
C LYS C 30 22.83 26.26 23.45
N LYS C 31 22.26 25.06 23.52
CA LYS C 31 21.85 24.32 22.32
C LYS C 31 20.47 24.82 21.91
N ALA C 32 20.46 25.87 21.09
CA ALA C 32 19.21 26.46 20.63
C ALA C 32 18.40 25.43 19.84
N ILE C 33 17.09 25.43 20.05
CA ILE C 33 16.20 24.46 19.41
C ILE C 33 15.58 25.12 18.18
N ILE C 34 15.86 24.54 17.02
CA ILE C 34 15.42 25.08 15.75
C ILE C 34 14.66 24.01 14.98
N GLN C 35 13.96 24.43 13.92
CA GLN C 35 13.21 23.53 13.06
C GLN C 35 13.83 23.54 11.67
N ALA C 36 14.05 22.34 11.12
CA ALA C 36 14.73 22.19 9.84
C ALA C 36 13.82 22.65 8.69
N ARG C 37 14.35 22.54 7.48
CA ARG C 37 13.66 23.02 6.30
C ARG C 37 12.52 22.09 5.89
N LYS C 38 11.46 22.69 5.35
CA LYS C 38 10.38 21.91 4.79
C LYS C 38 10.85 21.24 3.50
N ASP C 39 10.54 19.95 3.35
CA ASP C 39 11.04 19.19 2.21
C ASP C 39 10.45 19.72 0.91
N GLN C 40 11.26 19.68 -0.14
CA GLN C 40 10.85 20.11 -1.47
C GLN C 40 10.64 18.90 -2.36
N TYR C 41 9.47 18.85 -3.00
CA TYR C 41 9.14 17.75 -3.90
C TYR C 41 8.66 18.21 -5.27
N PHE C 42 8.59 19.51 -5.54
CA PHE C 42 8.15 20.03 -6.82
C PHE C 42 9.19 20.88 -7.54
N MET C 43 9.96 21.69 -6.80
CA MET C 43 11.02 22.48 -7.44
C MET C 43 12.07 21.61 -8.12
N PRO C 44 12.54 20.48 -7.54
CA PRO C 44 13.59 19.69 -8.22
C PRO C 44 13.21 19.23 -9.62
N LEU C 45 11.94 18.91 -9.84
CA LEU C 45 11.49 18.37 -11.13
C LEU C 45 11.12 19.49 -12.09
N ALA C 46 12.04 20.44 -12.23
CA ALA C 46 11.86 21.57 -13.13
C ALA C 46 13.14 21.83 -13.90
N SER C 47 12.99 22.20 -15.16
CA SER C 47 14.12 22.57 -16.01
C SER C 47 14.24 24.08 -16.09
N VAL C 48 15.38 24.54 -16.59
CA VAL C 48 15.69 25.96 -16.68
C VAL C 48 15.94 26.32 -18.13
N THR C 49 15.26 27.37 -18.60
CA THR C 49 15.50 27.95 -19.92
C THR C 49 15.98 29.38 -19.73
N ASN C 50 17.14 29.69 -20.30
CA ASN C 50 17.71 31.02 -20.16
C ASN C 50 16.86 32.04 -20.91
N MET C 51 16.60 33.18 -20.26
CA MET C 51 15.90 34.28 -20.93
C MET C 51 16.90 35.42 -21.09
N PRO C 52 17.40 35.68 -22.29
CA PRO C 52 18.45 36.69 -22.46
C PRO C 52 17.99 38.07 -22.01
N LYS C 53 18.93 38.84 -21.47
CA LYS C 53 18.62 40.20 -21.08
C LYS C 53 18.44 41.07 -22.32
N ASN C 54 17.83 42.24 -22.11
CA ASN C 54 17.40 43.15 -23.17
C ASN C 54 16.36 42.53 -24.08
N MET C 55 15.65 41.50 -23.63
CA MET C 55 14.75 40.75 -24.49
C MET C 55 13.38 40.58 -23.84
N GLY C 56 12.85 41.65 -23.24
CA GLY C 56 11.56 41.59 -22.60
C GLY C 56 11.60 40.75 -21.33
N LYS C 57 10.41 40.34 -20.88
CA LYS C 57 10.28 39.47 -19.72
C LYS C 57 9.26 38.36 -20.04
N THR C 58 9.41 37.75 -21.21
CA THR C 58 8.43 36.75 -21.65
C THR C 58 9.10 35.78 -22.61
N ILE C 59 8.76 34.51 -22.48
CA ILE C 59 9.19 33.47 -23.40
C ILE C 59 7.95 32.76 -23.91
N LYS C 60 7.89 32.54 -25.22
CA LYS C 60 6.75 31.86 -25.85
C LYS C 60 7.23 31.00 -27.01
N VAL C 61 6.56 29.87 -27.20
CA VAL C 61 6.97 28.88 -28.20
C VAL C 61 5.86 28.65 -29.21
N TYR C 62 6.11 27.78 -30.19
CA TYR C 62 5.11 27.43 -31.21
C TYR C 62 4.78 25.95 -31.02
N GLU C 63 3.50 25.63 -30.98
CA GLU C 63 3.05 24.24 -30.90
C GLU C 63 2.35 23.86 -32.20
N TYR C 64 2.87 22.85 -32.88
CA TYR C 64 2.27 22.39 -34.12
C TYR C 64 1.36 21.20 -33.84
N VAL C 65 0.08 21.35 -34.14
CA VAL C 65 -0.91 20.34 -33.78
C VAL C 65 -1.08 19.36 -34.94
N PRO C 66 -1.36 18.09 -34.65
CA PRO C 66 -1.54 17.11 -35.74
C PRO C 66 -2.75 17.41 -36.60
N LEU C 67 -2.75 16.87 -37.82
CA LEU C 67 -3.86 17.12 -38.75
C LEU C 67 -5.16 16.50 -38.28
N LEU C 68 -5.10 15.29 -37.72
CA LEU C 68 -6.29 14.47 -37.53
C LEU C 68 -6.95 14.67 -36.16
N ASP C 69 -6.47 15.63 -35.38
CA ASP C 69 -7.07 15.92 -34.09
C ASP C 69 -8.25 16.86 -34.27
N ASP C 70 -8.89 17.23 -33.16
CA ASP C 70 -10.01 18.15 -33.18
C ASP C 70 -9.57 19.59 -32.99
N ARG C 71 -8.40 19.82 -32.39
CA ARG C 71 -7.91 21.16 -32.09
C ARG C 71 -7.55 21.97 -33.33
N ASN C 72 -7.34 21.33 -34.48
CA ASN C 72 -6.83 22.00 -35.66
C ASN C 72 -7.94 22.52 -36.57
N ILE C 73 -9.09 22.87 -36.01
CA ILE C 73 -10.22 23.39 -36.78
C ILE C 73 -9.77 24.56 -37.65
N ASN C 74 -10.18 24.55 -38.92
CA ASN C 74 -9.83 25.62 -39.85
C ASN C 74 -10.97 25.73 -40.86
N ASP C 75 -10.75 26.55 -41.90
CA ASP C 75 -11.74 26.72 -42.95
C ASP C 75 -11.36 26.08 -44.27
N GLN C 76 -10.16 25.52 -44.39
CA GLN C 76 -9.74 24.87 -45.63
C GLN C 76 -10.28 23.45 -45.65
N GLY C 77 -11.46 23.26 -46.24
CA GLY C 77 -12.02 21.94 -46.32
C GLY C 77 -12.85 21.69 -47.56
N ILE C 78 -12.48 20.67 -48.32
CA ILE C 78 -13.26 20.19 -49.44
C ILE C 78 -13.39 18.68 -49.29
N ASP C 79 -14.62 18.19 -49.24
CA ASP C 79 -14.86 16.78 -48.98
C ASP C 79 -14.49 15.95 -50.21
N ALA C 80 -14.76 14.66 -50.15
CA ALA C 80 -14.43 13.75 -51.25
C ALA C 80 -15.25 14.02 -52.50
N ASN C 81 -16.30 14.83 -52.42
CA ASN C 81 -17.15 15.14 -53.55
C ASN C 81 -16.81 16.46 -54.22
N GLY C 82 -16.38 17.46 -53.45
CA GLY C 82 -15.98 18.72 -54.03
C GLY C 82 -16.75 19.91 -53.47
N ALA C 83 -17.30 19.77 -52.27
CA ALA C 83 -18.08 20.81 -51.62
C ALA C 83 -17.36 21.29 -50.37
N HIS C 84 -17.28 22.61 -50.21
CA HIS C 84 -16.61 23.19 -49.05
C HIS C 84 -17.38 22.84 -47.80
N ILE C 85 -16.68 22.29 -46.80
CA ILE C 85 -17.29 21.88 -45.55
C ILE C 85 -16.69 22.68 -44.41
N VAL C 86 -17.35 22.63 -43.26
CA VAL C 86 -16.94 23.46 -42.12
C VAL C 86 -15.63 22.96 -41.53
N ASN C 87 -15.43 21.64 -41.51
CA ASN C 87 -14.26 21.08 -40.85
C ASN C 87 -13.14 20.76 -41.85
N GLY C 88 -11.94 21.27 -41.57
CA GLY C 88 -10.80 20.97 -42.42
C GLY C 88 -10.17 19.63 -42.15
N ASN C 89 -10.30 19.12 -40.93
CA ASN C 89 -9.66 17.89 -40.53
C ASN C 89 -10.55 16.69 -40.85
N LEU C 90 -10.01 15.74 -41.60
CA LEU C 90 -10.74 14.53 -41.91
C LEU C 90 -10.89 13.66 -40.67
N TYR C 91 -12.14 13.44 -40.25
CA TYR C 91 -12.43 12.60 -39.08
C TYR C 91 -11.57 13.04 -37.90
N GLY C 92 -11.86 14.23 -37.36
CA GLY C 92 -10.97 14.86 -36.41
C GLY C 92 -10.91 14.16 -35.07
N SER C 93 -10.27 12.99 -35.06
CA SER C 93 -10.11 12.15 -33.87
C SER C 93 -11.47 11.70 -33.34
N SER C 94 -12.32 11.28 -34.26
CA SER C 94 -13.63 10.76 -33.91
C SER C 94 -13.57 9.37 -33.28
N LYS C 95 -12.66 8.52 -33.75
CA LYS C 95 -12.53 7.15 -33.28
C LYS C 95 -13.85 6.40 -33.45
N ASP C 96 -14.64 6.81 -34.44
CA ASP C 96 -15.92 6.18 -34.74
C ASP C 96 -15.77 5.32 -35.98
N ILE C 97 -16.86 4.71 -36.44
CA ILE C 97 -16.86 3.94 -37.67
C ILE C 97 -17.65 4.69 -38.72
N GLY C 98 -18.88 5.09 -38.36
CA GLY C 98 -19.71 5.82 -39.32
C GLY C 98 -19.11 7.15 -39.69
N THR C 99 -18.58 7.87 -38.70
CA THR C 99 -18.02 9.19 -38.97
C THR C 99 -16.83 9.11 -39.92
N ILE C 100 -15.89 8.20 -39.65
CA ILE C 100 -14.73 8.12 -40.53
C ILE C 100 -15.10 7.48 -41.86
N THR C 101 -16.16 6.68 -41.89
CA THR C 101 -16.60 6.11 -43.17
C THR C 101 -17.19 7.19 -44.07
N SER C 102 -17.93 8.12 -43.48
CA SER C 102 -18.46 9.27 -44.22
C SER C 102 -17.45 10.40 -44.35
N LYS C 103 -16.28 10.26 -43.74
CA LYS C 103 -15.25 11.28 -43.85
C LYS C 103 -13.93 10.75 -44.38
N LEU C 104 -13.88 9.54 -44.92
CA LEU C 104 -12.64 9.01 -45.47
C LEU C 104 -12.21 9.86 -46.67
N PRO C 105 -10.90 9.96 -46.92
CA PRO C 105 -10.42 10.73 -48.08
C PRO C 105 -10.46 9.91 -49.37
N LEU C 106 -11.65 9.39 -49.69
CA LEU C 106 -11.81 8.57 -50.88
C LEU C 106 -11.58 9.40 -52.14
N LEU C 107 -10.92 8.79 -53.13
CA LEU C 107 -10.59 9.46 -54.38
C LEU C 107 -11.11 8.63 -55.55
N THR C 108 -11.47 9.32 -56.63
CA THR C 108 -11.96 8.66 -57.83
C THR C 108 -10.87 8.60 -58.89
N GLU C 109 -11.14 7.84 -59.95
CA GLU C 109 -10.17 7.73 -61.04
C GLU C 109 -9.99 9.04 -61.77
N ASN C 110 -11.00 9.91 -61.76
CA ASN C 110 -10.93 11.20 -62.43
C ASN C 110 -10.13 12.24 -61.65
N GLY C 111 -9.77 11.96 -60.40
CA GLY C 111 -9.00 12.92 -59.63
C GLY C 111 -9.84 14.11 -59.26
N GLY C 112 -9.27 15.31 -59.48
CA GLY C 112 -10.05 16.53 -59.25
C GLY C 112 -9.71 17.18 -57.93
N ARG C 113 -10.25 18.39 -57.70
CA ARG C 113 -10.02 19.10 -56.42
C ARG C 113 -10.92 18.48 -55.35
N VAL C 114 -10.51 17.34 -54.80
CA VAL C 114 -11.29 16.68 -53.71
C VAL C 114 -10.33 16.28 -52.59
N ASN C 115 -10.71 16.51 -51.32
CA ASN C 115 -9.93 16.14 -50.15
C ASN C 115 -8.83 17.16 -49.86
N ARG C 116 -9.25 18.37 -49.50
CA ARG C 116 -8.32 19.41 -49.08
C ARG C 116 -8.36 19.52 -47.56
N VAL C 117 -7.18 19.65 -46.95
CA VAL C 117 -7.05 19.66 -45.50
C VAL C 117 -6.42 20.98 -45.05
N GLY C 118 -6.45 21.20 -43.73
CA GLY C 118 -5.90 22.40 -43.15
C GLY C 118 -4.99 22.07 -42.00
N PHE C 119 -4.40 23.12 -41.42
CA PHE C 119 -3.44 22.97 -40.33
C PHE C 119 -3.57 24.16 -39.37
N THR C 120 -2.79 24.12 -38.28
CA THR C 120 -2.90 25.11 -37.23
C THR C 120 -1.68 25.00 -36.32
N ARG C 121 -1.20 26.14 -35.83
CA ARG C 121 -0.15 26.16 -34.81
C ARG C 121 -0.61 27.01 -33.63
N LEU C 122 -0.72 26.37 -32.46
CA LEU C 122 -0.99 27.10 -31.23
C LEU C 122 0.32 27.61 -30.63
N SER C 123 0.19 28.54 -29.68
CA SER C 123 1.35 29.14 -29.05
C SER C 123 1.17 29.20 -27.55
N ARG C 124 2.26 29.01 -26.82
CA ARG C 124 2.27 29.11 -25.37
C ARG C 124 2.76 30.49 -24.96
N GLU C 125 2.95 30.69 -23.66
CA GLU C 125 3.40 31.97 -23.14
C GLU C 125 3.90 31.81 -21.72
N GLY C 126 4.93 32.57 -21.36
CA GLY C 126 5.46 32.59 -20.02
C GLY C 126 5.77 34.01 -19.58
N SER C 127 6.09 34.14 -18.29
CA SER C 127 6.33 35.46 -17.72
C SER C 127 7.27 35.40 -16.52
N ILE C 128 8.13 36.41 -16.38
CA ILE C 128 9.05 36.49 -15.25
C ILE C 128 8.50 37.49 -14.26
N HIS C 129 8.39 37.08 -12.99
CA HIS C 129 7.95 37.96 -11.93
C HIS C 129 9.12 38.26 -11.00
N LYS C 130 8.84 39.05 -9.96
CA LYS C 130 9.85 39.42 -8.99
C LYS C 130 9.30 39.26 -7.58
N PHE C 131 10.20 38.94 -6.65
CA PHE C 131 9.84 38.78 -5.24
C PHE C 131 10.99 39.26 -4.38
N GLY C 132 10.70 39.54 -3.12
CA GLY C 132 11.74 39.94 -2.19
C GLY C 132 11.26 40.54 -0.89
N PHE C 133 11.95 40.24 0.20
CA PHE C 133 11.68 40.82 1.50
C PHE C 133 13.00 41.25 2.13
N PHE C 134 12.89 41.90 3.30
CA PHE C 134 14.08 42.38 4.00
C PHE C 134 13.76 42.52 5.48
N TYR C 135 14.78 42.88 6.26
CA TYR C 135 14.62 43.05 7.70
C TYR C 135 15.79 43.87 8.22
N GLU C 136 15.50 44.82 9.10
CA GLU C 136 16.52 45.70 9.66
C GLU C 136 16.93 45.23 11.05
N PHE C 137 18.05 45.77 11.54
CA PHE C 137 18.60 45.38 12.82
C PHE C 137 19.64 46.40 13.25
N THR C 138 19.61 46.78 14.52
CA THR C 138 20.59 47.71 15.06
C THR C 138 21.80 46.96 15.60
N GLN C 139 22.88 47.71 15.84
CA GLN C 139 24.11 47.12 16.35
C GLN C 139 23.98 46.76 17.84
N GLU C 140 23.25 47.57 18.60
CA GLU C 140 23.03 47.33 20.02
C GLU C 140 22.08 46.17 20.27
N SER C 141 21.44 45.64 19.23
CA SER C 141 20.70 44.41 19.35
C SER C 141 21.49 43.18 18.92
N LEU C 142 22.72 43.35 18.43
CA LEU C 142 23.55 42.23 18.06
C LEU C 142 24.79 42.06 18.92
N ASP C 143 25.31 43.14 19.51
CA ASP C 143 26.48 43.02 20.37
C ASP C 143 26.10 42.85 21.84
N PHE C 144 25.09 43.56 22.30
CA PHE C 144 24.69 43.52 23.70
C PHE C 144 23.50 42.60 23.95
N ASP C 145 23.40 41.48 23.22
CA ASP C 145 22.30 40.56 23.37
C ASP C 145 22.76 39.31 24.12
N SER C 146 21.84 38.36 24.28
CA SER C 146 22.12 37.15 25.04
C SER C 146 22.63 36.00 24.19
N ASP C 147 22.35 36.00 22.88
CA ASP C 147 22.81 34.95 21.98
C ASP C 147 23.79 35.58 20.99
N ASP C 148 25.01 35.05 20.96
CA ASP C 148 26.02 35.57 20.04
C ASP C 148 25.72 35.21 18.59
N GLN C 149 24.86 34.21 18.36
CA GLN C 149 24.55 33.74 17.02
C GLN C 149 23.18 34.19 16.54
N LEU C 150 22.71 35.36 17.00
CA LEU C 150 21.40 35.86 16.58
C LEU C 150 21.38 36.12 15.09
N LYS C 151 22.43 36.76 14.56
CA LYS C 151 22.46 37.13 13.15
C LYS C 151 22.45 35.89 12.26
N GLU C 152 23.21 34.86 12.64
CA GLU C 152 23.25 33.64 11.84
C GLU C 152 21.87 32.98 11.79
N HIS C 153 21.20 32.91 12.94
CA HIS C 153 19.85 32.34 13.00
C HIS C 153 18.90 33.14 12.12
N LEU C 154 18.94 34.46 12.23
CA LEU C 154 18.02 35.30 11.48
C LEU C 154 18.25 35.17 9.98
N SER C 155 19.51 35.15 9.54
CA SER C 155 19.79 34.99 8.12
C SER C 155 19.40 33.60 7.62
N ARG C 156 19.61 32.57 8.44
CA ARG C 156 19.19 31.24 8.06
C ARG C 156 17.69 31.17 7.86
N GLU C 157 16.93 31.80 8.76
CA GLU C 157 15.48 31.84 8.55
C GLU C 157 15.12 32.64 7.31
N LEU C 158 15.80 33.76 7.08
CA LEU C 158 15.54 34.55 5.87
C LEU C 158 15.75 33.75 4.60
N MET C 159 16.73 32.86 4.57
CA MET C 159 16.95 32.03 3.39
C MET C 159 15.98 30.86 3.29
N ASN C 160 15.74 30.17 4.41
CA ASN C 160 14.85 29.01 4.40
C ASN C 160 13.43 29.43 4.01
N GLY C 161 12.96 30.55 4.54
CA GLY C 161 11.64 31.03 4.18
C GLY C 161 11.51 31.37 2.71
N ALA C 162 12.57 31.97 2.15
CA ALA C 162 12.55 32.28 0.72
C ALA C 162 12.48 31.00 -0.10
N VAL C 163 13.23 29.98 0.30
CA VAL C 163 13.17 28.71 -0.43
C VAL C 163 11.77 28.12 -0.38
N GLN C 164 11.16 28.10 0.81
CA GLN C 164 9.82 27.55 0.95
C GLN C 164 8.81 28.36 0.14
N ILE C 165 8.99 29.68 0.09
CA ILE C 165 8.08 30.55 -0.66
C ILE C 165 8.19 30.22 -2.15
N THR C 166 9.42 30.04 -2.65
CA THR C 166 9.57 29.71 -4.07
C THR C 166 8.90 28.39 -4.39
N GLU C 167 9.07 27.38 -3.52
CA GLU C 167 8.40 26.10 -3.76
C GLU C 167 6.89 26.26 -3.76
N ALA C 168 6.36 27.06 -2.83
CA ALA C 168 4.92 27.26 -2.76
C ALA C 168 4.39 27.94 -4.03
N VAL C 169 5.11 28.96 -4.51
CA VAL C 169 4.69 29.65 -5.72
C VAL C 169 4.70 28.71 -6.91
N LEU C 170 5.75 27.90 -7.05
CA LEU C 170 5.81 26.98 -8.18
C LEU C 170 4.66 25.98 -8.12
N GLN C 171 4.37 25.46 -6.92
CA GLN C 171 3.29 24.48 -6.79
C GLN C 171 1.93 25.13 -7.07
N LYS C 172 1.76 26.39 -6.66
CA LYS C 172 0.51 27.10 -6.96
C LYS C 172 0.36 27.28 -8.47
N ASP C 173 1.44 27.63 -9.16
CA ASP C 173 1.38 27.80 -10.60
C ASP C 173 1.07 26.47 -11.30
N LEU C 174 1.63 25.37 -10.79
CA LEU C 174 1.30 24.07 -11.35
C LEU C 174 -0.17 23.73 -11.13
N LEU C 175 -0.68 23.96 -9.92
CA LEU C 175 -2.09 23.69 -9.64
C LEU C 175 -3.03 24.57 -10.46
N ALA C 176 -2.59 25.76 -10.86
CA ALA C 176 -3.39 26.63 -11.72
C ALA C 176 -3.34 26.20 -13.18
N ALA C 177 -2.14 26.05 -13.75
CA ALA C 177 -2.01 25.67 -15.15
C ALA C 177 -2.06 24.16 -15.32
N ALA C 178 -3.25 23.58 -15.39
CA ALA C 178 -3.43 22.15 -15.57
C ALA C 178 -4.48 21.92 -16.65
N GLY C 179 -4.16 21.08 -17.62
CA GLY C 179 -5.10 20.77 -18.68
C GLY C 179 -6.26 19.93 -18.20
N THR C 180 -5.98 18.69 -17.81
CA THR C 180 -7.01 17.82 -17.26
C THR C 180 -7.29 18.21 -15.81
N VAL C 181 -8.54 18.53 -15.52
CA VAL C 181 -8.88 19.12 -14.23
C VAL C 181 -10.07 18.37 -13.64
N LEU C 182 -10.15 17.06 -13.90
CA LEU C 182 -11.30 16.25 -13.49
C LEU C 182 -11.76 16.52 -12.06
N TYR C 183 -13.06 16.66 -11.87
CA TYR C 183 -13.63 16.86 -10.55
C TYR C 183 -14.18 15.53 -10.05
N ALA C 184 -13.82 15.17 -8.82
CA ALA C 184 -14.25 13.89 -8.26
C ALA C 184 -15.71 13.95 -7.86
N GLY C 185 -16.28 12.78 -7.56
CA GLY C 185 -17.69 12.72 -7.20
C GLY C 185 -18.57 13.05 -8.38
N ALA C 186 -19.72 13.65 -8.08
CA ALA C 186 -20.68 14.06 -9.11
C ALA C 186 -20.59 15.56 -9.37
N ALA C 187 -19.56 16.21 -8.86
CA ALA C 187 -19.38 17.63 -9.07
C ALA C 187 -18.92 17.92 -10.49
N THR C 188 -19.19 19.13 -10.95
CA THR C 188 -18.79 19.59 -12.28
C THR C 188 -17.96 20.85 -12.26
N SER C 189 -18.15 21.70 -11.27
CA SER C 189 -17.34 22.91 -11.09
C SER C 189 -16.92 22.99 -9.63
N ASP C 190 -16.10 24.01 -9.31
CA ASP C 190 -15.64 24.17 -7.93
C ASP C 190 -16.80 24.44 -6.99
N ALA C 191 -17.78 25.23 -7.41
CA ALA C 191 -18.95 25.51 -6.58
C ALA C 191 -19.84 24.30 -6.38
N THR C 192 -19.47 23.14 -6.93
CA THR C 192 -20.24 21.92 -6.78
C THR C 192 -19.50 20.86 -5.96
N ILE C 193 -18.23 21.07 -5.64
CA ILE C 193 -17.46 20.11 -4.86
C ILE C 193 -17.97 20.15 -3.43
N THR C 194 -18.81 19.18 -3.07
CA THR C 194 -19.46 19.15 -1.77
C THR C 194 -19.15 17.85 -1.06
N GLY C 195 -19.58 17.77 0.20
CA GLY C 195 -19.37 16.58 1.00
C GLY C 195 -20.62 16.07 1.67
N GLU C 196 -21.77 16.62 1.27
CA GLU C 196 -23.05 16.24 1.86
C GLU C 196 -24.07 16.06 0.74
N GLY C 197 -24.74 14.93 0.75
CA GLY C 197 -25.75 14.63 -0.25
C GLY C 197 -25.74 13.15 -0.56
N SER C 198 -26.47 12.80 -1.63
CA SER C 198 -26.50 11.41 -2.08
C SER C 198 -25.12 10.96 -2.52
N THR C 199 -24.41 11.80 -3.27
CA THR C 199 -23.09 11.47 -3.80
C THR C 199 -22.07 12.53 -3.38
N PRO C 200 -21.26 12.26 -2.36
CA PRO C 200 -20.19 13.18 -2.01
C PRO C 200 -19.10 13.20 -3.07
N SER C 201 -18.27 14.23 -3.00
CA SER C 201 -17.18 14.42 -3.96
C SER C 201 -15.88 13.77 -3.46
N VAL C 202 -15.92 12.47 -3.23
CA VAL C 202 -14.75 11.73 -2.77
C VAL C 202 -14.17 10.95 -3.95
N ILE C 203 -12.86 10.70 -3.91
CA ILE C 203 -12.20 9.99 -4.98
C ILE C 203 -12.55 8.51 -4.89
N THR C 204 -13.07 7.96 -5.99
CA THR C 204 -13.34 6.53 -6.10
C THR C 204 -12.39 5.90 -7.11
N TYR C 205 -12.41 4.57 -7.15
CA TYR C 205 -11.49 3.83 -8.01
C TYR C 205 -11.73 4.18 -9.49
N LYS C 206 -13.00 4.27 -9.88
CA LYS C 206 -13.32 4.59 -11.27
C LYS C 206 -12.79 5.95 -11.68
N ASN C 207 -12.73 6.91 -10.75
CA ASN C 207 -12.17 8.22 -11.06
C ASN C 207 -10.69 8.11 -11.37
N LEU C 208 -9.94 7.34 -10.58
CA LEU C 208 -8.52 7.14 -10.86
C LEU C 208 -8.32 6.42 -12.18
N MET C 209 -9.17 5.43 -12.48
CA MET C 209 -9.06 4.74 -13.76
C MET C 209 -9.33 5.70 -14.92
N ARG C 210 -10.32 6.58 -14.77
CA ARG C 210 -10.60 7.58 -15.79
C ARG C 210 -9.43 8.54 -15.96
N LEU C 211 -8.80 8.95 -14.85
CA LEU C 211 -7.61 9.79 -14.93
C LEU C 211 -6.50 9.11 -15.71
N ASP C 212 -6.27 7.82 -15.43
CA ASP C 212 -5.24 7.09 -16.16
C ASP C 212 -5.58 6.99 -17.64
N ALA C 213 -6.85 6.73 -17.95
CA ALA C 213 -7.26 6.62 -19.36
C ALA C 213 -7.07 7.95 -20.09
N ILE C 214 -7.43 9.05 -19.42
CA ILE C 214 -7.25 10.37 -20.03
C ILE C 214 -5.77 10.62 -20.29
N LEU C 215 -4.93 10.35 -19.29
CA LEU C 215 -3.51 10.63 -19.44
C LEU C 215 -2.89 9.78 -20.54
N THR C 216 -3.34 8.53 -20.68
CA THR C 216 -2.80 7.70 -21.76
C THR C 216 -3.39 8.10 -23.11
N ASP C 217 -4.51 8.83 -23.11
CA ASP C 217 -5.06 9.33 -24.36
C ASP C 217 -4.21 10.47 -24.93
N ASN C 218 -3.84 11.44 -24.10
CA ASN C 218 -3.03 12.59 -24.52
C ASN C 218 -1.56 12.26 -24.65
N ARG C 219 -1.19 10.98 -24.72
CA ARG C 219 0.19 10.55 -24.92
C ARG C 219 1.11 11.08 -23.82
N THR C 220 0.57 11.29 -22.62
CA THR C 220 1.39 11.69 -21.49
C THR C 220 2.28 10.53 -21.08
N PRO C 221 3.59 10.63 -21.20
CA PRO C 221 4.46 9.46 -20.99
C PRO C 221 4.41 8.97 -19.55
N THR C 222 4.55 7.67 -19.40
CA THR C 222 4.67 7.06 -18.08
C THR C 222 6.06 7.34 -17.51
N GLN C 223 6.18 7.24 -16.19
CA GLN C 223 7.42 7.54 -15.51
C GLN C 223 8.09 6.29 -14.94
N THR C 224 7.38 5.53 -14.12
CA THR C 224 7.95 4.36 -13.47
C THR C 224 7.61 3.10 -14.23
N THR C 225 8.35 2.04 -13.95
CA THR C 225 8.17 0.74 -14.56
C THR C 225 7.42 -0.18 -13.61
N ILE C 226 6.70 -1.14 -14.18
CA ILE C 226 5.93 -2.09 -13.39
C ILE C 226 6.87 -2.92 -12.53
N ILE C 227 6.47 -3.15 -11.29
CA ILE C 227 7.22 -4.00 -10.37
C ILE C 227 6.70 -5.42 -10.50
N THR C 228 7.60 -6.35 -10.82
CA THR C 228 7.23 -7.73 -11.09
C THR C 228 7.30 -8.64 -9.88
N GLY C 229 7.63 -8.11 -8.72
CA GLY C 229 7.59 -8.86 -7.47
C GLY C 229 8.97 -9.24 -6.97
N SER C 230 8.97 -9.78 -5.77
CA SER C 230 10.16 -10.28 -5.12
C SER C 230 9.94 -11.72 -4.69
N ARG C 231 11.01 -12.31 -4.14
CA ARG C 231 10.96 -13.68 -3.64
C ARG C 231 10.81 -13.75 -2.13
N LEU C 232 10.63 -12.62 -1.46
CA LEU C 232 10.33 -12.62 -0.03
C LEU C 232 8.82 -12.75 0.18
N VAL C 233 8.46 -13.40 1.29
CA VAL C 233 7.05 -13.69 1.57
C VAL C 233 6.28 -12.38 1.77
N ASP C 234 5.02 -12.39 1.32
CA ASP C 234 4.11 -11.24 1.47
C ASP C 234 4.64 -10.01 0.73
N THR C 235 4.81 -10.17 -0.59
CA THR C 235 5.30 -9.10 -1.46
C THR C 235 4.40 -9.05 -2.70
N LYS C 236 3.35 -8.25 -2.61
CA LYS C 236 2.42 -8.14 -3.74
C LYS C 236 3.04 -7.32 -4.86
N VAL C 237 2.95 -7.85 -6.09
CA VAL C 237 3.39 -7.10 -7.25
C VAL C 237 2.45 -5.92 -7.49
N ILE C 238 2.97 -4.86 -8.08
CA ILE C 238 2.21 -3.66 -8.37
C ILE C 238 2.55 -3.19 -9.77
N GLY C 239 1.53 -2.88 -10.56
CA GLY C 239 1.74 -2.42 -11.92
C GLY C 239 1.68 -0.92 -12.08
N GLY C 240 1.76 -0.19 -10.97
CA GLY C 240 1.72 1.26 -10.99
C GLY C 240 2.79 1.88 -11.86
N THR C 241 2.40 2.80 -12.75
CA THR C 241 3.33 3.41 -13.69
C THR C 241 3.53 4.90 -13.49
N ARG C 242 2.46 5.65 -13.24
CA ARG C 242 2.55 7.10 -13.13
C ARG C 242 2.97 7.49 -11.72
N VAL C 243 2.96 8.79 -11.44
CA VAL C 243 3.39 9.32 -10.15
C VAL C 243 2.41 10.43 -9.76
N MET C 244 1.58 10.15 -8.76
CA MET C 244 0.62 11.10 -8.23
C MET C 244 1.27 11.97 -7.16
N TYR C 245 0.57 13.04 -6.76
CA TYR C 245 1.02 13.94 -5.70
C TYR C 245 -0.21 14.28 -4.86
N VAL C 246 -0.26 13.71 -3.66
CA VAL C 246 -1.44 13.79 -2.80
C VAL C 246 -1.10 14.52 -1.51
N GLY C 247 -1.99 15.41 -1.08
CA GLY C 247 -1.81 16.08 0.19
C GLY C 247 -2.01 15.15 1.36
N SER C 248 -1.59 15.64 2.54
CA SER C 248 -1.72 14.86 3.76
C SER C 248 -3.15 14.74 4.23
N GLU C 249 -4.08 15.50 3.66
CA GLU C 249 -5.47 15.48 4.11
C GLU C 249 -6.32 14.44 3.40
N LEU C 250 -5.98 14.08 2.16
CA LEU C 250 -6.73 13.09 1.42
C LEU C 250 -6.27 11.67 1.68
N VAL C 251 -5.08 11.50 2.24
CA VAL C 251 -4.54 10.16 2.49
C VAL C 251 -5.47 9.31 3.35
N PRO C 252 -6.10 9.85 4.42
CA PRO C 252 -7.04 9.02 5.19
C PRO C 252 -8.16 8.42 4.35
N ASP C 253 -8.73 9.18 3.41
CA ASP C 253 -9.74 8.61 2.53
C ASP C 253 -9.13 7.75 1.44
N LEU C 254 -7.97 8.14 0.93
CA LEU C 254 -7.32 7.36 -0.12
C LEU C 254 -6.92 5.98 0.39
N LYS C 255 -6.74 5.83 1.70
CA LYS C 255 -6.41 4.53 2.29
C LYS C 255 -7.64 3.67 2.51
N ALA C 256 -8.84 4.19 2.29
CA ALA C 256 -10.06 3.43 2.48
C ALA C 256 -10.88 3.40 1.21
N MET C 257 -10.22 3.18 0.07
CA MET C 257 -10.90 3.11 -1.22
C MET C 257 -11.08 1.64 -1.60
N LYS C 258 -12.34 1.21 -1.67
CA LYS C 258 -12.62 -0.13 -2.18
C LYS C 258 -12.21 -0.22 -3.64
N ASP C 259 -11.58 -1.34 -4.00
CA ASP C 259 -11.20 -1.55 -5.39
C ASP C 259 -12.41 -2.00 -6.20
N LEU C 260 -12.16 -2.47 -7.41
CA LEU C 260 -13.25 -2.83 -8.30
C LEU C 260 -14.06 -4.00 -7.77
N PHE C 261 -13.47 -4.82 -6.89
CA PHE C 261 -14.16 -5.97 -6.34
C PHE C 261 -14.64 -5.77 -4.92
N GLY C 262 -14.00 -4.88 -4.18
CA GLY C 262 -14.36 -4.67 -2.79
C GLY C 262 -13.25 -5.02 -1.82
N ASN C 263 -12.01 -4.83 -2.27
CA ASN C 263 -10.84 -5.10 -1.42
C ASN C 263 -9.95 -3.88 -1.34
N LYS C 264 -8.77 -4.03 -0.77
CA LYS C 264 -7.85 -2.92 -0.55
C LYS C 264 -7.19 -2.54 -1.87
N ALA C 265 -7.38 -1.29 -2.27
CA ALA C 265 -6.71 -0.74 -3.45
C ALA C 265 -5.40 -0.06 -3.11
N PHE C 266 -5.17 0.24 -1.84
CA PHE C 266 -3.96 0.94 -1.40
C PHE C 266 -2.90 -0.09 -1.03
N ILE C 267 -2.09 -0.46 -2.01
CA ILE C 267 -0.96 -1.36 -1.77
C ILE C 267 0.16 -0.55 -1.13
N GLU C 268 0.32 -0.68 0.19
CA GLU C 268 1.24 0.17 0.92
C GLU C 268 2.69 -0.12 0.54
N ILE C 269 3.57 0.83 0.86
CA ILE C 269 4.97 0.72 0.47
C ILE C 269 5.65 -0.43 1.19
N GLN C 270 5.06 -0.91 2.29
CA GLN C 270 5.68 -1.98 3.05
C GLN C 270 5.77 -3.26 2.23
N HIS C 271 4.74 -3.55 1.43
CA HIS C 271 4.69 -4.79 0.68
C HIS C 271 5.73 -4.81 -0.44
N TYR C 272 5.62 -3.90 -1.40
CA TYR C 272 6.54 -3.87 -2.53
C TYR C 272 7.87 -3.17 -2.20
N GLY C 273 8.49 -3.55 -1.10
CA GLY C 273 9.69 -2.87 -0.64
C GLY C 273 10.97 -3.37 -1.28
N ASP C 274 11.28 -4.65 -1.09
CA ASP C 274 12.47 -5.25 -1.69
C ASP C 274 12.17 -5.82 -3.07
N ALA C 275 11.53 -5.02 -3.92
CA ALA C 275 11.35 -5.37 -5.33
C ALA C 275 11.56 -4.18 -6.26
N GLY C 276 11.66 -2.97 -5.74
CA GLY C 276 11.82 -1.80 -6.57
C GLY C 276 12.51 -0.69 -5.82
N THR C 277 12.35 0.53 -6.32
CA THR C 277 12.99 1.72 -5.77
C THR C 277 11.92 2.60 -5.16
N LEU C 278 11.79 2.55 -3.84
CA LEU C 278 10.82 3.37 -3.13
C LEU C 278 11.21 4.84 -3.21
N MET C 279 10.40 5.64 -3.90
CA MET C 279 10.68 7.05 -4.10
C MET C 279 10.47 7.81 -2.79
N ASN C 280 10.99 9.04 -2.76
CA ASN C 280 10.88 9.85 -1.55
C ASN C 280 9.42 10.22 -1.29
N GLY C 281 9.03 10.20 -0.01
CA GLY C 281 7.67 10.51 0.37
C GLY C 281 6.64 9.51 -0.14
N GLU C 282 7.06 8.33 -0.55
CA GLU C 282 6.15 7.38 -1.18
C GLU C 282 5.19 6.80 -0.16
N ILE C 283 3.90 6.90 -0.45
CA ILE C 283 2.86 6.33 0.40
C ILE C 283 1.88 5.56 -0.46
N GLY C 284 2.10 4.25 -0.59
CA GLY C 284 1.17 3.38 -1.30
C GLY C 284 1.07 3.68 -2.79
N THR C 285 0.37 2.77 -3.48
CA THR C 285 0.04 2.95 -4.90
C THR C 285 -1.35 2.41 -5.14
N ILE C 286 -2.18 3.16 -5.85
CA ILE C 286 -3.47 2.68 -6.31
C ILE C 286 -3.45 2.58 -7.83
N ASP C 287 -3.74 1.39 -8.35
CA ASP C 287 -3.82 1.11 -9.80
C ASP C 287 -2.52 1.56 -10.45
N LYS C 288 -2.56 2.30 -11.54
CA LYS C 288 -1.37 2.75 -12.25
C LYS C 288 -0.90 4.10 -11.74
N PHE C 289 -0.67 4.22 -10.44
CA PHE C 289 -0.38 5.53 -9.84
C PHE C 289 0.42 5.31 -8.56
N ARG C 290 1.72 5.57 -8.62
CA ARG C 290 2.57 5.55 -7.43
C ARG C 290 2.35 6.85 -6.67
N ILE C 291 1.72 6.76 -5.50
CA ILE C 291 1.32 7.94 -4.74
C ILE C 291 2.53 8.55 -4.06
N ILE C 292 2.56 9.88 -4.01
CA ILE C 292 3.56 10.63 -3.25
C ILE C 292 2.82 11.60 -2.34
N GLN C 293 3.18 11.57 -1.06
CA GLN C 293 2.63 12.51 -0.07
C GLN C 293 3.65 13.61 0.14
N VAL C 294 3.30 14.84 -0.24
CA VAL C 294 4.15 16.00 -0.02
C VAL C 294 3.59 16.77 1.16
N PRO C 295 4.42 17.18 2.13
CA PRO C 295 3.90 17.87 3.31
C PRO C 295 3.15 19.15 3.00
N GLU C 296 3.63 19.90 2.01
CA GLU C 296 3.04 21.19 1.67
C GLU C 296 2.20 21.07 0.41
N MET C 297 0.97 20.63 0.57
CA MET C 297 -0.04 20.71 -0.48
C MET C 297 -1.02 21.81 -0.15
N LEU C 298 -1.09 22.80 -1.03
CA LEU C 298 -2.03 23.89 -0.84
C LEU C 298 -3.44 23.44 -1.21
N HIS C 299 -4.42 24.20 -0.75
CA HIS C 299 -5.82 23.85 -0.98
C HIS C 299 -6.65 25.12 -1.02
N TRP C 300 -7.65 25.14 -1.91
CA TRP C 300 -8.53 26.30 -2.04
C TRP C 300 -9.58 26.24 -0.94
N ALA C 301 -9.20 26.77 0.23
CA ALA C 301 -10.07 26.75 1.40
C ALA C 301 -11.33 27.55 1.15
N GLY C 302 -12.47 26.88 1.06
CA GLY C 302 -13.74 27.56 0.89
C GLY C 302 -14.11 27.81 -0.56
N ALA C 303 -14.01 26.77 -1.40
CA ALA C 303 -14.42 26.87 -2.79
C ALA C 303 -15.57 25.95 -3.15
N GLY C 304 -16.01 25.08 -2.24
CA GLY C 304 -17.07 24.15 -2.50
C GLY C 304 -18.44 24.70 -2.19
N ALA C 305 -19.42 23.80 -2.18
CA ALA C 305 -20.78 24.18 -1.85
C ALA C 305 -20.90 24.53 -0.37
N ALA C 306 -21.92 25.32 -0.05
CA ALA C 306 -22.14 25.76 1.33
C ALA C 306 -22.41 24.57 2.23
N ALA C 307 -21.60 24.41 3.27
CA ALA C 307 -21.75 23.28 4.19
C ALA C 307 -22.88 23.53 5.17
N THR C 308 -23.91 22.69 5.11
CA THR C 308 -25.03 22.79 6.05
C THR C 308 -24.77 21.89 7.25
N ASP C 309 -25.79 21.69 8.08
CA ASP C 309 -25.67 20.83 9.26
C ASP C 309 -25.52 19.36 8.91
N ALA C 310 -25.81 18.98 7.67
CA ALA C 310 -25.72 17.57 7.29
C ALA C 310 -24.28 17.11 7.15
N ASN C 311 -23.32 18.04 7.26
CA ASN C 311 -21.91 17.77 7.08
C ASN C 311 -21.43 16.61 7.94
N PRO C 312 -20.97 15.51 7.35
CA PRO C 312 -20.35 14.44 8.14
C PRO C 312 -18.86 14.66 8.31
N GLY C 313 -18.47 15.87 8.71
CA GLY C 313 -17.07 16.21 8.85
C GLY C 313 -16.49 16.83 7.59
N TYR C 314 -15.72 16.04 6.84
CA TYR C 314 -15.26 16.38 5.50
C TYR C 314 -14.75 17.82 5.37
N ARG C 315 -14.10 18.33 6.41
CA ARG C 315 -13.46 19.65 6.40
C ARG C 315 -14.44 20.79 6.13
N THR C 316 -13.96 22.02 6.25
CA THR C 316 -14.77 23.22 6.07
C THR C 316 -13.91 24.47 6.13
N SER C 317 -14.43 25.59 5.65
CA SER C 317 -13.72 26.86 5.70
C SER C 317 -14.72 27.99 5.58
N THR C 318 -14.83 28.80 6.64
CA THR C 318 -15.82 29.87 6.67
C THR C 318 -15.36 31.02 5.79
N VAL C 319 -16.15 31.33 4.76
CA VAL C 319 -15.92 32.47 3.89
C VAL C 319 -17.20 33.31 3.85
N ASN C 320 -17.06 34.62 4.07
CA ASN C 320 -18.19 35.53 4.15
C ASN C 320 -19.17 35.09 5.23
N GLY C 321 -18.64 34.57 6.34
CA GLY C 321 -19.48 34.11 7.43
C GLY C 321 -20.33 32.91 7.09
N THR C 322 -19.95 32.15 6.06
CA THR C 322 -20.71 30.97 5.65
C THR C 322 -19.74 29.81 5.45
N GLU C 323 -20.06 28.67 6.04
CA GLU C 323 -19.19 27.51 5.95
C GLU C 323 -19.22 26.94 4.53
N HIS C 324 -18.04 26.73 3.96
CA HIS C 324 -17.91 26.15 2.63
C HIS C 324 -16.88 25.03 2.65
N TYR C 325 -17.13 24.00 1.85
CA TYR C 325 -16.21 22.88 1.79
C TYR C 325 -14.90 23.30 1.13
N ASP C 326 -13.83 22.57 1.43
CA ASP C 326 -12.53 22.83 0.85
C ASP C 326 -12.31 21.96 -0.38
N VAL C 327 -11.45 22.44 -1.27
CA VAL C 327 -11.12 21.74 -2.49
C VAL C 327 -9.64 21.37 -2.43
N TYR C 328 -9.35 20.09 -2.50
CA TYR C 328 -7.99 19.60 -2.35
C TYR C 328 -7.48 19.05 -3.67
N PRO C 329 -6.38 19.59 -4.19
CA PRO C 329 -5.88 19.15 -5.48
C PRO C 329 -5.06 17.87 -5.38
N VAL C 330 -5.04 17.15 -6.50
CA VAL C 330 -4.31 15.89 -6.62
C VAL C 330 -3.60 15.94 -7.97
N LEU C 331 -2.30 16.17 -7.93
CA LEU C 331 -1.55 16.54 -9.13
C LEU C 331 -0.82 15.36 -9.74
N VAL C 332 -0.83 15.31 -11.07
CA VAL C 332 -0.06 14.32 -11.82
C VAL C 332 0.81 15.04 -12.84
N VAL C 333 2.05 15.34 -12.47
CA VAL C 333 2.94 16.06 -13.38
C VAL C 333 3.47 15.10 -14.44
N GLY C 334 3.57 15.59 -15.68
CA GLY C 334 4.09 14.82 -16.78
C GLY C 334 5.52 15.23 -17.12
N ASP C 335 6.15 14.38 -17.92
CA ASP C 335 7.54 14.63 -18.32
C ASP C 335 7.58 15.69 -19.40
N ASP C 336 8.42 16.72 -19.21
CA ASP C 336 8.55 17.84 -20.12
C ASP C 336 7.20 18.52 -20.35
N SER C 337 6.64 19.02 -19.25
CA SER C 337 5.38 19.75 -19.30
C SER C 337 5.50 21.20 -18.84
N PHE C 338 6.56 21.58 -18.14
CA PHE C 338 6.77 22.96 -17.73
C PHE C 338 8.25 23.20 -17.57
N THR C 339 8.66 24.46 -17.73
CA THR C 339 10.04 24.85 -17.53
C THR C 339 10.07 26.13 -16.71
N THR C 340 10.90 26.15 -15.66
CA THR C 340 11.08 27.33 -14.85
C THR C 340 12.10 28.23 -15.53
N ILE C 341 11.68 29.43 -15.94
CA ILE C 341 12.54 30.28 -16.75
C ILE C 341 13.49 31.05 -15.85
N GLY C 342 14.78 30.88 -16.08
CA GLY C 342 15.77 31.57 -15.29
C GLY C 342 16.41 32.74 -15.99
N PHE C 343 16.28 33.94 -15.42
CA PHE C 343 16.72 35.16 -16.08
C PHE C 343 18.23 35.36 -16.05
N GLN C 344 18.78 35.57 -14.86
CA GLN C 344 20.22 35.66 -14.69
C GLN C 344 20.80 34.41 -14.05
N THR C 345 19.94 33.49 -13.60
CA THR C 345 20.38 32.28 -12.92
C THR C 345 21.32 31.47 -13.79
N ASP C 346 22.40 30.96 -13.18
CA ASP C 346 23.38 30.18 -13.93
C ASP C 346 22.91 28.72 -13.93
N GLY C 347 21.89 28.46 -14.72
CA GLY C 347 21.39 27.12 -14.87
C GLY C 347 20.54 26.61 -13.72
N LYS C 348 20.22 27.47 -12.75
CA LYS C 348 19.41 27.08 -11.62
C LYS C 348 18.00 27.61 -11.79
N SER C 349 17.05 26.97 -11.11
CA SER C 349 15.65 27.39 -11.23
C SER C 349 15.47 28.81 -10.70
N VAL C 350 16.11 29.13 -9.57
CA VAL C 350 16.08 30.47 -9.00
C VAL C 350 17.36 30.66 -8.20
N LYS C 351 17.90 31.88 -8.21
CA LYS C 351 19.11 32.23 -7.47
C LYS C 351 18.83 33.49 -6.67
N PHE C 352 19.05 33.41 -5.36
CA PHE C 352 18.70 34.52 -4.48
C PHE C 352 19.88 35.47 -4.34
N ASN C 353 19.62 36.76 -4.45
CA ASN C 353 20.61 37.80 -4.21
C ASN C 353 20.38 38.37 -2.81
N VAL C 354 21.40 38.28 -1.97
CA VAL C 354 21.33 38.72 -0.58
C VAL C 354 22.38 39.79 -0.36
N MET C 355 21.96 40.94 0.15
CA MET C 355 22.84 42.05 0.45
C MET C 355 22.66 42.46 1.91
N THR C 356 23.73 42.41 2.69
CA THR C 356 23.68 42.73 4.11
C THR C 356 24.70 43.83 4.39
N LYS C 357 24.24 44.89 5.03
CA LYS C 357 25.09 46.04 5.37
C LYS C 357 25.13 46.13 6.90
N MET C 358 26.13 45.48 7.49
CA MET C 358 26.28 45.49 8.93
C MET C 358 26.49 46.93 9.40
N PRO C 359 25.83 47.36 10.47
CA PRO C 359 25.94 48.76 10.91
C PRO C 359 27.38 49.18 11.17
N GLY C 360 27.73 50.36 10.67
CA GLY C 360 29.09 50.86 10.76
C GLY C 360 29.30 52.02 9.81
N LYS C 361 30.37 51.96 9.03
CA LYS C 361 30.63 52.99 8.03
C LYS C 361 29.76 52.83 6.79
N GLU C 362 29.42 51.60 6.43
CA GLU C 362 28.65 51.37 5.21
C GLU C 362 27.25 51.99 5.29
N THR C 363 26.69 52.12 6.48
CA THR C 363 25.40 52.74 6.67
C THR C 363 25.49 54.11 7.33
N ALA C 364 26.70 54.65 7.50
CA ALA C 364 26.88 55.97 8.10
C ALA C 364 26.53 57.03 7.06
N ASP C 365 25.25 57.40 6.98
CA ASP C 365 24.75 58.38 6.05
C ASP C 365 24.57 59.72 6.79
N ARG C 366 24.01 60.72 6.12
CA ARG C 366 23.73 62.00 6.76
C ARG C 366 22.60 61.89 7.76
N ASN C 367 21.53 61.16 7.42
CA ASN C 367 20.41 61.02 8.34
C ASN C 367 20.80 60.27 9.60
N ASP C 368 21.81 59.39 9.51
CA ASP C 368 22.33 58.66 10.66
C ASP C 368 23.84 58.83 10.62
N PRO C 369 24.35 59.95 11.15
CA PRO C 369 25.80 60.19 11.08
C PRO C 369 26.63 59.16 11.82
N TYR C 370 26.04 58.42 12.75
CA TYR C 370 26.77 57.39 13.49
C TYR C 370 26.69 56.02 12.84
N GLY C 371 25.60 55.72 12.13
CA GLY C 371 25.45 54.45 11.46
C GLY C 371 25.23 53.30 12.44
N GLU C 372 24.09 53.30 13.11
CA GLU C 372 23.74 52.26 14.06
C GLU C 372 22.73 51.27 13.50
N THR C 373 22.27 51.45 12.27
CA THR C 373 21.21 50.63 11.69
C THR C 373 21.75 49.82 10.51
N GLY C 374 21.20 48.61 10.35
CA GLY C 374 21.56 47.77 9.22
C GLY C 374 20.35 47.13 8.56
N PHE C 375 20.57 46.24 7.60
CA PHE C 375 19.48 45.53 6.94
C PHE C 375 20.05 44.34 6.18
N SER C 376 19.15 43.57 5.57
CA SER C 376 19.51 42.43 4.75
C SER C 376 18.30 42.04 3.92
N SER C 377 18.47 41.96 2.61
CA SER C 377 17.35 41.75 1.69
C SER C 377 17.62 40.55 0.80
N ILE C 378 16.61 39.71 0.62
CA ILE C 378 16.66 38.57 -0.29
C ILE C 378 15.71 38.86 -1.43
N LYS C 379 16.23 38.84 -2.66
CA LYS C 379 15.44 39.07 -3.86
C LYS C 379 15.71 37.98 -4.88
N TRP C 380 14.71 37.68 -5.71
CA TRP C 380 14.89 36.65 -6.71
C TRP C 380 13.85 36.84 -7.82
N TYR C 381 14.14 36.23 -8.97
CA TYR C 381 13.27 36.26 -10.15
C TYR C 381 12.79 34.86 -10.43
N TYR C 382 11.48 34.71 -10.67
CA TYR C 382 10.89 33.42 -10.95
C TYR C 382 9.90 33.53 -12.10
N GLY C 383 9.78 32.44 -12.87
CA GLY C 383 8.80 32.37 -13.94
C GLY C 383 8.68 30.95 -14.45
N ILE C 384 7.50 30.63 -14.97
CA ILE C 384 7.19 29.27 -15.41
C ILE C 384 6.57 29.34 -16.80
N LEU C 385 7.03 28.48 -17.70
CA LEU C 385 6.51 28.39 -19.06
C LEU C 385 5.92 27.00 -19.25
N VAL C 386 4.60 26.94 -19.45
CA VAL C 386 3.90 25.65 -19.53
C VAL C 386 3.91 25.17 -20.98
N LYS C 387 4.90 24.35 -21.32
CA LYS C 387 5.05 23.89 -22.69
C LYS C 387 3.86 23.04 -23.12
N ARG C 388 3.53 22.02 -22.33
CA ARG C 388 2.49 21.05 -22.66
C ARG C 388 1.54 20.93 -21.48
N PRO C 389 0.53 21.81 -21.39
CA PRO C 389 -0.40 21.73 -20.24
C PRO C 389 -1.16 20.42 -20.17
N GLU C 390 -1.34 19.73 -21.30
CA GLU C 390 -2.11 18.50 -21.32
C GLU C 390 -1.52 17.44 -20.41
N ARG C 391 -0.19 17.40 -20.30
CA ARG C 391 0.46 16.42 -19.43
C ARG C 391 0.09 16.65 -17.98
N ILE C 392 0.06 17.90 -17.54
CA ILE C 392 -0.24 18.21 -16.15
C ILE C 392 -1.74 18.03 -15.91
N ALA C 393 -2.08 17.08 -15.05
CA ALA C 393 -3.47 16.75 -14.75
C ALA C 393 -3.70 16.82 -13.26
N VAL C 394 -4.75 17.51 -12.85
CA VAL C 394 -5.10 17.66 -11.45
C VAL C 394 -6.50 17.13 -11.23
N MET C 395 -6.77 16.66 -10.02
CA MET C 395 -8.09 16.20 -9.61
C MET C 395 -8.44 16.90 -8.31
N LYS C 396 -9.70 17.32 -8.19
CA LYS C 396 -10.14 18.11 -7.04
C LYS C 396 -11.22 17.35 -6.28
N ALA C 397 -11.02 17.22 -4.97
CA ALA C 397 -11.97 16.47 -4.15
C ALA C 397 -11.90 16.97 -2.72
N VAL C 398 -12.97 16.71 -1.97
CA VAL C 398 -13.05 17.07 -0.56
C VAL C 398 -12.31 16.03 0.26
N ALA C 399 -11.61 16.47 1.31
CA ALA C 399 -10.84 15.60 2.19
C ALA C 399 -11.56 15.47 3.52
N PRO C 400 -11.34 14.37 4.25
CA PRO C 400 -12.05 14.18 5.52
C PRO C 400 -11.54 15.14 6.59
N LEU C 401 -12.38 15.34 7.60
CA LEU C 401 -12.01 16.19 8.72
C LEU C 401 -11.04 15.45 9.63
N MET D 1 -6.21 -96.47 14.24
CA MET D 1 -5.22 -96.24 13.21
C MET D 1 -4.05 -95.45 13.77
N LEU D 2 -3.98 -95.41 15.11
CA LEU D 2 -2.95 -94.67 15.83
C LEU D 2 -2.95 -93.20 15.40
N ASN D 3 -4.06 -92.52 15.65
CA ASN D 3 -4.19 -91.11 15.31
C ASN D 3 -3.53 -90.26 16.39
N TYR D 4 -3.74 -88.95 16.36
CA TYR D 4 -3.31 -88.06 17.42
C TYR D 4 -4.47 -87.37 18.13
N ASN D 5 -5.63 -87.24 17.48
CA ASN D 5 -6.88 -86.76 18.10
C ASN D 5 -6.67 -85.31 18.53
N ALA D 6 -6.94 -84.96 19.78
CA ALA D 6 -6.78 -83.60 20.29
C ALA D 6 -6.68 -83.67 21.81
N PRO D 7 -5.51 -84.00 22.35
CA PRO D 7 -5.41 -84.19 23.82
C PRO D 7 -5.77 -82.96 24.62
N ILE D 8 -5.47 -81.76 24.10
CA ILE D 8 -5.80 -80.54 24.84
C ILE D 8 -7.31 -80.38 24.97
N ASP D 9 -8.05 -80.67 23.89
CA ASP D 9 -9.50 -80.52 23.94
C ASP D 9 -10.14 -81.54 24.87
N GLY D 10 -9.53 -82.71 25.03
CA GLY D 10 -10.09 -83.75 25.86
C GLY D 10 -10.05 -85.11 25.20
N GLN D 11 -10.06 -85.12 23.86
CA GLN D 11 -9.97 -86.36 23.12
C GLN D 11 -8.58 -86.98 23.31
N LYS D 12 -8.52 -88.08 24.04
CA LYS D 12 -7.24 -88.70 24.37
C LYS D 12 -6.61 -89.31 23.13
N SER D 13 -5.28 -89.25 23.06
CA SER D 13 -4.55 -89.82 21.94
C SER D 13 -4.72 -91.33 21.91
N SER D 14 -4.56 -91.90 20.71
CA SER D 14 -4.84 -93.32 20.52
C SER D 14 -3.75 -94.21 21.11
N ILE D 15 -2.48 -93.83 20.95
CA ILE D 15 -1.39 -94.66 21.43
C ILE D 15 -1.44 -94.79 22.94
N ASP D 16 -1.63 -93.67 23.64
CA ASP D 16 -1.70 -93.68 25.10
C ASP D 16 -3.10 -94.08 25.53
N GLY D 17 -3.19 -95.03 26.45
CA GLY D 17 -4.48 -95.56 26.86
C GLY D 17 -4.50 -95.93 28.32
N ALA D 18 -5.71 -96.00 28.88
CA ALA D 18 -5.95 -96.44 30.24
C ALA D 18 -5.24 -95.58 31.27
N GLY D 19 -5.58 -94.29 31.33
CA GLY D 19 -5.09 -93.43 32.37
C GLY D 19 -3.71 -92.86 32.13
N SER D 20 -3.46 -92.39 30.91
CA SER D 20 -2.19 -91.75 30.58
C SER D 20 -2.35 -90.84 29.37
N ASP D 21 -2.22 -89.54 29.57
CA ASP D 21 -2.36 -88.56 28.50
C ASP D 21 -0.98 -88.17 28.00
N GLN D 22 -0.83 -87.14 27.16
CA GLN D 22 0.47 -86.72 26.64
C GLN D 22 1.10 -85.74 27.63
N MET D 23 2.40 -85.88 27.85
CA MET D 23 3.11 -85.02 28.79
C MET D 23 3.08 -83.57 28.31
N ASN D 24 3.48 -83.32 27.08
CA ASN D 24 3.45 -81.99 26.50
C ASN D 24 2.27 -81.87 25.53
N THR D 25 1.41 -80.88 25.78
CA THR D 25 0.27 -80.61 24.91
C THR D 25 0.26 -79.17 24.40
N PHE D 26 1.31 -78.41 24.66
CA PHE D 26 1.39 -77.02 24.24
C PHE D 26 2.81 -76.52 24.47
N TYR D 27 3.29 -75.70 23.54
CA TYR D 27 4.60 -75.08 23.65
C TYR D 27 4.44 -73.72 24.32
N TRP D 28 4.99 -73.58 25.51
CA TRP D 28 4.84 -72.36 26.31
C TRP D 28 5.93 -71.37 25.90
N LEU D 29 5.52 -70.26 25.30
CA LEU D 29 6.43 -69.20 24.92
C LEU D 29 6.70 -68.35 26.15
N LYS D 30 7.89 -68.50 26.74
CA LYS D 30 8.24 -67.76 27.95
C LYS D 30 8.72 -66.37 27.54
N LYS D 31 7.78 -65.53 27.13
CA LYS D 31 8.09 -64.14 26.79
C LYS D 31 7.43 -63.12 27.70
N ALA D 32 6.32 -63.45 28.37
CA ALA D 32 5.74 -62.61 29.40
C ALA D 32 5.40 -61.22 28.88
N ILE D 33 4.41 -61.13 28.00
CA ILE D 33 3.94 -59.83 27.52
C ILE D 33 3.44 -59.01 28.70
N ILE D 34 4.11 -57.90 28.97
CA ILE D 34 3.77 -57.03 30.09
C ILE D 34 3.51 -55.63 29.57
N GLN D 35 3.12 -54.75 30.48
CA GLN D 35 2.94 -53.34 30.19
C GLN D 35 4.00 -52.52 30.93
N ALA D 36 4.20 -51.29 30.46
CA ALA D 36 5.24 -50.43 30.98
C ALA D 36 4.63 -49.33 31.85
N ARG D 37 5.49 -48.48 32.41
CA ARG D 37 5.05 -47.38 33.24
C ARG D 37 4.26 -46.37 32.41
N LYS D 38 3.18 -45.86 32.99
CA LYS D 38 2.44 -44.79 32.33
C LYS D 38 3.22 -43.49 32.48
N ASP D 39 3.25 -42.71 31.41
CA ASP D 39 4.12 -41.54 31.30
C ASP D 39 3.89 -40.55 32.42
N GLN D 40 4.98 -40.05 33.01
CA GLN D 40 4.92 -39.10 34.11
C GLN D 40 5.21 -37.70 33.59
N TYR D 41 4.27 -36.78 33.82
CA TYR D 41 4.39 -35.41 33.33
C TYR D 41 4.38 -34.37 34.44
N PHE D 42 3.66 -34.60 35.53
CA PHE D 42 3.53 -33.57 36.56
C PHE D 42 4.60 -33.67 37.64
N MET D 43 5.17 -34.86 37.83
CA MET D 43 6.20 -35.06 38.85
C MET D 43 7.57 -34.52 38.44
N PRO D 44 8.04 -34.72 37.18
CA PRO D 44 9.37 -34.21 36.81
C PRO D 44 9.54 -32.73 37.08
N LEU D 45 8.48 -31.95 36.87
CA LEU D 45 8.50 -30.52 37.19
C LEU D 45 8.14 -30.40 38.67
N ALA D 46 9.17 -30.45 39.51
CA ALA D 46 8.99 -30.28 40.95
C ALA D 46 10.32 -29.99 41.63
N SER D 47 10.46 -28.81 42.22
CA SER D 47 11.62 -28.55 43.06
C SER D 47 11.42 -29.19 44.42
N VAL D 48 12.52 -29.33 45.16
CA VAL D 48 12.54 -30.04 46.43
C VAL D 48 13.01 -29.10 47.52
N THR D 49 12.25 -29.05 48.61
CA THR D 49 12.62 -28.29 49.81
C THR D 49 12.71 -29.28 50.96
N ASN D 50 13.89 -29.38 51.56
CA ASN D 50 14.14 -30.41 52.56
C ASN D 50 13.41 -30.14 53.85
N MET D 51 12.90 -31.21 54.47
CA MET D 51 12.31 -31.13 55.80
C MET D 51 13.24 -31.79 56.80
N PRO D 52 13.96 -31.02 57.62
CA PRO D 52 14.78 -31.65 58.66
C PRO D 52 13.91 -32.37 59.68
N LYS D 53 14.44 -33.49 60.19
CA LYS D 53 13.73 -34.26 61.19
C LYS D 53 13.71 -33.49 62.51
N ASN D 54 12.79 -33.89 63.40
CA ASN D 54 12.61 -33.34 64.74
C ASN D 54 11.86 -32.01 64.68
N MET D 55 11.36 -31.66 63.51
CA MET D 55 10.41 -30.57 63.35
C MET D 55 9.11 -31.12 62.78
N GLY D 56 8.02 -30.41 63.05
CA GLY D 56 6.70 -30.88 62.66
C GLY D 56 6.53 -31.12 61.17
N LYS D 57 5.43 -31.75 60.79
CA LYS D 57 5.17 -32.10 59.40
C LYS D 57 4.86 -30.89 58.53
N THR D 58 4.57 -29.74 59.11
CA THR D 58 4.25 -28.54 58.36
C THR D 58 5.51 -27.71 58.12
N ILE D 59 5.53 -27.01 56.99
CA ILE D 59 6.63 -26.12 56.66
C ILE D 59 6.06 -24.77 56.20
N LYS D 60 6.40 -23.72 56.92
CA LYS D 60 5.89 -22.39 56.63
C LYS D 60 7.01 -21.48 56.15
N VAL D 61 6.72 -20.71 55.10
CA VAL D 61 7.68 -19.78 54.52
C VAL D 61 7.07 -18.39 54.59
N TYR D 62 7.93 -17.37 54.55
CA TYR D 62 7.46 -16.00 54.64
C TYR D 62 7.26 -15.43 53.24
N GLU D 63 6.71 -14.21 53.17
CA GLU D 63 6.48 -13.56 51.89
C GLU D 63 6.42 -12.05 52.15
N TYR D 64 7.46 -11.34 51.70
CA TYR D 64 7.52 -9.91 51.91
C TYR D 64 6.78 -9.19 50.79
N VAL D 65 5.92 -8.24 51.17
CA VAL D 65 5.06 -7.52 50.23
C VAL D 65 5.69 -6.18 49.90
N PRO D 66 5.68 -5.76 48.65
CA PRO D 66 6.30 -4.48 48.28
C PRO D 66 5.64 -3.31 48.99
N LEU D 67 6.38 -2.19 49.06
CA LEU D 67 5.82 -0.97 49.63
C LEU D 67 4.62 -0.51 48.84
N LEU D 68 4.71 -0.58 47.52
CA LEU D 68 3.67 -0.07 46.62
C LEU D 68 2.65 -1.14 46.25
N ASP D 69 2.08 -1.80 47.26
CA ASP D 69 1.09 -2.85 47.03
C ASP D 69 -0.10 -2.65 47.94
N ASP D 70 -1.28 -3.02 47.44
CA ASP D 70 -2.51 -2.89 48.21
C ASP D 70 -2.56 -3.83 49.40
N ARG D 71 -1.77 -4.90 49.39
CA ARG D 71 -1.69 -5.80 50.53
C ARG D 71 -0.90 -5.19 51.69
N ASN D 72 -0.24 -4.05 51.48
CA ASN D 72 0.55 -3.39 52.51
C ASN D 72 -0.36 -2.57 53.43
N ILE D 73 -1.31 -3.25 54.05
CA ILE D 73 -2.23 -2.63 55.00
C ILE D 73 -1.46 -2.44 56.31
N ASN D 74 -1.06 -1.21 56.60
CA ASN D 74 -0.31 -0.88 57.80
C ASN D 74 -0.85 0.41 58.39
N ASP D 75 -0.24 0.84 59.50
CA ASP D 75 -0.63 2.05 60.20
C ASP D 75 0.49 3.07 60.31
N GLN D 76 1.74 2.65 60.15
CA GLN D 76 2.87 3.57 60.24
C GLN D 76 2.91 4.42 58.98
N GLY D 77 2.12 5.48 58.93
CA GLY D 77 2.09 6.33 57.76
C GLY D 77 1.94 7.80 58.07
N ILE D 78 2.78 8.62 57.44
CA ILE D 78 2.73 10.08 57.58
C ILE D 78 2.58 10.70 56.21
N ASP D 79 1.61 11.58 56.06
CA ASP D 79 1.41 12.24 54.78
C ASP D 79 2.46 13.33 54.57
N ALA D 80 2.43 13.94 53.39
CA ALA D 80 3.49 14.85 52.98
C ALA D 80 3.59 16.09 53.86
N ASN D 81 2.58 16.38 54.67
CA ASN D 81 2.62 17.58 55.51
C ASN D 81 2.98 17.26 56.95
N GLY D 82 2.57 16.10 57.44
CA GLY D 82 2.94 15.69 58.80
C GLY D 82 1.86 14.95 59.55
N ALA D 83 0.60 15.11 59.13
CA ALA D 83 -0.49 14.44 59.80
C ALA D 83 -0.49 12.95 59.45
N HIS D 84 -0.67 12.12 60.47
CA HIS D 84 -0.73 10.68 60.25
C HIS D 84 -1.93 10.33 59.38
N ILE D 85 -1.76 9.32 58.54
CA ILE D 85 -2.80 8.90 57.62
C ILE D 85 -3.08 7.41 57.82
N VAL D 86 -4.23 6.98 57.31
CA VAL D 86 -4.67 5.60 57.53
C VAL D 86 -3.74 4.62 56.82
N ASN D 87 -3.43 4.88 55.55
CA ASN D 87 -2.56 3.98 54.82
C ASN D 87 -1.10 4.39 54.96
N GLY D 88 -0.22 3.42 54.71
CA GLY D 88 1.20 3.68 54.77
C GLY D 88 1.92 3.05 53.59
N ASN D 89 1.15 2.63 52.59
CA ASN D 89 1.71 1.99 51.40
C ASN D 89 2.00 2.96 50.28
N LEU D 90 1.78 4.27 50.49
CA LEU D 90 2.02 5.27 49.47
C LEU D 90 1.20 4.97 48.22
N TYR D 91 -0.11 5.10 48.32
CA TYR D 91 -1.08 4.93 47.24
C TYR D 91 -1.14 3.49 46.73
N GLY D 92 -0.37 2.58 47.33
CA GLY D 92 -0.46 1.18 46.99
C GLY D 92 -0.25 0.88 45.52
N SER D 93 -1.11 0.04 44.93
CA SER D 93 -1.00 -0.23 43.50
C SER D 93 -1.69 0.86 42.68
N SER D 94 -3.02 0.95 42.78
CA SER D 94 -3.82 2.11 42.40
C SER D 94 -3.33 2.84 41.14
N LYS D 95 -3.36 2.19 39.98
CA LYS D 95 -2.79 2.81 38.80
C LYS D 95 -3.64 3.94 38.27
N ASP D 96 -3.99 4.91 39.11
CA ASP D 96 -4.74 6.09 38.71
C ASP D 96 -3.77 7.22 38.40
N ILE D 97 -4.29 8.42 38.24
CA ILE D 97 -3.45 9.62 38.17
C ILE D 97 -3.75 10.49 39.37
N GLY D 98 -5.03 10.69 39.68
CA GLY D 98 -5.40 11.57 40.77
C GLY D 98 -4.84 11.16 42.12
N THR D 99 -5.00 9.89 42.47
CA THR D 99 -4.53 9.41 43.77
C THR D 99 -3.01 9.54 43.88
N ILE D 100 -2.29 9.13 42.84
CA ILE D 100 -0.83 9.17 42.90
C ILE D 100 -0.33 10.61 42.94
N THR D 101 -0.94 11.51 42.15
CA THR D 101 -0.56 12.91 42.31
C THR D 101 -0.91 13.46 43.69
N SER D 102 -1.94 12.94 44.36
CA SER D 102 -2.29 13.42 45.69
C SER D 102 -1.50 12.73 46.79
N LYS D 103 -0.71 11.71 46.44
CA LYS D 103 0.09 11.02 47.45
C LYS D 103 1.59 11.01 47.18
N LEU D 104 2.08 11.68 46.14
CA LEU D 104 3.51 11.70 45.85
C LEU D 104 4.29 12.29 47.01
N PRO D 105 5.36 11.63 47.45
CA PRO D 105 6.17 12.19 48.54
C PRO D 105 6.91 13.44 48.09
N LEU D 106 6.74 14.52 48.84
CA LEU D 106 7.39 15.78 48.52
C LEU D 106 8.17 16.26 49.73
N LEU D 107 9.37 16.79 49.52
CA LEU D 107 10.21 17.19 50.68
C LEU D 107 10.64 18.65 50.54
N THR D 108 10.43 19.46 51.57
CA THR D 108 10.92 20.86 51.54
C THR D 108 12.38 20.84 51.89
N GLU D 109 13.10 21.91 51.53
CA GLU D 109 14.53 22.00 51.91
C GLU D 109 14.63 22.11 53.43
N ASN D 110 13.57 22.58 54.08
CA ASN D 110 13.65 22.83 55.55
C ASN D 110 13.33 21.58 56.34
N GLY D 111 14.11 20.51 56.17
CA GLY D 111 13.90 19.36 57.03
C GLY D 111 12.81 18.44 56.55
N GLY D 112 12.60 17.37 57.33
CA GLY D 112 11.71 16.31 56.92
C GLY D 112 10.73 15.83 57.98
N ARG D 113 10.74 14.51 58.23
CA ARG D 113 9.70 13.85 59.02
C ARG D 113 8.31 14.10 58.42
N VAL D 114 8.22 14.01 57.10
CA VAL D 114 6.97 14.29 56.41
C VAL D 114 6.62 13.15 55.46
N ASN D 115 7.31 12.01 55.57
CA ASN D 115 6.97 10.87 54.70
C ASN D 115 7.46 9.60 55.39
N ARG D 116 6.55 8.89 56.05
CA ARG D 116 6.85 7.64 56.72
C ARG D 116 5.98 6.55 56.13
N VAL D 117 6.57 5.38 55.89
CA VAL D 117 5.88 4.28 55.23
C VAL D 117 5.87 3.07 56.16
N GLY D 118 5.07 2.08 55.77
CA GLY D 118 4.98 0.85 56.52
C GLY D 118 5.08 -0.35 55.59
N PHE D 119 5.36 -1.50 56.19
CA PHE D 119 5.56 -2.74 55.46
C PHE D 119 4.79 -3.87 56.14
N THR D 120 4.40 -4.86 55.35
CA THR D 120 3.69 -6.04 55.86
C THR D 120 4.24 -7.28 55.18
N ARG D 121 4.17 -8.41 55.90
CA ARG D 121 4.69 -9.69 55.41
C ARG D 121 3.66 -10.76 55.73
N LEU D 122 3.48 -11.70 54.80
CA LEU D 122 2.51 -12.78 54.98
C LEU D 122 3.24 -14.11 55.10
N SER D 123 2.47 -15.18 55.29
CA SER D 123 3.03 -16.52 55.49
C SER D 123 2.26 -17.54 54.68
N ARG D 124 2.98 -18.50 54.11
CA ARG D 124 2.39 -19.61 53.37
C ARG D 124 2.83 -20.93 53.97
N GLU D 125 1.94 -21.91 53.98
CA GLU D 125 2.18 -23.16 54.67
C GLU D 125 1.90 -24.35 53.76
N GLY D 126 2.40 -25.50 54.17
CA GLY D 126 2.17 -26.75 53.48
C GLY D 126 2.42 -27.93 54.39
N SER D 127 1.77 -29.06 54.13
CA SER D 127 1.80 -30.19 55.06
C SER D 127 2.15 -31.47 54.32
N ILE D 128 2.63 -32.45 55.09
CA ILE D 128 3.11 -33.70 54.55
C ILE D 128 2.10 -34.80 54.88
N HIS D 129 2.20 -35.93 54.18
CA HIS D 129 1.32 -37.06 54.40
C HIS D 129 2.06 -38.36 54.11
N LYS D 130 1.51 -39.46 54.63
CA LYS D 130 2.15 -40.77 54.56
C LYS D 130 1.32 -41.73 53.72
N PHE D 131 2.01 -42.53 52.91
CA PHE D 131 1.36 -43.50 52.04
C PHE D 131 2.10 -44.83 52.13
N GLY D 132 1.42 -45.90 51.72
CA GLY D 132 2.05 -47.21 51.69
C GLY D 132 1.06 -48.29 51.35
N PHE D 133 1.60 -49.43 50.90
CA PHE D 133 0.83 -50.63 50.63
C PHE D 133 1.80 -51.81 50.48
N PHE D 134 1.25 -53.02 50.51
CA PHE D 134 2.07 -54.21 50.52
C PHE D 134 1.27 -55.41 50.03
N TYR D 135 1.97 -56.53 49.85
CA TYR D 135 1.35 -57.78 49.43
C TYR D 135 2.01 -58.94 50.15
N GLU D 136 1.26 -60.02 50.33
CA GLU D 136 1.80 -61.23 50.96
C GLU D 136 2.18 -62.25 49.89
N PHE D 137 2.93 -63.28 50.28
CA PHE D 137 3.29 -64.37 49.37
C PHE D 137 3.85 -65.54 50.17
N THR D 138 3.87 -66.75 49.58
CA THR D 138 4.33 -67.94 50.35
C THR D 138 5.41 -68.66 49.58
N GLN D 139 6.51 -69.04 50.24
CA GLN D 139 7.65 -69.67 49.53
C GLN D 139 7.16 -70.48 48.33
N GLU D 140 6.39 -71.55 48.59
CA GLU D 140 5.89 -72.42 47.49
C GLU D 140 5.55 -71.55 46.28
N SER D 141 4.66 -70.58 46.46
CA SER D 141 4.20 -69.74 45.32
C SER D 141 5.39 -69.28 44.47
N LEU D 142 6.60 -69.32 45.02
CA LEU D 142 7.77 -68.80 44.25
C LEU D 142 8.59 -69.98 43.73
N ASP D 143 8.66 -71.09 44.46
CA ASP D 143 9.52 -72.18 43.99
C ASP D 143 8.72 -73.34 43.42
N PHE D 144 7.42 -73.16 43.18
CA PHE D 144 6.62 -74.19 42.54
C PHE D 144 5.81 -73.62 41.38
N ASP D 145 5.68 -72.30 41.32
CA ASP D 145 4.89 -71.69 40.25
C ASP D 145 5.57 -71.88 38.90
N SER D 146 4.76 -71.85 37.84
CA SER D 146 5.26 -72.12 36.50
C SER D 146 6.33 -71.13 36.08
N ASP D 147 6.14 -69.85 36.39
CA ASP D 147 7.11 -68.83 36.02
C ASP D 147 8.21 -68.72 37.05
N ASP D 148 9.45 -68.65 36.57
CA ASP D 148 10.62 -68.53 37.44
C ASP D 148 10.82 -67.12 37.99
N GLN D 149 10.45 -66.09 37.24
CA GLN D 149 10.73 -64.71 37.61
C GLN D 149 9.52 -64.03 38.26
N LEU D 150 8.74 -64.79 39.04
CA LEU D 150 7.52 -64.25 39.63
C LEU D 150 7.82 -63.09 40.56
N LYS D 151 8.86 -63.22 41.39
CA LYS D 151 9.19 -62.19 42.36
C LYS D 151 9.52 -60.88 41.67
N GLU D 152 10.31 -60.94 40.60
CA GLU D 152 10.67 -59.73 39.87
C GLU D 152 9.43 -59.07 39.29
N HIS D 153 8.52 -59.86 38.74
CA HIS D 153 7.29 -59.32 38.18
C HIS D 153 6.48 -58.60 39.25
N LEU D 154 6.23 -59.27 40.38
CA LEU D 154 5.42 -58.66 41.43
C LEU D 154 6.07 -57.40 41.97
N SER D 155 7.38 -57.41 42.19
CA SER D 155 8.06 -56.22 42.70
C SER D 155 7.97 -55.08 41.71
N ARG D 156 8.14 -55.37 40.41
CA ARG D 156 8.06 -54.32 39.40
C ARG D 156 6.67 -53.71 39.35
N GLU D 157 5.63 -54.54 39.43
CA GLU D 157 4.27 -53.99 39.43
C GLU D 157 4.00 -53.16 40.68
N LEU D 158 4.54 -53.60 41.82
CA LEU D 158 4.39 -52.82 43.05
C LEU D 158 5.01 -51.43 42.90
N MET D 159 6.24 -51.38 42.37
CA MET D 159 6.92 -50.09 42.22
C MET D 159 6.20 -49.22 41.21
N ASN D 160 5.72 -49.82 40.11
CA ASN D 160 4.96 -49.06 39.12
C ASN D 160 3.70 -48.47 39.73
N GLY D 161 2.99 -49.25 40.53
CA GLY D 161 1.81 -48.74 41.21
C GLY D 161 2.15 -47.59 42.13
N ALA D 162 3.25 -47.70 42.87
CA ALA D 162 3.65 -46.63 43.77
C ALA D 162 3.95 -45.34 43.02
N VAL D 163 4.66 -45.45 41.89
CA VAL D 163 4.97 -44.26 41.09
C VAL D 163 3.70 -43.64 40.54
N GLN D 164 2.77 -44.49 40.07
CA GLN D 164 1.48 -44.01 39.61
C GLN D 164 0.73 -43.26 40.71
N ILE D 165 0.76 -43.80 41.93
CA ILE D 165 0.08 -43.16 43.06
C ILE D 165 0.68 -41.78 43.31
N THR D 166 2.01 -41.70 43.29
CA THR D 166 2.68 -40.43 43.53
C THR D 166 2.25 -39.40 42.48
N GLU D 167 2.23 -39.79 41.21
CA GLU D 167 1.82 -38.88 40.15
C GLU D 167 0.37 -38.43 40.35
N ALA D 168 -0.52 -39.36 40.66
CA ALA D 168 -1.93 -39.01 40.81
C ALA D 168 -2.13 -38.06 41.99
N VAL D 169 -1.44 -38.31 43.11
CA VAL D 169 -1.56 -37.45 44.28
C VAL D 169 -1.06 -36.05 43.95
N LEU D 170 0.09 -35.95 43.27
CA LEU D 170 0.59 -34.62 42.91
C LEU D 170 -0.38 -33.89 42.01
N GLN D 171 -0.93 -34.59 41.01
CA GLN D 171 -1.83 -33.92 40.08
C GLN D 171 -3.10 -33.45 40.78
N LYS D 172 -3.64 -34.28 41.68
CA LYS D 172 -4.80 -33.86 42.46
C LYS D 172 -4.48 -32.62 43.30
N ASP D 173 -3.36 -32.64 44.00
CA ASP D 173 -2.99 -31.52 44.86
C ASP D 173 -2.79 -30.25 44.05
N LEU D 174 -2.14 -30.37 42.89
CA LEU D 174 -1.88 -29.21 42.05
C LEU D 174 -3.18 -28.65 41.48
N LEU D 175 -4.11 -29.53 41.10
CA LEU D 175 -5.41 -29.06 40.63
C LEU D 175 -6.15 -28.32 41.74
N ALA D 176 -6.08 -28.84 42.97
CA ALA D 176 -6.76 -28.19 44.09
C ALA D 176 -6.06 -26.93 44.57
N ALA D 177 -4.78 -26.74 44.24
CA ALA D 177 -4.04 -25.61 44.77
C ALA D 177 -4.22 -24.35 43.94
N ALA D 178 -4.66 -24.51 42.68
CA ALA D 178 -4.81 -23.39 41.75
C ALA D 178 -5.63 -22.26 42.35
N GLY D 179 -5.03 -21.07 42.42
CA GLY D 179 -5.67 -19.90 43.00
C GLY D 179 -6.20 -18.89 42.01
N THR D 180 -6.26 -19.22 40.73
CA THR D 180 -6.79 -18.32 39.71
C THR D 180 -7.76 -19.08 38.81
N VAL D 181 -8.68 -19.81 39.44
CA VAL D 181 -9.64 -20.61 38.70
C VAL D 181 -10.47 -19.72 37.78
N LEU D 182 -10.73 -20.21 36.58
CA LEU D 182 -11.51 -19.49 35.57
C LEU D 182 -12.49 -20.47 34.94
N TYR D 183 -13.78 -20.21 35.12
CA TYR D 183 -14.80 -21.12 34.63
C TYR D 183 -15.23 -20.75 33.23
N ALA D 184 -15.56 -21.77 32.44
CA ALA D 184 -15.95 -21.60 31.05
C ALA D 184 -17.42 -21.20 30.95
N GLY D 185 -17.80 -20.74 29.76
CA GLY D 185 -19.18 -20.36 29.49
C GLY D 185 -19.70 -19.29 30.43
N ALA D 186 -20.84 -19.56 31.07
CA ALA D 186 -21.44 -18.64 32.03
C ALA D 186 -21.42 -19.22 33.43
N ALA D 187 -20.69 -20.31 33.62
CA ALA D 187 -20.63 -20.95 34.92
C ALA D 187 -19.82 -20.12 35.91
N THR D 188 -20.26 -20.14 37.16
CA THR D 188 -19.54 -19.46 38.24
C THR D 188 -18.92 -20.40 39.26
N SER D 189 -19.65 -21.40 39.72
CA SER D 189 -19.11 -22.41 40.63
C SER D 189 -19.08 -23.74 39.91
N ASP D 190 -18.43 -24.71 40.54
CA ASP D 190 -18.28 -26.03 39.92
C ASP D 190 -19.65 -26.64 39.67
N ALA D 191 -20.57 -26.50 40.62
CA ALA D 191 -21.91 -27.04 40.45
C ALA D 191 -22.65 -26.37 39.28
N THR D 192 -22.28 -25.14 38.95
CA THR D 192 -22.92 -24.42 37.86
C THR D 192 -22.38 -24.80 36.49
N ILE D 193 -21.39 -25.68 36.43
CA ILE D 193 -20.85 -26.14 35.15
C ILE D 193 -21.95 -26.94 34.46
N THR D 194 -22.01 -26.87 33.14
CA THR D 194 -23.08 -27.56 32.40
C THR D 194 -22.77 -27.67 30.92
N GLY D 195 -23.65 -28.36 30.18
CA GLY D 195 -23.45 -28.51 28.76
C GLY D 195 -24.72 -28.46 27.92
N GLU D 196 -25.86 -28.20 28.57
CA GLU D 196 -27.13 -28.28 27.86
C GLU D 196 -27.72 -26.91 27.54
N GLY D 197 -27.62 -25.97 28.46
CA GLY D 197 -28.29 -24.69 28.31
C GLY D 197 -27.78 -23.89 27.13
N SER D 198 -28.32 -22.68 27.00
CA SER D 198 -27.96 -21.80 25.89
C SER D 198 -26.50 -21.35 25.96
N THR D 199 -25.82 -21.54 27.08
CA THR D 199 -24.41 -21.22 27.24
C THR D 199 -23.69 -22.44 27.79
N PRO D 200 -23.48 -23.46 26.96
CA PRO D 200 -22.73 -24.64 27.44
C PRO D 200 -21.31 -24.26 27.80
N SER D 201 -20.80 -24.85 28.87
CA SER D 201 -19.51 -24.44 29.42
C SER D 201 -18.39 -25.10 28.62
N VAL D 202 -18.10 -24.50 27.46
CA VAL D 202 -17.05 -24.96 26.59
C VAL D 202 -15.99 -23.87 26.50
N ILE D 203 -14.75 -24.27 26.24
CA ILE D 203 -13.65 -23.31 26.24
C ILE D 203 -13.77 -22.39 25.04
N THR D 204 -13.80 -21.08 25.29
CA THR D 204 -13.89 -20.07 24.26
C THR D 204 -12.54 -19.39 24.08
N TYR D 205 -12.41 -18.67 22.98
CA TYR D 205 -11.12 -18.04 22.66
C TYR D 205 -10.85 -16.84 23.56
N LYS D 206 -11.90 -16.11 23.93
CA LYS D 206 -11.72 -15.00 24.85
C LYS D 206 -11.29 -15.48 26.23
N ASN D 207 -11.57 -16.75 26.56
CA ASN D 207 -11.17 -17.29 27.86
C ASN D 207 -9.66 -17.42 27.96
N LEU D 208 -9.04 -18.03 26.94
CA LEU D 208 -7.58 -18.15 26.95
C LEU D 208 -6.91 -16.80 26.84
N MET D 209 -7.50 -15.88 26.08
CA MET D 209 -6.96 -14.53 26.00
C MET D 209 -7.03 -13.83 27.34
N ARG D 210 -8.13 -14.02 28.08
CA ARG D 210 -8.25 -13.47 29.42
C ARG D 210 -7.31 -14.15 30.41
N LEU D 211 -7.15 -15.47 30.31
CA LEU D 211 -6.22 -16.17 31.18
C LEU D 211 -4.79 -15.73 30.90
N ASP D 212 -4.44 -15.50 29.63
CA ASP D 212 -3.14 -14.93 29.31
C ASP D 212 -3.00 -13.56 29.94
N ALA D 213 -4.06 -12.75 29.88
CA ALA D 213 -4.04 -11.43 30.51
C ALA D 213 -3.89 -11.54 32.02
N ILE D 214 -4.58 -12.50 32.64
CA ILE D 214 -4.51 -12.65 34.09
C ILE D 214 -3.09 -13.03 34.52
N LEU D 215 -2.51 -14.03 33.85
CA LEU D 215 -1.19 -14.50 34.26
C LEU D 215 -0.12 -13.47 34.00
N THR D 216 -0.22 -12.72 32.89
CA THR D 216 0.75 -11.65 32.64
C THR D 216 0.64 -10.56 33.70
N ASP D 217 -0.58 -10.19 34.09
CA ASP D 217 -0.76 -9.20 35.15
C ASP D 217 -0.29 -9.71 36.51
N ASN D 218 -0.16 -11.01 36.68
CA ASN D 218 0.34 -11.59 37.92
C ASN D 218 1.85 -11.79 37.91
N ARG D 219 2.53 -11.27 36.90
CA ARG D 219 3.99 -11.41 36.76
C ARG D 219 4.41 -12.87 36.66
N THR D 220 3.58 -13.70 36.06
CA THR D 220 3.93 -15.09 35.84
C THR D 220 4.98 -15.19 34.74
N PRO D 221 6.17 -15.73 35.02
CA PRO D 221 7.18 -15.84 33.97
C PRO D 221 6.75 -16.79 32.87
N THR D 222 7.16 -16.47 31.65
CA THR D 222 6.90 -17.36 30.52
C THR D 222 7.82 -18.57 30.58
N GLN D 223 7.42 -19.63 29.87
CA GLN D 223 8.16 -20.89 29.90
C GLN D 223 8.67 -21.31 28.54
N THR D 224 8.40 -20.54 27.49
CA THR D 224 8.92 -20.83 26.16
C THR D 224 9.28 -19.53 25.47
N THR D 225 9.57 -19.63 24.18
CA THR D 225 9.86 -18.48 23.32
C THR D 225 9.03 -18.61 22.05
N ILE D 226 8.72 -17.46 21.44
CA ILE D 226 7.99 -17.48 20.18
C ILE D 226 8.80 -18.23 19.14
N ILE D 227 8.11 -18.80 18.16
CA ILE D 227 8.73 -19.63 17.14
C ILE D 227 8.40 -18.98 15.79
N THR D 228 9.43 -18.50 15.11
CA THR D 228 9.25 -17.99 13.76
C THR D 228 9.12 -19.16 12.78
N GLY D 229 8.69 -18.85 11.58
CA GLY D 229 8.42 -19.89 10.60
C GLY D 229 9.68 -20.53 10.08
N SER D 230 9.48 -21.44 9.13
CA SER D 230 10.58 -22.08 8.41
C SER D 230 10.43 -21.81 6.92
N ARG D 231 11.49 -22.10 6.17
CA ARG D 231 11.49 -21.88 4.73
C ARG D 231 10.62 -22.88 3.98
N LEU D 232 9.87 -23.72 4.69
CA LEU D 232 9.00 -24.72 4.08
C LEU D 232 7.63 -24.10 3.82
N VAL D 233 6.69 -24.94 3.36
CA VAL D 233 5.38 -24.46 2.96
C VAL D 233 4.32 -25.12 3.82
N ASP D 234 3.17 -24.45 3.91
CA ASP D 234 2.06 -24.86 4.78
C ASP D 234 2.51 -25.06 6.23
N THR D 235 3.34 -24.16 6.72
CA THR D 235 3.71 -24.12 8.13
C THR D 235 3.32 -22.76 8.68
N LYS D 236 2.71 -22.76 9.86
CA LYS D 236 2.30 -21.52 10.50
C LYS D 236 3.34 -21.09 11.52
N VAL D 237 3.50 -19.77 11.65
CA VAL D 237 4.37 -19.19 12.65
C VAL D 237 3.58 -19.02 13.95
N ILE D 238 4.14 -19.49 15.05
CA ILE D 238 3.43 -19.57 16.30
C ILE D 238 4.18 -18.78 17.37
N GLY D 239 3.45 -18.01 18.15
CA GLY D 239 4.06 -17.20 19.20
C GLY D 239 3.57 -17.53 20.59
N GLY D 240 3.36 -18.82 20.87
CA GLY D 240 2.96 -19.23 22.19
C GLY D 240 4.07 -19.11 23.21
N THR D 241 3.68 -18.91 24.48
CA THR D 241 4.65 -18.64 25.53
C THR D 241 4.50 -19.51 26.78
N ARG D 242 3.39 -20.22 26.97
CA ARG D 242 3.17 -20.99 28.18
C ARG D 242 2.74 -22.41 27.83
N VAL D 243 3.28 -23.39 28.55
CA VAL D 243 2.81 -24.76 28.44
C VAL D 243 1.50 -24.88 29.22
N MET D 244 0.59 -25.73 28.74
CA MET D 244 -0.77 -25.77 29.27
C MET D 244 -1.28 -27.19 29.15
N TYR D 245 -1.56 -27.82 30.28
CA TYR D 245 -1.82 -29.26 30.35
C TYR D 245 -3.32 -29.50 30.21
N VAL D 246 -3.70 -30.22 29.15
CA VAL D 246 -5.10 -30.56 28.90
C VAL D 246 -5.32 -32.03 29.20
N GLY D 247 -6.57 -32.46 29.20
CA GLY D 247 -6.92 -33.86 29.31
C GLY D 247 -6.82 -34.56 27.99
N SER D 248 -7.49 -35.71 27.88
CA SER D 248 -7.54 -36.45 26.64
C SER D 248 -8.90 -36.43 25.98
N GLU D 249 -9.95 -36.04 26.70
CA GLU D 249 -11.28 -35.93 26.12
C GLU D 249 -11.63 -34.52 25.69
N LEU D 250 -10.91 -33.51 26.20
CA LEU D 250 -11.16 -32.13 25.82
C LEU D 250 -10.56 -31.76 24.47
N VAL D 251 -9.65 -32.56 23.95
CA VAL D 251 -8.91 -32.22 22.74
C VAL D 251 -9.84 -32.02 21.55
N PRO D 252 -10.84 -32.88 21.30
CA PRO D 252 -11.78 -32.59 20.20
C PRO D 252 -12.48 -31.25 20.35
N ASP D 253 -12.82 -30.86 21.59
CA ASP D 253 -13.40 -29.55 21.81
C ASP D 253 -12.39 -28.45 21.50
N LEU D 254 -11.14 -28.63 21.92
CA LEU D 254 -10.13 -27.61 21.71
C LEU D 254 -9.80 -27.43 20.23
N LYS D 255 -9.98 -28.48 19.42
CA LYS D 255 -9.68 -28.38 17.99
C LYS D 255 -10.73 -27.54 17.26
N ALA D 256 -11.84 -27.25 17.90
CA ALA D 256 -12.86 -26.28 17.49
C ALA D 256 -12.36 -24.89 17.87
N MET D 257 -13.28 -23.98 18.17
CA MET D 257 -12.89 -22.73 18.84
C MET D 257 -12.13 -21.77 17.91
N LYS D 258 -12.86 -21.26 16.93
CA LYS D 258 -12.41 -20.19 16.04
C LYS D 258 -11.78 -19.05 16.83
N ASP D 259 -10.81 -18.38 16.21
CA ASP D 259 -10.05 -17.32 16.86
C ASP D 259 -10.68 -15.93 16.64
N LEU D 260 -11.84 -15.71 17.26
CA LEU D 260 -12.50 -14.42 17.22
C LEU D 260 -12.92 -14.05 15.80
N PHE D 261 -11.94 -13.74 14.95
CA PHE D 261 -12.24 -13.26 13.60
C PHE D 261 -12.89 -14.35 12.76
N GLY D 262 -12.63 -15.61 13.07
CA GLY D 262 -13.36 -16.69 12.44
C GLY D 262 -12.52 -17.69 11.67
N ASN D 263 -11.25 -17.81 12.02
CA ASN D 263 -10.38 -18.81 11.41
C ASN D 263 -10.08 -19.87 12.45
N LYS D 264 -9.32 -20.89 12.06
CA LYS D 264 -8.92 -21.93 13.01
C LYS D 264 -7.91 -21.38 14.00
N ALA D 265 -7.99 -21.88 15.24
CA ALA D 265 -7.11 -21.43 16.31
C ALA D 265 -6.21 -22.52 16.86
N PHE D 266 -6.51 -23.79 16.59
CA PHE D 266 -5.67 -24.89 17.07
C PHE D 266 -4.65 -25.22 15.98
N ILE D 267 -3.53 -24.49 16.01
CA ILE D 267 -2.41 -24.84 15.16
C ILE D 267 -1.80 -26.14 15.66
N GLU D 268 -1.72 -27.13 14.79
CA GLU D 268 -1.33 -28.47 15.20
C GLU D 268 0.19 -28.62 15.21
N ILE D 269 0.63 -29.77 15.74
CA ILE D 269 2.06 -29.98 16.00
C ILE D 269 2.85 -30.01 14.70
N GLN D 270 2.28 -30.63 13.66
CA GLN D 270 3.05 -30.88 12.44
C GLN D 270 3.45 -29.59 11.74
N HIS D 271 2.65 -28.53 11.91
CA HIS D 271 2.92 -27.28 11.21
C HIS D 271 4.26 -26.69 11.64
N TYR D 272 4.39 -26.33 12.92
CA TYR D 272 5.63 -25.73 13.40
C TYR D 272 6.60 -26.78 13.91
N GLY D 273 6.46 -28.02 13.43
CA GLY D 273 7.33 -29.08 13.90
C GLY D 273 8.78 -28.86 13.50
N ASP D 274 9.00 -28.41 12.27
CA ASP D 274 10.36 -28.18 11.80
C ASP D 274 10.92 -26.90 12.39
N ALA D 275 10.11 -25.85 12.45
CA ALA D 275 10.58 -24.51 12.81
C ALA D 275 11.26 -24.47 14.17
N GLY D 276 10.66 -25.11 15.18
CA GLY D 276 11.23 -25.13 16.50
C GLY D 276 11.02 -26.48 17.17
N THR D 277 11.76 -26.69 18.25
CA THR D 277 11.73 -27.97 18.95
C THR D 277 10.35 -28.20 19.56
N LEU D 278 9.94 -29.45 19.63
CA LEU D 278 8.66 -29.83 20.21
C LEU D 278 8.88 -30.56 21.53
N MET D 279 7.87 -30.47 22.39
CA MET D 279 7.95 -31.09 23.70
C MET D 279 7.35 -32.50 23.68
N ASN D 280 7.60 -33.23 24.76
CA ASN D 280 6.98 -34.52 24.94
C ASN D 280 5.50 -34.35 25.28
N GLY D 281 4.64 -34.90 24.44
CA GLY D 281 3.21 -34.83 24.65
C GLY D 281 2.53 -33.58 24.15
N GLU D 282 3.24 -32.69 23.46
CA GLU D 282 2.64 -31.49 22.90
C GLU D 282 1.77 -31.88 21.71
N ILE D 283 0.53 -31.40 21.67
CA ILE D 283 -0.33 -31.69 20.54
C ILE D 283 -0.62 -30.44 19.71
N GLY D 284 -0.52 -29.25 20.30
CA GLY D 284 -0.80 -28.03 19.56
C GLY D 284 -0.56 -26.75 20.33
N THR D 285 -1.31 -25.70 19.96
CA THR D 285 -1.18 -24.38 20.55
C THR D 285 -2.33 -23.52 20.06
N ILE D 286 -2.83 -22.64 20.92
CA ILE D 286 -4.02 -21.87 20.55
C ILE D 286 -3.67 -20.42 20.24
N ASP D 287 -3.32 -19.64 21.28
CA ASP D 287 -2.95 -18.26 21.08
C ASP D 287 -1.56 -18.08 21.68
N LYS D 288 -1.38 -18.37 22.96
CA LYS D 288 -0.10 -18.29 23.65
C LYS D 288 0.08 -19.46 24.61
N PHE D 289 -0.53 -20.58 24.27
CA PHE D 289 -0.63 -21.73 25.17
C PHE D 289 -0.18 -22.97 24.42
N ARG D 290 1.06 -23.39 24.64
CA ARG D 290 1.61 -24.56 23.97
C ARG D 290 1.01 -25.82 24.61
N ILE D 291 -0.14 -26.22 24.04
CA ILE D 291 -0.96 -27.30 24.57
C ILE D 291 -0.16 -28.59 24.69
N ILE D 292 -0.20 -29.19 25.87
CA ILE D 292 0.39 -30.50 26.13
C ILE D 292 -0.70 -31.43 26.64
N GLN D 293 -0.82 -32.59 26.02
CA GLN D 293 -1.82 -33.58 26.44
C GLN D 293 -1.19 -34.52 27.46
N VAL D 294 -1.72 -34.54 28.68
CA VAL D 294 -1.28 -35.45 29.71
C VAL D 294 -2.10 -36.73 29.59
N PRO D 295 -1.47 -37.90 29.46
CA PRO D 295 -2.24 -39.14 29.30
C PRO D 295 -3.17 -39.42 30.46
N GLU D 296 -2.62 -39.51 31.67
CA GLU D 296 -3.41 -39.81 32.86
C GLU D 296 -3.76 -38.50 33.56
N MET D 297 -4.71 -37.78 32.99
CA MET D 297 -5.18 -36.52 33.56
C MET D 297 -6.47 -36.76 34.31
N LEU D 298 -6.56 -36.21 35.52
CA LEU D 298 -7.70 -36.44 36.39
C LEU D 298 -8.86 -35.51 36.02
N HIS D 299 -10.04 -35.84 36.54
CA HIS D 299 -11.26 -35.09 36.22
C HIS D 299 -12.31 -35.37 37.29
N TRP D 300 -12.98 -34.33 37.77
CA TRP D 300 -14.07 -34.50 38.72
C TRP D 300 -15.32 -34.96 37.97
N ALA D 301 -15.62 -36.25 38.06
CA ALA D 301 -16.81 -36.78 37.43
C ALA D 301 -18.00 -36.63 38.37
N GLY D 302 -19.16 -36.32 37.79
CA GLY D 302 -20.36 -36.17 38.58
C GLY D 302 -20.43 -34.89 39.39
N ALA D 303 -19.62 -33.89 39.05
CA ALA D 303 -19.65 -32.61 39.74
C ALA D 303 -20.45 -31.56 38.98
N GLY D 304 -21.07 -31.92 37.87
CA GLY D 304 -21.82 -30.99 37.05
C GLY D 304 -23.26 -30.84 37.50
N ALA D 305 -24.07 -30.29 36.61
CA ALA D 305 -25.49 -30.06 36.87
C ALA D 305 -26.29 -31.26 36.37
N ALA D 306 -27.57 -31.28 36.75
CA ALA D 306 -28.45 -32.38 36.38
C ALA D 306 -28.60 -32.47 34.88
N ALA D 307 -28.02 -33.52 34.28
CA ALA D 307 -28.01 -33.66 32.82
C ALA D 307 -29.36 -34.21 32.38
N THR D 308 -30.16 -33.37 31.76
CA THR D 308 -31.45 -33.79 31.22
C THR D 308 -31.26 -34.42 29.84
N ASP D 309 -32.38 -34.75 29.20
CA ASP D 309 -32.34 -35.34 27.86
C ASP D 309 -31.83 -34.37 26.81
N ALA D 310 -31.75 -33.08 27.12
CA ALA D 310 -31.25 -32.11 26.15
C ALA D 310 -29.75 -32.20 25.96
N ASN D 311 -29.06 -33.02 26.76
CA ASN D 311 -27.61 -33.20 26.71
C ASN D 311 -27.14 -33.45 25.28
N PRO D 312 -26.42 -32.51 24.68
CA PRO D 312 -25.99 -32.66 23.28
C PRO D 312 -24.64 -33.36 23.16
N GLY D 313 -24.59 -34.62 23.58
CA GLY D 313 -23.37 -35.39 23.47
C GLY D 313 -22.23 -34.88 24.33
N TYR D 314 -22.47 -34.66 25.62
CA TYR D 314 -21.43 -34.26 26.55
C TYR D 314 -21.31 -35.31 27.64
N ARG D 315 -20.12 -35.38 28.23
CA ARG D 315 -19.81 -36.42 29.21
C ARG D 315 -20.71 -36.32 30.43
N THR D 316 -21.17 -37.46 30.92
CA THR D 316 -21.98 -37.55 32.13
C THR D 316 -21.50 -38.73 32.96
N SER D 317 -21.84 -38.69 34.25
CA SER D 317 -21.46 -39.77 35.16
C SER D 317 -22.43 -39.77 36.33
N THR D 318 -23.15 -40.88 36.50
CA THR D 318 -24.19 -40.95 37.52
C THR D 318 -23.57 -40.85 38.92
N VAL D 319 -24.19 -40.04 39.77
CA VAL D 319 -23.76 -39.85 41.15
C VAL D 319 -25.01 -39.68 41.99
N ASN D 320 -25.18 -40.53 43.01
CA ASN D 320 -26.34 -40.49 43.90
C ASN D 320 -27.63 -40.58 43.11
N GLY D 321 -27.64 -41.46 42.11
CA GLY D 321 -28.83 -41.69 41.31
C GLY D 321 -28.95 -40.81 40.09
N THR D 322 -29.20 -39.52 40.28
CA THR D 322 -29.41 -38.62 39.16
C THR D 322 -28.08 -38.29 38.50
N GLU D 323 -28.02 -38.47 37.18
CA GLU D 323 -26.78 -38.24 36.44
C GLU D 323 -26.46 -36.76 36.40
N HIS D 324 -25.17 -36.43 36.59
CA HIS D 324 -24.67 -35.08 36.49
C HIS D 324 -23.61 -35.02 35.39
N TYR D 325 -23.00 -33.85 35.24
CA TYR D 325 -21.98 -33.64 34.23
C TYR D 325 -20.59 -33.83 34.82
N ASP D 326 -19.63 -34.07 33.93
CA ASP D 326 -18.24 -34.30 34.33
C ASP D 326 -17.41 -33.06 34.00
N VAL D 327 -16.62 -32.62 34.97
CA VAL D 327 -15.90 -31.35 34.88
C VAL D 327 -14.45 -31.66 34.58
N TYR D 328 -14.03 -31.42 33.35
CA TYR D 328 -12.65 -31.73 32.99
C TYR D 328 -11.80 -30.48 33.09
N PRO D 329 -10.68 -30.53 33.80
CA PRO D 329 -9.85 -29.33 33.98
C PRO D 329 -8.82 -29.16 32.89
N VAL D 330 -8.32 -27.93 32.81
CA VAL D 330 -7.11 -27.62 32.04
C VAL D 330 -6.21 -26.82 32.99
N LEU D 331 -5.00 -27.33 33.22
CA LEU D 331 -4.10 -26.76 34.21
C LEU D 331 -2.86 -26.21 33.55
N VAL D 332 -2.46 -25.00 33.96
CA VAL D 332 -1.23 -24.37 33.52
C VAL D 332 -0.44 -24.04 34.79
N VAL D 333 0.78 -24.56 34.88
CA VAL D 333 1.58 -24.46 36.09
C VAL D 333 2.77 -23.55 35.82
N GLY D 334 2.88 -22.47 36.57
CA GLY D 334 3.98 -21.55 36.44
C GLY D 334 5.27 -22.11 37.01
N ASP D 335 6.27 -21.24 37.08
CA ASP D 335 7.59 -21.62 37.55
C ASP D 335 7.82 -21.09 38.95
N ASP D 336 8.49 -21.88 39.78
CA ASP D 336 8.76 -21.54 41.18
C ASP D 336 7.46 -21.29 41.94
N SER D 337 6.39 -21.98 41.53
CA SER D 337 5.09 -21.83 42.14
C SER D 337 4.77 -22.90 43.16
N PHE D 338 5.63 -23.92 43.29
CA PHE D 338 5.43 -24.96 44.30
C PHE D 338 6.70 -25.80 44.38
N THR D 339 7.07 -26.18 45.59
CA THR D 339 8.13 -27.14 45.84
C THR D 339 7.50 -28.48 46.23
N THR D 340 8.34 -29.42 46.64
CA THR D 340 7.88 -30.72 47.12
C THR D 340 8.66 -31.09 48.37
N ILE D 341 7.96 -31.14 49.50
CA ILE D 341 8.61 -31.47 50.77
C ILE D 341 8.90 -32.97 50.81
N GLY D 342 10.12 -33.32 51.20
CA GLY D 342 10.48 -34.71 51.38
C GLY D 342 11.25 -34.93 52.67
N PHE D 343 10.75 -35.79 53.54
CA PHE D 343 11.31 -35.95 54.87
C PHE D 343 12.74 -36.46 54.86
N GLN D 344 12.95 -37.69 54.39
CA GLN D 344 14.27 -38.31 54.39
C GLN D 344 14.75 -38.66 52.99
N THR D 345 14.11 -38.14 51.95
CA THR D 345 14.60 -38.35 50.61
C THR D 345 15.96 -37.70 50.43
N ASP D 346 16.87 -38.41 49.76
CA ASP D 346 18.24 -37.94 49.59
C ASP D 346 18.31 -36.93 48.43
N GLY D 347 17.60 -35.82 48.62
CA GLY D 347 17.55 -34.77 47.63
C GLY D 347 16.55 -34.98 46.51
N LYS D 348 15.95 -36.16 46.41
CA LYS D 348 14.97 -36.42 45.37
C LYS D 348 13.61 -35.89 45.81
N SER D 349 12.59 -36.10 44.98
CA SER D 349 11.24 -35.62 45.28
C SER D 349 10.55 -36.51 46.31
N VAL D 350 10.40 -37.79 45.99
CA VAL D 350 9.79 -38.77 46.88
C VAL D 350 10.70 -39.99 46.93
N LYS D 351 10.84 -40.58 48.12
CA LYS D 351 11.65 -41.76 48.31
C LYS D 351 10.76 -43.00 48.32
N PHE D 352 11.37 -44.17 48.44
CA PHE D 352 10.62 -45.42 48.42
C PHE D 352 11.30 -46.47 49.29
N ASN D 353 10.85 -46.60 50.54
CA ASN D 353 11.48 -47.53 51.48
C ASN D 353 10.83 -48.90 51.31
N VAL D 354 11.54 -49.82 50.68
CA VAL D 354 11.03 -51.15 50.36
C VAL D 354 11.60 -52.15 51.34
N MET D 355 10.71 -52.96 51.93
CA MET D 355 11.10 -54.05 52.82
C MET D 355 10.52 -55.33 52.25
N THR D 356 11.36 -56.37 52.16
CA THR D 356 10.96 -57.65 51.58
C THR D 356 11.62 -58.78 52.36
N LYS D 357 10.87 -59.40 53.26
CA LYS D 357 11.37 -60.53 54.03
C LYS D 357 11.07 -61.81 53.28
N MET D 358 12.10 -62.55 52.93
CA MET D 358 11.91 -63.81 52.23
C MET D 358 11.35 -64.86 53.19
N PRO D 359 10.71 -65.91 52.65
CA PRO D 359 10.07 -66.89 53.53
C PRO D 359 11.05 -67.84 54.20
N GLY D 360 12.33 -67.50 54.22
CA GLY D 360 13.30 -68.37 54.85
C GLY D 360 13.41 -68.13 56.35
N LYS D 361 14.61 -67.83 56.83
CA LYS D 361 14.85 -67.70 58.26
C LYS D 361 14.37 -66.39 58.86
N GLU D 362 14.35 -65.29 58.10
CA GLU D 362 14.01 -64.00 58.68
C GLU D 362 12.53 -63.93 59.05
N THR D 363 11.71 -64.83 58.53
CA THR D 363 10.28 -64.76 58.80
C THR D 363 9.80 -66.03 59.50
N ALA D 364 10.56 -66.49 60.50
CA ALA D 364 10.21 -67.67 61.29
C ALA D 364 10.32 -67.28 62.75
N ASP D 365 9.18 -67.23 63.44
CA ASP D 365 9.14 -66.80 64.84
C ASP D 365 8.26 -67.77 65.61
N ARG D 366 7.90 -67.39 66.84
CA ARG D 366 7.11 -68.27 67.69
C ARG D 366 5.76 -68.61 67.07
N ASN D 367 5.12 -67.63 66.41
CA ASN D 367 3.84 -67.89 65.75
C ASN D 367 3.98 -68.91 64.64
N ASP D 368 5.06 -68.83 63.86
CA ASP D 368 5.27 -69.68 62.69
C ASP D 368 6.68 -70.29 62.78
N PRO D 369 6.83 -71.41 63.48
CA PRO D 369 8.17 -72.01 63.63
C PRO D 369 8.85 -72.32 62.33
N TYR D 370 8.11 -72.72 61.29
CA TYR D 370 8.66 -73.00 59.98
C TYR D 370 8.37 -71.80 59.09
N GLY D 371 9.44 -71.07 58.73
CA GLY D 371 9.27 -69.91 57.86
C GLY D 371 8.69 -70.34 56.54
N GLU D 372 7.48 -69.91 56.22
CA GLU D 372 6.90 -70.25 54.90
C GLU D 372 6.23 -68.99 54.33
N THR D 373 6.07 -67.95 55.14
CA THR D 373 5.35 -66.76 54.67
C THR D 373 6.31 -65.60 54.48
N GLY D 374 5.91 -64.58 53.72
CA GLY D 374 6.72 -63.40 53.50
C GLY D 374 5.85 -62.24 53.07
N PHE D 375 6.49 -61.09 52.88
CA PHE D 375 5.78 -59.90 52.46
C PHE D 375 6.76 -58.92 51.83
N SER D 376 6.22 -58.02 51.01
CA SER D 376 6.98 -56.93 50.41
C SER D 376 6.14 -55.66 50.48
N SER D 377 6.74 -54.57 50.93
CA SER D 377 6.01 -53.34 51.21
C SER D 377 6.75 -52.14 50.63
N ILE D 378 5.99 -51.08 50.34
CA ILE D 378 6.52 -49.80 49.90
C ILE D 378 5.78 -48.71 50.66
N LYS D 379 6.53 -47.84 51.33
CA LYS D 379 5.97 -46.70 52.03
C LYS D 379 6.80 -45.46 51.72
N TRP D 380 6.13 -44.32 51.54
CA TRP D 380 6.81 -43.07 51.23
C TRP D 380 6.13 -41.92 51.97
N TYR D 381 6.66 -40.73 51.77
CA TYR D 381 6.18 -39.51 52.41
C TYR D 381 6.00 -38.44 51.34
N TYR D 382 4.84 -37.78 51.32
CA TYR D 382 4.57 -36.78 50.32
C TYR D 382 4.01 -35.51 50.94
N GLY D 383 4.36 -34.37 50.33
CA GLY D 383 3.86 -33.08 50.74
C GLY D 383 4.12 -32.02 49.69
N ILE D 384 3.31 -30.97 49.68
CA ILE D 384 3.42 -29.89 48.70
C ILE D 384 3.36 -28.55 49.43
N LEU D 385 4.33 -27.70 49.16
CA LEU D 385 4.34 -26.33 49.67
C LEU D 385 4.21 -25.40 48.47
N VAL D 386 3.03 -24.81 48.31
CA VAL D 386 2.78 -23.89 47.20
C VAL D 386 3.36 -22.53 47.53
N LYS D 387 4.45 -22.16 46.85
CA LYS D 387 5.09 -20.89 47.12
C LYS D 387 4.30 -19.72 46.55
N ARG D 388 3.89 -19.84 45.28
CA ARG D 388 3.16 -18.77 44.60
C ARG D 388 1.93 -19.37 43.93
N PRO D 389 0.82 -19.50 44.66
CA PRO D 389 -0.37 -20.10 44.06
C PRO D 389 -0.98 -19.28 42.94
N GLU D 390 -0.65 -17.98 42.85
CA GLU D 390 -1.21 -17.14 41.81
C GLU D 390 -0.79 -17.61 40.43
N ARG D 391 0.38 -18.25 40.33
CA ARG D 391 0.85 -18.74 39.04
C ARG D 391 0.05 -19.97 38.60
N ILE D 392 -0.28 -20.85 39.53
CA ILE D 392 -1.08 -22.03 39.21
C ILE D 392 -2.46 -21.58 38.78
N ALA D 393 -2.86 -21.95 37.57
CA ALA D 393 -4.17 -21.59 37.04
C ALA D 393 -4.84 -22.83 36.46
N VAL D 394 -6.07 -23.08 36.89
CA VAL D 394 -6.87 -24.16 36.34
C VAL D 394 -8.06 -23.54 35.60
N MET D 395 -8.68 -24.34 34.74
CA MET D 395 -9.83 -23.90 33.96
C MET D 395 -10.75 -25.10 33.74
N LYS D 396 -11.93 -25.06 34.36
CA LYS D 396 -12.86 -26.16 34.28
C LYS D 396 -13.78 -26.02 33.08
N ALA D 397 -14.03 -27.14 32.41
CA ALA D 397 -14.94 -27.16 31.27
C ALA D 397 -15.46 -28.58 31.09
N VAL D 398 -16.67 -28.69 30.55
CA VAL D 398 -17.25 -29.99 30.26
C VAL D 398 -16.61 -30.53 28.98
N ALA D 399 -16.82 -31.82 28.69
CA ALA D 399 -16.08 -32.45 27.62
C ALA D 399 -17.03 -33.08 26.60
N PRO D 400 -16.61 -33.16 25.35
CA PRO D 400 -17.43 -33.83 24.34
C PRO D 400 -17.48 -35.33 24.57
N LEU D 401 -18.54 -35.94 24.03
CA LEU D 401 -18.76 -37.38 24.20
C LEU D 401 -18.33 -38.11 22.93
N MET E 1 0.32 -46.92 72.53
CA MET E 1 1.73 -46.67 72.32
C MET E 1 2.07 -45.20 72.55
N LEU E 2 3.34 -44.84 72.41
CA LEU E 2 3.75 -43.44 72.47
C LEU E 2 3.61 -42.86 71.07
N ASN E 3 2.38 -42.63 70.65
CA ASN E 3 2.10 -42.24 69.29
C ASN E 3 2.09 -40.72 69.15
N TYR E 4 2.40 -40.26 67.94
CA TYR E 4 2.50 -38.83 67.64
C TYR E 4 1.24 -38.35 66.94
N ASN E 5 0.20 -38.06 67.72
CA ASN E 5 -0.99 -37.41 67.20
C ASN E 5 -0.63 -36.04 66.65
N ALA E 6 -1.28 -35.67 65.54
CA ALA E 6 -1.01 -34.40 64.88
C ALA E 6 -1.24 -33.24 65.84
N PRO E 7 -0.18 -32.57 66.30
CA PRO E 7 -0.34 -31.55 67.33
C PRO E 7 -0.79 -30.20 66.82
N ILE E 8 -0.79 -29.99 65.51
CA ILE E 8 -1.25 -28.73 64.93
C ILE E 8 -2.76 -28.73 64.75
N ASP E 9 -3.31 -29.85 64.30
CA ASP E 9 -4.76 -29.96 64.13
C ASP E 9 -5.48 -29.83 65.46
N GLY E 10 -4.81 -30.19 66.55
CA GLY E 10 -5.38 -30.00 67.88
C GLY E 10 -5.13 -31.14 68.84
N GLN E 11 -4.95 -32.35 68.31
CA GLN E 11 -4.73 -33.51 69.16
C GLN E 11 -3.26 -33.58 69.57
N LYS E 12 -2.99 -33.42 70.86
CA LYS E 12 -1.61 -33.37 71.33
C LYS E 12 -1.01 -34.78 71.36
N SER E 13 0.31 -34.82 71.48
CA SER E 13 1.04 -36.08 71.42
C SER E 13 0.89 -36.86 72.73
N SER E 14 1.29 -38.13 72.68
CA SER E 14 1.16 -38.99 73.85
C SER E 14 2.18 -38.68 74.92
N ILE E 15 3.43 -38.40 74.52
CA ILE E 15 4.47 -38.12 75.50
C ILE E 15 4.15 -36.84 76.26
N ASP E 16 3.54 -35.87 75.59
CA ASP E 16 3.16 -34.63 76.26
C ASP E 16 2.07 -34.89 77.29
N GLY E 17 1.93 -33.96 78.23
CA GLY E 17 0.95 -34.11 79.29
C GLY E 17 0.14 -32.85 79.51
N ALA E 18 -0.43 -32.70 80.70
CA ALA E 18 -1.23 -31.53 81.01
C ALA E 18 -0.41 -30.25 80.92
N GLY E 19 -0.94 -29.27 80.21
CA GLY E 19 -0.26 -28.00 80.05
C GLY E 19 1.06 -28.09 79.30
N SER E 20 1.14 -28.99 78.33
CA SER E 20 2.36 -29.15 77.54
C SER E 20 1.99 -29.34 76.07
N ASP E 21 2.97 -29.12 75.21
CA ASP E 21 2.80 -29.28 73.77
C ASP E 21 4.19 -29.31 73.14
N GLN E 22 4.21 -29.53 71.83
CA GLN E 22 5.48 -29.57 71.11
C GLN E 22 6.03 -28.15 71.00
N MET E 23 7.32 -27.98 71.33
CA MET E 23 7.92 -26.65 71.28
C MET E 23 7.85 -26.05 69.88
N ASN E 24 8.30 -26.80 68.88
CA ASN E 24 8.17 -26.41 67.49
C ASN E 24 7.35 -27.44 66.74
N THR E 25 6.52 -26.98 65.82
CA THR E 25 5.68 -27.88 65.04
C THR E 25 5.72 -27.57 63.54
N PHE E 26 6.58 -26.66 63.09
CA PHE E 26 6.56 -26.23 61.70
C PHE E 26 7.95 -25.70 61.35
N TYR E 27 8.67 -26.45 60.52
CA TYR E 27 10.00 -26.04 60.09
C TYR E 27 9.90 -24.77 59.25
N TRP E 28 10.41 -23.66 59.78
CA TRP E 28 10.32 -22.38 59.10
C TRP E 28 11.44 -22.26 58.07
N LEU E 29 11.07 -22.24 56.79
CA LEU E 29 12.05 -22.12 55.72
C LEU E 29 12.55 -20.68 55.63
N LYS E 30 13.87 -20.51 55.57
CA LYS E 30 14.50 -19.20 55.63
C LYS E 30 14.13 -18.30 54.47
N LYS E 31 14.51 -18.70 53.26
CA LYS E 31 14.41 -17.84 52.08
C LYS E 31 12.97 -17.41 51.80
N ALA E 32 12.70 -16.11 51.96
CA ALA E 32 11.38 -15.56 51.72
C ALA E 32 11.19 -15.30 50.23
N ILE E 33 9.95 -15.47 49.77
CA ILE E 33 9.62 -15.28 48.36
C ILE E 33 9.44 -13.80 48.08
N ILE E 34 10.53 -13.14 47.68
CA ILE E 34 10.52 -11.70 47.44
C ILE E 34 9.97 -11.42 46.06
N GLN E 35 9.66 -10.16 45.77
CA GLN E 35 9.08 -9.74 44.51
C GLN E 35 10.11 -9.01 43.65
N ALA E 36 10.10 -9.33 42.36
CA ALA E 36 11.04 -8.71 41.45
C ALA E 36 10.74 -7.23 41.26
N ARG E 37 11.76 -6.49 40.86
CA ARG E 37 11.60 -5.06 40.61
C ARG E 37 10.70 -4.84 39.39
N LYS E 38 9.89 -3.79 39.45
CA LYS E 38 8.93 -3.53 38.40
C LYS E 38 9.62 -3.09 37.11
N ASP E 39 8.90 -3.24 36.00
CA ASP E 39 9.44 -2.91 34.69
C ASP E 39 9.59 -1.40 34.54
N GLN E 40 10.72 -0.98 33.99
CA GLN E 40 11.05 0.44 33.80
C GLN E 40 11.18 0.68 32.30
N TYR E 41 10.25 1.46 31.74
CA TYR E 41 10.22 1.68 30.30
C TYR E 41 10.40 3.11 29.85
N PHE E 42 10.18 4.10 30.73
CA PHE E 42 10.25 5.49 30.33
C PHE E 42 11.50 6.21 30.83
N MET E 43 12.11 5.74 31.91
CA MET E 43 13.42 6.25 32.29
C MET E 43 14.48 5.99 31.23
N PRO E 44 14.57 4.81 30.61
CA PRO E 44 15.55 4.63 29.52
C PRO E 44 15.37 5.58 28.35
N LEU E 45 14.14 6.03 28.08
CA LEU E 45 13.92 6.96 26.97
C LEU E 45 14.38 8.36 27.29
N ALA E 46 14.80 8.63 28.51
CA ALA E 46 15.17 9.97 28.93
C ALA E 46 16.65 10.23 28.67
N SER E 47 16.95 11.43 28.19
CA SER E 47 18.31 11.92 28.08
C SER E 47 18.54 12.96 29.16
N VAL E 48 19.68 12.85 29.85
CA VAL E 48 19.93 13.64 31.05
C VAL E 48 20.75 14.87 30.69
N THR E 49 20.19 16.04 31.02
CA THR E 49 20.89 17.31 30.92
C THR E 49 21.26 17.75 32.33
N ASN E 50 22.50 18.19 32.52
CA ASN E 50 23.09 18.31 33.85
C ASN E 50 22.93 19.74 34.36
N MET E 51 22.25 19.89 35.50
CA MET E 51 22.30 21.14 36.25
C MET E 51 23.59 21.19 37.07
N PRO E 52 24.44 22.18 36.85
CA PRO E 52 25.58 22.38 37.76
C PRO E 52 25.10 22.99 39.07
N LYS E 53 25.93 22.85 40.10
CA LYS E 53 25.59 23.41 41.39
C LYS E 53 25.65 24.94 41.36
N ASN E 54 24.94 25.57 42.29
CA ASN E 54 24.87 27.01 42.49
C ASN E 54 24.19 27.73 41.35
N MET E 55 23.70 27.02 40.33
CA MET E 55 23.12 27.63 39.14
C MET E 55 21.60 27.62 39.19
N GLY E 56 21.05 27.79 40.39
CA GLY E 56 19.61 27.84 40.55
C GLY E 56 18.94 26.49 40.42
N LYS E 57 17.71 26.48 39.92
CA LYS E 57 16.94 25.25 39.83
C LYS E 57 16.20 25.07 38.51
N THR E 58 16.46 25.90 37.50
CA THR E 58 15.68 25.88 36.27
C THR E 58 16.59 25.80 35.06
N ILE E 59 16.17 25.01 34.07
CA ILE E 59 16.77 24.99 32.74
C ILE E 59 15.93 25.89 31.85
N LYS E 60 16.58 26.75 31.09
CA LYS E 60 15.91 27.59 30.10
C LYS E 60 16.60 27.44 28.76
N VAL E 61 15.80 27.16 27.72
CA VAL E 61 16.34 27.00 26.38
C VAL E 61 15.80 28.13 25.51
N TYR E 62 16.27 28.22 24.27
CA TYR E 62 15.86 29.27 23.34
C TYR E 62 15.31 28.62 22.08
N GLU E 63 14.03 28.84 21.81
CA GLU E 63 13.38 28.31 20.63
C GLU E 63 13.26 29.42 19.59
N TYR E 64 13.81 29.18 18.40
CA TYR E 64 13.74 30.16 17.32
C TYR E 64 12.61 29.77 16.36
N VAL E 65 11.66 30.67 16.17
CA VAL E 65 10.47 30.39 15.39
C VAL E 65 10.73 30.73 13.93
N PRO E 66 10.39 29.84 12.99
CA PRO E 66 10.61 30.14 11.58
C PRO E 66 9.86 31.37 11.10
N LEU E 67 10.25 31.91 9.94
CA LEU E 67 9.60 33.11 9.43
C LEU E 67 8.14 32.85 9.09
N LEU E 68 7.85 31.73 8.45
CA LEU E 68 6.50 31.45 7.97
C LEU E 68 5.64 30.72 8.99
N ASP E 69 6.19 30.38 10.14
CA ASP E 69 5.37 29.77 11.18
C ASP E 69 4.37 30.79 11.72
N ASP E 70 3.19 30.30 12.09
CA ASP E 70 2.12 31.15 12.60
C ASP E 70 2.53 31.89 13.87
N ARG E 71 3.31 31.25 14.74
CA ARG E 71 3.68 31.82 16.03
C ARG E 71 4.64 33.00 15.93
N ASN E 72 4.94 33.48 14.72
CA ASN E 72 5.87 34.60 14.54
C ASN E 72 5.07 35.91 14.50
N ILE E 73 4.60 36.31 15.68
CA ILE E 73 3.78 37.54 15.80
C ILE E 73 4.74 38.66 16.18
N ASN E 74 5.07 39.49 15.19
CA ASN E 74 5.85 40.69 15.39
C ASN E 74 5.17 41.87 14.71
N ASP E 75 5.60 43.07 15.10
CA ASP E 75 5.09 44.30 14.49
C ASP E 75 5.94 44.79 13.32
N GLN E 76 7.10 44.19 13.09
CA GLN E 76 7.97 44.62 12.00
C GLN E 76 7.48 44.10 10.66
N GLY E 77 6.30 44.53 10.25
CA GLY E 77 5.74 44.07 8.99
C GLY E 77 5.31 45.19 8.07
N ILE E 78 5.66 45.08 6.80
CA ILE E 78 5.23 46.02 5.76
C ILE E 78 4.80 45.22 4.55
N ASP E 79 3.67 45.59 3.95
CA ASP E 79 3.15 44.86 2.81
C ASP E 79 3.88 45.31 1.54
N ALA E 80 3.40 44.86 0.39
CA ALA E 80 4.05 45.19 -0.89
C ALA E 80 3.76 46.61 -1.35
N ASN E 81 2.75 47.27 -0.79
CA ASN E 81 2.46 48.65 -1.18
C ASN E 81 3.26 49.64 -0.35
N GLY E 82 3.72 49.25 0.83
CA GLY E 82 4.46 50.14 1.69
C GLY E 82 3.74 50.47 2.97
N ALA E 83 2.58 49.86 3.18
CA ALA E 83 1.80 50.09 4.39
C ALA E 83 2.22 49.12 5.48
N HIS E 84 2.04 49.56 6.73
CA HIS E 84 2.46 48.78 7.88
C HIS E 84 1.36 47.80 8.25
N ILE E 85 1.58 46.52 7.93
CA ILE E 85 0.62 45.48 8.28
C ILE E 85 0.80 45.05 9.72
N VAL E 86 -0.25 44.46 10.29
CA VAL E 86 -0.22 44.07 11.69
C VAL E 86 0.72 42.88 11.90
N ASN E 87 0.79 41.98 10.92
CA ASN E 87 1.64 40.80 11.05
C ASN E 87 2.96 41.02 10.33
N GLY E 88 3.92 40.14 10.61
CA GLY E 88 5.23 40.25 10.01
C GLY E 88 5.79 38.92 9.55
N ASN E 89 4.97 37.86 9.62
CA ASN E 89 5.35 36.53 9.20
C ASN E 89 4.95 36.25 7.76
N LEU E 90 4.80 37.30 6.94
CA LEU E 90 4.23 37.18 5.60
C LEU E 90 2.92 36.42 5.68
N TYR E 91 2.68 35.50 4.74
CA TYR E 91 1.58 34.57 4.92
C TYR E 91 1.98 33.53 5.96
N GLY E 92 1.05 33.21 6.85
CA GLY E 92 1.34 32.34 7.98
C GLY E 92 1.55 30.90 7.58
N SER E 93 1.29 30.00 8.53
CA SER E 93 1.39 28.58 8.23
C SER E 93 0.28 28.13 7.27
N SER E 94 -0.74 28.97 7.10
CA SER E 94 -1.88 28.64 6.25
C SER E 94 -1.45 28.29 4.83
N LYS E 95 -1.93 27.16 4.32
CA LYS E 95 -1.62 26.71 2.98
C LYS E 95 -2.67 27.09 1.96
N ASP E 96 -3.71 27.82 2.36
CA ASP E 96 -4.76 28.22 1.44
C ASP E 96 -4.18 29.06 0.31
N ILE E 97 -4.45 28.67 -0.93
CA ILE E 97 -3.82 29.29 -2.09
C ILE E 97 -4.15 30.78 -2.16
N GLY E 98 -5.40 31.14 -1.88
CA GLY E 98 -5.80 32.53 -1.93
C GLY E 98 -5.00 33.42 -0.99
N THR E 99 -4.80 32.95 0.24
CA THR E 99 -4.05 33.72 1.23
C THR E 99 -2.60 33.90 0.79
N ILE E 100 -1.98 32.84 0.26
CA ILE E 100 -0.60 32.95 -0.20
C ILE E 100 -0.50 33.92 -1.36
N THR E 101 -1.45 33.84 -2.30
CA THR E 101 -1.45 34.76 -3.44
C THR E 101 -1.58 36.20 -2.96
N SER E 102 -2.43 36.43 -1.95
CA SER E 102 -2.59 37.78 -1.42
C SER E 102 -1.33 38.26 -0.72
N LYS E 103 -0.71 37.41 0.10
CA LYS E 103 0.40 37.82 0.95
C LYS E 103 1.77 37.58 0.32
N LEU E 104 1.83 37.19 -0.94
CA LEU E 104 3.10 36.89 -1.57
C LEU E 104 3.98 38.14 -1.60
N PRO E 105 5.26 38.04 -1.27
CA PRO E 105 6.16 39.19 -1.42
C PRO E 105 6.39 39.51 -2.89
N LEU E 106 5.91 40.68 -3.29
CA LEU E 106 5.95 41.07 -4.70
C LEU E 106 6.68 42.39 -4.83
N LEU E 107 7.77 42.40 -5.57
CA LEU E 107 8.58 43.59 -5.81
C LEU E 107 8.19 44.26 -7.12
N THR E 108 8.50 45.54 -7.19
CA THR E 108 8.36 46.31 -8.42
C THR E 108 9.74 46.84 -8.82
N GLU E 109 9.78 47.55 -9.94
CA GLU E 109 11.02 48.17 -10.37
C GLU E 109 11.51 49.20 -9.35
N ASN E 110 10.59 50.00 -8.81
CA ASN E 110 10.91 51.01 -7.84
C ASN E 110 11.16 50.37 -6.48
N GLY E 111 12.19 49.53 -6.40
CA GLY E 111 12.49 48.83 -5.17
C GLY E 111 12.67 49.77 -3.99
N GLY E 112 11.91 49.54 -2.93
CA GLY E 112 11.96 50.40 -1.76
C GLY E 112 11.61 49.67 -0.49
N ARG E 113 11.10 50.40 0.50
CA ARG E 113 10.74 49.80 1.78
C ARG E 113 9.43 49.05 1.62
N VAL E 114 9.53 47.81 1.16
CA VAL E 114 8.39 46.95 0.96
C VAL E 114 8.74 45.54 1.44
N ASN E 115 7.72 44.83 1.91
CA ASN E 115 7.86 43.45 2.38
C ASN E 115 8.88 43.33 3.50
N ARG E 116 8.62 43.95 4.65
CA ARG E 116 9.45 43.80 5.82
C ARG E 116 8.97 42.63 6.65
N VAL E 117 9.91 41.84 7.17
CA VAL E 117 9.61 40.66 7.97
C VAL E 117 10.45 40.70 9.23
N GLY E 118 9.88 40.25 10.34
CA GLY E 118 10.61 40.14 11.60
C GLY E 118 10.39 38.77 12.22
N PHE E 119 11.35 38.38 13.06
CA PHE E 119 11.37 37.05 13.65
C PHE E 119 11.27 37.15 15.17
N THR E 120 10.77 36.08 15.79
CA THR E 120 10.58 36.03 17.22
C THR E 120 11.31 34.82 17.79
N ARG E 121 11.66 34.91 19.07
CA ARG E 121 12.42 33.88 19.77
C ARG E 121 11.75 33.63 21.13
N LEU E 122 11.28 32.41 21.33
CA LEU E 122 10.59 32.04 22.56
C LEU E 122 11.53 31.26 23.47
N SER E 123 11.02 30.76 24.59
CA SER E 123 11.84 30.05 25.56
C SER E 123 10.99 28.98 26.25
N ARG E 124 11.65 27.91 26.67
CA ARG E 124 11.01 26.80 27.35
C ARG E 124 11.77 26.50 28.63
N GLU E 125 11.05 26.33 29.73
CA GLU E 125 11.64 26.16 31.05
C GLU E 125 11.48 24.73 31.54
N GLY E 126 11.94 24.49 32.76
CA GLY E 126 11.80 23.22 33.44
C GLY E 126 12.45 23.27 34.80
N SER E 127 11.76 22.77 35.82
CA SER E 127 12.17 22.98 37.20
C SER E 127 12.83 21.72 37.77
N ILE E 128 13.10 21.77 39.07
CA ILE E 128 13.66 20.65 39.83
C ILE E 128 12.90 20.54 41.14
N HIS E 129 12.50 19.32 41.49
CA HIS E 129 11.71 19.07 42.68
C HIS E 129 12.37 17.99 43.54
N LYS E 130 12.08 18.03 44.84
CA LYS E 130 12.68 17.12 45.80
C LYS E 130 11.62 16.19 46.39
N PHE E 131 11.96 14.91 46.48
CA PHE E 131 11.08 13.87 47.02
C PHE E 131 11.75 13.22 48.22
N GLY E 132 11.14 12.16 48.74
CA GLY E 132 11.76 11.36 49.78
C GLY E 132 10.77 10.76 50.76
N PHE E 133 11.19 9.67 51.40
CA PHE E 133 10.41 9.02 52.44
C PHE E 133 11.34 8.18 53.30
N PHE E 134 10.80 7.67 54.42
CA PHE E 134 11.59 6.87 55.35
C PHE E 134 10.66 5.93 56.11
N TYR E 135 11.24 5.22 57.07
CA TYR E 135 10.51 4.34 57.98
C TYR E 135 11.36 4.16 59.23
N GLU E 136 10.71 3.91 60.36
CA GLU E 136 11.41 3.77 61.63
C GLU E 136 11.24 2.37 62.20
N PHE E 137 12.26 1.91 62.92
CA PHE E 137 12.22 0.64 63.62
C PHE E 137 12.92 0.78 64.96
N THR E 138 12.63 -0.15 65.86
CA THR E 138 13.25 -0.19 67.18
C THR E 138 14.17 -1.39 67.29
N GLN E 139 15.18 -1.27 68.15
CA GLN E 139 16.09 -2.37 68.39
C GLN E 139 15.34 -3.58 68.92
N GLU E 140 14.27 -3.35 69.67
CA GLU E 140 13.38 -4.42 70.12
C GLU E 140 12.55 -5.00 68.99
N SER E 141 12.69 -4.48 67.76
CA SER E 141 12.02 -5.05 66.61
C SER E 141 12.95 -5.74 65.64
N LEU E 142 14.27 -5.60 65.82
CA LEU E 142 15.24 -6.31 65.01
C LEU E 142 16.14 -7.22 65.83
N ASP E 143 16.01 -7.20 67.17
CA ASP E 143 16.83 -8.06 68.00
C ASP E 143 16.11 -9.38 68.26
N PHE E 144 14.94 -9.32 68.89
CA PHE E 144 14.10 -10.51 69.03
C PHE E 144 12.90 -10.40 68.09
N ASP E 145 13.12 -10.81 66.85
CA ASP E 145 12.09 -10.85 65.82
C ASP E 145 12.25 -12.16 65.07
N SER E 146 11.16 -12.63 64.47
CA SER E 146 11.16 -13.97 63.86
C SER E 146 12.25 -14.09 62.80
N ASP E 147 12.37 -13.10 61.93
CA ASP E 147 13.31 -13.16 60.83
C ASP E 147 14.65 -12.55 61.21
N ASP E 148 15.72 -13.12 60.65
CA ASP E 148 17.08 -12.68 60.90
C ASP E 148 17.48 -11.52 59.99
N GLN E 149 16.93 -11.46 58.78
CA GLN E 149 17.36 -10.46 57.80
C GLN E 149 16.24 -9.49 57.46
N LEU E 150 15.53 -9.00 58.46
CA LEU E 150 14.46 -8.05 58.22
C LEU E 150 15.00 -6.78 57.56
N LYS E 151 16.15 -6.32 58.01
CA LYS E 151 16.74 -5.06 57.54
C LYS E 151 17.05 -5.08 56.05
N GLU E 152 17.72 -6.13 55.58
CA GLU E 152 18.07 -6.20 54.16
C GLU E 152 16.83 -6.23 53.28
N HIS E 153 15.83 -7.02 53.69
CA HIS E 153 14.58 -7.10 52.94
C HIS E 153 13.91 -5.73 52.88
N LEU E 154 13.83 -5.05 54.03
CA LEU E 154 13.17 -3.75 54.06
C LEU E 154 13.90 -2.73 53.22
N SER E 155 15.23 -2.73 53.25
CA SER E 155 16.00 -1.80 52.43
C SER E 155 15.77 -2.06 50.94
N ARG E 156 15.76 -3.34 50.55
CA ARG E 156 15.49 -3.67 49.15
C ARG E 156 14.10 -3.20 48.74
N GLU E 157 13.10 -3.41 49.60
CA GLU E 157 11.76 -2.94 49.29
C GLU E 157 11.73 -1.43 49.16
N LEU E 158 12.46 -0.72 50.03
CA LEU E 158 12.49 0.73 49.96
C LEU E 158 13.07 1.22 48.64
N MET E 159 14.18 0.61 48.22
CA MET E 159 14.79 1.02 46.96
C MET E 159 13.88 0.73 45.77
N ASN E 160 13.24 -0.45 45.79
CA ASN E 160 12.30 -0.78 44.72
C ASN E 160 11.15 0.22 44.66
N GLY E 161 10.61 0.57 45.83
CA GLY E 161 9.55 1.56 45.87
C GLY E 161 10.00 2.92 45.35
N ALA E 162 11.23 3.32 45.69
CA ALA E 162 11.73 4.60 45.21
C ALA E 162 11.86 4.64 43.70
N VAL E 163 12.43 3.59 43.10
CA VAL E 163 12.58 3.60 41.65
C VAL E 163 11.22 3.51 40.97
N GLN E 164 10.29 2.73 41.54
CA GLN E 164 8.94 2.68 41.00
C GLN E 164 8.27 4.05 41.05
N ILE E 165 8.45 4.78 42.15
CA ILE E 165 7.84 6.10 42.28
C ILE E 165 8.43 7.06 41.25
N THR E 166 9.75 7.01 41.04
CA THR E 166 10.34 7.87 40.03
C THR E 166 9.80 7.58 38.64
N GLU E 167 9.68 6.29 38.30
CA GLU E 167 9.12 5.92 37.00
C GLU E 167 7.69 6.42 36.88
N ALA E 168 6.90 6.26 37.95
CA ALA E 168 5.50 6.69 37.92
C ALA E 168 5.40 8.20 37.72
N VAL E 169 6.25 8.97 38.39
CA VAL E 169 6.22 10.42 38.23
C VAL E 169 6.60 10.82 36.81
N LEU E 170 7.58 10.11 36.22
CA LEU E 170 7.94 10.42 34.85
C LEU E 170 6.78 10.13 33.90
N GLN E 171 6.09 9.01 34.11
CA GLN E 171 4.92 8.70 33.30
C GLN E 171 3.86 9.78 33.45
N LYS E 172 3.64 10.23 34.69
CA LYS E 172 2.74 11.34 34.96
C LYS E 172 3.07 12.57 34.14
N ASP E 173 4.34 12.98 34.19
CA ASP E 173 4.76 14.21 33.52
C ASP E 173 4.63 14.06 32.01
N LEU E 174 5.03 12.91 31.46
CA LEU E 174 4.96 12.73 30.02
C LEU E 174 3.52 12.68 29.53
N LEU E 175 2.63 12.07 30.31
CA LEU E 175 1.22 12.03 29.96
C LEU E 175 0.62 13.42 30.00
N ALA E 176 0.88 14.17 31.07
CA ALA E 176 0.27 15.49 31.24
C ALA E 176 0.78 16.47 30.18
N ALA E 177 2.10 16.56 30.04
CA ALA E 177 2.71 17.52 29.12
C ALA E 177 2.73 16.92 27.71
N ALA E 178 1.58 17.00 27.05
CA ALA E 178 1.42 16.49 25.70
C ALA E 178 1.07 17.64 24.76
N GLY E 179 1.84 17.77 23.68
CA GLY E 179 1.58 18.82 22.72
C GLY E 179 0.22 18.68 22.06
N THR E 180 -0.17 17.44 21.74
CA THR E 180 -1.48 17.15 21.19
C THR E 180 -2.11 16.02 21.99
N VAL E 181 -3.36 16.21 22.40
CA VAL E 181 -4.15 15.18 23.05
C VAL E 181 -5.33 14.88 22.13
N LEU E 182 -5.30 13.72 21.49
CA LEU E 182 -6.30 13.38 20.48
C LEU E 182 -7.29 12.40 21.09
N TYR E 183 -8.47 12.92 21.46
CA TYR E 183 -9.49 12.10 22.08
C TYR E 183 -10.10 11.15 21.06
N ALA E 184 -10.24 9.89 21.45
CA ALA E 184 -10.69 8.85 20.54
C ALA E 184 -12.21 8.72 20.55
N GLY E 185 -12.75 8.21 19.45
CA GLY E 185 -14.18 8.02 19.32
C GLY E 185 -14.89 9.22 18.73
N ALA E 186 -15.81 9.81 19.50
CA ALA E 186 -16.52 11.00 19.07
C ALA E 186 -16.59 12.02 20.19
N ALA E 187 -15.47 12.21 20.90
CA ALA E 187 -15.42 13.09 22.05
C ALA E 187 -14.42 14.22 21.80
N THR E 188 -14.76 15.40 22.31
CA THR E 188 -13.89 16.56 22.22
C THR E 188 -13.30 16.96 23.57
N SER E 189 -13.62 16.23 24.64
CA SER E 189 -13.13 16.57 25.97
C SER E 189 -13.07 15.30 26.81
N ASP E 190 -12.38 15.39 27.94
CA ASP E 190 -12.22 14.23 28.81
C ASP E 190 -13.55 13.79 29.40
N ALA E 191 -14.42 14.72 29.77
CA ALA E 191 -15.70 14.38 30.35
C ALA E 191 -16.66 13.77 29.34
N THR E 192 -16.35 13.82 28.04
CA THR E 192 -17.21 13.28 27.01
C THR E 192 -16.82 11.85 26.64
N ILE E 193 -15.63 11.39 27.01
CA ILE E 193 -15.17 10.06 26.68
C ILE E 193 -16.09 9.03 27.32
N THR E 194 -16.71 8.19 26.50
CA THR E 194 -17.67 7.19 26.98
C THR E 194 -17.70 6.01 26.04
N GLY E 195 -17.99 4.84 26.60
CA GLY E 195 -18.17 3.62 25.83
C GLY E 195 -19.60 3.23 25.57
N GLU E 196 -20.55 3.92 26.20
CA GLU E 196 -21.97 3.67 25.98
C GLU E 196 -22.45 4.56 24.82
N GLY E 197 -23.76 4.62 24.62
CA GLY E 197 -24.26 5.47 23.57
C GLY E 197 -24.12 4.83 22.19
N SER E 198 -24.42 5.63 21.17
CA SER E 198 -24.35 5.17 19.79
C SER E 198 -22.90 5.07 19.34
N THR E 199 -22.19 6.20 19.36
CA THR E 199 -20.76 6.19 19.03
C THR E 199 -19.95 6.16 20.32
N PRO E 200 -19.26 5.06 20.61
CA PRO E 200 -18.46 4.99 21.83
C PRO E 200 -17.09 5.63 21.62
N SER E 201 -16.23 5.54 22.64
CA SER E 201 -14.87 6.05 22.55
C SER E 201 -13.91 4.87 22.74
N VAL E 202 -13.63 4.17 21.65
CA VAL E 202 -12.74 3.01 21.66
C VAL E 202 -11.66 3.23 20.62
N ILE E 203 -10.55 2.53 20.78
CA ILE E 203 -9.40 2.68 19.90
C ILE E 203 -9.73 2.00 18.57
N THR E 204 -10.02 2.81 17.54
CA THR E 204 -10.38 2.28 16.25
C THR E 204 -9.22 2.46 15.28
N TYR E 205 -9.39 2.01 14.04
CA TYR E 205 -8.35 2.13 13.03
C TYR E 205 -8.20 3.59 12.57
N LYS E 206 -9.33 4.27 12.40
CA LYS E 206 -9.29 5.66 11.94
C LYS E 206 -8.60 6.56 12.96
N ASN E 207 -8.84 6.30 14.25
CA ASN E 207 -8.21 7.12 15.29
C ASN E 207 -6.69 6.96 15.28
N LEU E 208 -6.21 5.72 15.12
CA LEU E 208 -4.77 5.51 15.05
C LEU E 208 -4.17 6.13 13.80
N MET E 209 -4.88 6.02 12.67
CA MET E 209 -4.41 6.66 11.45
C MET E 209 -4.35 8.17 11.60
N ARG E 210 -5.31 8.75 12.33
CA ARG E 210 -5.30 10.19 12.56
C ARG E 210 -4.16 10.61 13.49
N LEU E 211 -3.85 9.79 14.49
CA LEU E 211 -2.67 10.05 15.32
C LEU E 211 -1.41 10.04 14.46
N ASP E 212 -1.31 9.05 13.57
CA ASP E 212 -0.18 8.99 12.66
C ASP E 212 -0.09 10.24 11.79
N ALA E 213 -1.23 10.67 11.23
CA ALA E 213 -1.24 11.84 10.36
C ALA E 213 -0.82 13.09 11.13
N ILE E 214 -1.34 13.25 12.35
CA ILE E 214 -1.03 14.45 13.11
C ILE E 214 0.43 14.43 13.56
N LEU E 215 1.00 13.25 13.79
CA LEU E 215 2.42 13.19 14.12
C LEU E 215 3.28 13.49 12.89
N THR E 216 2.87 13.02 11.72
CA THR E 216 3.59 13.35 10.50
C THR E 216 3.55 14.84 10.23
N ASP E 217 2.40 15.48 10.53
CA ASP E 217 2.26 16.91 10.30
C ASP E 217 3.25 17.71 11.15
N ASN E 218 3.41 17.33 12.42
CA ASN E 218 4.34 18.03 13.31
C ASN E 218 5.79 17.72 13.04
N ARG E 219 6.11 17.04 11.94
CA ARG E 219 7.50 16.74 11.55
C ARG E 219 8.21 15.93 12.63
N THR E 220 7.47 15.04 13.28
CA THR E 220 8.06 14.15 14.28
C THR E 220 8.82 13.03 13.57
N PRO E 221 10.11 12.86 13.82
CA PRO E 221 10.86 11.82 13.12
C PRO E 221 10.35 10.43 13.46
N THR E 222 10.44 9.53 12.48
CA THR E 222 10.12 8.13 12.72
C THR E 222 11.20 7.48 13.57
N GLN E 223 10.79 6.51 14.38
CA GLN E 223 11.69 5.86 15.31
C GLN E 223 12.14 4.48 14.86
N THR E 224 11.42 3.87 13.94
CA THR E 224 11.83 2.59 13.38
C THR E 224 11.77 2.64 11.85
N THR E 225 11.93 1.48 11.20
CA THR E 225 11.90 1.41 9.75
C THR E 225 10.93 0.31 9.34
N ILE E 226 10.31 0.51 8.17
CA ILE E 226 9.41 -0.50 7.64
C ILE E 226 10.19 -1.79 7.42
N ILE E 227 9.48 -2.92 7.49
CA ILE E 227 10.12 -4.22 7.59
C ILE E 227 9.56 -5.07 6.46
N THR E 228 10.37 -5.32 5.43
CA THR E 228 9.94 -6.15 4.33
C THR E 228 9.98 -7.62 4.72
N GLY E 229 9.45 -8.46 3.84
CA GLY E 229 9.28 -9.86 4.15
C GLY E 229 10.60 -10.59 4.32
N SER E 230 10.49 -11.82 4.80
CA SER E 230 11.63 -12.68 5.04
C SER E 230 11.45 -14.01 4.31
N ARG E 231 12.47 -14.86 4.41
CA ARG E 231 12.43 -16.16 3.76
C ARG E 231 11.33 -17.05 4.34
N LEU E 232 11.18 -17.08 5.66
CA LEU E 232 10.27 -18.02 6.29
C LEU E 232 8.83 -17.71 5.91
N VAL E 233 8.06 -18.78 5.66
CA VAL E 233 6.68 -18.61 5.26
C VAL E 233 5.84 -18.14 6.44
N ASP E 234 4.68 -17.56 6.12
CA ASP E 234 3.72 -16.98 7.06
C ASP E 234 4.27 -15.76 7.78
N THR E 235 5.45 -15.26 7.40
CA THR E 235 5.94 -14.00 7.94
C THR E 235 5.29 -12.85 7.19
N LYS E 236 4.54 -12.02 7.91
CA LYS E 236 3.85 -10.90 7.31
C LYS E 236 4.78 -9.70 7.23
N VAL E 237 4.25 -8.59 6.72
CA VAL E 237 5.03 -7.39 6.48
C VAL E 237 4.32 -6.22 7.16
N ILE E 238 5.06 -5.47 7.97
CA ILE E 238 4.52 -4.31 8.66
C ILE E 238 5.40 -3.10 8.38
N GLY E 239 4.82 -1.91 8.54
CA GLY E 239 5.55 -0.68 8.33
C GLY E 239 5.54 0.21 9.56
N GLY E 240 5.64 -0.39 10.73
CA GLY E 240 5.64 0.37 11.96
C GLY E 240 6.82 1.32 12.07
N THR E 241 6.55 2.61 11.89
CA THR E 241 7.59 3.63 12.00
C THR E 241 7.55 4.38 13.31
N ARG E 242 6.65 4.03 14.23
CA ARG E 242 6.53 4.71 15.50
C ARG E 242 6.21 3.69 16.58
N VAL E 243 6.58 4.02 17.82
CA VAL E 243 6.25 3.18 18.96
C VAL E 243 4.96 3.69 19.59
N MET E 244 4.33 2.83 20.38
CA MET E 244 3.01 3.13 20.92
C MET E 244 2.89 2.44 22.28
N TYR E 245 3.15 3.20 23.35
CA TYR E 245 3.08 2.66 24.70
C TYR E 245 1.63 2.58 25.13
N VAL E 246 1.09 1.38 25.17
CA VAL E 246 -0.32 1.15 25.48
C VAL E 246 -0.41 0.41 26.81
N GLY E 247 -1.37 0.83 27.64
CA GLY E 247 -1.64 0.15 28.89
C GLY E 247 -2.18 -1.26 28.64
N SER E 248 -1.93 -2.15 29.61
CA SER E 248 -2.35 -3.53 29.46
C SER E 248 -3.85 -3.70 29.49
N GLU E 249 -4.60 -2.68 29.92
CA GLU E 249 -6.05 -2.76 29.94
C GLU E 249 -6.67 -2.59 28.56
N LEU E 250 -6.05 -1.82 27.68
CA LEU E 250 -6.56 -1.58 26.34
C LEU E 250 -6.24 -2.70 25.37
N VAL E 251 -5.32 -3.59 25.72
CA VAL E 251 -4.81 -4.58 24.76
C VAL E 251 -5.92 -5.45 24.15
N PRO E 252 -6.92 -5.93 24.91
CA PRO E 252 -7.96 -6.76 24.28
C PRO E 252 -8.64 -6.11 23.09
N ASP E 253 -8.88 -4.79 23.14
CA ASP E 253 -9.46 -4.12 21.99
C ASP E 253 -8.48 -4.07 20.83
N LEU E 254 -7.22 -3.77 21.10
CA LEU E 254 -6.22 -3.71 20.04
C LEU E 254 -5.98 -5.09 19.41
N LYS E 255 -6.31 -6.17 20.12
CA LYS E 255 -6.15 -7.50 19.54
C LYS E 255 -7.24 -7.80 18.53
N ALA E 256 -8.46 -7.34 18.78
CA ALA E 256 -9.61 -7.61 17.92
C ALA E 256 -10.00 -6.40 17.08
N MET E 257 -9.12 -5.42 16.95
CA MET E 257 -9.41 -4.25 16.14
C MET E 257 -9.50 -4.64 14.67
N LYS E 258 -10.59 -4.24 14.02
CA LYS E 258 -10.79 -4.53 12.61
C LYS E 258 -10.40 -3.32 11.78
N ASP E 259 -9.62 -3.53 10.74
CA ASP E 259 -9.20 -2.43 9.89
C ASP E 259 -10.39 -1.93 9.05
N LEU E 260 -10.09 -0.99 8.16
CA LEU E 260 -11.15 -0.34 7.38
C LEU E 260 -11.96 -1.34 6.58
N PHE E 261 -11.36 -2.45 6.17
CA PHE E 261 -12.01 -3.42 5.31
C PHE E 261 -12.45 -4.69 6.03
N GLY E 262 -12.38 -4.72 7.35
CA GLY E 262 -12.94 -5.82 8.12
C GLY E 262 -12.00 -6.97 8.42
N ASN E 263 -10.77 -6.93 7.92
CA ASN E 263 -9.81 -8.00 8.17
C ASN E 263 -9.01 -7.68 9.44
N LYS E 264 -7.94 -8.43 9.68
CA LYS E 264 -7.10 -8.21 10.84
C LYS E 264 -6.38 -6.87 10.74
N ALA E 265 -6.08 -6.31 11.91
CA ALA E 265 -5.27 -5.11 11.99
C ALA E 265 -4.10 -5.25 12.96
N PHE E 266 -4.07 -6.29 13.77
CA PHE E 266 -3.06 -6.47 14.82
C PHE E 266 -2.10 -7.58 14.38
N ILE E 267 -1.07 -7.19 13.63
CA ILE E 267 -0.02 -8.13 13.28
C ILE E 267 0.82 -8.44 14.51
N GLU E 268 1.03 -9.72 14.78
CA GLU E 268 1.66 -10.13 16.02
C GLU E 268 3.16 -10.22 15.86
N ILE E 269 3.85 -10.26 17.01
CA ILE E 269 5.32 -10.23 17.02
C ILE E 269 5.89 -11.46 16.34
N GLN E 270 5.12 -12.54 16.30
CA GLN E 270 5.61 -13.78 15.71
C GLN E 270 5.77 -13.65 14.20
N HIS E 271 4.81 -12.99 13.53
CA HIS E 271 4.83 -12.91 12.08
C HIS E 271 6.05 -12.12 11.58
N TYR E 272 6.28 -10.95 12.16
CA TYR E 272 7.39 -10.11 11.71
C TYR E 272 8.64 -10.35 12.54
N GLY E 273 8.66 -11.44 13.29
CA GLY E 273 9.76 -11.74 14.18
C GLY E 273 11.12 -11.81 13.53
N ASP E 274 11.33 -12.78 12.65
CA ASP E 274 12.64 -12.93 12.01
C ASP E 274 12.95 -11.74 11.12
N ALA E 275 11.95 -11.24 10.39
CA ALA E 275 12.19 -10.22 9.37
C ALA E 275 12.79 -8.96 9.97
N GLY E 276 12.62 -8.75 11.27
CA GLY E 276 13.16 -7.56 11.91
C GLY E 276 13.73 -7.78 13.29
N THR E 277 14.06 -6.68 13.97
CA THR E 277 14.66 -6.70 15.29
C THR E 277 13.61 -6.28 16.30
N LEU E 278 13.11 -7.24 17.08
CA LEU E 278 12.14 -6.94 18.12
C LEU E 278 12.81 -6.23 19.28
N MET E 279 12.25 -5.10 19.69
CA MET E 279 12.68 -4.40 20.89
C MET E 279 12.05 -5.08 22.11
N ASN E 280 12.16 -4.42 23.25
CA ASN E 280 11.72 -5.02 24.50
C ASN E 280 10.26 -4.65 24.78
N GLY E 281 9.36 -5.61 24.57
CA GLY E 281 8.02 -5.52 25.13
C GLY E 281 6.87 -5.51 24.15
N GLU E 282 7.09 -5.71 22.85
CA GLU E 282 5.96 -5.68 21.93
C GLU E 282 5.02 -6.84 22.19
N ILE E 283 3.73 -6.58 21.98
CA ILE E 283 2.74 -7.65 21.86
C ILE E 283 2.20 -7.73 20.45
N GLY E 284 2.59 -6.80 19.57
CA GLY E 284 2.13 -6.81 18.20
C GLY E 284 2.51 -5.52 17.51
N THR E 285 1.91 -5.31 16.35
CA THR E 285 2.15 -4.10 15.57
C THR E 285 0.92 -3.80 14.73
N ILE E 286 0.50 -2.53 14.73
CA ILE E 286 -0.62 -2.08 13.91
C ILE E 286 -0.05 -1.16 12.86
N ASP E 287 -0.91 -0.60 12.00
CA ASP E 287 -0.48 0.22 10.89
C ASP E 287 0.45 1.33 11.36
N LYS E 288 1.70 1.24 10.98
CA LYS E 288 2.73 2.25 11.23
C LYS E 288 2.95 2.51 12.71
N PHE E 289 2.46 1.62 13.57
CA PHE E 289 2.71 1.70 15.01
C PHE E 289 3.12 0.33 15.51
N ARG E 290 4.23 0.26 16.24
CA ARG E 290 4.68 -0.98 16.86
C ARG E 290 4.36 -0.87 18.35
N ILE E 291 3.15 -1.29 18.72
CA ILE E 291 2.68 -1.05 20.08
C ILE E 291 3.55 -1.80 21.07
N ILE E 292 3.79 -1.15 22.21
CA ILE E 292 4.58 -1.70 23.30
C ILE E 292 3.72 -1.72 24.54
N GLN E 293 3.58 -2.89 25.17
CA GLN E 293 2.83 -2.97 26.41
C GLN E 293 3.70 -2.50 27.58
N VAL E 294 3.22 -1.50 28.30
CA VAL E 294 3.86 -1.09 29.55
C VAL E 294 3.04 -1.68 30.69
N PRO E 295 3.61 -2.59 31.47
CA PRO E 295 2.87 -3.18 32.59
C PRO E 295 2.31 -2.13 33.54
N GLU E 296 3.17 -1.23 33.98
CA GLU E 296 2.80 -0.20 34.95
C GLU E 296 2.49 1.09 34.20
N MET E 297 1.34 1.12 33.55
CA MET E 297 0.91 2.30 32.81
C MET E 297 -0.32 2.92 33.46
N LEU E 298 -0.24 4.23 33.74
CA LEU E 298 -1.27 4.91 34.49
C LEU E 298 -2.50 5.17 33.62
N HIS E 299 -3.62 5.49 34.28
CA HIS E 299 -4.87 5.78 33.60
C HIS E 299 -5.71 6.68 34.48
N TRP E 300 -6.46 7.58 33.86
CA TRP E 300 -7.29 8.53 34.60
C TRP E 300 -8.62 7.90 35.01
N ALA E 301 -8.64 7.24 36.16
CA ALA E 301 -9.85 6.58 36.62
C ALA E 301 -10.91 7.59 37.01
N GLY E 302 -12.15 7.30 36.63
CA GLY E 302 -13.28 8.13 36.97
C GLY E 302 -13.20 9.54 36.41
N ALA E 303 -12.78 9.65 35.14
CA ALA E 303 -12.67 10.96 34.51
C ALA E 303 -13.40 11.01 33.17
N GLY E 304 -14.42 10.18 32.98
CA GLY E 304 -15.16 10.18 31.74
C GLY E 304 -16.58 10.68 31.92
N ALA E 305 -17.54 10.01 31.29
CA ALA E 305 -18.95 10.34 31.40
C ALA E 305 -19.64 9.39 32.37
N ALA E 306 -20.92 9.67 32.62
CA ALA E 306 -21.67 8.90 33.60
C ALA E 306 -21.81 7.45 33.17
N ALA E 307 -21.75 6.55 34.16
CA ALA E 307 -21.87 5.12 33.92
C ALA E 307 -23.30 4.70 34.24
N THR E 308 -24.07 4.40 33.19
CA THR E 308 -25.46 3.99 33.35
C THR E 308 -25.58 2.48 33.29
N ASP E 309 -26.81 1.98 33.41
CA ASP E 309 -27.06 0.54 33.30
C ASP E 309 -26.95 0.04 31.87
N ALA E 310 -26.84 0.94 30.89
CA ALA E 310 -26.68 0.59 29.49
C ALA E 310 -25.22 0.41 29.10
N ASN E 311 -24.36 0.04 30.04
CA ASN E 311 -22.94 -0.08 29.78
C ASN E 311 -22.62 -1.38 29.04
N PRO E 312 -21.99 -1.32 27.86
CA PRO E 312 -21.60 -2.56 27.17
C PRO E 312 -20.60 -3.41 27.93
N GLY E 313 -20.09 -2.95 29.07
CA GLY E 313 -19.05 -3.70 29.76
C GLY E 313 -17.67 -3.09 29.62
N TYR E 314 -17.55 -1.78 29.79
CA TYR E 314 -16.28 -1.09 29.80
C TYR E 314 -15.93 -0.69 31.23
N ARG E 315 -14.63 -0.56 31.51
CA ARG E 315 -14.17 -0.30 32.86
C ARG E 315 -14.70 1.03 33.37
N THR E 316 -15.01 1.07 34.67
CA THR E 316 -15.58 2.25 35.30
C THR E 316 -15.07 2.36 36.73
N SER E 317 -15.18 3.56 37.28
CA SER E 317 -14.75 3.85 38.65
C SER E 317 -15.75 4.77 39.31
N THR E 318 -15.75 4.77 40.64
CA THR E 318 -16.70 5.56 41.41
C THR E 318 -16.10 6.93 41.73
N VAL E 319 -16.83 7.99 41.41
CA VAL E 319 -16.44 9.35 41.74
C VAL E 319 -17.65 10.07 42.32
N ASN E 320 -17.50 10.60 43.54
CA ASN E 320 -18.57 11.33 44.23
C ASN E 320 -19.85 10.51 44.30
N GLY E 321 -19.70 9.24 44.64
CA GLY E 321 -20.84 8.34 44.77
C GLY E 321 -21.29 7.76 43.44
N THR E 322 -21.31 8.59 42.40
CA THR E 322 -21.70 8.12 41.08
C THR E 322 -20.55 7.36 40.42
N GLU E 323 -20.89 6.59 39.40
CA GLU E 323 -19.90 5.83 38.65
C GLU E 323 -19.50 6.58 37.39
N HIS E 324 -18.26 6.38 36.96
CA HIS E 324 -17.71 7.11 35.83
C HIS E 324 -16.76 6.21 35.06
N TYR E 325 -16.81 6.31 33.73
CA TYR E 325 -15.92 5.54 32.87
C TYR E 325 -14.47 5.98 33.06
N ASP E 326 -13.57 5.00 33.10
CA ASP E 326 -12.16 5.30 33.24
C ASP E 326 -11.53 5.50 31.87
N VAL E 327 -10.71 6.54 31.75
CA VAL E 327 -10.13 6.95 30.48
C VAL E 327 -8.70 6.45 30.45
N TYR E 328 -8.38 5.65 29.43
CA TYR E 328 -7.07 5.03 29.36
C TYR E 328 -6.25 5.65 28.23
N PRO E 329 -4.96 5.87 28.46
CA PRO E 329 -4.16 6.61 27.47
C PRO E 329 -3.47 5.71 26.44
N VAL E 330 -3.00 6.35 25.37
CA VAL E 330 -2.15 5.72 24.37
C VAL E 330 -1.06 6.73 24.08
N LEU E 331 0.17 6.44 24.49
CA LEU E 331 1.23 7.43 24.52
C LEU E 331 2.29 7.12 23.46
N VAL E 332 2.67 8.15 22.71
CA VAL E 332 3.72 8.03 21.71
C VAL E 332 4.73 9.16 21.92
N VAL E 333 5.80 8.88 22.65
CA VAL E 333 6.82 9.89 22.87
C VAL E 333 7.70 9.98 21.63
N GLY E 334 8.03 11.21 21.24
CA GLY E 334 8.82 11.42 20.04
C GLY E 334 10.31 11.32 20.27
N ASP E 335 11.09 12.09 19.53
CA ASP E 335 12.54 12.09 19.63
C ASP E 335 13.03 13.46 20.04
N ASP E 336 13.90 13.51 21.05
CA ASP E 336 14.46 14.76 21.57
C ASP E 336 13.36 15.72 22.00
N SER E 337 12.31 15.17 22.62
CA SER E 337 11.19 15.98 23.08
C SER E 337 11.26 16.33 24.56
N PHE E 338 12.18 15.72 25.31
CA PHE E 338 12.27 15.99 26.73
C PHE E 338 13.61 15.52 27.25
N THR E 339 14.17 16.27 28.20
CA THR E 339 15.36 15.86 28.93
C THR E 339 15.05 15.94 30.42
N THR E 340 15.60 15.00 31.18
CA THR E 340 15.43 14.99 32.63
C THR E 340 16.61 15.73 33.26
N ILE E 341 16.32 16.79 34.00
CA ILE E 341 17.36 17.63 34.58
C ILE E 341 18.01 16.89 35.75
N GLY E 342 19.19 16.33 35.51
CA GLY E 342 19.87 15.57 36.54
C GLY E 342 20.75 16.42 37.42
N PHE E 343 20.30 16.68 38.64
CA PHE E 343 21.05 17.50 39.59
C PHE E 343 22.03 16.62 40.35
N GLN E 344 23.31 16.74 40.01
CA GLN E 344 24.38 15.99 40.69
C GLN E 344 24.09 14.49 40.68
N THR E 345 23.95 13.95 39.47
CA THR E 345 23.52 12.57 39.28
C THR E 345 24.53 11.76 38.48
N ASP E 346 25.70 12.34 38.18
CA ASP E 346 26.76 11.65 37.44
C ASP E 346 26.26 11.14 36.09
N GLY E 347 25.40 11.92 35.44
CA GLY E 347 24.89 11.59 34.14
C GLY E 347 23.65 10.71 34.13
N LYS E 348 23.24 10.19 35.27
CA LYS E 348 22.00 9.43 35.34
C LYS E 348 20.82 10.37 35.55
N SER E 349 19.62 9.83 35.42
CA SER E 349 18.43 10.67 35.56
C SER E 349 18.14 10.97 37.04
N VAL E 350 18.10 9.94 37.87
CA VAL E 350 17.79 10.08 39.30
C VAL E 350 18.83 9.31 40.10
N LYS E 351 19.33 9.93 41.16
CA LYS E 351 20.23 9.28 42.11
C LYS E 351 19.64 9.37 43.50
N PHE E 352 19.73 8.27 44.25
CA PHE E 352 19.10 8.17 45.55
C PHE E 352 20.17 8.21 46.64
N ASN E 353 20.02 9.15 47.58
CA ASN E 353 20.84 9.18 48.77
C ASN E 353 20.06 8.57 49.93
N VAL E 354 20.59 7.50 50.50
CA VAL E 354 19.93 6.78 51.59
C VAL E 354 20.83 6.79 52.82
N MET E 355 20.30 7.28 53.93
CA MET E 355 21.03 7.34 55.20
C MET E 355 20.36 6.42 56.20
N THR E 356 21.12 5.45 56.71
CA THR E 356 20.63 4.51 57.70
C THR E 356 21.40 4.71 59.00
N LYS E 357 20.67 4.84 60.10
CA LYS E 357 21.26 5.03 61.43
C LYS E 357 20.71 3.94 62.34
N MET E 358 21.48 2.87 62.52
CA MET E 358 21.02 1.74 63.31
C MET E 358 20.90 2.13 64.78
N PRO E 359 19.97 1.54 65.52
CA PRO E 359 19.86 1.84 66.95
C PRO E 359 21.13 1.44 67.69
N GLY E 360 21.47 2.22 68.71
CA GLY E 360 22.67 1.97 69.49
C GLY E 360 23.36 3.24 69.91
N LYS E 361 24.65 3.36 69.57
CA LYS E 361 25.44 4.55 69.89
C LYS E 361 25.48 5.53 68.73
N GLU E 362 24.54 5.42 67.79
CA GLU E 362 24.46 6.33 66.66
C GLU E 362 23.27 7.26 66.74
N THR E 363 22.05 6.72 66.80
CA THR E 363 20.86 7.52 67.02
C THR E 363 20.48 7.42 68.50
N ALA E 364 21.19 8.18 69.33
CA ALA E 364 20.86 8.30 70.74
C ALA E 364 21.35 9.67 71.21
N ASP E 365 20.45 10.64 71.23
CA ASP E 365 20.73 11.98 71.70
C ASP E 365 20.12 12.15 73.09
N ARG E 366 20.13 13.38 73.60
CA ARG E 366 19.51 13.68 74.88
C ARG E 366 17.99 13.52 74.86
N ASN E 367 17.38 13.43 73.68
CA ASN E 367 15.95 13.17 73.56
C ASN E 367 15.64 11.68 73.45
N ASP E 368 16.66 10.83 73.45
CA ASP E 368 16.48 9.39 73.41
C ASP E 368 17.76 8.72 73.91
N PRO E 369 18.06 8.83 75.22
CA PRO E 369 19.37 8.40 75.71
C PRO E 369 19.66 6.91 75.57
N TYR E 370 18.70 6.09 75.18
CA TYR E 370 18.92 4.65 75.12
C TYR E 370 19.22 4.13 73.73
N GLY E 371 18.81 4.86 72.68
CA GLY E 371 19.12 4.44 71.32
C GLY E 371 18.23 3.32 70.82
N GLU E 372 16.93 3.60 70.70
CA GLU E 372 15.94 2.56 70.38
C GLU E 372 15.19 2.91 69.09
N THR E 373 15.85 3.62 68.17
CA THR E 373 15.16 4.10 66.98
C THR E 373 16.13 4.18 65.81
N GLY E 374 15.68 3.72 64.64
CA GLY E 374 16.44 3.87 63.42
C GLY E 374 15.61 4.37 62.26
N PHE E 375 16.23 4.62 61.11
CA PHE E 375 15.53 5.11 59.93
C PHE E 375 16.44 4.92 58.72
N SER E 376 15.83 4.94 57.53
CA SER E 376 16.57 4.74 56.29
C SER E 376 16.10 5.68 55.19
N SER E 377 15.97 6.97 55.50
CA SER E 377 15.41 7.94 54.56
C SER E 377 16.13 7.92 53.22
N ILE E 378 15.35 7.94 52.14
CA ILE E 378 15.87 7.92 50.77
C ILE E 378 15.25 9.11 50.04
N LYS E 379 16.09 10.06 49.64
CA LYS E 379 15.65 11.29 48.99
C LYS E 379 16.40 11.47 47.68
N TRP E 380 15.78 12.19 46.75
CA TRP E 380 16.33 12.35 45.41
C TRP E 380 15.80 13.63 44.78
N TYR E 381 16.42 14.00 43.66
CA TYR E 381 16.03 15.18 42.90
C TYR E 381 15.62 14.76 41.49
N TYR E 382 14.49 15.30 41.01
CA TYR E 382 13.98 14.98 39.69
C TYR E 382 13.38 16.23 39.07
N GLY E 383 13.66 16.42 37.79
CA GLY E 383 13.06 17.53 37.05
C GLY E 383 12.94 17.15 35.59
N ILE E 384 12.08 17.87 34.88
CA ILE E 384 11.80 17.60 33.48
C ILE E 384 11.93 18.88 32.68
N LEU E 385 12.21 18.74 31.39
CA LEU E 385 12.29 19.85 30.45
C LEU E 385 11.75 19.38 29.11
N VAL E 386 10.56 19.84 28.74
CA VAL E 386 9.92 19.43 27.50
C VAL E 386 10.40 20.37 26.41
N LYS E 387 11.46 19.95 25.71
CA LYS E 387 12.05 20.79 24.68
C LYS E 387 11.08 20.97 23.51
N ARG E 388 10.46 19.88 23.06
CA ARG E 388 9.46 19.94 21.99
C ARG E 388 8.22 19.19 22.42
N PRO E 389 7.26 19.86 23.06
CA PRO E 389 6.06 19.14 23.53
C PRO E 389 5.18 18.63 22.41
N GLU E 390 5.27 19.21 21.21
CA GLU E 390 4.38 18.83 20.11
C GLU E 390 4.62 17.42 19.60
N ARG E 391 5.71 16.77 20.01
CA ARG E 391 6.02 15.42 19.56
C ARG E 391 5.61 14.36 20.57
N ILE E 392 4.88 14.74 21.62
CA ILE E 392 4.39 13.82 22.63
C ILE E 392 2.87 13.81 22.53
N ALA E 393 2.32 12.73 22.03
CA ALA E 393 0.88 12.61 21.77
C ALA E 393 0.26 11.55 22.68
N VAL E 394 -0.96 11.82 23.13
CA VAL E 394 -1.74 10.85 23.87
C VAL E 394 -3.06 10.63 23.14
N MET E 395 -3.68 9.48 23.42
CA MET E 395 -5.03 9.19 22.94
C MET E 395 -5.85 8.68 24.11
N LYS E 396 -7.04 9.25 24.30
CA LYS E 396 -7.90 8.88 25.41
C LYS E 396 -9.07 8.05 24.91
N ALA E 397 -9.27 6.87 25.50
CA ALA E 397 -10.36 5.99 25.14
C ALA E 397 -10.60 5.01 26.27
N VAL E 398 -11.85 4.55 26.40
CA VAL E 398 -12.19 3.61 27.46
C VAL E 398 -11.59 2.24 27.14
N ALA E 399 -11.59 1.38 28.16
CA ALA E 399 -11.01 0.05 28.06
C ALA E 399 -12.07 -1.00 28.40
N PRO E 400 -11.95 -2.20 27.86
CA PRO E 400 -12.95 -3.24 28.12
C PRO E 400 -12.84 -3.78 29.53
N LEU E 401 -13.96 -4.29 30.03
CA LEU E 401 -13.99 -4.88 31.37
C LEU E 401 -13.76 -6.38 31.31
N MET F 1 11.71 58.70 -13.31
CA MET F 1 12.66 57.74 -12.75
C MET F 1 13.09 56.76 -13.83
N LEU F 2 12.47 56.86 -15.00
CA LEU F 2 12.83 56.08 -16.18
C LEU F 2 12.69 54.58 -15.91
N ASN F 3 11.45 54.17 -15.67
CA ASN F 3 11.14 52.79 -15.35
C ASN F 3 11.04 51.95 -16.62
N TYR F 4 10.54 50.72 -16.48
CA TYR F 4 10.29 49.82 -17.60
C TYR F 4 8.90 49.22 -17.45
N ASN F 5 7.89 50.06 -17.26
CA ASN F 5 6.53 49.58 -17.13
C ASN F 5 6.20 48.58 -18.24
N ALA F 6 5.54 47.48 -17.86
CA ALA F 6 5.35 46.31 -18.70
C ALA F 6 4.82 46.68 -20.09
N PRO F 7 5.65 46.55 -21.14
CA PRO F 7 5.17 46.93 -22.48
C PRO F 7 4.20 45.94 -23.07
N ILE F 8 4.29 44.65 -22.69
CA ILE F 8 3.36 43.66 -23.21
C ILE F 8 1.94 43.98 -22.75
N ASP F 9 1.77 44.32 -21.48
CA ASP F 9 0.46 44.59 -20.92
C ASP F 9 -0.12 45.92 -21.40
N GLY F 10 0.66 46.75 -22.09
CA GLY F 10 0.14 48.00 -22.60
C GLY F 10 0.90 49.22 -22.12
N GLN F 11 1.37 49.19 -20.88
CA GLN F 11 2.11 50.32 -20.33
C GLN F 11 3.43 50.50 -21.06
N LYS F 12 3.54 51.59 -21.79
CA LYS F 12 4.74 51.86 -22.57
C LYS F 12 5.92 52.11 -21.64
N SER F 13 7.09 51.61 -22.05
CA SER F 13 8.30 51.85 -21.27
C SER F 13 8.58 53.34 -21.20
N SER F 14 9.08 53.78 -20.04
CA SER F 14 9.18 55.20 -19.73
C SER F 14 10.04 55.96 -20.73
N ILE F 15 11.07 55.31 -21.27
CA ILE F 15 11.94 55.99 -22.23
C ILE F 15 11.18 56.25 -23.53
N ASP F 16 10.36 55.30 -23.96
CA ASP F 16 9.62 55.45 -25.21
C ASP F 16 8.56 56.54 -25.10
N GLY F 17 8.24 57.15 -26.23
CA GLY F 17 7.20 58.16 -26.29
C GLY F 17 6.46 58.16 -27.61
N ALA F 18 5.46 59.03 -27.73
CA ALA F 18 4.61 59.13 -28.91
C ALA F 18 4.22 57.78 -29.45
N GLY F 19 4.79 57.38 -30.58
CA GLY F 19 4.45 56.13 -31.23
C GLY F 19 5.61 55.15 -31.38
N SER F 20 6.46 55.01 -30.37
CA SER F 20 7.65 54.18 -30.54
C SER F 20 7.49 52.78 -29.94
N ASP F 21 7.23 52.71 -28.62
CA ASP F 21 7.04 51.45 -27.90
C ASP F 21 8.27 50.54 -27.97
N GLN F 22 8.25 49.47 -27.19
CA GLN F 22 9.29 48.46 -27.25
C GLN F 22 9.04 47.50 -28.40
N MET F 23 10.12 46.87 -28.88
CA MET F 23 9.96 46.08 -30.08
C MET F 23 10.28 44.61 -29.86
N ASN F 24 11.35 44.28 -29.14
CA ASN F 24 11.61 42.91 -28.72
C ASN F 24 11.09 42.73 -27.30
N THR F 25 9.91 42.12 -27.16
CA THR F 25 9.26 41.96 -25.87
C THR F 25 9.03 40.50 -25.50
N PHE F 26 9.67 39.57 -26.20
CA PHE F 26 9.53 38.15 -25.91
C PHE F 26 10.57 37.33 -26.66
N TYR F 27 11.19 36.38 -25.98
CA TYR F 27 12.20 35.52 -26.57
C TYR F 27 11.53 34.27 -27.11
N TRP F 28 11.61 34.09 -28.43
CA TRP F 28 11.01 32.94 -29.10
C TRP F 28 11.94 31.74 -28.99
N LEU F 29 11.47 30.68 -28.32
CA LEU F 29 12.17 29.41 -28.35
C LEU F 29 12.01 28.75 -29.71
N LYS F 30 13.10 28.67 -30.46
CA LYS F 30 13.05 28.15 -31.82
C LYS F 30 13.06 26.62 -31.85
N LYS F 31 12.12 26.01 -31.12
CA LYS F 31 11.99 24.56 -31.05
C LYS F 31 10.52 24.24 -30.84
N ALA F 32 9.84 23.78 -31.89
CA ALA F 32 8.40 23.58 -31.84
C ALA F 32 8.06 22.38 -30.95
N ILE F 33 6.81 22.37 -30.46
CA ILE F 33 6.29 21.24 -29.71
C ILE F 33 5.53 20.33 -30.65
N ILE F 34 6.22 19.36 -31.24
CA ILE F 34 5.61 18.50 -32.24
C ILE F 34 5.20 17.17 -31.62
N GLN F 35 4.21 16.53 -32.23
CA GLN F 35 3.69 15.25 -31.80
C GLN F 35 4.31 14.14 -32.64
N ALA F 36 4.06 12.89 -32.25
CA ALA F 36 4.63 11.74 -32.94
C ALA F 36 3.51 10.90 -33.53
N ARG F 37 3.90 9.90 -34.32
CA ARG F 37 2.91 9.04 -34.96
C ARG F 37 2.24 8.14 -33.93
N LYS F 38 0.92 8.07 -33.99
CA LYS F 38 0.20 7.13 -33.15
C LYS F 38 0.45 5.71 -33.62
N ASP F 39 0.73 4.80 -32.67
CA ASP F 39 1.23 3.49 -33.00
C ASP F 39 0.19 2.66 -33.75
N GLN F 40 0.68 1.70 -34.53
CA GLN F 40 -0.16 0.78 -35.29
C GLN F 40 0.02 -0.63 -34.74
N TYR F 41 -1.10 -1.35 -34.62
CA TYR F 41 -1.08 -2.71 -34.10
C TYR F 41 -1.70 -3.73 -35.04
N PHE F 42 -2.18 -3.31 -36.20
CA PHE F 42 -2.85 -4.19 -37.15
C PHE F 42 -2.23 -4.16 -38.54
N MET F 43 -1.69 -3.01 -38.94
CA MET F 43 -1.00 -2.93 -40.22
C MET F 43 0.18 -3.90 -40.34
N PRO F 44 1.02 -4.07 -39.30
CA PRO F 44 2.10 -5.07 -39.43
C PRO F 44 1.62 -6.48 -39.73
N LEU F 45 0.48 -6.89 -39.19
CA LEU F 45 -0.03 -8.25 -39.38
C LEU F 45 -0.73 -8.35 -40.73
N ALA F 46 0.04 -8.10 -41.79
CA ALA F 46 -0.55 -8.07 -43.13
C ALA F 46 0.48 -8.37 -44.21
N SER F 47 0.42 -9.55 -44.80
CA SER F 47 1.26 -9.87 -45.94
C SER F 47 0.73 -9.19 -47.19
N VAL F 48 1.64 -8.88 -48.10
CA VAL F 48 1.30 -8.15 -49.33
C VAL F 48 1.46 -9.08 -50.53
N THR F 49 0.36 -9.31 -51.24
CA THR F 49 0.39 -10.08 -52.48
C THR F 49 0.18 -9.13 -53.65
N ASN F 50 1.11 -9.13 -54.59
CA ASN F 50 1.13 -8.14 -55.65
C ASN F 50 -0.02 -8.36 -56.64
N MET F 51 -0.39 -7.28 -57.32
CA MET F 51 -1.47 -7.31 -58.31
C MET F 51 -0.95 -6.82 -59.64
N PRO F 52 -1.01 -7.63 -60.71
CA PRO F 52 -0.50 -7.19 -62.01
C PRO F 52 -1.28 -6.01 -62.57
N LYS F 53 -0.63 -5.23 -63.44
CA LYS F 53 -1.20 -3.98 -63.93
C LYS F 53 -2.49 -4.20 -64.71
N ASN F 54 -2.39 -4.85 -65.87
CA ASN F 54 -3.55 -5.02 -66.74
C ASN F 54 -4.32 -6.28 -66.40
N MET F 55 -4.71 -6.44 -65.15
CA MET F 55 -5.35 -7.68 -64.73
C MET F 55 -6.48 -7.41 -63.74
N GLY F 56 -7.31 -6.42 -64.05
CA GLY F 56 -8.43 -6.12 -63.17
C GLY F 56 -7.98 -5.44 -61.89
N LYS F 57 -8.92 -5.35 -60.95
CA LYS F 57 -8.67 -4.70 -59.67
C LYS F 57 -9.10 -5.58 -58.51
N THR F 58 -9.10 -6.90 -58.70
CA THR F 58 -9.48 -7.83 -57.64
C THR F 58 -8.72 -9.13 -57.81
N ILE F 59 -8.56 -9.85 -56.70
CA ILE F 59 -7.88 -11.13 -56.67
C ILE F 59 -8.84 -12.17 -56.14
N LYS F 60 -8.91 -13.31 -56.82
CA LYS F 60 -9.72 -14.45 -56.38
C LYS F 60 -8.80 -15.64 -56.09
N VAL F 61 -9.26 -16.51 -55.19
CA VAL F 61 -8.48 -17.66 -54.77
C VAL F 61 -9.44 -18.83 -54.54
N TYR F 62 -8.92 -20.04 -54.69
CA TYR F 62 -9.73 -21.25 -54.59
C TYR F 62 -9.51 -21.94 -53.25
N GLU F 63 -10.61 -22.27 -52.58
CA GLU F 63 -10.58 -23.00 -51.32
C GLU F 63 -11.26 -24.35 -51.53
N TYR F 64 -10.57 -25.43 -51.22
CA TYR F 64 -11.09 -26.77 -51.45
C TYR F 64 -11.68 -27.34 -50.16
N VAL F 65 -12.89 -27.88 -50.26
CA VAL F 65 -13.64 -28.39 -49.12
C VAL F 65 -13.31 -29.87 -48.96
N PRO F 66 -12.97 -30.34 -47.76
CA PRO F 66 -12.66 -31.76 -47.59
C PRO F 66 -13.88 -32.63 -47.83
N LEU F 67 -13.63 -33.94 -47.97
CA LEU F 67 -14.70 -34.88 -48.29
C LEU F 67 -15.76 -34.91 -47.19
N LEU F 68 -15.35 -35.09 -45.95
CA LEU F 68 -16.30 -35.28 -44.86
C LEU F 68 -16.73 -33.96 -44.26
N ASP F 69 -17.29 -33.06 -45.08
CA ASP F 69 -17.72 -31.76 -44.61
C ASP F 69 -19.12 -31.46 -45.15
N ASP F 70 -19.88 -30.68 -44.39
CA ASP F 70 -21.23 -30.30 -44.78
C ASP F 70 -21.25 -29.19 -45.83
N ARG F 71 -20.11 -28.59 -46.14
CA ARG F 71 -20.01 -27.70 -47.28
C ARG F 71 -19.76 -28.46 -48.58
N ASN F 72 -19.60 -29.77 -48.51
CA ASN F 72 -19.44 -30.60 -49.71
C ASN F 72 -20.79 -31.01 -50.27
N ILE F 73 -21.63 -30.04 -50.59
CA ILE F 73 -22.95 -30.33 -51.14
C ILE F 73 -22.81 -30.63 -52.62
N ASN F 74 -22.71 -31.91 -52.97
CA ASN F 74 -22.59 -32.35 -54.35
C ASN F 74 -23.68 -33.36 -54.67
N ASP F 75 -23.86 -33.62 -55.97
CA ASP F 75 -24.87 -34.55 -56.45
C ASP F 75 -24.33 -35.93 -56.76
N GLN F 76 -23.02 -36.08 -56.90
CA GLN F 76 -22.42 -37.38 -57.19
C GLN F 76 -22.36 -38.24 -55.94
N GLY F 77 -23.51 -38.72 -55.48
CA GLY F 77 -23.52 -39.55 -54.29
C GLY F 77 -24.46 -40.74 -54.38
N ILE F 78 -23.93 -41.94 -54.24
CA ILE F 78 -24.73 -43.15 -54.19
C ILE F 78 -24.38 -43.91 -52.92
N ASP F 79 -25.33 -44.71 -52.44
CA ASP F 79 -25.22 -45.33 -51.12
C ASP F 79 -24.48 -46.66 -51.22
N ALA F 80 -24.42 -47.37 -50.09
CA ALA F 80 -23.76 -48.68 -50.05
C ALA F 80 -24.60 -49.72 -50.78
N ASN F 81 -25.85 -49.41 -51.04
CA ASN F 81 -26.70 -50.28 -51.84
C ASN F 81 -26.69 -49.85 -53.30
N GLY F 82 -25.88 -48.86 -53.61
CA GLY F 82 -25.82 -48.33 -54.96
C GLY F 82 -27.11 -47.64 -55.35
N ALA F 83 -27.71 -46.92 -54.40
CA ALA F 83 -28.90 -46.11 -54.66
C ALA F 83 -28.50 -44.65 -54.56
N HIS F 84 -28.86 -43.87 -55.58
CA HIS F 84 -28.45 -42.48 -55.61
C HIS F 84 -29.14 -41.67 -54.53
N ILE F 85 -28.44 -41.39 -53.44
CA ILE F 85 -28.98 -40.56 -52.38
C ILE F 85 -28.59 -39.12 -52.64
N VAL F 86 -29.31 -38.19 -51.99
CA VAL F 86 -29.05 -36.77 -52.20
C VAL F 86 -27.69 -36.39 -51.63
N ASN F 87 -27.28 -37.02 -50.55
CA ASN F 87 -26.01 -36.69 -49.92
C ASN F 87 -24.85 -37.13 -50.80
N GLY F 88 -23.74 -36.41 -50.69
CA GLY F 88 -22.56 -36.71 -51.48
C GLY F 88 -21.28 -36.62 -50.69
N ASN F 89 -21.38 -36.29 -49.40
CA ASN F 89 -20.23 -36.20 -48.53
C ASN F 89 -20.21 -37.31 -47.50
N LEU F 90 -20.71 -38.50 -47.88
CA LEU F 90 -20.82 -39.65 -46.99
C LEU F 90 -21.61 -39.28 -45.74
N TYR F 91 -21.01 -39.43 -44.56
CA TYR F 91 -21.73 -39.07 -43.34
C TYR F 91 -21.49 -37.63 -42.93
N GLY F 92 -20.76 -36.85 -43.73
CA GLY F 92 -20.57 -35.44 -43.45
C GLY F 92 -19.73 -35.21 -42.21
N SER F 93 -19.86 -34.00 -41.67
CA SER F 93 -19.22 -33.66 -40.40
C SER F 93 -20.09 -34.01 -39.20
N SER F 94 -21.31 -34.52 -39.42
CA SER F 94 -22.17 -34.92 -38.33
C SER F 94 -21.49 -36.01 -37.50
N LYS F 95 -21.53 -35.83 -36.19
CA LYS F 95 -20.85 -36.73 -35.26
C LYS F 95 -21.83 -37.73 -34.63
N ASP F 96 -23.08 -37.75 -35.06
CA ASP F 96 -24.05 -38.68 -34.52
C ASP F 96 -23.62 -40.11 -34.81
N ILE F 97 -23.68 -40.97 -33.78
CA ILE F 97 -23.34 -42.37 -33.97
C ILE F 97 -24.33 -43.04 -34.92
N GLY F 98 -25.60 -42.67 -34.83
CA GLY F 98 -26.59 -43.20 -35.73
C GLY F 98 -26.34 -42.83 -37.18
N THR F 99 -26.01 -41.56 -37.43
CA THR F 99 -25.75 -41.10 -38.79
C THR F 99 -24.54 -41.80 -39.39
N ILE F 100 -23.45 -41.90 -38.61
CA ILE F 100 -22.25 -42.56 -39.10
C ILE F 100 -22.49 -44.04 -39.31
N THR F 101 -23.26 -44.67 -38.42
CA THR F 101 -23.59 -46.08 -38.59
C THR F 101 -24.38 -46.31 -39.87
N SER F 102 -25.38 -45.47 -40.13
CA SER F 102 -26.19 -45.63 -41.32
C SER F 102 -25.38 -45.38 -42.58
N LYS F 103 -24.52 -44.37 -42.57
CA LYS F 103 -23.79 -43.94 -43.76
C LYS F 103 -22.36 -44.47 -43.78
N LEU F 104 -22.14 -45.66 -43.24
CA LEU F 104 -20.80 -46.25 -43.25
C LEU F 104 -20.54 -46.95 -44.57
N PRO F 105 -19.37 -46.79 -45.17
CA PRO F 105 -19.09 -47.42 -46.46
C PRO F 105 -18.93 -48.93 -46.39
N LEU F 106 -19.96 -49.64 -45.93
CA LEU F 106 -19.90 -51.09 -45.80
C LEU F 106 -19.85 -51.70 -47.20
N LEU F 107 -18.70 -52.24 -47.57
CA LEU F 107 -18.54 -52.86 -48.87
C LEU F 107 -18.58 -54.38 -48.74
N THR F 108 -19.38 -55.02 -49.59
CA THR F 108 -19.56 -56.49 -49.56
C THR F 108 -18.40 -57.18 -50.23
N GLU F 109 -18.58 -58.46 -50.60
CA GLU F 109 -17.47 -59.24 -51.22
C GLU F 109 -17.70 -59.36 -52.72
N ASN F 110 -18.88 -58.95 -53.19
CA ASN F 110 -19.13 -58.96 -54.65
C ASN F 110 -18.84 -57.57 -55.24
N GLY F 111 -18.31 -56.64 -54.44
CA GLY F 111 -17.96 -55.35 -54.98
C GLY F 111 -19.13 -54.64 -55.62
N GLY F 112 -18.87 -53.89 -56.68
CA GLY F 112 -19.92 -53.22 -57.42
C GLY F 112 -19.79 -51.71 -57.33
N ARG F 113 -20.65 -51.03 -58.09
CA ARG F 113 -20.72 -49.58 -58.06
C ARG F 113 -21.51 -49.11 -56.85
N VAL F 114 -20.85 -49.01 -55.70
CA VAL F 114 -21.48 -48.59 -54.46
C VAL F 114 -20.56 -47.62 -53.75
N ASN F 115 -21.13 -46.79 -52.87
CA ASN F 115 -20.37 -45.83 -52.08
C ASN F 115 -19.59 -44.86 -52.94
N ARG F 116 -20.30 -44.01 -53.68
CA ARG F 116 -19.67 -42.99 -54.52
C ARG F 116 -19.83 -41.63 -53.85
N VAL F 117 -18.78 -40.81 -53.92
CA VAL F 117 -18.75 -39.52 -53.24
C VAL F 117 -18.42 -38.43 -54.26
N GLY F 118 -18.52 -37.17 -53.79
CA GLY F 118 -18.24 -36.03 -54.63
C GLY F 118 -17.46 -34.98 -53.86
N PHE F 119 -17.00 -33.96 -54.60
CA PHE F 119 -16.13 -32.93 -54.05
C PHE F 119 -16.52 -31.57 -54.60
N THR F 120 -16.27 -30.53 -53.81
CA THR F 120 -16.60 -29.15 -54.19
C THR F 120 -15.45 -28.23 -53.83
N ARG F 121 -15.62 -26.95 -54.17
CA ARG F 121 -14.64 -25.92 -53.88
C ARG F 121 -15.30 -24.56 -53.96
N LEU F 122 -14.87 -23.65 -53.11
CA LEU F 122 -15.39 -22.29 -53.05
C LEU F 122 -14.31 -21.31 -53.53
N SER F 123 -14.64 -20.02 -53.48
CA SER F 123 -13.71 -18.99 -53.95
C SER F 123 -13.92 -17.70 -53.17
N ARG F 124 -12.83 -17.01 -52.91
CA ARG F 124 -12.84 -15.75 -52.17
C ARG F 124 -12.59 -14.58 -53.12
N GLU F 125 -12.76 -13.36 -52.59
CA GLU F 125 -12.62 -12.16 -53.38
C GLU F 125 -12.13 -11.01 -52.51
N GLY F 126 -11.59 -9.99 -53.17
CA GLY F 126 -11.10 -8.80 -52.50
C GLY F 126 -10.66 -7.74 -53.49
N SER F 127 -11.06 -6.48 -53.27
CA SER F 127 -10.85 -5.42 -54.24
C SER F 127 -9.87 -4.38 -53.72
N ILE F 128 -9.59 -3.40 -54.57
CA ILE F 128 -8.62 -2.34 -54.30
C ILE F 128 -9.33 -0.99 -54.45
N HIS F 129 -9.17 -0.12 -53.46
CA HIS F 129 -9.72 1.23 -53.50
C HIS F 129 -8.61 2.25 -53.52
N LYS F 130 -9.00 3.52 -53.70
CA LYS F 130 -8.07 4.63 -53.81
C LYS F 130 -8.36 5.67 -52.75
N PHE F 131 -7.30 6.23 -52.17
CA PHE F 131 -7.39 7.32 -51.21
C PHE F 131 -6.36 8.39 -51.54
N GLY F 132 -6.61 9.59 -51.07
CA GLY F 132 -5.68 10.69 -51.28
C GLY F 132 -6.20 12.04 -50.87
N PHE F 133 -5.30 12.96 -50.50
CA PHE F 133 -5.69 14.30 -50.12
C PHE F 133 -4.54 15.26 -50.39
N PHE F 134 -4.86 16.55 -50.46
CA PHE F 134 -3.90 17.57 -50.83
C PHE F 134 -4.14 18.84 -50.02
N TYR F 135 -3.08 19.61 -49.80
CA TYR F 135 -3.16 20.91 -49.14
C TYR F 135 -2.46 21.96 -49.99
N GLU F 136 -2.85 23.22 -49.77
CA GLU F 136 -2.43 24.32 -50.63
C GLU F 136 -1.74 25.39 -49.81
N PHE F 137 -0.85 26.15 -50.47
CA PHE F 137 -0.13 27.22 -49.82
C PHE F 137 0.24 28.29 -50.85
N THR F 138 0.33 29.54 -50.40
CA THR F 138 0.76 30.65 -51.27
C THR F 138 2.20 30.98 -50.90
N GLN F 139 3.01 31.45 -51.86
CA GLN F 139 4.45 31.67 -51.58
C GLN F 139 4.66 32.68 -50.45
N GLU F 140 3.93 33.79 -50.47
CA GLU F 140 4.04 34.78 -49.36
C GLU F 140 3.87 34.06 -48.02
N SER F 141 2.91 33.15 -47.92
CA SER F 141 2.61 32.47 -46.63
C SER F 141 3.78 31.58 -46.20
N LEU F 142 4.83 31.47 -47.02
CA LEU F 142 6.02 30.69 -46.64
C LEU F 142 7.23 31.63 -46.56
N ASP F 143 7.27 32.67 -47.40
CA ASP F 143 8.36 33.63 -47.39
C ASP F 143 8.22 34.58 -46.20
N PHE F 144 7.12 35.33 -46.15
CA PHE F 144 6.85 36.20 -45.02
C PHE F 144 6.14 35.41 -43.92
N ASP F 145 6.91 34.79 -43.03
CA ASP F 145 6.31 34.03 -41.94
C ASP F 145 7.29 33.97 -40.78
N SER F 146 6.75 33.90 -39.56
CA SER F 146 7.60 33.87 -38.37
C SER F 146 8.50 32.64 -38.36
N ASP F 147 7.93 31.47 -38.65
CA ASP F 147 8.69 30.23 -38.60
C ASP F 147 9.42 30.00 -39.91
N ASP F 148 10.61 29.40 -39.80
CA ASP F 148 11.42 29.17 -40.99
C ASP F 148 10.90 27.99 -41.79
N GLN F 149 10.86 26.80 -41.18
CA GLN F 149 10.51 25.57 -41.88
C GLN F 149 9.04 25.22 -41.64
N LEU F 150 8.16 26.09 -42.16
CA LEU F 150 6.73 25.80 -42.14
C LEU F 150 6.41 24.58 -43.00
N LYS F 151 7.06 24.48 -44.17
CA LYS F 151 6.82 23.35 -45.06
C LYS F 151 7.10 22.03 -44.36
N GLU F 152 8.36 21.81 -43.99
CA GLU F 152 8.78 20.56 -43.34
C GLU F 152 7.75 20.09 -42.31
N HIS F 153 7.31 21.00 -41.45
CA HIS F 153 6.31 20.65 -40.44
C HIS F 153 5.00 20.22 -41.09
N LEU F 154 4.49 21.00 -42.06
CA LEU F 154 3.22 20.66 -42.67
C LEU F 154 3.29 19.33 -43.41
N SER F 155 4.37 19.10 -44.15
CA SER F 155 4.54 17.86 -44.90
C SER F 155 4.63 16.67 -43.95
N ARG F 156 5.34 16.84 -42.82
CA ARG F 156 5.41 15.75 -41.85
C ARG F 156 4.04 15.43 -41.27
N GLU F 157 3.25 16.47 -40.95
CA GLU F 157 1.91 16.22 -40.44
C GLU F 157 1.05 15.52 -41.49
N LEU F 158 1.18 15.91 -42.74
CA LEU F 158 0.40 15.28 -43.81
C LEU F 158 0.76 13.80 -43.96
N MET F 159 2.05 13.49 -43.95
CA MET F 159 2.46 12.09 -44.06
C MET F 159 1.99 11.27 -42.87
N ASN F 160 2.08 11.84 -41.66
CA ASN F 160 1.62 11.14 -40.46
C ASN F 160 0.12 10.89 -40.53
N GLY F 161 -0.64 11.88 -40.98
CA GLY F 161 -2.06 11.68 -41.16
C GLY F 161 -2.37 10.59 -42.17
N ALA F 162 -1.60 10.53 -43.26
CA ALA F 162 -1.81 9.46 -44.24
C ALA F 162 -1.58 8.10 -43.62
N VAL F 163 -0.51 7.96 -42.83
CA VAL F 163 -0.22 6.69 -42.18
C VAL F 163 -1.36 6.30 -41.23
N GLN F 164 -1.82 7.25 -40.42
CA GLN F 164 -2.90 6.95 -39.49
C GLN F 164 -4.19 6.58 -40.23
N ILE F 165 -4.45 7.23 -41.36
CA ILE F 165 -5.64 6.91 -42.15
C ILE F 165 -5.55 5.48 -42.69
N THR F 166 -4.37 5.09 -43.18
CA THR F 166 -4.20 3.71 -43.64
C THR F 166 -4.49 2.73 -42.52
N GLU F 167 -3.96 3.02 -41.32
CA GLU F 167 -4.19 2.13 -40.19
C GLU F 167 -5.68 2.04 -39.88
N ALA F 168 -6.38 3.19 -39.87
CA ALA F 168 -7.80 3.20 -39.53
C ALA F 168 -8.62 2.42 -40.55
N VAL F 169 -8.32 2.57 -41.83
CA VAL F 169 -9.09 1.86 -42.86
C VAL F 169 -8.85 0.37 -42.76
N LEU F 170 -7.60 -0.04 -42.53
CA LEU F 170 -7.34 -1.47 -42.36
C LEU F 170 -8.10 -2.01 -41.16
N GLN F 171 -8.15 -1.24 -40.06
CA GLN F 171 -8.92 -1.66 -38.90
C GLN F 171 -10.39 -1.84 -39.24
N LYS F 172 -10.97 -0.87 -39.96
CA LYS F 172 -12.39 -0.96 -40.27
C LYS F 172 -12.68 -2.17 -41.15
N ASP F 173 -11.83 -2.43 -42.14
CA ASP F 173 -12.04 -3.60 -42.99
C ASP F 173 -11.93 -4.89 -42.19
N LEU F 174 -10.92 -4.99 -41.34
CA LEU F 174 -10.76 -6.20 -40.53
C LEU F 174 -11.95 -6.39 -39.59
N LEU F 175 -12.47 -5.29 -39.04
CA LEU F 175 -13.63 -5.37 -38.16
C LEU F 175 -14.87 -5.85 -38.91
N ALA F 176 -15.09 -5.31 -40.11
CA ALA F 176 -16.31 -5.59 -40.86
C ALA F 176 -16.21 -6.86 -41.69
N ALA F 177 -15.06 -7.52 -41.71
CA ALA F 177 -14.90 -8.76 -42.45
C ALA F 177 -14.78 -9.98 -41.53
N ALA F 178 -15.27 -9.89 -40.30
CA ALA F 178 -15.19 -10.99 -39.37
C ALA F 178 -16.18 -12.09 -39.73
N GLY F 179 -15.86 -13.31 -39.32
CA GLY F 179 -16.71 -14.45 -39.60
C GLY F 179 -17.38 -15.03 -38.37
N THR F 180 -16.98 -14.56 -37.19
CA THR F 180 -17.58 -14.99 -35.93
C THR F 180 -17.97 -13.74 -35.15
N VAL F 181 -19.26 -13.57 -34.91
CA VAL F 181 -19.78 -12.39 -34.24
C VAL F 181 -20.62 -12.89 -33.07
N LEU F 182 -20.02 -12.92 -31.88
CA LEU F 182 -20.74 -13.25 -30.66
C LEU F 182 -21.17 -11.97 -29.98
N TYR F 183 -22.48 -11.80 -29.80
CA TYR F 183 -23.01 -10.62 -29.14
C TYR F 183 -23.06 -10.88 -27.64
N ALA F 184 -22.41 -10.02 -26.87
CA ALA F 184 -22.38 -10.20 -25.42
C ALA F 184 -23.77 -10.07 -24.82
N GLY F 185 -24.05 -10.92 -23.84
CA GLY F 185 -25.36 -10.89 -23.20
C GLY F 185 -26.45 -11.38 -24.14
N ALA F 186 -27.67 -10.91 -23.90
CA ALA F 186 -28.83 -11.31 -24.69
C ALA F 186 -28.97 -10.32 -25.84
N ALA F 187 -28.26 -10.60 -26.93
CA ALA F 187 -28.31 -9.76 -28.12
C ALA F 187 -28.11 -10.63 -29.35
N THR F 188 -28.87 -10.31 -30.41
CA THR F 188 -28.74 -11.01 -31.68
C THR F 188 -28.25 -10.14 -32.81
N SER F 189 -28.16 -8.82 -32.60
CA SER F 189 -27.75 -7.90 -33.65
C SER F 189 -27.25 -6.61 -32.99
N ASP F 190 -26.69 -5.73 -33.81
CA ASP F 190 -26.20 -4.46 -33.31
C ASP F 190 -27.32 -3.63 -32.69
N ALA F 191 -28.47 -3.58 -33.36
CA ALA F 191 -29.55 -2.71 -32.92
C ALA F 191 -30.15 -3.15 -31.59
N THR F 192 -30.06 -4.42 -31.24
CA THR F 192 -30.62 -4.92 -30.00
C THR F 192 -29.59 -5.06 -28.89
N ILE F 193 -28.36 -4.60 -29.10
CA ILE F 193 -27.36 -4.60 -28.05
C ILE F 193 -27.67 -3.42 -27.12
N THR F 194 -27.81 -3.70 -25.84
CA THR F 194 -28.24 -2.69 -24.88
C THR F 194 -27.50 -2.87 -23.55
N GLY F 195 -27.44 -1.80 -22.77
CA GLY F 195 -26.81 -1.84 -21.47
C GLY F 195 -27.75 -1.53 -20.33
N GLU F 196 -29.01 -1.94 -20.46
CA GLU F 196 -30.00 -1.70 -19.42
C GLU F 196 -31.06 -2.78 -19.49
N GLY F 197 -31.70 -3.02 -18.34
CA GLY F 197 -32.75 -4.02 -18.24
C GLY F 197 -32.33 -5.17 -17.33
N SER F 198 -32.72 -6.38 -17.74
CA SER F 198 -32.39 -7.57 -16.95
C SER F 198 -30.96 -8.03 -17.22
N THR F 199 -30.56 -8.06 -18.49
CA THR F 199 -29.26 -8.57 -18.91
C THR F 199 -28.56 -7.55 -19.79
N PRO F 200 -27.89 -6.55 -19.21
CA PRO F 200 -27.10 -5.62 -20.02
C PRO F 200 -26.00 -6.36 -20.76
N SER F 201 -25.73 -5.95 -21.99
CA SER F 201 -24.74 -6.63 -22.81
C SER F 201 -23.33 -6.31 -22.33
N VAL F 202 -22.74 -7.20 -21.53
CA VAL F 202 -21.39 -7.03 -21.03
C VAL F 202 -20.62 -8.31 -21.27
N ILE F 203 -19.30 -8.18 -21.33
CA ILE F 203 -18.44 -9.32 -21.65
C ILE F 203 -18.36 -10.20 -20.41
N THR F 204 -18.96 -11.39 -20.48
CA THR F 204 -18.91 -12.32 -19.37
C THR F 204 -17.82 -13.36 -19.61
N TYR F 205 -17.55 -14.18 -18.59
CA TYR F 205 -16.51 -15.20 -18.72
C TYR F 205 -16.96 -16.33 -19.65
N LYS F 206 -18.23 -16.75 -19.54
CA LYS F 206 -18.75 -17.76 -20.44
C LYS F 206 -18.81 -17.26 -21.88
N ASN F 207 -19.13 -15.98 -22.06
CA ASN F 207 -19.08 -15.39 -23.38
C ASN F 207 -17.65 -15.28 -23.90
N LEU F 208 -16.67 -15.36 -23.01
CA LEU F 208 -15.27 -15.37 -23.39
C LEU F 208 -14.71 -16.77 -23.54
N MET F 209 -15.45 -17.80 -23.11
CA MET F 209 -15.07 -19.19 -23.29
C MET F 209 -15.72 -19.81 -24.52
N ARG F 210 -16.96 -19.40 -24.82
CA ARG F 210 -17.59 -19.84 -26.07
C ARG F 210 -16.82 -19.36 -27.28
N LEU F 211 -16.18 -18.19 -27.19
CA LEU F 211 -15.36 -17.71 -28.29
C LEU F 211 -14.17 -18.62 -28.54
N ASP F 212 -13.52 -19.08 -27.47
CA ASP F 212 -12.42 -20.03 -27.64
C ASP F 212 -12.93 -21.35 -28.17
N ALA F 213 -14.11 -21.78 -27.75
CA ALA F 213 -14.69 -23.00 -28.31
C ALA F 213 -14.91 -22.87 -29.81
N ILE F 214 -15.46 -21.73 -30.25
CA ILE F 214 -15.68 -21.52 -31.67
C ILE F 214 -14.35 -21.49 -32.41
N LEU F 215 -13.37 -20.77 -31.88
CA LEU F 215 -12.07 -20.67 -32.54
C LEU F 215 -11.30 -21.98 -32.54
N THR F 216 -11.62 -22.92 -31.65
CA THR F 216 -10.92 -24.20 -31.66
C THR F 216 -11.64 -25.27 -32.48
N ASP F 217 -12.96 -25.15 -32.68
CA ASP F 217 -13.59 -26.10 -33.60
C ASP F 217 -13.48 -25.66 -35.05
N ASN F 218 -13.07 -24.42 -35.31
CA ASN F 218 -12.76 -23.95 -36.66
C ASN F 218 -11.30 -24.12 -37.03
N ARG F 219 -10.52 -24.76 -36.15
CA ARG F 219 -9.11 -25.06 -36.40
C ARG F 219 -8.32 -23.77 -36.66
N THR F 220 -8.70 -22.72 -35.97
CA THR F 220 -7.90 -21.51 -35.92
C THR F 220 -6.62 -21.81 -35.13
N PRO F 221 -5.44 -21.56 -35.70
CA PRO F 221 -4.23 -21.92 -34.97
C PRO F 221 -3.81 -20.91 -33.90
N THR F 222 -3.15 -21.42 -32.87
CA THR F 222 -2.93 -20.65 -31.65
C THR F 222 -1.58 -19.96 -31.71
N GLN F 223 -1.58 -18.67 -31.43
CA GLN F 223 -0.37 -17.88 -31.27
C GLN F 223 -0.03 -17.77 -29.80
N THR F 224 1.25 -17.55 -29.51
CA THR F 224 1.78 -17.48 -28.15
C THR F 224 1.64 -18.82 -27.43
N THR F 225 2.37 -19.00 -26.34
CA THR F 225 2.43 -20.28 -25.64
C THR F 225 1.87 -20.11 -24.23
N ILE F 226 1.96 -21.19 -23.45
CA ILE F 226 1.39 -21.25 -22.11
C ILE F 226 2.47 -20.82 -21.13
N ILE F 227 2.06 -20.24 -20.00
CA ILE F 227 3.01 -19.82 -18.98
C ILE F 227 2.93 -20.79 -17.80
N THR F 228 4.09 -21.29 -17.38
CA THR F 228 4.12 -22.31 -16.33
C THR F 228 4.36 -21.73 -14.94
N GLY F 229 4.95 -20.55 -14.83
CA GLY F 229 5.12 -19.92 -13.53
C GLY F 229 6.52 -19.46 -13.21
N SER F 230 6.70 -18.79 -12.08
CA SER F 230 8.00 -18.33 -11.62
C SER F 230 8.08 -18.49 -10.11
N ARG F 231 9.19 -18.03 -9.52
CA ARG F 231 9.41 -18.23 -8.09
C ARG F 231 9.03 -17.01 -7.25
N LEU F 232 8.92 -15.84 -7.85
CA LEU F 232 8.53 -14.64 -7.10
C LEU F 232 7.15 -14.82 -6.49
N VAL F 233 6.97 -14.28 -5.28
CA VAL F 233 5.93 -14.77 -4.38
C VAL F 233 4.53 -14.55 -4.96
N ASP F 234 4.25 -13.33 -5.41
CA ASP F 234 2.91 -13.04 -5.92
C ASP F 234 2.93 -13.08 -7.44
N THR F 235 3.02 -14.30 -7.95
CA THR F 235 3.05 -14.55 -9.39
C THR F 235 2.04 -15.63 -9.72
N LYS F 236 1.21 -15.38 -10.72
CA LYS F 236 0.20 -16.33 -11.15
C LYS F 236 0.68 -17.04 -12.41
N VAL F 237 -0.08 -18.05 -12.82
CA VAL F 237 0.18 -18.81 -14.03
C VAL F 237 -0.98 -18.61 -14.98
N ILE F 238 -0.69 -18.33 -16.25
CA ILE F 238 -1.70 -18.00 -17.24
C ILE F 238 -1.62 -18.98 -18.39
N GLY F 239 -2.73 -19.67 -18.65
CA GLY F 239 -2.86 -20.48 -19.85
C GLY F 239 -3.54 -19.75 -20.98
N GLY F 240 -2.87 -18.75 -21.54
CA GLY F 240 -3.44 -18.02 -22.66
C GLY F 240 -2.68 -18.27 -23.95
N THR F 241 -3.41 -18.70 -24.98
CA THR F 241 -2.76 -19.00 -26.25
C THR F 241 -3.46 -18.30 -27.41
N ARG F 242 -3.98 -17.10 -27.16
CA ARG F 242 -4.63 -16.32 -28.21
C ARG F 242 -4.49 -14.83 -27.89
N VAL F 243 -4.41 -13.99 -28.93
CA VAL F 243 -4.18 -12.56 -28.76
C VAL F 243 -5.50 -11.85 -29.06
N MET F 244 -5.96 -11.06 -28.10
CA MET F 244 -7.18 -10.27 -28.23
C MET F 244 -6.87 -8.78 -28.20
N TYR F 245 -7.50 -8.04 -29.10
CA TYR F 245 -7.34 -6.59 -29.16
C TYR F 245 -8.60 -5.91 -28.65
N VAL F 246 -8.43 -4.99 -27.71
CA VAL F 246 -9.55 -4.27 -27.10
C VAL F 246 -9.22 -2.78 -27.08
N GLY F 247 -10.27 -1.98 -26.96
CA GLY F 247 -10.13 -0.55 -26.83
C GLY F 247 -10.06 -0.12 -25.37
N SER F 248 -9.50 1.07 -25.15
CA SER F 248 -9.36 1.57 -23.78
C SER F 248 -10.72 1.80 -23.14
N GLU F 249 -11.76 2.04 -23.94
CA GLU F 249 -13.08 2.30 -23.39
C GLU F 249 -13.69 1.05 -22.75
N LEU F 250 -13.37 -0.12 -23.28
CA LEU F 250 -14.01 -1.35 -22.82
C LEU F 250 -13.26 -2.03 -21.68
N VAL F 251 -12.03 -1.60 -21.41
CA VAL F 251 -11.18 -2.32 -20.46
C VAL F 251 -11.71 -2.28 -19.03
N PRO F 252 -12.16 -1.14 -18.47
CA PRO F 252 -12.61 -1.13 -17.06
C PRO F 252 -13.66 -2.17 -16.76
N ASP F 253 -14.55 -2.45 -17.72
CA ASP F 253 -15.50 -3.54 -17.54
C ASP F 253 -14.81 -4.89 -17.54
N LEU F 254 -13.81 -5.07 -18.41
CA LEU F 254 -13.06 -6.33 -18.43
C LEU F 254 -12.30 -6.58 -17.15
N LYS F 255 -11.93 -5.52 -16.42
CA LYS F 255 -11.26 -5.68 -15.14
C LYS F 255 -12.24 -5.97 -14.00
N ALA F 256 -13.45 -6.41 -14.32
CA ALA F 256 -14.43 -6.78 -13.31
C ALA F 256 -15.20 -8.04 -13.68
N MET F 257 -14.61 -8.97 -14.43
CA MET F 257 -15.30 -10.17 -14.89
C MET F 257 -15.03 -11.30 -13.91
N LYS F 258 -15.95 -11.50 -12.96
CA LYS F 258 -15.84 -12.65 -12.07
C LYS F 258 -16.12 -13.93 -12.83
N ASP F 259 -15.25 -14.93 -12.65
CA ASP F 259 -15.41 -16.20 -13.36
C ASP F 259 -16.43 -17.08 -12.67
N LEU F 260 -16.49 -18.36 -13.05
CA LEU F 260 -17.50 -19.29 -12.57
C LEU F 260 -17.34 -19.62 -11.09
N PHE F 261 -16.38 -19.00 -10.40
CA PHE F 261 -16.20 -19.28 -8.97
C PHE F 261 -15.92 -18.01 -8.18
N GLY F 262 -16.46 -16.87 -8.62
CA GLY F 262 -16.09 -15.59 -8.03
C GLY F 262 -14.80 -15.08 -8.64
N ASN F 263 -13.78 -14.90 -7.81
CA ASN F 263 -12.42 -14.57 -8.24
C ASN F 263 -12.44 -13.31 -9.09
N LYS F 264 -11.42 -13.13 -9.93
CA LYS F 264 -11.30 -11.91 -10.72
C LYS F 264 -11.11 -12.21 -12.22
N ALA F 265 -10.36 -13.26 -12.54
CA ALA F 265 -10.23 -13.80 -13.89
C ALA F 265 -9.50 -12.85 -14.84
N PHE F 266 -9.14 -11.65 -14.37
CA PHE F 266 -8.30 -10.75 -15.15
C PHE F 266 -6.92 -10.68 -14.52
N ILE F 267 -6.14 -11.75 -14.73
CA ILE F 267 -4.78 -11.77 -14.22
C ILE F 267 -3.99 -10.66 -14.89
N GLU F 268 -3.48 -9.74 -14.07
CA GLU F 268 -2.94 -8.48 -14.57
C GLU F 268 -1.53 -8.73 -15.08
N ILE F 269 -1.01 -7.77 -15.86
CA ILE F 269 0.29 -7.97 -16.51
C ILE F 269 1.41 -8.05 -15.48
N GLN F 270 1.32 -7.27 -14.41
CA GLN F 270 2.40 -7.26 -13.43
C GLN F 270 2.49 -8.58 -12.67
N HIS F 271 1.41 -9.35 -12.62
CA HIS F 271 1.45 -10.66 -11.95
C HIS F 271 2.30 -11.66 -12.68
N TYR F 272 2.81 -11.30 -13.85
CA TYR F 272 3.79 -12.13 -14.56
C TYR F 272 4.71 -11.23 -15.37
N GLY F 273 5.41 -11.80 -16.34
CA GLY F 273 6.39 -11.08 -17.12
C GLY F 273 7.81 -11.34 -16.67
N ASP F 274 8.00 -11.82 -15.45
CA ASP F 274 9.28 -12.38 -15.04
C ASP F 274 9.51 -13.75 -15.64
N ALA F 275 8.44 -14.50 -15.89
CA ALA F 275 8.53 -15.85 -16.43
C ALA F 275 8.28 -15.88 -17.94
N GLY F 276 7.40 -15.01 -18.43
CA GLY F 276 7.05 -15.04 -19.84
C GLY F 276 7.35 -13.75 -20.58
N THR F 277 7.63 -13.87 -21.88
CA THR F 277 7.92 -12.70 -22.70
C THR F 277 6.67 -11.82 -22.78
N LEU F 278 6.87 -10.51 -22.69
CA LEU F 278 5.76 -9.58 -22.54
C LEU F 278 5.50 -8.87 -23.87
N MET F 279 4.46 -9.27 -24.58
CA MET F 279 4.12 -8.62 -25.84
C MET F 279 3.72 -7.17 -25.60
N ASN F 280 4.07 -6.32 -26.55
CA ASN F 280 3.78 -4.89 -26.41
C ASN F 280 2.28 -4.63 -26.47
N GLY F 281 1.84 -3.55 -25.84
CA GLY F 281 0.44 -3.22 -25.77
C GLY F 281 -0.37 -4.08 -24.84
N GLU F 282 0.23 -5.07 -24.19
CA GLU F 282 -0.50 -5.98 -23.32
C GLU F 282 -0.89 -5.29 -22.03
N ILE F 283 -2.11 -5.54 -21.57
CA ILE F 283 -2.56 -4.99 -20.30
C ILE F 283 -3.01 -6.09 -19.34
N GLY F 284 -3.37 -7.26 -19.86
CA GLY F 284 -3.82 -8.37 -19.04
C GLY F 284 -4.16 -9.60 -19.85
N THR F 285 -4.93 -10.50 -19.26
CA THR F 285 -5.31 -11.74 -19.94
C THR F 285 -6.49 -12.37 -19.21
N ILE F 286 -7.47 -12.84 -19.98
CA ILE F 286 -8.64 -13.51 -19.45
C ILE F 286 -8.77 -14.87 -20.13
N ASP F 287 -8.84 -15.93 -19.32
CA ASP F 287 -9.14 -17.28 -19.79
C ASP F 287 -8.03 -17.65 -20.76
N LYS F 288 -8.29 -17.87 -22.06
CA LYS F 288 -7.28 -18.31 -23.00
C LYS F 288 -6.81 -17.19 -23.91
N PHE F 289 -7.08 -15.94 -23.54
CA PHE F 289 -6.87 -14.79 -24.43
C PHE F 289 -5.87 -13.83 -23.79
N ARG F 290 -4.83 -13.48 -24.54
CA ARG F 290 -3.91 -12.43 -24.11
C ARG F 290 -4.38 -11.09 -24.66
N ILE F 291 -4.66 -10.15 -23.77
CA ILE F 291 -5.37 -8.92 -24.14
C ILE F 291 -4.37 -7.83 -24.46
N ILE F 292 -4.59 -7.14 -25.57
CA ILE F 292 -3.76 -6.02 -26.02
C ILE F 292 -4.67 -4.80 -26.16
N GLN F 293 -4.28 -3.68 -25.57
CA GLN F 293 -5.05 -2.46 -25.70
C GLN F 293 -4.50 -1.63 -26.86
N VAL F 294 -5.29 -1.50 -27.92
CA VAL F 294 -4.93 -0.69 -29.08
C VAL F 294 -5.51 0.71 -28.85
N PRO F 295 -4.67 1.75 -28.74
CA PRO F 295 -5.20 3.08 -28.41
C PRO F 295 -6.22 3.58 -29.41
N GLU F 296 -5.94 3.37 -30.70
CA GLU F 296 -6.84 3.81 -31.76
C GLU F 296 -7.75 2.67 -32.22
N MET F 297 -8.49 2.12 -31.26
CA MET F 297 -9.41 1.03 -31.52
C MET F 297 -10.78 1.61 -31.86
N LEU F 298 -11.21 1.41 -33.09
CA LEU F 298 -12.45 2.00 -33.58
C LEU F 298 -13.65 1.36 -32.90
N HIS F 299 -14.81 1.99 -33.08
CA HIS F 299 -16.02 1.57 -32.39
C HIS F 299 -17.22 2.13 -33.14
N TRP F 300 -18.39 1.61 -32.78
CA TRP F 300 -19.65 1.99 -33.41
C TRP F 300 -20.38 2.98 -32.50
N ALA F 301 -20.79 4.11 -33.05
CA ALA F 301 -21.50 5.10 -32.28
C ALA F 301 -22.98 5.09 -32.62
N GLY F 302 -23.81 4.99 -31.58
CA GLY F 302 -25.24 5.00 -31.76
C GLY F 302 -25.77 3.88 -32.62
N ALA F 303 -25.40 2.64 -32.30
CA ALA F 303 -25.87 1.50 -33.08
C ALA F 303 -26.64 0.49 -32.24
N GLY F 304 -26.83 0.73 -30.94
CA GLY F 304 -27.57 -0.19 -30.11
C GLY F 304 -29.06 0.11 -30.05
N ALA F 305 -29.63 0.09 -28.86
CA ALA F 305 -31.05 0.39 -28.65
C ALA F 305 -31.19 1.79 -28.08
N ALA F 306 -32.45 2.17 -27.82
CA ALA F 306 -32.72 3.47 -27.24
C ALA F 306 -32.22 3.53 -25.80
N ALA F 307 -31.74 4.70 -25.40
CA ALA F 307 -31.19 4.90 -24.05
C ALA F 307 -32.19 5.68 -23.23
N THR F 308 -33.04 4.95 -22.51
CA THR F 308 -33.99 5.60 -21.61
C THR F 308 -33.25 6.20 -20.42
N ASP F 309 -34.00 6.94 -19.60
CA ASP F 309 -33.42 7.57 -18.42
C ASP F 309 -32.97 6.56 -17.38
N ALA F 310 -33.42 5.31 -17.50
CA ALA F 310 -33.03 4.27 -16.55
C ALA F 310 -31.65 3.68 -16.84
N ASN F 311 -30.84 4.35 -17.64
CA ASN F 311 -29.54 3.86 -18.07
C ASN F 311 -28.52 3.88 -16.91
N PRO F 312 -27.92 2.74 -16.55
CA PRO F 312 -26.92 2.75 -15.47
C PRO F 312 -25.54 3.15 -15.99
N GLY F 313 -25.34 4.41 -16.33
CA GLY F 313 -24.05 4.78 -16.87
C GLY F 313 -23.88 4.33 -18.31
N TYR F 314 -22.73 3.72 -18.61
CA TYR F 314 -22.41 3.23 -19.95
C TYR F 314 -22.32 4.38 -20.95
N ARG F 315 -21.78 4.09 -22.14
CA ARG F 315 -21.50 5.13 -23.12
C ARG F 315 -22.57 5.10 -24.20
N THR F 316 -23.16 6.26 -24.48
CA THR F 316 -24.25 6.40 -25.44
C THR F 316 -23.96 7.57 -26.35
N SER F 317 -24.45 7.49 -27.59
CA SER F 317 -24.32 8.54 -28.59
C SER F 317 -25.70 8.86 -29.15
N THR F 318 -25.77 9.84 -30.05
CA THR F 318 -27.04 10.32 -30.59
C THR F 318 -27.07 10.08 -32.09
N VAL F 319 -28.14 9.44 -32.56
CA VAL F 319 -28.28 9.12 -33.98
C VAL F 319 -29.15 10.16 -34.66
N ASN F 320 -30.42 10.25 -34.26
CA ASN F 320 -31.38 11.17 -34.87
C ASN F 320 -32.17 11.87 -33.76
N GLY F 321 -31.45 12.33 -32.73
CA GLY F 321 -32.08 12.98 -31.61
C GLY F 321 -32.51 12.06 -30.48
N THR F 322 -32.22 10.78 -30.57
CA THR F 322 -32.51 9.83 -29.50
C THR F 322 -31.22 9.13 -29.11
N GLU F 323 -30.95 9.08 -27.81
CA GLU F 323 -29.71 8.49 -27.33
C GLU F 323 -29.67 7.00 -27.63
N HIS F 324 -28.58 6.54 -28.23
CA HIS F 324 -28.35 5.14 -28.52
C HIS F 324 -27.03 4.71 -27.91
N TYR F 325 -26.96 3.46 -27.46
CA TYR F 325 -25.74 2.96 -26.83
C TYR F 325 -24.63 2.81 -27.87
N ASP F 326 -23.41 2.64 -27.36
CA ASP F 326 -22.22 2.49 -28.19
C ASP F 326 -21.81 1.03 -28.20
N VAL F 327 -21.60 0.47 -29.39
CA VAL F 327 -21.28 -0.94 -29.54
C VAL F 327 -19.77 -1.06 -29.69
N TYR F 328 -19.07 -1.27 -28.58
CA TYR F 328 -17.62 -1.34 -28.67
C TYR F 328 -17.18 -2.76 -29.04
N PRO F 329 -16.16 -2.88 -29.90
CA PRO F 329 -15.80 -4.19 -30.43
C PRO F 329 -14.69 -4.88 -29.65
N VAL F 330 -14.50 -6.16 -29.95
CA VAL F 330 -13.39 -6.96 -29.43
C VAL F 330 -12.95 -7.90 -30.54
N LEU F 331 -11.72 -7.73 -31.03
CA LEU F 331 -11.27 -8.42 -32.22
C LEU F 331 -10.12 -9.37 -31.92
N VAL F 332 -10.14 -10.52 -32.59
CA VAL F 332 -9.05 -11.49 -32.52
C VAL F 332 -8.76 -12.04 -33.92
N VAL F 333 -7.62 -11.66 -34.49
CA VAL F 333 -7.28 -12.08 -35.84
C VAL F 333 -6.39 -13.31 -35.77
N GLY F 334 -6.71 -14.33 -36.58
CA GLY F 334 -5.93 -15.54 -36.60
C GLY F 334 -4.74 -15.46 -37.54
N ASP F 335 -3.86 -16.45 -37.42
CA ASP F 335 -2.68 -16.49 -38.27
C ASP F 335 -3.08 -16.88 -39.69
N ASP F 336 -2.43 -16.22 -40.66
CA ASP F 336 -2.68 -16.46 -42.07
C ASP F 336 -4.17 -16.36 -42.40
N SER F 337 -4.79 -15.24 -42.04
CA SER F 337 -6.21 -15.04 -42.28
C SER F 337 -6.50 -14.08 -43.42
N PHE F 338 -5.58 -13.16 -43.73
CA PHE F 338 -5.83 -12.18 -44.77
C PHE F 338 -4.49 -11.62 -45.25
N THR F 339 -4.51 -11.09 -46.48
CA THR F 339 -3.35 -10.44 -47.07
C THR F 339 -3.79 -9.12 -47.67
N THR F 340 -2.96 -8.08 -47.52
CA THR F 340 -3.27 -6.77 -48.06
C THR F 340 -2.73 -6.67 -49.47
N ILE F 341 -3.62 -6.51 -50.45
CA ILE F 341 -3.22 -6.48 -51.85
C ILE F 341 -2.49 -5.17 -52.14
N GLY F 342 -1.35 -5.25 -52.80
CA GLY F 342 -0.59 -4.07 -53.16
C GLY F 342 -0.50 -3.85 -54.64
N PHE F 343 -0.99 -2.70 -55.11
CA PHE F 343 -0.96 -2.36 -56.52
C PHE F 343 0.21 -1.42 -56.80
N GLN F 344 1.13 -1.86 -57.66
CA GLN F 344 2.31 -1.07 -58.03
C GLN F 344 3.08 -0.62 -56.80
N THR F 345 3.17 -1.51 -55.81
CA THR F 345 3.99 -1.27 -54.64
C THR F 345 5.35 -1.93 -54.79
N ASP F 346 6.31 -1.45 -54.00
CA ASP F 346 7.66 -1.98 -54.02
C ASP F 346 7.81 -3.24 -53.18
N GLY F 347 6.70 -3.90 -52.84
CA GLY F 347 6.70 -5.05 -51.96
C GLY F 347 6.14 -4.76 -50.58
N LYS F 348 6.10 -3.50 -50.16
CA LYS F 348 5.46 -3.12 -48.92
C LYS F 348 3.95 -3.07 -49.11
N SER F 349 3.23 -2.80 -48.02
CA SER F 349 1.77 -2.82 -48.05
C SER F 349 1.20 -1.71 -48.92
N VAL F 350 1.46 -0.45 -48.56
CA VAL F 350 0.91 0.70 -49.25
C VAL F 350 2.05 1.66 -49.59
N LYS F 351 2.04 2.16 -50.81
CA LYS F 351 3.05 3.11 -51.27
C LYS F 351 2.38 4.48 -51.46
N PHE F 352 2.90 5.49 -50.79
CA PHE F 352 2.39 6.85 -50.94
C PHE F 352 3.10 7.55 -52.09
N ASN F 353 2.37 8.45 -52.74
CA ASN F 353 2.90 9.23 -53.85
C ASN F 353 2.65 10.70 -53.55
N VAL F 354 3.72 11.42 -53.19
CA VAL F 354 3.63 12.84 -52.89
C VAL F 354 4.09 13.62 -54.12
N MET F 355 3.20 14.46 -54.65
CA MET F 355 3.50 15.33 -55.78
C MET F 355 3.39 16.76 -55.29
N THR F 356 4.46 17.53 -55.50
CA THR F 356 4.56 18.88 -54.97
C THR F 356 5.07 19.82 -56.05
N LYS F 357 4.38 20.94 -56.24
CA LYS F 357 4.80 21.99 -57.15
C LYS F 357 4.96 23.28 -56.37
N MET F 358 6.13 23.86 -56.42
CA MET F 358 6.35 25.09 -55.69
C MET F 358 5.79 26.27 -56.46
N PRO F 359 5.34 27.32 -55.75
CA PRO F 359 4.88 28.53 -56.44
C PRO F 359 6.01 29.13 -57.26
N GLY F 360 5.65 29.64 -58.45
CA GLY F 360 6.66 30.16 -59.36
C GLY F 360 6.48 29.69 -60.79
N LYS F 361 7.48 29.01 -61.31
CA LYS F 361 7.47 28.58 -62.71
C LYS F 361 6.39 27.55 -63.01
N GLU F 362 6.30 26.51 -62.17
CA GLU F 362 5.43 25.38 -62.46
C GLU F 362 3.96 25.77 -62.50
N THR F 363 3.47 26.43 -61.45
CA THR F 363 2.04 26.73 -61.33
C THR F 363 1.79 28.16 -61.79
N ALA F 364 1.69 28.33 -63.10
CA ALA F 364 1.36 29.62 -63.70
C ALA F 364 0.62 29.37 -65.00
N ASP F 365 -0.70 29.44 -64.97
CA ASP F 365 -1.55 29.27 -66.12
C ASP F 365 -2.23 30.60 -66.43
N ARG F 366 -3.19 30.56 -67.36
CA ARG F 366 -4.01 31.74 -67.63
C ARG F 366 -4.65 32.23 -66.34
N ASN F 367 -5.11 31.31 -65.49
CA ASN F 367 -5.83 31.65 -64.28
C ASN F 367 -4.99 32.53 -63.36
N ASP F 368 -3.70 32.20 -63.22
CA ASP F 368 -2.80 33.02 -62.42
C ASP F 368 -1.55 33.34 -63.22
N PRO F 369 -1.48 34.47 -63.89
CA PRO F 369 -0.26 34.81 -64.63
C PRO F 369 0.97 34.97 -63.73
N TYR F 370 0.79 35.63 -62.59
CA TYR F 370 1.91 35.84 -61.68
C TYR F 370 2.38 34.53 -61.07
N GLY F 371 1.44 33.64 -60.73
CA GLY F 371 1.82 32.30 -60.33
C GLY F 371 2.33 32.16 -58.91
N GLU F 372 1.47 32.38 -57.92
CA GLU F 372 1.85 32.29 -56.52
C GLU F 372 0.94 31.33 -55.75
N THR F 373 0.72 30.14 -56.31
CA THR F 373 -0.12 29.14 -55.65
C THR F 373 0.51 27.77 -55.85
N GLY F 374 0.85 27.11 -54.74
CA GLY F 374 1.37 25.76 -54.76
C GLY F 374 0.46 24.79 -54.03
N PHE F 375 0.93 23.54 -53.95
CA PHE F 375 0.17 22.48 -53.28
C PHE F 375 1.08 21.30 -53.00
N SER F 376 0.48 20.23 -52.47
CA SER F 376 1.17 18.96 -52.27
C SER F 376 0.09 17.90 -52.05
N SER F 377 0.09 16.87 -52.88
CA SER F 377 -0.94 15.85 -52.87
C SER F 377 -0.33 14.49 -52.56
N ILE F 378 -0.95 13.75 -51.65
CA ILE F 378 -0.54 12.40 -51.30
C ILE F 378 -1.67 11.45 -51.65
N LYS F 379 -1.33 10.33 -52.31
CA LYS F 379 -2.32 9.35 -52.71
C LYS F 379 -1.71 7.97 -52.70
N TRP F 380 -2.50 6.96 -52.33
CA TRP F 380 -2.02 5.60 -52.23
C TRP F 380 -3.14 4.65 -52.64
N TYR F 381 -2.87 3.35 -52.50
CA TYR F 381 -3.78 2.30 -52.96
C TYR F 381 -3.84 1.22 -51.90
N TYR F 382 -5.04 0.92 -51.40
CA TYR F 382 -5.22 -0.05 -50.34
C TYR F 382 -6.31 -1.05 -50.71
N GLY F 383 -6.10 -2.30 -50.32
CA GLY F 383 -7.09 -3.35 -50.51
C GLY F 383 -6.81 -4.51 -49.59
N ILE F 384 -7.83 -5.34 -49.37
CA ILE F 384 -7.74 -6.45 -48.44
C ILE F 384 -8.32 -7.70 -49.10
N LEU F 385 -7.88 -8.86 -48.65
CA LEU F 385 -8.35 -10.16 -49.14
C LEU F 385 -8.43 -11.12 -47.96
N VAL F 386 -9.65 -11.39 -47.50
CA VAL F 386 -9.85 -12.33 -46.41
C VAL F 386 -9.72 -13.75 -46.94
N LYS F 387 -8.56 -14.37 -46.71
CA LYS F 387 -8.33 -15.73 -47.21
C LYS F 387 -9.18 -16.73 -46.44
N ARG F 388 -9.19 -16.65 -45.11
CA ARG F 388 -9.98 -17.53 -44.25
C ARG F 388 -10.78 -16.66 -43.29
N PRO F 389 -11.98 -16.23 -43.67
CA PRO F 389 -12.81 -15.40 -42.80
C PRO F 389 -13.51 -16.21 -41.71
N GLU F 390 -12.75 -17.07 -41.05
CA GLU F 390 -13.20 -17.82 -39.89
C GLU F 390 -12.30 -17.67 -38.68
N ARG F 391 -11.08 -17.21 -38.87
CA ARG F 391 -10.14 -16.95 -37.79
C ARG F 391 -10.18 -15.51 -37.31
N ILE F 392 -11.07 -14.69 -37.86
CA ILE F 392 -11.22 -13.29 -37.46
C ILE F 392 -12.56 -13.20 -36.75
N ALA F 393 -12.54 -13.05 -35.43
CA ALA F 393 -13.75 -13.06 -34.63
C ALA F 393 -13.92 -11.72 -33.92
N VAL F 394 -15.14 -11.20 -33.94
CA VAL F 394 -15.46 -9.92 -33.31
C VAL F 394 -16.56 -10.17 -32.29
N MET F 395 -16.32 -9.77 -31.05
CA MET F 395 -17.30 -9.85 -29.98
C MET F 395 -17.68 -8.42 -29.56
N LYS F 396 -18.96 -8.12 -29.58
CA LYS F 396 -19.44 -6.75 -29.38
C LYS F 396 -20.19 -6.62 -28.07
N ALA F 397 -20.03 -5.47 -27.42
CA ALA F 397 -20.72 -5.16 -26.18
C ALA F 397 -20.72 -3.65 -26.00
N VAL F 398 -21.26 -3.19 -24.88
CA VAL F 398 -21.20 -1.80 -24.51
C VAL F 398 -20.09 -1.61 -23.49
N ALA F 399 -19.70 -0.36 -23.27
CA ALA F 399 -18.64 -0.03 -22.33
C ALA F 399 -19.11 1.02 -21.34
N PRO F 400 -18.54 1.04 -20.14
CA PRO F 400 -18.93 2.07 -19.16
C PRO F 400 -18.39 3.44 -19.55
N LEU F 401 -18.79 4.44 -18.77
CA LEU F 401 -18.35 5.80 -18.99
C LEU F 401 -16.86 5.96 -18.68
N MET G 1 -14.82 11.13 -70.74
CA MET G 1 -13.43 10.69 -70.82
C MET G 1 -13.30 9.21 -70.51
N LEU G 2 -12.36 8.55 -71.18
CA LEU G 2 -12.15 7.12 -71.00
C LEU G 2 -11.74 6.82 -69.57
N ASN G 3 -12.62 6.17 -68.81
CA ASN G 3 -12.35 5.84 -67.41
C ASN G 3 -12.74 4.39 -67.13
N TYR G 4 -12.08 3.81 -66.14
CA TYR G 4 -12.23 2.39 -65.82
C TYR G 4 -13.26 2.21 -64.70
N ASN G 5 -14.52 2.43 -65.07
CA ASN G 5 -15.62 2.13 -64.16
C ASN G 5 -15.65 0.64 -63.88
N ALA G 6 -15.78 0.28 -62.60
CA ALA G 6 -15.59 -1.09 -62.12
C ALA G 6 -16.42 -2.11 -62.90
N PRO G 7 -15.77 -2.96 -63.71
CA PRO G 7 -16.55 -3.95 -64.48
C PRO G 7 -16.97 -5.14 -63.65
N ILE G 8 -16.21 -5.47 -62.60
CA ILE G 8 -16.52 -6.63 -61.79
C ILE G 8 -17.81 -6.41 -61.01
N ASP G 9 -18.31 -5.18 -60.97
CA ASP G 9 -19.54 -4.88 -60.26
C ASP G 9 -20.57 -4.25 -61.18
N GLY G 10 -20.69 -4.75 -62.40
CA GLY G 10 -21.71 -4.28 -63.31
C GLY G 10 -21.28 -3.18 -64.25
N GLN G 11 -20.87 -2.04 -63.70
CA GLN G 11 -20.53 -0.85 -64.50
C GLN G 11 -19.47 -1.17 -65.55
N LYS G 12 -19.84 -1.09 -66.82
CA LYS G 12 -18.94 -1.46 -67.90
C LYS G 12 -17.89 -0.39 -68.11
N SER G 13 -16.70 -0.82 -68.51
CA SER G 13 -15.64 0.12 -68.84
C SER G 13 -16.05 0.98 -70.02
N SER G 14 -15.58 2.23 -70.02
CA SER G 14 -16.06 3.21 -71.00
C SER G 14 -15.69 2.81 -72.43
N ILE G 15 -14.49 2.28 -72.63
CA ILE G 15 -14.03 2.00 -73.98
C ILE G 15 -14.81 0.84 -74.59
N ASP G 16 -15.19 -0.14 -73.77
CA ASP G 16 -15.91 -1.29 -74.29
C ASP G 16 -17.37 -0.96 -74.51
N GLY G 17 -17.90 -1.35 -75.66
CA GLY G 17 -19.27 -1.04 -76.02
C GLY G 17 -20.24 -2.17 -75.70
N ALA G 18 -21.22 -2.37 -76.56
CA ALA G 18 -22.24 -3.37 -76.32
C ALA G 18 -21.66 -4.78 -76.43
N GLY G 19 -21.95 -5.61 -75.43
CA GLY G 19 -21.54 -7.00 -75.47
C GLY G 19 -20.05 -7.24 -75.41
N SER G 20 -19.34 -6.53 -74.55
CA SER G 20 -17.90 -6.76 -74.39
C SER G 20 -17.43 -6.10 -73.10
N ASP G 21 -16.65 -6.84 -72.31
CA ASP G 21 -16.01 -6.33 -71.12
C ASP G 21 -14.54 -6.67 -71.16
N GLN G 22 -13.75 -5.99 -70.34
CA GLN G 22 -12.32 -6.26 -70.23
C GLN G 22 -12.11 -7.74 -69.93
N MET G 23 -11.31 -8.40 -70.78
CA MET G 23 -11.16 -9.84 -70.73
C MET G 23 -10.69 -10.33 -69.37
N ASN G 24 -9.57 -9.78 -68.90
CA ASN G 24 -9.05 -10.14 -67.59
C ASN G 24 -9.55 -9.14 -66.56
N THR G 25 -10.50 -9.55 -65.73
CA THR G 25 -11.13 -8.68 -64.76
C THR G 25 -10.70 -9.02 -63.34
N PHE G 26 -9.82 -10.02 -63.21
CA PHE G 26 -9.25 -10.38 -61.92
C PHE G 26 -7.96 -11.16 -62.10
N TYR G 27 -7.11 -11.17 -61.08
CA TYR G 27 -5.93 -12.02 -61.07
C TYR G 27 -6.22 -13.19 -60.15
N TRP G 28 -6.18 -14.39 -60.70
CA TRP G 28 -6.45 -15.61 -59.93
C TRP G 28 -5.17 -16.01 -59.20
N LEU G 29 -5.24 -16.07 -57.88
CA LEU G 29 -4.11 -16.52 -57.06
C LEU G 29 -4.10 -18.04 -57.04
N LYS G 30 -2.96 -18.64 -57.38
CA LYS G 30 -2.86 -20.09 -57.46
C LYS G 30 -2.40 -20.68 -56.13
N LYS G 31 -2.70 -19.99 -55.04
CA LYS G 31 -2.33 -20.50 -53.72
C LYS G 31 -3.08 -21.77 -53.36
N ALA G 32 -4.34 -21.88 -53.76
CA ALA G 32 -5.16 -23.07 -53.54
C ALA G 32 -5.25 -23.41 -52.05
N ILE G 33 -5.92 -22.51 -51.33
CA ILE G 33 -6.20 -22.68 -49.91
C ILE G 33 -6.82 -24.06 -49.67
N ILE G 34 -6.19 -24.86 -48.82
CA ILE G 34 -6.65 -26.21 -48.54
C ILE G 34 -6.67 -26.45 -47.05
N GLN G 35 -7.38 -27.49 -46.64
CA GLN G 35 -7.54 -27.85 -45.24
C GLN G 35 -6.71 -29.10 -44.94
N ALA G 36 -6.22 -29.15 -43.70
CA ALA G 36 -5.36 -30.25 -43.26
C ALA G 36 -6.21 -31.45 -42.86
N ARG G 37 -5.58 -32.48 -42.32
CA ARG G 37 -6.28 -33.67 -41.87
C ARG G 37 -6.72 -33.51 -40.41
N LYS G 38 -7.80 -34.20 -40.06
CA LYS G 38 -8.20 -34.26 -38.66
C LYS G 38 -7.28 -35.19 -37.89
N ASP G 39 -7.19 -34.99 -36.59
CA ASP G 39 -6.19 -35.66 -35.78
C ASP G 39 -6.73 -36.97 -35.22
N GLN G 40 -5.80 -37.88 -34.91
CA GLN G 40 -6.12 -39.21 -34.41
C GLN G 40 -5.66 -39.30 -32.96
N TYR G 41 -6.59 -39.59 -32.06
CA TYR G 41 -6.28 -39.75 -30.63
C TYR G 41 -6.62 -41.15 -30.13
N PHE G 42 -7.08 -42.04 -31.01
CA PHE G 42 -7.40 -43.41 -30.63
C PHE G 42 -6.79 -44.48 -31.52
N MET G 43 -6.39 -44.16 -32.74
CA MET G 43 -5.74 -45.13 -33.60
C MET G 43 -4.27 -45.35 -33.22
N PRO G 44 -3.51 -44.32 -32.83
CA PRO G 44 -2.14 -44.58 -32.36
C PRO G 44 -2.05 -45.57 -31.21
N LEU G 45 -3.02 -45.55 -30.29
CA LEU G 45 -2.99 -46.43 -29.12
C LEU G 45 -3.73 -47.73 -29.43
N ALA G 46 -3.35 -48.34 -30.55
CA ALA G 46 -3.98 -49.58 -30.97
C ALA G 46 -2.90 -50.56 -31.43
N SER G 47 -2.91 -51.75 -30.84
CA SER G 47 -2.00 -52.80 -31.25
C SER G 47 -2.53 -53.51 -32.49
N VAL G 48 -1.79 -54.50 -32.97
CA VAL G 48 -2.12 -55.23 -34.18
C VAL G 48 -1.76 -56.69 -34.00
N THR G 49 -2.73 -57.57 -34.22
CA THR G 49 -2.48 -59.01 -34.24
C THR G 49 -2.79 -59.53 -35.65
N ASN G 50 -1.78 -60.11 -36.30
CA ASN G 50 -1.90 -60.48 -37.70
C ASN G 50 -2.88 -61.64 -37.89
N MET G 51 -3.70 -61.55 -38.92
CA MET G 51 -4.62 -62.61 -39.29
C MET G 51 -4.20 -63.23 -40.62
N PRO G 52 -3.78 -64.52 -40.63
CA PRO G 52 -3.28 -65.12 -41.85
C PRO G 52 -4.39 -65.43 -42.82
N LYS G 53 -4.03 -65.66 -44.08
CA LYS G 53 -5.06 -65.92 -45.12
C LYS G 53 -5.51 -67.38 -45.02
N ASN G 54 -6.48 -67.79 -45.84
CA ASN G 54 -7.01 -69.17 -45.77
C ASN G 54 -7.09 -69.57 -44.29
N MET G 55 -7.70 -68.73 -43.45
CA MET G 55 -7.81 -69.03 -41.99
C MET G 55 -9.07 -68.37 -41.42
N GLY G 56 -10.05 -68.03 -42.26
CA GLY G 56 -11.31 -67.51 -41.76
C GLY G 56 -11.30 -66.01 -41.61
N LYS G 57 -12.42 -65.50 -41.10
CA LYS G 57 -12.57 -64.07 -40.85
C LYS G 57 -12.94 -63.79 -39.39
N THR G 58 -12.29 -64.49 -38.46
CA THR G 58 -12.47 -64.21 -37.05
C THR G 58 -11.31 -64.80 -36.27
N ILE G 59 -11.01 -64.22 -35.12
CA ILE G 59 -9.90 -64.64 -34.26
C ILE G 59 -10.44 -64.90 -32.87
N LYS G 60 -10.03 -66.02 -32.27
CA LYS G 60 -10.54 -66.44 -30.97
C LYS G 60 -9.36 -66.69 -30.02
N VAL G 61 -9.55 -66.33 -28.75
CA VAL G 61 -8.52 -66.50 -27.73
C VAL G 61 -9.07 -67.34 -26.59
N TYR G 62 -8.27 -67.56 -25.56
CA TYR G 62 -8.71 -68.23 -24.35
C TYR G 62 -8.51 -67.32 -23.15
N GLU G 63 -9.48 -67.32 -22.25
CA GLU G 63 -9.38 -66.60 -20.98
C GLU G 63 -9.45 -67.62 -19.85
N TYR G 64 -8.38 -67.73 -19.09
CA TYR G 64 -8.28 -68.75 -18.05
C TYR G 64 -8.73 -68.14 -16.73
N VAL G 65 -10.00 -68.38 -16.40
CA VAL G 65 -10.61 -67.84 -15.19
C VAL G 65 -9.90 -68.39 -13.97
N PRO G 66 -9.51 -67.56 -13.01
CA PRO G 66 -8.83 -68.07 -11.82
C PRO G 66 -9.74 -68.95 -10.99
N LEU G 67 -9.15 -69.59 -9.98
CA LEU G 67 -9.89 -70.55 -9.16
C LEU G 67 -11.01 -69.86 -8.39
N LEU G 68 -10.66 -68.90 -7.54
CA LEU G 68 -11.65 -68.25 -6.69
C LEU G 68 -12.38 -67.11 -7.39
N ASP G 69 -12.99 -67.38 -8.54
CA ASP G 69 -13.77 -66.39 -9.26
C ASP G 69 -15.22 -66.85 -9.36
N ASP G 70 -16.13 -65.90 -9.39
CA ASP G 70 -17.55 -66.18 -9.50
C ASP G 70 -17.95 -66.63 -10.91
N ARG G 71 -16.98 -66.85 -11.78
CA ARG G 71 -17.24 -67.38 -13.12
C ARG G 71 -16.61 -68.76 -13.32
N ASN G 72 -15.99 -69.32 -12.30
CA ASN G 72 -15.36 -70.63 -12.36
C ASN G 72 -16.35 -71.72 -11.95
N ILE G 73 -17.40 -71.92 -12.73
CA ILE G 73 -18.42 -72.91 -12.41
C ILE G 73 -18.01 -74.26 -12.97
N ASN G 74 -18.09 -75.30 -12.14
CA ASN G 74 -17.71 -76.64 -12.58
C ASN G 74 -18.44 -77.67 -11.73
N ASP G 75 -18.68 -78.83 -12.33
CA ASP G 75 -19.33 -79.92 -11.61
C ASP G 75 -18.39 -80.53 -10.58
N GLN G 76 -17.09 -80.62 -10.91
CA GLN G 76 -16.11 -81.18 -9.99
C GLN G 76 -16.01 -80.34 -8.72
N GLY G 77 -16.49 -80.89 -7.62
CA GLY G 77 -16.41 -80.18 -6.35
C GLY G 77 -16.77 -81.07 -5.18
N ILE G 78 -15.93 -81.06 -4.14
CA ILE G 78 -16.11 -81.90 -2.97
C ILE G 78 -15.90 -81.03 -1.73
N ASP G 79 -16.77 -81.21 -0.74
CA ASP G 79 -16.71 -80.40 0.48
C ASP G 79 -15.62 -80.91 1.41
N ALA G 80 -15.60 -80.42 2.64
CA ALA G 80 -14.66 -80.87 3.65
C ALA G 80 -15.11 -82.15 4.33
N ASN G 81 -16.21 -82.75 3.88
CA ASN G 81 -16.72 -83.99 4.46
C ASN G 81 -16.95 -85.06 3.41
N GLY G 82 -16.47 -84.87 2.18
CA GLY G 82 -16.68 -85.82 1.12
C GLY G 82 -17.95 -85.64 0.31
N ALA G 83 -18.79 -84.68 0.68
CA ALA G 83 -20.02 -84.44 -0.07
C ALA G 83 -19.70 -83.82 -1.43
N HIS G 84 -20.67 -83.91 -2.33
CA HIS G 84 -20.52 -83.37 -3.68
C HIS G 84 -21.27 -82.05 -3.77
N ILE G 85 -20.61 -80.98 -3.33
CA ILE G 85 -21.21 -79.66 -3.40
C ILE G 85 -21.27 -79.19 -4.85
N VAL G 86 -22.29 -78.40 -5.17
CA VAL G 86 -22.55 -78.02 -6.55
C VAL G 86 -21.40 -77.21 -7.12
N ASN G 87 -21.12 -76.06 -6.52
CA ASN G 87 -20.03 -75.22 -6.99
C ASN G 87 -18.69 -75.89 -6.70
N GLY G 88 -17.67 -75.47 -7.46
CA GLY G 88 -16.35 -76.02 -7.27
C GLY G 88 -15.28 -74.95 -7.16
N ASN G 89 -15.70 -73.70 -6.91
CA ASN G 89 -14.78 -72.58 -6.77
C ASN G 89 -14.60 -72.15 -5.33
N LEU G 90 -14.69 -73.10 -4.39
CA LEU G 90 -14.65 -72.81 -2.96
C LEU G 90 -15.70 -71.77 -2.59
N TYR G 91 -15.29 -70.51 -2.44
CA TYR G 91 -16.22 -69.43 -2.13
C TYR G 91 -16.28 -68.38 -3.23
N GLY G 92 -15.54 -68.55 -4.31
CA GLY G 92 -15.62 -67.62 -5.42
C GLY G 92 -15.12 -66.23 -5.04
N SER G 93 -15.61 -65.24 -5.77
CA SER G 93 -15.26 -63.84 -5.51
C SER G 93 -16.20 -63.23 -4.47
N SER G 94 -16.33 -63.89 -3.33
CA SER G 94 -17.22 -63.45 -2.27
C SER G 94 -16.37 -62.90 -1.13
N LYS G 95 -16.52 -61.61 -0.87
CA LYS G 95 -15.82 -60.96 0.24
C LYS G 95 -16.66 -60.93 1.51
N ASP G 96 -17.60 -61.85 1.63
CA ASP G 96 -18.41 -62.00 2.83
C ASP G 96 -17.71 -62.95 3.80
N ILE G 97 -17.75 -62.61 5.09
CA ILE G 97 -17.06 -63.41 6.09
C ILE G 97 -17.74 -64.76 6.29
N GLY G 98 -19.07 -64.78 6.29
CA GLY G 98 -19.79 -66.02 6.49
C GLY G 98 -19.52 -67.05 5.43
N THR G 99 -19.54 -66.64 4.16
CA THR G 99 -19.28 -67.55 3.06
C THR G 99 -17.87 -68.13 3.15
N ILE G 100 -16.88 -67.27 3.40
CA ILE G 100 -15.49 -67.73 3.49
C ILE G 100 -15.33 -68.70 4.65
N THR G 101 -15.91 -68.37 5.81
CA THR G 101 -15.79 -69.24 6.97
C THR G 101 -16.43 -70.60 6.71
N SER G 102 -17.60 -70.60 6.06
CA SER G 102 -18.31 -71.85 5.83
C SER G 102 -17.62 -72.72 4.79
N LYS G 103 -17.01 -72.12 3.77
CA LYS G 103 -16.43 -72.87 2.67
C LYS G 103 -14.91 -72.98 2.76
N LEU G 104 -14.33 -72.86 3.94
CA LEU G 104 -12.90 -73.03 4.07
C LEU G 104 -12.52 -74.49 3.77
N PRO G 105 -11.34 -74.74 3.23
CA PRO G 105 -10.93 -76.11 2.90
C PRO G 105 -10.29 -76.81 4.10
N LEU G 106 -11.06 -76.95 5.18
CA LEU G 106 -10.58 -77.66 6.35
C LEU G 106 -10.36 -79.13 6.00
N LEU G 107 -9.20 -79.65 6.36
CA LEU G 107 -8.82 -81.02 6.02
C LEU G 107 -8.27 -81.69 7.27
N THR G 108 -8.89 -82.80 7.67
CA THR G 108 -8.55 -83.47 8.90
C THR G 108 -7.16 -84.11 8.82
N GLU G 109 -6.71 -84.63 9.96
CA GLU G 109 -5.37 -85.20 10.03
C GLU G 109 -5.26 -86.50 9.25
N ASN G 110 -6.35 -87.27 9.19
CA ASN G 110 -6.37 -88.45 8.34
C ASN G 110 -7.03 -88.08 7.01
N GLY G 111 -6.44 -87.12 6.31
CA GLY G 111 -7.02 -86.58 5.10
C GLY G 111 -7.30 -87.61 4.03
N GLY G 112 -8.51 -87.58 3.48
CA GLY G 112 -8.90 -88.53 2.46
C GLY G 112 -9.18 -87.89 1.13
N ARG G 113 -10.46 -87.86 0.74
CA ARG G 113 -10.90 -87.37 -0.56
C ARG G 113 -11.80 -86.14 -0.41
N VAL G 114 -11.41 -85.20 0.44
CA VAL G 114 -12.17 -84.00 0.67
C VAL G 114 -11.53 -82.84 -0.10
N ASN G 115 -12.27 -81.73 -0.21
CA ASN G 115 -11.77 -80.48 -0.75
C ASN G 115 -11.29 -80.59 -2.19
N ARG G 116 -12.19 -80.86 -3.14
CA ARG G 116 -11.86 -80.89 -4.55
C ARG G 116 -12.33 -79.60 -5.22
N VAL G 117 -11.52 -79.09 -6.15
CA VAL G 117 -11.79 -77.82 -6.82
C VAL G 117 -11.50 -77.97 -8.31
N GLY G 118 -12.30 -77.32 -9.14
CA GLY G 118 -12.14 -77.38 -10.58
C GLY G 118 -11.72 -76.04 -11.17
N PHE G 119 -11.68 -76.02 -12.50
CA PHE G 119 -11.16 -74.86 -13.23
C PHE G 119 -11.89 -74.74 -14.56
N THR G 120 -11.89 -73.52 -15.11
CA THR G 120 -12.57 -73.25 -16.38
C THR G 120 -11.69 -72.40 -17.28
N ARG G 121 -12.10 -72.32 -18.54
CA ARG G 121 -11.46 -71.45 -19.53
C ARG G 121 -12.56 -70.91 -20.45
N LEU G 122 -12.49 -69.61 -20.74
CA LEU G 122 -13.53 -68.94 -21.50
C LEU G 122 -12.95 -68.40 -22.80
N SER G 123 -13.60 -68.69 -23.92
CA SER G 123 -13.16 -68.16 -25.19
C SER G 123 -13.66 -66.75 -25.40
N ARG G 124 -13.08 -66.07 -26.39
CA ARG G 124 -13.50 -64.72 -26.76
C ARG G 124 -13.15 -64.48 -28.22
N GLU G 125 -14.11 -63.97 -28.98
CA GLU G 125 -14.00 -63.88 -30.43
C GLU G 125 -13.91 -62.43 -30.89
N GLY G 126 -13.78 -62.27 -32.20
CA GLY G 126 -13.67 -60.98 -32.85
C GLY G 126 -13.41 -61.15 -34.33
N SER G 127 -14.05 -60.36 -35.18
CA SER G 127 -14.07 -60.61 -36.62
C SER G 127 -13.55 -59.39 -37.38
N ILE G 128 -13.68 -59.46 -38.70
CA ILE G 128 -13.23 -58.43 -39.62
C ILE G 128 -14.40 -58.00 -40.49
N HIS G 129 -14.48 -56.71 -40.78
CA HIS G 129 -15.47 -56.17 -41.70
C HIS G 129 -14.78 -55.28 -42.73
N LYS G 130 -15.30 -55.29 -43.95
CA LYS G 130 -14.67 -54.55 -45.04
C LYS G 130 -15.30 -53.18 -45.21
N PHE G 131 -14.61 -52.33 -45.97
CA PHE G 131 -15.08 -50.99 -46.29
C PHE G 131 -14.60 -50.63 -47.69
N GLY G 132 -15.07 -49.49 -48.19
CA GLY G 132 -14.63 -49.03 -49.49
C GLY G 132 -15.54 -48.01 -50.15
N PHE G 133 -14.95 -47.06 -50.88
CA PHE G 133 -15.72 -46.05 -51.60
C PHE G 133 -14.88 -45.50 -52.74
N PHE G 134 -15.55 -44.90 -53.72
CA PHE G 134 -14.90 -44.48 -54.96
C PHE G 134 -15.55 -43.20 -55.47
N TYR G 135 -15.02 -42.69 -56.59
CA TYR G 135 -15.59 -41.47 -57.23
C TYR G 135 -15.22 -41.55 -58.71
N GLU G 136 -16.00 -40.88 -59.58
CA GLU G 136 -15.76 -40.98 -61.04
C GLU G 136 -15.49 -39.58 -61.62
N PHE G 137 -14.83 -39.48 -62.78
CA PHE G 137 -14.45 -38.13 -63.32
C PHE G 137 -14.34 -38.15 -64.85
N THR G 138 -15.12 -37.32 -65.55
CA THR G 138 -15.00 -37.31 -67.01
C THR G 138 -13.68 -36.67 -67.41
N GLN G 139 -13.21 -37.02 -68.62
CA GLN G 139 -11.95 -36.46 -69.10
C GLN G 139 -12.06 -34.95 -69.29
N GLU G 140 -13.21 -34.49 -69.82
CA GLU G 140 -13.41 -33.07 -70.00
C GLU G 140 -13.35 -32.30 -68.67
N SER G 141 -13.69 -32.96 -67.56
CA SER G 141 -13.60 -32.32 -66.26
C SER G 141 -12.16 -32.01 -65.89
N LEU G 142 -11.22 -32.89 -66.21
CA LEU G 142 -9.81 -32.68 -65.91
C LEU G 142 -9.06 -32.01 -67.06
N ASP G 143 -9.72 -31.77 -68.19
CA ASP G 143 -9.05 -31.21 -69.35
C ASP G 143 -9.48 -29.79 -69.68
N PHE G 144 -10.75 -29.45 -69.46
CA PHE G 144 -11.27 -28.11 -69.72
C PHE G 144 -11.60 -27.39 -68.42
N ASP G 145 -10.76 -27.54 -67.40
CA ASP G 145 -10.99 -26.93 -66.11
C ASP G 145 -10.01 -25.79 -65.86
N SER G 146 -10.47 -24.81 -65.09
CA SER G 146 -9.60 -23.68 -64.75
C SER G 146 -8.39 -24.14 -63.95
N ASP G 147 -8.61 -25.02 -62.99
CA ASP G 147 -7.49 -25.62 -62.26
C ASP G 147 -6.79 -26.67 -63.11
N ASP G 148 -5.52 -26.90 -62.81
CA ASP G 148 -4.72 -27.87 -63.54
C ASP G 148 -4.27 -29.05 -62.68
N GLN G 149 -4.57 -29.04 -61.39
CA GLN G 149 -4.20 -30.11 -60.48
C GLN G 149 -5.43 -30.69 -59.79
N LEU G 150 -6.54 -30.83 -60.52
CA LEU G 150 -7.77 -31.31 -59.90
C LEU G 150 -7.63 -32.76 -59.44
N LYS G 151 -6.92 -33.58 -60.22
CA LYS G 151 -6.78 -34.99 -59.86
C LYS G 151 -6.09 -35.15 -58.51
N GLU G 152 -5.00 -34.41 -58.29
CA GLU G 152 -4.30 -34.49 -57.02
C GLU G 152 -5.16 -33.93 -55.88
N HIS G 153 -5.86 -32.83 -56.15
CA HIS G 153 -6.69 -32.17 -55.14
C HIS G 153 -7.96 -32.95 -54.83
N LEU G 154 -8.28 -33.97 -55.61
CA LEU G 154 -9.31 -34.94 -55.26
C LEU G 154 -8.75 -36.20 -54.61
N SER G 155 -7.60 -36.70 -55.06
CA SER G 155 -6.99 -37.84 -54.41
C SER G 155 -6.63 -37.56 -52.96
N ARG G 156 -6.06 -36.39 -52.69
CA ARG G 156 -5.74 -36.01 -51.32
C ARG G 156 -7.00 -35.87 -50.48
N GLU G 157 -8.02 -35.18 -51.00
CA GLU G 157 -9.26 -34.97 -50.28
C GLU G 157 -10.06 -36.25 -50.10
N LEU G 158 -9.73 -37.30 -50.86
CA LEU G 158 -10.33 -38.62 -50.66
C LEU G 158 -9.57 -39.45 -49.64
N MET G 159 -8.23 -39.41 -49.68
CA MET G 159 -7.43 -40.16 -48.71
C MET G 159 -7.65 -39.64 -47.30
N ASN G 160 -7.72 -38.32 -47.14
CA ASN G 160 -8.00 -37.75 -45.84
C ASN G 160 -9.35 -38.24 -45.30
N GLY G 161 -10.35 -38.26 -46.17
CA GLY G 161 -11.66 -38.76 -45.76
C GLY G 161 -11.60 -40.22 -45.34
N ALA G 162 -10.85 -41.03 -46.07
CA ALA G 162 -10.73 -42.44 -45.72
C ALA G 162 -10.11 -42.61 -44.34
N VAL G 163 -9.05 -41.85 -44.06
CA VAL G 163 -8.40 -41.92 -42.75
C VAL G 163 -9.38 -41.52 -41.64
N GLN G 164 -10.14 -40.44 -41.89
CA GLN G 164 -11.12 -39.99 -40.90
C GLN G 164 -12.19 -41.04 -40.66
N ILE G 165 -12.63 -41.72 -41.73
CA ILE G 165 -13.62 -42.78 -41.59
C ILE G 165 -13.08 -43.92 -40.72
N THR G 166 -11.82 -44.29 -40.94
CA THR G 166 -11.23 -45.34 -40.12
C THR G 166 -11.20 -44.94 -38.66
N GLU G 167 -10.82 -43.69 -38.38
CA GLU G 167 -10.86 -43.20 -37.01
C GLU G 167 -12.25 -43.27 -36.41
N ALA G 168 -13.26 -42.86 -37.18
CA ALA G 168 -14.62 -42.84 -36.66
C ALA G 168 -15.13 -44.24 -36.35
N VAL G 169 -14.84 -45.21 -37.23
CA VAL G 169 -15.33 -46.56 -36.96
C VAL G 169 -14.60 -47.17 -35.77
N LEU G 170 -13.30 -46.87 -35.61
CA LEU G 170 -12.62 -47.33 -34.39
C LEU G 170 -13.26 -46.73 -33.15
N GLN G 171 -13.60 -45.45 -33.20
CA GLN G 171 -14.24 -44.80 -32.06
C GLN G 171 -15.59 -45.45 -31.75
N LYS G 172 -16.36 -45.75 -32.79
CA LYS G 172 -17.67 -46.38 -32.59
C LYS G 172 -17.52 -47.74 -31.95
N ASP G 173 -16.56 -48.55 -32.42
CA ASP G 173 -16.37 -49.87 -31.82
C ASP G 173 -15.92 -49.76 -30.37
N LEU G 174 -15.03 -48.81 -30.06
CA LEU G 174 -14.62 -48.64 -28.67
C LEU G 174 -15.78 -48.21 -27.79
N LEU G 175 -16.63 -47.29 -28.26
CA LEU G 175 -17.78 -46.86 -27.48
C LEU G 175 -18.84 -47.94 -27.36
N ALA G 176 -18.86 -48.90 -28.29
CA ALA G 176 -19.80 -50.02 -28.20
C ALA G 176 -19.30 -51.04 -27.17
N ALA G 177 -18.09 -51.56 -27.38
CA ALA G 177 -17.55 -52.57 -26.48
C ALA G 177 -17.00 -51.94 -25.21
N ALA G 178 -17.87 -51.68 -24.24
CA ALA G 178 -17.45 -51.09 -22.97
C ALA G 178 -18.03 -51.92 -21.84
N GLY G 179 -17.15 -52.56 -21.05
CA GLY G 179 -17.62 -53.36 -19.93
C GLY G 179 -18.27 -52.50 -18.86
N THR G 180 -17.68 -51.36 -18.56
CA THR G 180 -18.21 -50.42 -17.58
C THR G 180 -18.92 -49.33 -18.35
N VAL G 181 -20.23 -49.43 -18.45
CA VAL G 181 -21.04 -48.44 -19.13
C VAL G 181 -21.82 -47.71 -18.04
N LEU G 182 -21.27 -46.57 -17.61
CA LEU G 182 -21.74 -45.90 -16.41
C LEU G 182 -22.49 -44.63 -16.77
N TYR G 183 -23.60 -44.38 -16.05
CA TYR G 183 -24.53 -43.32 -16.42
C TYR G 183 -24.47 -42.19 -15.38
N ALA G 184 -24.06 -41.02 -15.84
CA ALA G 184 -23.91 -39.88 -14.94
C ALA G 184 -25.28 -39.36 -14.48
N GLY G 185 -25.33 -38.90 -13.24
CA GLY G 185 -26.56 -38.34 -12.72
C GLY G 185 -27.41 -39.40 -12.06
N ALA G 186 -28.67 -39.49 -12.48
CA ALA G 186 -29.59 -40.46 -11.90
C ALA G 186 -30.31 -41.21 -13.01
N ALA G 187 -29.57 -41.69 -14.00
CA ALA G 187 -30.15 -42.34 -15.17
C ALA G 187 -29.95 -43.85 -15.06
N THR G 188 -31.02 -44.60 -15.34
CA THR G 188 -30.94 -46.05 -15.34
C THR G 188 -30.65 -46.60 -16.72
N SER G 189 -31.14 -45.95 -17.78
CA SER G 189 -30.91 -46.39 -19.14
C SER G 189 -30.55 -45.16 -19.98
N ASP G 190 -30.18 -45.39 -21.23
CA ASP G 190 -29.93 -44.27 -22.13
C ASP G 190 -31.18 -43.42 -22.31
N ALA G 191 -32.35 -44.08 -22.37
CA ALA G 191 -33.60 -43.35 -22.55
C ALA G 191 -33.92 -42.44 -21.37
N THR G 192 -33.27 -42.63 -20.22
CA THR G 192 -33.54 -41.81 -19.05
C THR G 192 -32.40 -40.85 -18.75
N ILE G 193 -31.57 -40.52 -19.73
CA ILE G 193 -30.52 -39.52 -19.55
C ILE G 193 -31.15 -38.18 -19.91
N THR G 194 -31.60 -37.45 -18.91
CA THR G 194 -32.29 -36.18 -19.14
C THR G 194 -31.40 -35.02 -18.71
N GLY G 195 -31.93 -33.80 -18.84
CA GLY G 195 -31.18 -32.63 -18.42
C GLY G 195 -32.07 -31.58 -17.80
N GLU G 196 -33.32 -31.92 -17.54
CA GLU G 196 -34.32 -30.96 -17.09
C GLU G 196 -35.06 -31.36 -15.83
N GLY G 197 -35.00 -32.63 -15.44
CA GLY G 197 -35.77 -33.09 -14.30
C GLY G 197 -35.24 -32.55 -12.98
N SER G 198 -35.89 -32.97 -11.90
CA SER G 198 -35.45 -32.58 -10.57
C SER G 198 -34.00 -32.94 -10.33
N THR G 199 -33.60 -34.13 -10.78
CA THR G 199 -32.20 -34.51 -10.80
C THR G 199 -31.74 -34.70 -12.24
N PRO G 200 -30.95 -33.78 -12.80
CA PRO G 200 -30.51 -33.94 -14.18
C PRO G 200 -29.42 -34.99 -14.34
N SER G 201 -28.91 -35.15 -15.55
CA SER G 201 -27.82 -36.07 -15.83
C SER G 201 -26.63 -35.26 -16.35
N VAL G 202 -25.83 -34.74 -15.42
CA VAL G 202 -24.65 -33.96 -15.75
C VAL G 202 -23.47 -34.55 -14.99
N ILE G 203 -22.29 -34.47 -15.60
CA ILE G 203 -21.09 -35.02 -14.99
C ILE G 203 -20.79 -34.24 -13.72
N THR G 204 -20.59 -34.96 -12.61
CA THR G 204 -20.24 -34.39 -11.33
C THR G 204 -18.98 -35.06 -10.80
N TYR G 205 -18.49 -34.55 -9.67
CA TYR G 205 -17.28 -35.10 -9.07
C TYR G 205 -17.52 -36.52 -8.55
N LYS G 206 -18.68 -36.77 -7.95
CA LYS G 206 -18.97 -38.08 -7.40
C LYS G 206 -19.00 -39.15 -8.48
N ASN G 207 -19.50 -38.81 -9.66
CA ASN G 207 -19.58 -39.79 -10.74
C ASN G 207 -18.19 -40.19 -11.23
N LEU G 208 -17.29 -39.21 -11.36
CA LEU G 208 -15.91 -39.55 -11.74
C LEU G 208 -15.20 -40.32 -10.63
N MET G 209 -15.51 -40.01 -9.37
CA MET G 209 -14.98 -40.82 -8.27
C MET G 209 -15.45 -42.26 -8.39
N ARG G 210 -16.73 -42.45 -8.73
CA ARG G 210 -17.25 -43.80 -8.89
C ARG G 210 -16.61 -44.52 -10.08
N LEU G 211 -16.38 -43.79 -11.18
CA LEU G 211 -15.68 -44.42 -12.31
C LEU G 211 -14.28 -44.84 -11.91
N ASP G 212 -13.57 -44.00 -11.16
CA ASP G 212 -12.23 -44.38 -10.70
C ASP G 212 -12.30 -45.61 -9.80
N ALA G 213 -13.29 -45.66 -8.91
CA ALA G 213 -13.44 -46.81 -8.03
C ALA G 213 -13.71 -48.08 -8.81
N ILE G 214 -14.61 -48.01 -9.79
CA ILE G 214 -14.94 -49.19 -10.59
C ILE G 214 -13.72 -49.66 -11.38
N LEU G 215 -12.98 -48.72 -11.97
CA LEU G 215 -11.79 -49.09 -12.74
C LEU G 215 -10.73 -49.71 -11.84
N THR G 216 -10.56 -49.19 -10.63
CA THR G 216 -9.60 -49.77 -9.71
C THR G 216 -10.01 -51.17 -9.27
N ASP G 217 -11.32 -51.37 -9.02
CA ASP G 217 -11.79 -52.68 -8.59
C ASP G 217 -11.64 -53.74 -9.67
N ASN G 218 -11.87 -53.38 -10.94
CA ASN G 218 -11.67 -54.31 -12.04
C ASN G 218 -10.21 -54.63 -12.29
N ARG G 219 -9.31 -54.15 -11.44
CA ARG G 219 -7.87 -54.33 -11.55
C ARG G 219 -7.29 -53.71 -12.82
N THR G 220 -7.98 -52.73 -13.40
CA THR G 220 -7.47 -51.98 -14.54
C THR G 220 -6.23 -51.20 -14.13
N PRO G 221 -5.13 -51.32 -14.85
CA PRO G 221 -3.88 -50.65 -14.45
C PRO G 221 -3.94 -49.15 -14.66
N THR G 222 -3.05 -48.47 -13.93
CA THR G 222 -2.87 -47.03 -14.08
C THR G 222 -2.05 -46.74 -15.33
N GLN G 223 -2.28 -45.57 -15.93
CA GLN G 223 -1.55 -45.16 -17.13
C GLN G 223 -0.41 -44.20 -16.83
N THR G 224 -0.57 -43.33 -15.84
CA THR G 224 0.43 -42.33 -15.50
C THR G 224 0.73 -42.39 -14.01
N THR G 225 1.53 -41.44 -13.55
CA THR G 225 1.91 -41.34 -12.15
C THR G 225 1.52 -39.97 -11.61
N ILE G 226 1.32 -39.91 -10.30
CA ILE G 226 0.97 -38.63 -9.68
C ILE G 226 2.14 -37.67 -9.83
N ILE G 227 1.82 -36.38 -9.83
CA ILE G 227 2.80 -35.32 -10.03
C ILE G 227 2.91 -34.54 -8.73
N THR G 228 4.01 -34.73 -8.01
CA THR G 228 4.29 -33.91 -6.85
C THR G 228 4.67 -32.51 -7.29
N GLY G 229 4.61 -31.56 -6.36
CA GLY G 229 4.66 -30.16 -6.70
C GLY G 229 5.99 -29.70 -7.27
N SER G 230 5.99 -28.46 -7.74
CA SER G 230 7.17 -27.76 -8.18
C SER G 230 7.49 -26.64 -7.19
N ARG G 231 8.47 -25.81 -7.53
CA ARG G 231 8.80 -24.65 -6.73
C ARG G 231 8.25 -23.35 -7.31
N LEU G 232 7.50 -23.43 -8.40
CA LEU G 232 6.97 -22.24 -9.05
C LEU G 232 5.62 -21.87 -8.45
N VAL G 233 5.48 -20.61 -8.05
CA VAL G 233 4.28 -20.17 -7.34
C VAL G 233 3.07 -20.21 -8.28
N ASP G 234 1.89 -20.42 -7.68
CA ASP G 234 0.58 -20.54 -8.30
C ASP G 234 0.41 -21.88 -8.99
N THR G 235 1.41 -22.76 -8.97
CA THR G 235 1.23 -24.11 -9.48
C THR G 235 0.53 -24.97 -8.42
N LYS G 236 0.10 -26.15 -8.84
CA LYS G 236 -0.62 -27.05 -7.94
C LYS G 236 -0.15 -28.49 -8.11
N VAL G 237 -0.82 -29.42 -7.44
CA VAL G 237 -0.46 -30.83 -7.48
C VAL G 237 -1.64 -31.59 -8.05
N ILE G 238 -1.47 -32.16 -9.24
CA ILE G 238 -2.45 -33.08 -9.77
C ILE G 238 -2.20 -34.48 -9.21
N GLY G 239 -3.28 -35.25 -9.10
CA GLY G 239 -3.18 -36.59 -8.55
C GLY G 239 -3.82 -37.63 -9.43
N GLY G 240 -3.72 -37.44 -10.74
CA GLY G 240 -4.37 -38.30 -11.70
C GLY G 240 -3.44 -39.38 -12.23
N THR G 241 -3.98 -40.59 -12.30
CA THR G 241 -3.28 -41.72 -12.92
C THR G 241 -3.99 -42.27 -14.15
N ARG G 242 -5.28 -42.01 -14.31
CA ARG G 242 -6.03 -42.42 -15.48
C ARG G 242 -6.06 -41.30 -16.50
N VAL G 243 -6.45 -41.63 -17.73
CA VAL G 243 -6.47 -40.70 -18.85
C VAL G 243 -7.89 -40.69 -19.43
N MET G 244 -8.56 -39.55 -19.33
CA MET G 244 -9.90 -39.41 -19.86
C MET G 244 -9.87 -38.81 -21.26
N TYR G 245 -10.98 -38.98 -21.99
CA TYR G 245 -11.07 -38.63 -23.40
C TYR G 245 -12.38 -37.90 -23.71
N VAL G 246 -12.67 -36.85 -22.94
CA VAL G 246 -13.94 -36.14 -23.12
C VAL G 246 -14.03 -35.57 -24.53
N GLY G 247 -15.26 -35.23 -24.93
CA GLY G 247 -15.46 -34.56 -26.19
C GLY G 247 -15.15 -33.08 -26.11
N SER G 248 -15.56 -32.32 -27.12
CA SER G 248 -15.38 -30.87 -27.11
C SER G 248 -16.61 -30.13 -26.61
N GLU G 249 -17.63 -30.87 -26.18
CA GLU G 249 -18.87 -30.27 -25.71
C GLU G 249 -19.09 -30.42 -24.21
N LEU G 250 -18.46 -31.39 -23.56
CA LEU G 250 -18.54 -31.51 -22.12
C LEU G 250 -17.57 -30.59 -21.39
N VAL G 251 -16.60 -30.03 -22.09
CA VAL G 251 -15.58 -29.17 -21.48
C VAL G 251 -16.22 -27.98 -20.76
N PRO G 252 -17.24 -27.29 -21.34
CA PRO G 252 -17.88 -26.22 -20.56
C PRO G 252 -18.46 -26.68 -19.23
N ASP G 253 -19.11 -27.86 -19.20
CA ASP G 253 -19.65 -28.36 -17.94
C ASP G 253 -18.56 -28.97 -17.07
N LEU G 254 -17.62 -29.70 -17.68
CA LEU G 254 -16.53 -30.31 -16.94
C LEU G 254 -15.54 -29.31 -16.39
N LYS G 255 -15.62 -28.04 -16.80
CA LYS G 255 -14.77 -26.98 -16.31
C LYS G 255 -15.43 -26.20 -15.18
N ALA G 256 -16.54 -26.72 -14.63
CA ALA G 256 -17.21 -26.01 -13.55
C ALA G 256 -17.71 -26.93 -12.44
N MET G 257 -17.16 -28.13 -12.26
CA MET G 257 -17.63 -29.01 -11.20
C MET G 257 -17.13 -28.51 -9.84
N LYS G 258 -18.05 -28.41 -8.89
CA LYS G 258 -17.74 -27.84 -7.58
C LYS G 258 -17.34 -28.92 -6.56
N ASP G 259 -16.40 -29.78 -6.93
CA ASP G 259 -15.81 -30.76 -6.01
C ASP G 259 -16.86 -31.49 -5.20
N LEU G 260 -16.57 -31.74 -3.92
CA LEU G 260 -17.56 -32.11 -2.94
C LEU G 260 -17.91 -30.99 -1.99
N PHE G 261 -17.07 -29.95 -1.91
CA PHE G 261 -17.22 -28.89 -0.91
C PHE G 261 -17.31 -27.51 -1.58
N GLY G 262 -17.72 -27.48 -2.84
CA GLY G 262 -17.86 -26.23 -3.56
C GLY G 262 -16.55 -25.52 -3.83
N ASN G 263 -15.52 -26.28 -4.18
CA ASN G 263 -14.26 -25.72 -4.62
C ASN G 263 -14.03 -26.10 -6.08
N LYS G 264 -13.25 -25.30 -6.78
CA LYS G 264 -12.92 -25.60 -8.17
C LYS G 264 -12.24 -26.97 -8.26
N ALA G 265 -12.73 -27.81 -9.16
CA ALA G 265 -12.21 -29.16 -9.30
C ALA G 265 -11.69 -29.40 -10.71
N PHE G 266 -11.05 -28.40 -11.29
CA PHE G 266 -10.47 -28.52 -12.62
C PHE G 266 -9.13 -27.81 -12.68
N ILE G 267 -8.06 -28.53 -12.39
CA ILE G 267 -6.72 -27.94 -12.41
C ILE G 267 -6.22 -27.94 -13.84
N GLU G 268 -6.14 -26.77 -14.45
CA GLU G 268 -5.74 -26.67 -15.84
C GLU G 268 -4.28 -27.09 -16.02
N ILE G 269 -3.89 -27.26 -17.29
CA ILE G 269 -2.55 -27.75 -17.60
C ILE G 269 -1.49 -26.76 -17.15
N GLN G 270 -1.82 -25.46 -17.13
CA GLN G 270 -0.81 -24.45 -16.81
C GLN G 270 -0.33 -24.55 -15.38
N HIS G 271 -1.07 -25.22 -14.50
CA HIS G 271 -0.73 -25.31 -13.09
C HIS G 271 0.25 -26.44 -12.78
N TYR G 272 0.55 -27.30 -13.74
CA TYR G 272 1.53 -28.34 -13.47
C TYR G 272 2.47 -28.63 -14.63
N GLY G 273 2.61 -27.73 -15.61
CA GLY G 273 3.49 -27.97 -16.73
C GLY G 273 4.95 -28.05 -16.36
N ASP G 274 5.33 -27.41 -15.25
CA ASP G 274 6.72 -27.36 -14.84
C ASP G 274 7.19 -28.69 -14.25
N ALA G 275 6.37 -29.31 -13.42
CA ALA G 275 6.79 -30.43 -12.59
C ALA G 275 6.43 -31.79 -13.18
N GLY G 276 5.88 -31.82 -14.39
CA GLY G 276 5.49 -33.08 -14.99
C GLY G 276 5.33 -32.97 -16.49
N THR G 277 5.32 -34.12 -17.14
CA THR G 277 5.15 -34.17 -18.59
C THR G 277 3.72 -33.78 -18.97
N LEU G 278 3.58 -33.23 -20.17
CA LEU G 278 2.29 -32.83 -20.71
C LEU G 278 1.95 -33.69 -21.91
N MET G 279 0.90 -34.48 -21.79
CA MET G 279 0.40 -35.27 -22.91
C MET G 279 -0.38 -34.38 -23.86
N ASN G 280 -0.21 -34.61 -25.16
CA ASN G 280 -0.88 -33.76 -26.14
C ASN G 280 -2.39 -33.90 -26.05
N GLY G 281 -3.09 -32.84 -26.42
CA GLY G 281 -4.54 -32.80 -26.29
C GLY G 281 -5.05 -32.55 -24.89
N GLU G 282 -4.16 -32.32 -23.92
CA GLU G 282 -4.58 -32.13 -22.55
C GLU G 282 -5.23 -30.76 -22.35
N ILE G 283 -6.23 -30.72 -21.48
CA ILE G 283 -6.82 -29.46 -21.06
C ILE G 283 -6.85 -29.29 -19.55
N GLY G 284 -6.63 -30.35 -18.79
CA GLY G 284 -6.62 -30.25 -17.33
C GLY G 284 -6.70 -31.62 -16.71
N THR G 285 -6.85 -31.62 -15.38
CA THR G 285 -6.99 -32.86 -14.62
C THR G 285 -8.16 -32.73 -13.65
N ILE G 286 -8.82 -33.84 -13.37
CA ILE G 286 -9.96 -33.87 -12.46
C ILE G 286 -9.84 -35.14 -11.62
N ASP G 287 -9.60 -34.96 -10.32
CA ASP G 287 -9.55 -36.05 -9.36
C ASP G 287 -8.44 -37.00 -9.81
N LYS G 288 -8.79 -38.02 -10.59
CA LYS G 288 -7.80 -39.02 -11.03
C LYS G 288 -7.98 -39.31 -12.53
N PHE G 289 -8.04 -38.26 -13.34
CA PHE G 289 -8.27 -38.42 -14.79
C PHE G 289 -7.56 -37.27 -15.52
N ARG G 290 -6.41 -37.56 -16.10
CA ARG G 290 -5.75 -36.58 -16.95
C ARG G 290 -6.53 -36.45 -18.25
N ILE G 291 -7.11 -35.28 -18.48
CA ILE G 291 -8.17 -35.14 -19.48
C ILE G 291 -7.59 -34.76 -20.83
N ILE G 292 -8.01 -35.49 -21.87
CA ILE G 292 -7.60 -35.24 -23.24
C ILE G 292 -8.85 -34.85 -24.02
N GLN G 293 -8.84 -33.67 -24.62
CA GLN G 293 -9.94 -33.26 -25.49
C GLN G 293 -9.75 -33.87 -26.87
N VAL G 294 -10.75 -34.65 -27.31
CA VAL G 294 -10.73 -35.27 -28.64
C VAL G 294 -11.62 -34.42 -29.55
N PRO G 295 -11.06 -33.73 -30.55
CA PRO G 295 -11.88 -32.89 -31.43
C PRO G 295 -13.02 -33.64 -32.09
N GLU G 296 -12.71 -34.81 -32.66
CA GLU G 296 -13.71 -35.63 -33.33
C GLU G 296 -14.17 -36.70 -32.35
N MET G 297 -15.09 -36.32 -31.47
CA MET G 297 -15.64 -37.23 -30.47
C MET G 297 -17.07 -37.59 -30.87
N LEU G 298 -17.30 -38.87 -31.12
CA LEU G 298 -18.64 -39.36 -31.43
C LEU G 298 -19.56 -39.15 -30.25
N HIS G 299 -20.83 -38.85 -30.56
CA HIS G 299 -21.82 -38.57 -29.53
C HIS G 299 -23.19 -38.99 -30.05
N TRP G 300 -23.90 -39.79 -29.26
CA TRP G 300 -25.26 -40.16 -29.62
C TRP G 300 -26.16 -38.94 -29.58
N ALA G 301 -26.98 -38.79 -30.61
CA ALA G 301 -27.87 -37.64 -30.73
C ALA G 301 -29.31 -38.13 -30.70
N GLY G 302 -30.04 -37.75 -29.65
CA GLY G 302 -31.41 -38.18 -29.50
C GLY G 302 -31.61 -39.47 -28.73
N ALA G 303 -30.56 -39.99 -28.10
CA ALA G 303 -30.68 -41.22 -27.32
C ALA G 303 -30.82 -40.87 -25.84
N GLY G 304 -31.50 -39.76 -25.54
CA GLY G 304 -31.74 -39.37 -24.17
C GLY G 304 -33.21 -39.46 -23.80
N ALA G 305 -33.74 -38.40 -23.23
CA ALA G 305 -35.13 -38.36 -22.80
C ALA G 305 -35.91 -37.34 -23.63
N ALA G 306 -37.18 -37.16 -23.28
CA ALA G 306 -38.01 -36.18 -23.96
C ALA G 306 -37.60 -34.77 -23.57
N ALA G 307 -37.63 -33.87 -24.54
CA ALA G 307 -37.26 -32.48 -24.31
C ALA G 307 -38.51 -31.61 -24.23
N THR G 308 -38.59 -30.79 -23.20
CA THR G 308 -39.72 -29.89 -23.00
C THR G 308 -39.22 -28.45 -22.88
N ASP G 309 -40.14 -27.54 -22.57
CA ASP G 309 -39.80 -26.13 -22.41
C ASP G 309 -38.99 -25.86 -21.15
N ALA G 310 -38.88 -26.82 -20.23
CA ALA G 310 -38.07 -26.62 -19.04
C ALA G 310 -36.60 -26.87 -19.29
N ASN G 311 -36.23 -27.21 -20.52
CA ASN G 311 -34.84 -27.42 -20.92
C ASN G 311 -33.97 -26.24 -20.51
N PRO G 312 -33.06 -26.42 -19.56
CA PRO G 312 -32.27 -25.28 -19.06
C PRO G 312 -31.15 -24.85 -19.99
N GLY G 313 -31.04 -25.44 -21.18
CA GLY G 313 -29.97 -25.06 -22.08
C GLY G 313 -29.00 -26.19 -22.39
N TYR G 314 -29.51 -27.41 -22.42
CA TYR G 314 -28.71 -28.57 -22.79
C TYR G 314 -28.97 -28.96 -24.23
N ARG G 315 -27.94 -29.48 -24.89
CA ARG G 315 -28.05 -29.84 -26.31
C ARG G 315 -29.16 -30.85 -26.53
N THR G 316 -29.97 -30.60 -27.56
CA THR G 316 -31.10 -31.45 -27.89
C THR G 316 -31.23 -31.59 -29.40
N SER G 317 -31.25 -32.83 -29.87
CA SER G 317 -31.45 -33.15 -31.27
C SER G 317 -32.93 -33.49 -31.51
N THR G 318 -33.24 -33.98 -32.71
CA THR G 318 -34.62 -34.29 -33.06
C THR G 318 -34.69 -35.73 -33.56
N VAL G 319 -35.61 -36.51 -33.00
CA VAL G 319 -35.88 -37.88 -33.44
C VAL G 319 -37.39 -38.02 -33.57
N ASN G 320 -37.88 -38.05 -34.82
CA ASN G 320 -39.29 -38.27 -35.13
C ASN G 320 -40.17 -37.24 -34.41
N GLY G 321 -39.97 -35.98 -34.77
CA GLY G 321 -40.78 -34.91 -34.22
C GLY G 321 -40.27 -34.36 -32.91
N THR G 322 -40.84 -34.83 -31.81
CA THR G 322 -40.49 -34.36 -30.48
C THR G 322 -38.99 -34.48 -30.23
N GLU G 323 -38.38 -33.39 -29.79
CA GLU G 323 -36.94 -33.35 -29.61
C GLU G 323 -36.52 -34.25 -28.45
N HIS G 324 -35.31 -34.80 -28.57
CA HIS G 324 -34.74 -35.66 -27.53
C HIS G 324 -33.36 -35.16 -27.15
N TYR G 325 -32.98 -35.41 -25.90
CA TYR G 325 -31.69 -34.98 -25.41
C TYR G 325 -30.57 -35.78 -26.06
N ASP G 326 -29.39 -35.16 -26.13
CA ASP G 326 -28.21 -35.78 -26.73
C ASP G 326 -27.31 -36.33 -25.65
N VAL G 327 -26.78 -37.53 -25.88
CA VAL G 327 -25.97 -38.24 -24.89
C VAL G 327 -24.50 -38.16 -25.32
N TYR G 328 -23.64 -37.70 -24.41
CA TYR G 328 -22.24 -37.55 -24.74
C TYR G 328 -21.38 -38.48 -23.90
N PRO G 329 -20.43 -39.18 -24.51
CA PRO G 329 -19.64 -40.17 -23.75
C PRO G 329 -18.35 -39.61 -23.18
N VAL G 330 -17.92 -40.19 -22.05
CA VAL G 330 -16.62 -39.92 -21.45
C VAL G 330 -15.84 -41.22 -21.41
N LEU G 331 -15.04 -41.47 -22.43
CA LEU G 331 -14.45 -42.79 -22.63
C LEU G 331 -13.02 -42.83 -22.08
N VAL G 332 -12.75 -43.86 -21.28
CA VAL G 332 -11.39 -44.16 -20.81
C VAL G 332 -11.11 -45.61 -21.17
N VAL G 333 -10.07 -45.84 -21.97
CA VAL G 333 -9.69 -47.18 -22.38
C VAL G 333 -8.38 -47.57 -21.73
N GLY G 334 -8.37 -48.69 -21.01
CA GLY G 334 -7.19 -49.12 -20.29
C GLY G 334 -6.19 -49.82 -21.17
N ASP G 335 -5.04 -50.12 -20.56
CA ASP G 335 -3.97 -50.79 -21.29
C ASP G 335 -4.34 -52.23 -21.60
N ASP G 336 -3.96 -52.67 -22.80
CA ASP G 336 -4.17 -54.04 -23.25
C ASP G 336 -5.64 -54.45 -23.09
N SER G 337 -6.53 -53.76 -23.79
CA SER G 337 -7.95 -54.11 -23.76
C SER G 337 -8.50 -54.54 -25.11
N PHE G 338 -7.80 -54.23 -26.20
CA PHE G 338 -8.27 -54.59 -27.53
C PHE G 338 -7.08 -54.68 -28.46
N THR G 339 -7.29 -55.33 -29.59
CA THR G 339 -6.30 -55.40 -30.65
C THR G 339 -7.00 -55.38 -31.99
N THR G 340 -6.43 -54.65 -32.94
CA THR G 340 -7.04 -54.48 -34.26
C THR G 340 -6.41 -55.48 -35.21
N ILE G 341 -7.18 -56.51 -35.57
CA ILE G 341 -6.66 -57.60 -36.39
C ILE G 341 -6.52 -57.13 -37.84
N GLY G 342 -5.29 -56.81 -38.23
CA GLY G 342 -5.02 -56.37 -39.58
C GLY G 342 -4.82 -57.53 -40.53
N PHE G 343 -5.71 -57.66 -41.52
CA PHE G 343 -5.64 -58.75 -42.49
C PHE G 343 -4.85 -58.27 -43.70
N GLN G 344 -3.67 -58.87 -43.90
CA GLN G 344 -2.75 -58.55 -45.00
C GLN G 344 -2.14 -57.17 -44.84
N THR G 345 -2.52 -56.44 -43.78
CA THR G 345 -1.93 -55.14 -43.52
C THR G 345 -0.64 -55.29 -42.73
N ASP G 346 0.49 -55.31 -43.42
CA ASP G 346 1.78 -55.55 -42.78
C ASP G 346 2.09 -54.47 -41.74
N GLY G 347 2.07 -54.85 -40.47
CA GLY G 347 2.35 -53.90 -39.39
C GLY G 347 1.25 -52.92 -39.07
N LYS G 348 0.83 -52.13 -40.05
CA LYS G 348 -0.20 -51.13 -39.83
C LYS G 348 -1.55 -51.79 -39.54
N SER G 349 -2.42 -51.06 -38.85
CA SER G 349 -3.71 -51.61 -38.49
C SER G 349 -4.64 -51.69 -39.69
N VAL G 350 -4.55 -50.73 -40.60
CA VAL G 350 -5.38 -50.69 -41.80
C VAL G 350 -4.51 -50.33 -42.99
N LYS G 351 -4.62 -51.10 -44.06
CA LYS G 351 -3.88 -50.83 -45.30
C LYS G 351 -4.88 -50.55 -46.41
N PHE G 352 -4.83 -49.34 -46.96
CA PHE G 352 -5.70 -48.97 -48.06
C PHE G 352 -5.11 -49.42 -49.39
N ASN G 353 -5.98 -49.60 -50.39
CA ASN G 353 -5.56 -50.00 -51.74
C ASN G 353 -6.16 -49.03 -52.75
N VAL G 354 -5.28 -48.32 -53.46
CA VAL G 354 -5.74 -47.36 -54.45
C VAL G 354 -5.91 -48.04 -55.81
N MET G 355 -6.97 -47.67 -56.53
CA MET G 355 -7.30 -48.34 -57.77
C MET G 355 -7.71 -47.32 -58.85
N THR G 356 -6.94 -46.24 -58.99
CA THR G 356 -7.24 -45.26 -60.03
C THR G 356 -7.10 -45.89 -61.42
N LYS G 357 -7.91 -45.40 -62.36
CA LYS G 357 -7.89 -45.85 -63.75
C LYS G 357 -8.16 -44.62 -64.63
N MET G 358 -7.10 -44.08 -65.22
CA MET G 358 -7.23 -42.86 -66.00
C MET G 358 -8.12 -43.08 -67.22
N PRO G 359 -8.99 -42.14 -67.55
CA PRO G 359 -9.77 -42.24 -68.79
C PRO G 359 -8.86 -42.27 -70.01
N GLY G 360 -9.23 -43.08 -70.99
CA GLY G 360 -8.42 -43.24 -72.18
C GLY G 360 -8.66 -44.55 -72.87
N LYS G 361 -7.59 -45.29 -73.17
CA LYS G 361 -7.68 -46.61 -73.76
C LYS G 361 -7.77 -47.71 -72.72
N GLU G 362 -7.66 -47.38 -71.43
CA GLU G 362 -7.74 -48.37 -70.37
C GLU G 362 -9.12 -48.51 -69.77
N THR G 363 -10.10 -47.74 -70.24
CA THR G 363 -11.46 -47.80 -69.72
C THR G 363 -12.51 -48.03 -70.79
N ALA G 364 -12.14 -48.13 -72.06
CA ALA G 364 -13.11 -48.36 -73.12
C ALA G 364 -13.67 -49.77 -73.03
N ASP G 365 -14.88 -49.93 -73.55
CA ASP G 365 -15.58 -51.22 -73.54
C ASP G 365 -16.80 -51.09 -74.44
N ARG G 366 -17.55 -52.18 -74.54
CA ARG G 366 -18.82 -52.11 -75.26
C ARG G 366 -19.76 -51.11 -74.62
N ASN G 367 -19.67 -50.92 -73.31
CA ASN G 367 -20.51 -49.95 -72.62
C ASN G 367 -20.13 -48.51 -72.94
N ASP G 368 -18.91 -48.28 -73.43
CA ASP G 368 -18.45 -46.94 -73.81
C ASP G 368 -17.45 -47.06 -74.95
N PRO G 369 -17.94 -47.23 -76.19
CA PRO G 369 -17.02 -47.32 -77.33
C PRO G 369 -16.05 -46.15 -77.45
N TYR G 370 -16.30 -45.03 -76.77
CA TYR G 370 -15.46 -43.86 -76.90
C TYR G 370 -14.43 -43.75 -75.77
N GLY G 371 -14.73 -44.31 -74.60
CA GLY G 371 -13.77 -44.34 -73.51
C GLY G 371 -13.44 -42.97 -72.94
N GLU G 372 -14.42 -42.33 -72.30
CA GLU G 372 -14.23 -40.98 -71.80
C GLU G 372 -14.33 -40.84 -70.29
N THR G 373 -14.50 -41.92 -69.53
CA THR G 373 -14.70 -41.83 -68.09
C THR G 373 -13.78 -42.79 -67.36
N GLY G 374 -13.39 -42.40 -66.15
CA GLY G 374 -12.57 -43.23 -65.30
C GLY G 374 -13.11 -43.33 -63.89
N PHE G 375 -12.29 -43.75 -62.94
CA PHE G 375 -12.70 -43.84 -61.55
C PHE G 375 -11.45 -43.97 -60.68
N SER G 376 -11.67 -43.97 -59.38
CA SER G 376 -10.62 -44.23 -58.40
C SER G 376 -11.29 -44.69 -57.12
N SER G 377 -10.82 -45.80 -56.56
CA SER G 377 -11.47 -46.43 -55.43
C SER G 377 -10.45 -46.73 -54.33
N ILE G 378 -10.89 -46.62 -53.08
CA ILE G 378 -10.10 -47.01 -51.92
C ILE G 378 -10.89 -48.05 -51.16
N LYS G 379 -10.22 -49.13 -50.75
CA LYS G 379 -10.85 -50.19 -49.98
C LYS G 379 -9.89 -50.71 -48.93
N TRP G 380 -10.45 -51.22 -47.83
CA TRP G 380 -9.62 -51.68 -46.72
C TRP G 380 -10.42 -52.64 -45.85
N TYR G 381 -9.69 -53.40 -45.02
CA TYR G 381 -10.27 -54.31 -44.06
C TYR G 381 -10.03 -53.77 -42.65
N TYR G 382 -11.01 -53.95 -41.77
CA TYR G 382 -10.88 -53.44 -40.41
C TYR G 382 -11.66 -54.34 -39.45
N GLY G 383 -11.13 -54.46 -38.24
CA GLY G 383 -11.77 -55.26 -37.21
C GLY G 383 -10.89 -55.35 -35.99
N ILE G 384 -11.53 -55.44 -34.84
CA ILE G 384 -10.83 -55.44 -33.56
C ILE G 384 -11.23 -56.66 -32.75
N LEU G 385 -10.34 -57.11 -31.88
CA LEU G 385 -10.63 -58.16 -30.91
C LEU G 385 -10.48 -57.57 -29.51
N VAL G 386 -11.60 -57.46 -28.80
CA VAL G 386 -11.58 -56.90 -27.45
C VAL G 386 -11.28 -58.01 -26.45
N LYS G 387 -9.99 -58.29 -26.24
CA LYS G 387 -9.60 -59.45 -25.44
C LYS G 387 -10.07 -59.32 -24.00
N ARG G 388 -10.00 -58.11 -23.44
CA ARG G 388 -10.38 -57.87 -22.04
C ARG G 388 -11.31 -56.67 -21.97
N PRO G 389 -12.61 -56.89 -22.16
CA PRO G 389 -13.55 -55.77 -22.17
C PRO G 389 -13.98 -55.34 -20.78
N GLU G 390 -13.03 -55.21 -19.86
CA GLU G 390 -13.29 -54.66 -18.55
C GLU G 390 -12.47 -53.42 -18.25
N ARG G 391 -11.58 -53.02 -19.16
CA ARG G 391 -10.84 -51.77 -18.99
C ARG G 391 -11.60 -50.59 -19.57
N ILE G 392 -12.30 -50.81 -20.69
CA ILE G 392 -13.03 -49.72 -21.34
C ILE G 392 -14.20 -49.29 -20.46
N ALA G 393 -14.30 -47.99 -20.20
CA ALA G 393 -15.35 -47.44 -19.37
C ALA G 393 -15.87 -46.14 -20.00
N VAL G 394 -17.16 -45.88 -19.83
CA VAL G 394 -17.82 -44.73 -20.43
C VAL G 394 -18.80 -44.12 -19.43
N MET G 395 -18.80 -42.80 -19.33
CA MET G 395 -19.84 -42.02 -18.66
C MET G 395 -20.69 -41.32 -19.71
N LYS G 396 -21.91 -41.80 -19.90
CA LYS G 396 -22.87 -41.09 -20.72
C LYS G 396 -23.50 -39.95 -19.94
N ALA G 397 -23.57 -38.77 -20.56
CA ALA G 397 -24.13 -37.60 -19.92
C ALA G 397 -24.48 -36.57 -20.98
N VAL G 398 -25.30 -35.60 -20.58
CA VAL G 398 -25.68 -34.50 -21.48
C VAL G 398 -24.58 -33.46 -21.45
N ALA G 399 -24.63 -32.51 -22.38
CA ALA G 399 -23.68 -31.43 -22.45
C ALA G 399 -24.40 -30.09 -22.56
N PRO G 400 -23.83 -29.03 -22.01
CA PRO G 400 -24.48 -27.71 -22.12
C PRO G 400 -24.46 -27.22 -23.56
N LEU G 401 -25.48 -26.43 -23.91
CA LEU G 401 -25.59 -25.87 -25.24
C LEU G 401 -24.46 -24.86 -25.49
N MET H 1 -21.94 -68.21 -57.87
CA MET H 1 -20.62 -67.61 -57.73
C MET H 1 -19.92 -68.09 -56.47
N LEU H 2 -18.78 -68.76 -56.64
CA LEU H 2 -17.99 -69.23 -55.51
C LEU H 2 -17.58 -68.05 -54.64
N ASN H 3 -18.04 -68.01 -53.39
CA ASN H 3 -17.77 -66.88 -52.53
C ASN H 3 -17.76 -67.25 -51.05
N TYR H 4 -17.85 -66.23 -50.19
CA TYR H 4 -18.07 -66.39 -48.76
C TYR H 4 -16.97 -67.21 -48.09
N ASN H 5 -15.76 -66.67 -48.05
CA ASN H 5 -14.59 -67.38 -47.54
C ASN H 5 -14.65 -67.75 -46.07
N ALA H 6 -15.70 -67.36 -45.33
CA ALA H 6 -15.73 -67.74 -43.93
C ALA H 6 -17.15 -67.88 -43.38
N PRO H 7 -17.72 -69.10 -43.41
CA PRO H 7 -19.05 -69.30 -42.83
C PRO H 7 -19.03 -69.73 -41.37
N ILE H 8 -18.61 -68.85 -40.46
CA ILE H 8 -18.63 -69.17 -39.04
C ILE H 8 -20.04 -69.31 -38.50
N ASP H 9 -20.99 -68.56 -39.06
CA ASP H 9 -22.33 -68.45 -38.51
C ASP H 9 -23.31 -69.40 -39.19
N GLY H 10 -22.83 -70.60 -39.54
CA GLY H 10 -23.69 -71.61 -40.15
C GLY H 10 -24.27 -71.17 -41.47
N GLN H 11 -23.41 -70.67 -42.36
CA GLN H 11 -23.81 -70.09 -43.63
C GLN H 11 -22.97 -70.66 -44.76
N LYS H 12 -22.95 -72.00 -44.85
CA LYS H 12 -22.04 -72.80 -45.67
C LYS H 12 -21.66 -72.14 -47.00
N SER H 13 -20.36 -72.09 -47.28
CA SER H 13 -19.87 -71.45 -48.48
C SER H 13 -20.23 -72.25 -49.72
N SER H 14 -19.95 -71.67 -50.88
CA SER H 14 -20.38 -72.26 -52.15
C SER H 14 -19.67 -73.58 -52.43
N ILE H 15 -18.34 -73.58 -52.31
CA ILE H 15 -17.53 -74.71 -52.75
C ILE H 15 -17.86 -75.95 -51.93
N ASP H 16 -18.34 -75.77 -50.71
CA ASP H 16 -18.54 -76.90 -49.80
C ASP H 16 -19.94 -77.48 -49.97
N GLY H 17 -20.00 -78.75 -50.30
CA GLY H 17 -21.25 -79.47 -50.50
C GLY H 17 -21.80 -80.06 -49.23
N ALA H 18 -22.66 -81.07 -49.38
CA ALA H 18 -23.30 -81.69 -48.23
C ALA H 18 -22.27 -82.41 -47.37
N GLY H 19 -22.40 -82.28 -46.05
CA GLY H 19 -21.49 -82.92 -45.12
C GLY H 19 -20.06 -82.42 -45.22
N SER H 20 -19.88 -81.11 -45.35
CA SER H 20 -18.55 -80.53 -45.44
C SER H 20 -18.61 -79.08 -44.99
N ASP H 21 -17.57 -78.66 -44.26
CA ASP H 21 -17.44 -77.27 -43.84
C ASP H 21 -15.96 -76.97 -43.76
N GLN H 22 -15.63 -75.67 -43.78
CA GLN H 22 -14.24 -75.22 -43.79
C GLN H 22 -13.47 -75.81 -42.62
N MET H 23 -12.29 -76.37 -42.91
CA MET H 23 -11.49 -77.02 -41.87
C MET H 23 -11.09 -76.02 -40.80
N ASN H 24 -10.61 -74.84 -41.21
CA ASN H 24 -10.34 -73.76 -40.28
C ASN H 24 -11.30 -72.61 -40.56
N THR H 25 -11.99 -72.15 -39.52
CA THR H 25 -12.90 -71.02 -39.64
C THR H 25 -12.45 -69.84 -38.78
N PHE H 26 -11.25 -69.91 -38.21
CA PHE H 26 -10.75 -68.85 -37.35
C PHE H 26 -9.27 -69.08 -37.12
N TYR H 27 -8.62 -68.08 -36.51
CA TYR H 27 -7.25 -68.18 -36.05
C TYR H 27 -7.26 -68.31 -34.53
N TRP H 28 -6.27 -69.02 -34.01
CA TRP H 28 -6.19 -69.30 -32.58
C TRP H 28 -4.92 -68.65 -32.03
N LEU H 29 -5.10 -67.56 -31.28
CA LEU H 29 -3.97 -66.83 -30.70
C LEU H 29 -3.47 -67.56 -29.46
N LYS H 30 -2.16 -67.75 -29.38
CA LYS H 30 -1.59 -68.56 -28.31
C LYS H 30 -1.70 -67.87 -26.96
N LYS H 31 -1.37 -66.57 -26.91
CA LYS H 31 -1.39 -65.82 -25.67
C LYS H 31 -2.78 -65.82 -25.04
N ALA H 32 -2.89 -66.37 -23.84
CA ALA H 32 -4.17 -66.50 -23.15
C ALA H 32 -4.34 -65.39 -22.13
N ILE H 33 -5.57 -64.89 -22.02
CA ILE H 33 -5.89 -63.87 -21.02
C ILE H 33 -5.79 -64.49 -19.64
N ILE H 34 -4.95 -63.91 -18.78
CA ILE H 34 -4.65 -64.46 -17.47
C ILE H 34 -4.72 -63.35 -16.43
N GLN H 35 -5.44 -63.61 -15.34
CA GLN H 35 -5.47 -62.69 -14.21
C GLN H 35 -4.34 -63.03 -13.25
N ALA H 36 -3.67 -62.00 -12.74
CA ALA H 36 -2.49 -62.17 -11.92
C ALA H 36 -2.87 -62.52 -10.48
N ARG H 37 -1.86 -62.92 -9.70
CA ARG H 37 -2.06 -63.16 -8.28
C ARG H 37 -2.54 -61.89 -7.59
N LYS H 38 -3.56 -62.03 -6.74
CA LYS H 38 -4.14 -60.86 -6.10
C LYS H 38 -3.14 -60.20 -5.16
N ASP H 39 -3.23 -58.88 -5.05
CA ASP H 39 -2.32 -58.13 -4.20
C ASP H 39 -2.47 -58.55 -2.75
N GLN H 40 -1.34 -58.73 -2.07
CA GLN H 40 -1.32 -59.17 -0.68
C GLN H 40 -0.92 -58.01 0.23
N TYR H 41 -1.64 -57.85 1.33
CA TYR H 41 -1.44 -56.70 2.21
C TYR H 41 -1.39 -57.07 3.69
N PHE H 42 -1.49 -58.34 4.04
CA PHE H 42 -1.52 -58.65 5.47
C PHE H 42 -0.55 -59.76 5.87
N MET H 43 -0.25 -60.70 4.98
CA MET H 43 0.81 -61.67 5.25
C MET H 43 2.16 -61.01 5.50
N PRO H 44 2.57 -59.97 4.74
CA PRO H 44 3.88 -59.34 5.02
C PRO H 44 4.03 -58.85 6.45
N LEU H 45 2.95 -58.33 7.04
CA LEU H 45 3.01 -57.73 8.37
C LEU H 45 2.73 -58.80 9.44
N ALA H 46 3.45 -59.91 9.33
CA ALA H 46 3.31 -61.01 10.25
C ALA H 46 4.65 -61.32 10.88
N SER H 47 4.62 -62.20 11.87
CA SER H 47 5.82 -62.69 12.55
C SER H 47 5.65 -64.18 12.79
N VAL H 48 6.77 -64.89 12.90
CA VAL H 48 6.69 -66.33 13.08
C VAL H 48 7.34 -66.72 14.42
N THR H 49 6.52 -67.24 15.32
CA THR H 49 7.02 -67.93 16.51
C THR H 49 6.99 -69.42 16.22
N ASN H 50 8.14 -69.98 15.87
CA ASN H 50 8.20 -71.35 15.40
C ASN H 50 7.74 -72.32 16.48
N MET H 51 6.89 -73.26 16.10
CA MET H 51 6.43 -74.30 17.01
C MET H 51 7.18 -75.58 16.74
N PRO H 52 8.00 -76.07 17.67
CA PRO H 52 8.71 -77.32 17.44
C PRO H 52 7.76 -78.50 17.42
N LYS H 53 8.14 -79.53 16.66
CA LYS H 53 7.39 -80.76 16.63
C LYS H 53 7.49 -81.48 17.97
N ASN H 54 6.58 -82.43 18.18
CA ASN H 54 6.46 -83.15 19.45
C ASN H 54 6.15 -82.20 20.60
N MET H 55 5.30 -81.21 20.33
CA MET H 55 4.92 -80.26 21.37
C MET H 55 3.43 -79.88 21.32
N GLY H 56 2.55 -80.75 20.84
CA GLY H 56 1.16 -80.41 20.74
C GLY H 56 0.90 -79.43 19.60
N LYS H 57 -0.31 -78.86 19.60
CA LYS H 57 -0.70 -77.98 18.52
C LYS H 57 -1.16 -76.60 18.98
N THR H 58 -0.68 -76.13 20.13
CA THR H 58 -1.06 -74.80 20.59
C THR H 58 0.15 -74.11 21.18
N ILE H 59 0.04 -72.79 21.32
CA ILE H 59 1.05 -71.95 21.96
C ILE H 59 0.36 -71.06 22.97
N LYS H 60 0.89 -71.02 24.19
CA LYS H 60 0.34 -70.19 25.26
C LYS H 60 1.42 -69.27 25.80
N VAL H 61 1.01 -68.06 26.18
CA VAL H 61 1.92 -67.06 26.74
C VAL H 61 1.28 -66.48 28.00
N TYR H 62 2.11 -65.96 28.89
CA TYR H 62 1.63 -65.33 30.11
C TYR H 62 1.51 -63.83 29.93
N GLU H 63 0.58 -63.23 30.67
CA GLU H 63 0.39 -61.79 30.67
C GLU H 63 0.15 -61.31 32.08
N TYR H 64 0.85 -60.25 32.49
CA TYR H 64 0.78 -59.72 33.84
C TYR H 64 0.01 -58.41 33.83
N VAL H 65 -1.07 -58.36 34.59
CA VAL H 65 -1.91 -57.16 34.68
C VAL H 65 -1.27 -56.19 35.68
N PRO H 66 -1.08 -54.93 35.31
CA PRO H 66 -0.51 -53.96 36.26
C PRO H 66 -1.41 -53.79 37.47
N LEU H 67 -0.80 -53.36 38.57
CA LEU H 67 -1.51 -53.25 39.85
C LEU H 67 -2.75 -52.37 39.74
N LEU H 68 -2.59 -51.17 39.17
CA LEU H 68 -3.71 -50.24 39.03
C LEU H 68 -4.37 -50.48 37.67
N ASP H 69 -5.26 -51.45 37.65
CA ASP H 69 -5.98 -51.81 36.44
C ASP H 69 -7.21 -52.63 36.84
N ASP H 70 -8.32 -52.38 36.15
CA ASP H 70 -9.56 -53.05 36.49
C ASP H 70 -9.49 -54.54 36.19
N ARG H 71 -8.46 -54.96 35.45
CA ARG H 71 -8.23 -56.36 35.15
C ARG H 71 -7.58 -57.12 36.31
N ASN H 72 -7.33 -56.45 37.43
CA ASN H 72 -6.78 -57.07 38.63
C ASN H 72 -7.87 -57.48 39.61
N ILE H 73 -8.75 -58.39 39.19
CA ILE H 73 -9.86 -58.81 40.03
C ILE H 73 -9.40 -59.93 40.96
N ASN H 74 -8.80 -59.56 42.09
CA ASN H 74 -8.26 -60.51 43.05
C ASN H 74 -8.91 -60.30 44.41
N ASP H 75 -8.98 -61.39 45.17
CA ASP H 75 -9.60 -61.39 46.49
C ASP H 75 -8.75 -60.67 47.53
N GLN H 76 -7.43 -60.72 47.40
CA GLN H 76 -6.54 -60.15 48.40
C GLN H 76 -6.63 -58.62 48.40
N GLY H 77 -7.32 -58.06 49.39
CA GLY H 77 -7.42 -56.62 49.50
C GLY H 77 -7.89 -56.16 50.86
N ILE H 78 -7.17 -55.22 51.45
CA ILE H 78 -7.50 -54.65 52.75
C ILE H 78 -7.43 -53.13 52.63
N ASP H 79 -8.47 -52.46 53.12
CA ASP H 79 -8.54 -51.01 52.99
C ASP H 79 -7.62 -50.32 53.99
N ALA H 80 -7.70 -48.99 54.00
CA ALA H 80 -6.81 -48.18 54.83
C ALA H 80 -7.21 -48.22 56.30
N ASN H 81 -8.35 -48.83 56.61
CA ASN H 81 -8.82 -48.94 57.99
C ASN H 81 -8.72 -50.35 58.54
N GLY H 82 -8.08 -51.27 57.83
CA GLY H 82 -7.93 -52.63 58.31
C GLY H 82 -9.19 -53.46 58.20
N ALA H 83 -9.67 -53.67 56.97
CA ALA H 83 -10.85 -54.48 56.74
C ALA H 83 -10.83 -55.06 55.33
N HIS H 84 -11.09 -56.36 55.19
CA HIS H 84 -11.06 -57.02 53.90
C HIS H 84 -12.10 -56.42 52.96
N ILE H 85 -11.69 -56.13 51.73
CA ILE H 85 -12.57 -55.53 50.74
C ILE H 85 -12.61 -56.42 49.50
N VAL H 86 -13.35 -55.99 48.48
CA VAL H 86 -13.60 -56.78 47.28
C VAL H 86 -12.58 -56.52 46.18
N ASN H 87 -12.04 -55.30 46.08
CA ASN H 87 -11.13 -54.94 44.99
C ASN H 87 -9.72 -54.74 45.56
N GLY H 88 -8.86 -55.73 45.34
CA GLY H 88 -7.49 -55.66 45.81
C GLY H 88 -6.57 -54.98 44.83
N ASN H 89 -7.04 -53.90 44.21
CA ASN H 89 -6.23 -53.17 43.24
C ASN H 89 -6.37 -51.66 43.41
N LEU H 90 -6.62 -51.20 44.65
CA LEU H 90 -6.89 -49.80 44.92
C LEU H 90 -7.96 -49.29 43.96
N TYR H 91 -7.73 -48.12 43.37
CA TYR H 91 -8.55 -47.68 42.25
C TYR H 91 -8.02 -48.29 40.97
N GLY H 92 -8.92 -48.58 40.03
CA GLY H 92 -8.50 -49.21 38.79
C GLY H 92 -8.10 -48.18 37.75
N SER H 93 -8.75 -48.20 36.60
CA SER H 93 -8.54 -47.18 35.58
C SER H 93 -9.32 -45.90 35.88
N SER H 94 -9.99 -45.84 37.02
CA SER H 94 -10.78 -44.67 37.37
C SER H 94 -9.91 -43.43 37.46
N LYS H 95 -10.32 -42.38 36.75
CA LYS H 95 -9.62 -41.10 36.78
C LYS H 95 -10.50 -40.00 37.38
N ASP H 96 -11.18 -40.30 38.47
CA ASP H 96 -12.06 -39.37 39.15
C ASP H 96 -11.42 -39.01 40.49
N ILE H 97 -11.41 -37.72 40.83
CA ILE H 97 -10.83 -37.27 42.09
C ILE H 97 -11.49 -37.97 43.28
N GLY H 98 -12.82 -38.12 43.22
CA GLY H 98 -13.52 -38.78 44.30
C GLY H 98 -13.06 -40.20 44.52
N THR H 99 -13.02 -40.99 43.46
CA THR H 99 -12.58 -42.38 43.57
C THR H 99 -11.12 -42.47 43.96
N ILE H 100 -10.28 -41.61 43.37
CA ILE H 100 -8.86 -41.60 43.68
C ILE H 100 -8.64 -41.34 45.16
N THR H 101 -9.29 -40.31 45.69
CA THR H 101 -9.13 -39.96 47.09
C THR H 101 -9.69 -41.05 48.00
N SER H 102 -10.85 -41.62 47.64
CA SER H 102 -11.45 -42.65 48.46
C SER H 102 -10.60 -43.91 48.53
N LYS H 103 -9.93 -44.27 47.44
CA LYS H 103 -9.12 -45.49 47.41
C LYS H 103 -7.62 -45.22 47.49
N LEU H 104 -7.21 -44.00 47.80
CA LEU H 104 -5.80 -43.70 47.97
C LEU H 104 -5.23 -44.49 49.14
N PRO H 105 -4.10 -45.17 48.97
CA PRO H 105 -3.58 -46.01 50.05
C PRO H 105 -2.88 -45.21 51.14
N LEU H 106 -3.67 -44.54 51.98
CA LEU H 106 -3.11 -43.81 53.11
C LEU H 106 -2.51 -44.77 54.12
N LEU H 107 -1.51 -44.29 54.86
CA LEU H 107 -0.87 -45.05 55.92
C LEU H 107 -0.81 -44.19 57.18
N THR H 108 -1.33 -44.74 58.28
CA THR H 108 -1.33 -44.05 59.55
C THR H 108 -0.01 -44.30 60.29
N GLU H 109 0.18 -43.57 61.40
CA GLU H 109 1.47 -43.59 62.09
C GLU H 109 1.79 -44.97 62.63
N ASN H 110 0.81 -45.65 63.23
CA ASN H 110 1.07 -46.98 63.80
C ASN H 110 1.11 -48.07 62.73
N GLY H 111 0.75 -47.77 61.50
CA GLY H 111 0.87 -48.75 60.43
C GLY H 111 -0.03 -49.94 60.67
N GLY H 112 0.49 -51.12 60.39
CA GLY H 112 -0.24 -52.36 60.56
C GLY H 112 -0.65 -52.95 59.22
N ARG H 113 -1.57 -53.91 59.29
CA ARG H 113 -2.10 -54.57 58.10
C ARG H 113 -3.17 -53.71 57.44
N VAL H 114 -2.70 -52.70 56.70
CA VAL H 114 -3.56 -51.82 55.93
C VAL H 114 -3.01 -51.72 54.51
N ASN H 115 -3.91 -51.55 53.54
CA ASN H 115 -3.54 -51.45 52.13
C ASN H 115 -2.78 -52.68 51.65
N ARG H 116 -3.44 -53.84 51.63
CA ARG H 116 -2.88 -55.04 51.04
C ARG H 116 -3.37 -55.16 49.61
N VAL H 117 -2.46 -55.42 48.67
CA VAL H 117 -2.79 -55.47 47.26
C VAL H 117 -2.51 -56.87 46.72
N GLY H 118 -3.05 -57.13 45.53
CA GLY H 118 -2.88 -58.42 44.89
C GLY H 118 -2.65 -58.25 43.40
N PHE H 119 -2.33 -59.37 42.75
CA PHE H 119 -2.02 -59.39 41.33
C PHE H 119 -2.67 -60.59 40.67
N THR H 120 -2.95 -60.46 39.37
CA THR H 120 -3.52 -61.53 38.58
C THR H 120 -2.73 -61.68 37.28
N ARG H 121 -2.78 -62.88 36.71
CA ARG H 121 -1.96 -63.24 35.55
C ARG H 121 -2.78 -64.13 34.62
N LEU H 122 -3.37 -63.54 33.58
CA LEU H 122 -4.14 -64.31 32.62
C LEU H 122 -3.20 -65.02 31.64
N SER H 123 -3.80 -65.76 30.72
CA SER H 123 -3.06 -66.52 29.72
C SER H 123 -3.71 -66.35 28.36
N ARG H 124 -2.94 -66.63 27.32
CA ARG H 124 -3.39 -66.56 25.94
C ARG H 124 -3.36 -67.96 25.32
N GLU H 125 -3.80 -68.05 24.07
CA GLU H 125 -3.77 -69.32 23.36
C GLU H 125 -3.80 -69.06 21.88
N GLY H 126 -3.35 -70.06 21.12
CA GLY H 126 -3.45 -70.04 19.68
C GLY H 126 -3.11 -71.39 19.09
N SER H 127 -3.97 -71.92 18.23
CA SER H 127 -3.78 -73.26 17.75
C SER H 127 -3.38 -73.26 16.27
N ILE H 128 -2.84 -74.39 15.83
CA ILE H 128 -2.45 -74.58 14.44
C ILE H 128 -3.47 -75.49 13.77
N HIS H 129 -3.93 -75.09 12.60
CA HIS H 129 -4.94 -75.83 11.85
C HIS H 129 -4.39 -76.27 10.51
N LYS H 130 -4.98 -77.31 9.96
CA LYS H 130 -4.44 -77.98 8.78
C LYS H 130 -5.42 -77.85 7.62
N PHE H 131 -4.91 -77.38 6.49
CA PHE H 131 -5.73 -77.08 5.31
C PHE H 131 -5.28 -77.93 4.13
N GLY H 132 -6.04 -77.83 3.04
CA GLY H 132 -5.67 -78.51 1.82
C GLY H 132 -6.79 -78.68 0.81
N PHE H 133 -6.43 -78.76 -0.47
CA PHE H 133 -7.40 -79.03 -1.53
C PHE H 133 -6.65 -79.62 -2.72
N PHE H 134 -7.41 -80.32 -3.57
CA PHE H 134 -6.81 -81.06 -4.67
C PHE H 134 -7.74 -81.03 -5.87
N TYR H 135 -7.16 -81.20 -7.06
CA TYR H 135 -7.90 -81.39 -8.29
C TYR H 135 -7.49 -82.71 -8.93
N GLU H 136 -8.25 -83.12 -9.94
CA GLU H 136 -8.00 -84.38 -10.63
C GLU H 136 -8.10 -84.17 -12.13
N PHE H 137 -7.42 -85.04 -12.89
CA PHE H 137 -7.27 -84.87 -14.32
C PHE H 137 -6.89 -86.20 -14.96
N THR H 138 -7.65 -86.60 -15.98
CA THR H 138 -7.38 -87.82 -16.71
C THR H 138 -6.31 -87.57 -17.78
N GLN H 139 -5.49 -88.58 -18.03
CA GLN H 139 -4.43 -88.45 -19.02
C GLN H 139 -4.97 -88.03 -20.39
N GLU H 140 -6.13 -88.54 -20.76
CA GLU H 140 -6.74 -88.21 -22.05
C GLU H 140 -7.38 -86.84 -22.01
N SER H 141 -7.12 -86.07 -20.96
CA SER H 141 -7.51 -84.67 -20.89
C SER H 141 -6.34 -83.73 -21.11
N LEU H 142 -5.20 -83.99 -20.47
CA LEU H 142 -3.99 -83.27 -20.83
C LEU H 142 -3.62 -83.56 -22.28
N ASP H 143 -3.53 -84.83 -22.63
CA ASP H 143 -3.41 -85.22 -24.02
C ASP H 143 -4.79 -85.14 -24.66
N PHE H 144 -4.81 -85.05 -26.00
CA PHE H 144 -6.05 -85.02 -26.76
C PHE H 144 -6.83 -83.73 -26.52
N ASP H 145 -6.10 -82.63 -26.36
CA ASP H 145 -6.72 -81.34 -26.08
C ASP H 145 -5.99 -80.25 -26.85
N SER H 146 -6.67 -79.11 -27.02
CA SER H 146 -6.11 -78.01 -27.80
C SER H 146 -4.89 -77.41 -27.13
N ASP H 147 -4.98 -77.10 -25.84
CA ASP H 147 -3.94 -76.38 -25.14
C ASP H 147 -2.83 -77.34 -24.70
N ASP H 148 -1.68 -77.24 -25.35
CA ASP H 148 -0.52 -78.01 -24.90
C ASP H 148 -0.09 -77.57 -23.50
N GLN H 149 -0.09 -76.27 -23.24
CA GLN H 149 0.26 -75.73 -21.92
C GLN H 149 -1.02 -75.53 -21.11
N LEU H 150 -1.53 -76.64 -20.57
CA LEU H 150 -2.72 -76.63 -19.75
C LEU H 150 -2.42 -76.95 -18.29
N LYS H 151 -1.64 -78.01 -18.04
CA LYS H 151 -1.32 -78.38 -16.67
C LYS H 151 -0.54 -77.27 -15.97
N GLU H 152 0.29 -76.54 -16.71
CA GLU H 152 0.99 -75.40 -16.15
C GLU H 152 0.00 -74.37 -15.62
N HIS H 153 -1.02 -74.05 -16.42
CA HIS H 153 -2.02 -73.08 -15.99
C HIS H 153 -2.83 -73.62 -14.82
N LEU H 154 -3.13 -74.92 -14.82
CA LEU H 154 -3.85 -75.52 -13.71
C LEU H 154 -3.09 -75.36 -12.41
N SER H 155 -1.79 -75.66 -12.44
CA SER H 155 -0.96 -75.52 -11.24
C SER H 155 -0.86 -74.06 -10.82
N ARG H 156 -0.72 -73.15 -11.80
CA ARG H 156 -0.66 -71.74 -11.50
C ARG H 156 -1.91 -71.30 -10.73
N GLU H 157 -3.08 -71.64 -11.27
CA GLU H 157 -4.33 -71.24 -10.63
C GLU H 157 -4.46 -71.87 -9.25
N LEU H 158 -4.02 -73.11 -9.10
CA LEU H 158 -4.05 -73.76 -7.79
C LEU H 158 -3.23 -72.96 -6.77
N MET H 159 -2.02 -72.57 -7.16
CA MET H 159 -1.14 -71.87 -6.23
C MET H 159 -1.68 -70.49 -5.88
N ASN H 160 -2.18 -69.74 -6.86
CA ASN H 160 -2.74 -68.44 -6.56
C ASN H 160 -3.98 -68.56 -5.67
N GLY H 161 -4.81 -69.57 -5.93
CA GLY H 161 -5.93 -69.81 -5.04
C GLY H 161 -5.50 -70.10 -3.62
N ALA H 162 -4.44 -70.89 -3.45
CA ALA H 162 -3.95 -71.18 -2.11
C ALA H 162 -3.45 -69.92 -1.41
N VAL H 163 -2.68 -69.08 -2.11
CA VAL H 163 -2.15 -67.88 -1.47
C VAL H 163 -3.28 -66.92 -1.10
N GLN H 164 -4.21 -66.70 -2.03
CA GLN H 164 -5.33 -65.79 -1.75
C GLN H 164 -6.19 -66.31 -0.61
N ILE H 165 -6.44 -67.62 -0.56
CA ILE H 165 -7.28 -68.16 0.50
C ILE H 165 -6.57 -68.06 1.84
N THR H 166 -5.24 -68.21 1.84
CA THR H 166 -4.49 -68.07 3.09
C THR H 166 -4.60 -66.65 3.62
N GLU H 167 -4.44 -65.65 2.75
CA GLU H 167 -4.62 -64.28 3.22
C GLU H 167 -6.06 -64.01 3.61
N ALA H 168 -7.02 -64.68 2.97
CA ALA H 168 -8.41 -64.53 3.38
C ALA H 168 -8.60 -65.01 4.82
N VAL H 169 -8.00 -66.16 5.15
CA VAL H 169 -8.09 -66.67 6.52
C VAL H 169 -7.45 -65.69 7.50
N LEU H 170 -6.29 -65.14 7.13
CA LEU H 170 -5.63 -64.17 8.00
C LEU H 170 -6.52 -62.95 8.24
N GLN H 171 -7.12 -62.44 7.17
CA GLN H 171 -8.05 -61.31 7.28
C GLN H 171 -9.19 -61.62 8.22
N LYS H 172 -9.83 -62.78 8.03
CA LYS H 172 -10.97 -63.15 8.85
C LYS H 172 -10.57 -63.25 10.32
N ASP H 173 -9.45 -63.90 10.60
CA ASP H 173 -9.04 -64.12 11.98
C ASP H 173 -8.66 -62.81 12.66
N LEU H 174 -7.96 -61.92 11.94
CA LEU H 174 -7.63 -60.62 12.51
C LEU H 174 -8.89 -59.81 12.78
N LEU H 175 -9.87 -59.86 11.87
CA LEU H 175 -11.12 -59.17 12.12
C LEU H 175 -11.84 -59.72 13.35
N ALA H 176 -11.86 -61.05 13.49
CA ALA H 176 -12.55 -61.68 14.60
C ALA H 176 -11.83 -61.51 15.93
N ALA H 177 -10.53 -61.24 15.92
CA ALA H 177 -9.74 -61.07 17.14
C ALA H 177 -9.53 -59.61 17.51
N ALA H 178 -10.52 -58.76 17.25
CA ALA H 178 -10.40 -57.33 17.51
C ALA H 178 -10.82 -57.03 18.94
N GLY H 179 -9.93 -56.36 19.68
CA GLY H 179 -10.20 -56.04 21.06
C GLY H 179 -10.90 -54.71 21.25
N THR H 180 -10.44 -53.68 20.55
CA THR H 180 -11.08 -52.37 20.62
C THR H 180 -12.03 -52.21 19.43
N VAL H 181 -13.23 -52.74 19.61
CA VAL H 181 -14.23 -52.67 18.55
C VAL H 181 -15.12 -51.45 18.80
N LEU H 182 -15.28 -50.62 17.78
CA LEU H 182 -16.14 -49.44 17.85
C LEU H 182 -17.14 -49.47 16.70
N TYR H 183 -18.25 -48.75 16.90
CA TYR H 183 -19.33 -48.72 15.92
C TYR H 183 -19.62 -47.28 15.57
N ALA H 184 -19.54 -46.96 14.29
CA ALA H 184 -19.79 -45.59 13.84
C ALA H 184 -21.26 -45.22 14.04
N GLY H 185 -21.49 -43.95 14.31
CA GLY H 185 -22.84 -43.45 14.48
C GLY H 185 -23.47 -43.95 15.77
N ALA H 186 -24.79 -43.81 15.82
CA ALA H 186 -25.58 -44.20 16.99
C ALA H 186 -25.85 -45.71 16.90
N ALA H 187 -24.80 -46.48 17.17
CA ALA H 187 -24.89 -47.93 17.17
C ALA H 187 -24.13 -48.48 18.37
N THR H 188 -24.55 -49.67 18.81
CA THR H 188 -23.90 -50.31 19.94
C THR H 188 -23.75 -51.82 19.70
N SER H 189 -24.16 -52.27 18.51
CA SER H 189 -24.05 -53.69 18.15
C SER H 189 -24.23 -53.81 16.65
N ASP H 190 -23.85 -54.98 16.13
CA ASP H 190 -24.02 -55.24 14.70
C ASP H 190 -25.50 -55.21 14.32
N ALA H 191 -26.35 -55.79 15.16
CA ALA H 191 -27.77 -55.87 14.84
C ALA H 191 -28.42 -54.50 14.77
N THR H 192 -27.85 -53.50 15.42
CA THR H 192 -28.41 -52.16 15.43
C THR H 192 -27.65 -51.19 14.54
N ILE H 193 -26.62 -51.64 13.84
CA ILE H 193 -25.95 -50.79 12.86
C ILE H 193 -26.93 -50.60 11.70
N THR H 194 -27.05 -49.36 11.23
CA THR H 194 -28.06 -49.03 10.23
C THR H 194 -27.54 -47.97 9.27
N GLY H 195 -28.40 -47.61 8.31
CA GLY H 195 -28.08 -46.59 7.35
C GLY H 195 -29.28 -45.72 7.01
N GLU H 196 -30.35 -45.85 7.78
CA GLU H 196 -31.56 -45.05 7.61
C GLU H 196 -31.98 -44.48 8.95
N GLY H 197 -32.50 -43.26 8.93
CA GLY H 197 -32.97 -42.57 10.11
C GLY H 197 -32.23 -41.27 10.29
N SER H 198 -32.27 -40.76 11.52
CA SER H 198 -31.56 -39.53 11.82
C SER H 198 -30.06 -39.72 11.88
N THR H 199 -29.60 -40.90 12.33
CA THR H 199 -28.18 -41.15 12.57
C THR H 199 -27.75 -42.44 11.87
N PRO H 200 -27.45 -42.39 10.58
CA PRO H 200 -26.86 -43.55 9.92
C PRO H 200 -25.43 -43.76 10.39
N SER H 201 -24.99 -45.02 10.31
CA SER H 201 -23.64 -45.38 10.76
C SER H 201 -22.64 -45.01 9.67
N VAL H 202 -22.31 -43.73 9.62
CA VAL H 202 -21.36 -43.19 8.65
C VAL H 202 -20.15 -42.69 9.40
N ILE H 203 -18.96 -43.09 8.94
CA ILE H 203 -17.70 -42.69 9.55
C ILE H 203 -17.57 -41.18 9.52
N THR H 204 -17.40 -40.57 10.68
CA THR H 204 -17.28 -39.13 10.84
C THR H 204 -15.98 -38.77 11.53
N TYR H 205 -15.57 -37.51 11.36
CA TYR H 205 -14.30 -37.05 11.91
C TYR H 205 -14.20 -37.30 13.41
N LYS H 206 -15.32 -37.13 14.12
CA LYS H 206 -15.32 -37.41 15.55
C LYS H 206 -15.05 -38.89 15.82
N ASN H 207 -15.61 -39.77 14.98
CA ASN H 207 -15.45 -41.20 15.21
C ASN H 207 -13.99 -41.63 15.06
N LEU H 208 -13.30 -41.12 14.05
CA LEU H 208 -11.86 -41.39 13.95
C LEU H 208 -11.09 -40.75 15.09
N MET H 209 -11.56 -39.60 15.58
CA MET H 209 -10.89 -38.97 16.71
C MET H 209 -11.06 -39.80 17.97
N ARG H 210 -12.25 -40.36 18.18
CA ARG H 210 -12.46 -41.26 19.31
C ARG H 210 -11.65 -42.54 19.15
N LEU H 211 -11.45 -42.98 17.91
CA LEU H 211 -10.68 -44.21 17.67
C LEU H 211 -9.25 -44.07 18.16
N ASP H 212 -8.61 -42.94 17.88
CA ASP H 212 -7.22 -42.77 18.27
C ASP H 212 -7.11 -42.56 19.78
N ALA H 213 -8.08 -41.85 20.37
CA ALA H 213 -8.07 -41.63 21.81
C ALA H 213 -8.01 -42.94 22.58
N ILE H 214 -8.74 -43.95 22.11
CA ILE H 214 -8.63 -45.28 22.70
C ILE H 214 -7.28 -45.90 22.40
N LEU H 215 -6.77 -45.68 21.19
CA LEU H 215 -5.48 -46.25 20.81
C LEU H 215 -4.30 -45.56 21.51
N THR H 216 -4.54 -44.44 22.18
CA THR H 216 -3.52 -43.84 23.03
C THR H 216 -3.64 -44.29 24.48
N ASP H 217 -4.87 -44.46 24.97
CA ASP H 217 -5.05 -45.04 26.30
C ASP H 217 -4.60 -46.49 26.33
N ASN H 218 -4.92 -47.26 25.29
CA ASN H 218 -4.48 -48.65 25.19
C ASN H 218 -3.01 -48.77 24.82
N ARG H 219 -2.29 -47.65 24.71
CA ARG H 219 -0.84 -47.63 24.53
C ARG H 219 -0.40 -48.27 23.23
N THR H 220 -1.26 -48.30 22.22
CA THR H 220 -0.88 -48.82 20.92
C THR H 220 0.23 -47.95 20.33
N PRO H 221 1.44 -48.49 20.16
CA PRO H 221 2.56 -47.66 19.71
C PRO H 221 2.32 -47.09 18.32
N THR H 222 2.75 -45.85 18.12
CA THR H 222 2.64 -45.22 16.82
C THR H 222 3.60 -45.88 15.84
N GLN H 223 3.18 -45.93 14.57
CA GLN H 223 3.93 -46.63 13.54
C GLN H 223 4.63 -45.69 12.57
N THR H 224 3.98 -44.61 12.16
CA THR H 224 4.54 -43.68 11.18
C THR H 224 4.70 -42.30 11.81
N THR H 225 5.72 -41.59 11.34
CA THR H 225 6.00 -40.24 11.81
C THR H 225 5.13 -39.23 11.07
N ILE H 226 5.29 -37.95 11.41
CA ILE H 226 4.46 -36.88 10.87
C ILE H 226 5.25 -36.12 9.83
N ILE H 227 4.61 -35.85 8.69
CA ILE H 227 5.23 -35.07 7.63
C ILE H 227 5.13 -33.59 8.00
N THR H 228 6.28 -32.96 8.21
CA THR H 228 6.33 -31.58 8.64
C THR H 228 6.26 -30.59 7.49
N GLY H 229 6.19 -31.07 6.26
CA GLY H 229 6.07 -30.20 5.10
C GLY H 229 7.24 -30.39 4.15
N SER H 230 7.06 -29.84 2.94
CA SER H 230 8.06 -29.87 1.90
C SER H 230 8.32 -28.46 1.41
N ARG H 231 9.31 -28.31 0.54
CA ARG H 231 9.66 -27.02 -0.03
C ARG H 231 8.84 -26.67 -1.26
N LEU H 232 8.02 -27.59 -1.75
CA LEU H 232 7.24 -27.38 -2.97
C LEU H 232 6.06 -26.46 -2.67
N VAL H 233 5.15 -26.32 -3.63
CA VAL H 233 4.17 -25.24 -3.58
C VAL H 233 2.88 -25.66 -2.90
N ASP H 234 2.17 -26.63 -3.47
CA ASP H 234 0.85 -27.02 -2.98
C ASP H 234 0.96 -28.34 -2.21
N THR H 235 1.98 -28.48 -1.37
CA THR H 235 2.04 -29.60 -0.45
C THR H 235 1.48 -29.15 0.90
N LYS H 236 1.15 -30.14 1.74
CA LYS H 236 0.59 -29.87 3.05
C LYS H 236 1.32 -30.72 4.09
N VAL H 237 0.99 -30.49 5.35
CA VAL H 237 1.56 -31.25 6.45
C VAL H 237 0.59 -32.36 6.82
N ILE H 238 1.10 -33.40 7.46
CA ILE H 238 0.34 -34.59 7.76
C ILE H 238 0.58 -34.98 9.21
N GLY H 239 -0.51 -35.23 9.94
CA GLY H 239 -0.41 -35.65 11.32
C GLY H 239 -0.63 -37.14 11.51
N GLY H 240 -0.56 -37.89 10.42
CA GLY H 240 -0.79 -39.32 10.46
C GLY H 240 0.24 -40.08 11.25
N THR H 241 -0.19 -40.80 12.28
CA THR H 241 0.69 -41.63 13.10
C THR H 241 0.44 -43.11 12.91
N ARG H 242 -0.81 -43.55 13.03
CA ARG H 242 -1.17 -44.96 12.90
C ARG H 242 -1.58 -45.25 11.46
N VAL H 243 -1.55 -46.54 11.11
CA VAL H 243 -1.90 -47.00 9.78
C VAL H 243 -3.26 -47.67 9.83
N MET H 244 -4.16 -47.25 8.94
CA MET H 244 -5.52 -47.72 8.91
C MET H 244 -5.82 -48.35 7.55
N TYR H 245 -6.56 -49.46 7.57
CA TYR H 245 -6.89 -50.22 6.38
C TYR H 245 -8.38 -50.10 6.11
N VAL H 246 -8.75 -49.87 4.86
CA VAL H 246 -10.14 -49.67 4.47
C VAL H 246 -10.42 -50.51 3.23
N GLY H 247 -11.64 -51.02 3.14
CA GLY H 247 -12.08 -51.65 1.92
C GLY H 247 -12.39 -50.63 0.85
N SER H 248 -12.65 -51.13 -0.36
CA SER H 248 -12.99 -50.23 -1.46
C SER H 248 -14.35 -49.57 -1.24
N GLU H 249 -15.26 -50.24 -0.53
CA GLU H 249 -16.61 -49.72 -0.38
C GLU H 249 -16.62 -48.42 0.42
N LEU H 250 -15.87 -48.36 1.51
CA LEU H 250 -15.93 -47.21 2.40
C LEU H 250 -15.08 -46.04 1.94
N VAL H 251 -14.27 -46.21 0.88
CA VAL H 251 -13.43 -45.11 0.42
C VAL H 251 -14.24 -43.89 -0.03
N PRO H 252 -15.31 -44.03 -0.83
CA PRO H 252 -16.07 -42.83 -1.21
C PRO H 252 -16.65 -42.07 -0.03
N ASP H 253 -17.04 -42.78 1.03
CA ASP H 253 -17.60 -42.09 2.19
C ASP H 253 -16.52 -41.38 3.00
N LEU H 254 -15.27 -41.85 2.89
CA LEU H 254 -14.17 -41.14 3.54
C LEU H 254 -13.69 -39.96 2.70
N LYS H 255 -13.86 -40.04 1.38
CA LYS H 255 -13.43 -38.96 0.51
C LYS H 255 -14.23 -37.68 0.73
N ALA H 256 -15.52 -37.81 1.03
CA ALA H 256 -16.44 -36.68 1.14
C ALA H 256 -16.86 -36.42 2.58
N MET H 257 -15.93 -36.58 3.51
CA MET H 257 -16.21 -36.48 4.93
C MET H 257 -15.60 -35.19 5.48
N LYS H 258 -16.38 -34.45 6.25
CA LYS H 258 -16.00 -33.12 6.70
C LYS H 258 -15.16 -33.18 7.99
N ASP H 259 -14.32 -32.16 8.17
CA ASP H 259 -13.60 -31.98 9.43
C ASP H 259 -14.45 -31.16 10.41
N LEU H 260 -13.84 -30.69 11.49
CA LEU H 260 -14.59 -29.97 12.52
C LEU H 260 -15.01 -28.57 12.10
N PHE H 261 -14.48 -28.03 11.01
CA PHE H 261 -14.83 -26.69 10.54
C PHE H 261 -15.67 -26.72 9.28
N GLY H 262 -16.03 -27.90 8.78
CA GLY H 262 -16.82 -28.00 7.57
C GLY H 262 -16.01 -27.78 6.32
N ASN H 263 -15.00 -28.62 6.11
CA ASN H 263 -14.18 -28.58 4.90
C ASN H 263 -13.73 -29.97 4.52
N LYS H 264 -12.74 -30.07 3.64
CA LYS H 264 -12.16 -31.34 3.24
C LYS H 264 -11.06 -31.74 4.21
N ALA H 265 -11.15 -32.95 4.77
CA ALA H 265 -10.03 -33.57 5.48
C ALA H 265 -9.86 -34.96 4.89
N PHE H 266 -9.23 -35.02 3.72
CA PHE H 266 -8.74 -36.26 3.14
C PHE H 266 -7.46 -36.01 2.36
N ILE H 267 -6.49 -35.31 2.95
CA ILE H 267 -5.31 -34.91 2.20
C ILE H 267 -4.72 -36.15 1.52
N GLU H 268 -4.73 -36.17 0.20
CA GLU H 268 -4.41 -37.37 -0.55
C GLU H 268 -2.90 -37.48 -0.78
N ILE H 269 -2.51 -38.61 -1.37
CA ILE H 269 -1.11 -38.94 -1.57
C ILE H 269 -0.41 -37.96 -2.49
N GLN H 270 -1.15 -37.28 -3.38
CA GLN H 270 -0.52 -36.39 -4.34
C GLN H 270 -0.02 -35.11 -3.66
N HIS H 271 -0.56 -34.78 -2.49
CA HIS H 271 -0.16 -33.55 -1.83
C HIS H 271 1.18 -33.71 -1.12
N TYR H 272 1.35 -34.79 -0.36
CA TYR H 272 2.57 -35.05 0.39
C TYR H 272 3.31 -36.21 -0.27
N GLY H 273 4.18 -35.89 -1.22
CA GLY H 273 4.98 -36.92 -1.87
C GLY H 273 6.46 -36.63 -1.76
N ASP H 274 6.81 -35.36 -1.62
CA ASP H 274 8.22 -34.99 -1.53
C ASP H 274 8.81 -35.42 -0.20
N ALA H 275 8.09 -35.23 0.90
CA ALA H 275 8.59 -35.58 2.22
C ALA H 275 8.22 -37.00 2.60
N GLY H 276 6.93 -37.30 2.62
CA GLY H 276 6.45 -38.60 3.04
C GLY H 276 6.92 -39.75 2.17
N THR H 277 7.46 -40.79 2.80
CA THR H 277 7.78 -42.03 2.09
C THR H 277 6.52 -42.89 1.98
N LEU H 278 5.64 -42.46 1.07
CA LEU H 278 4.33 -43.06 0.87
C LEU H 278 4.42 -44.58 0.73
N MET H 279 3.64 -45.30 1.53
CA MET H 279 3.64 -46.75 1.46
C MET H 279 2.64 -47.24 0.43
N ASN H 280 2.78 -48.51 0.05
CA ASN H 280 1.99 -49.06 -1.04
C ASN H 280 0.52 -49.15 -0.66
N GLY H 281 -0.34 -48.84 -1.63
CA GLY H 281 -1.77 -48.85 -1.39
C GLY H 281 -2.30 -47.62 -0.68
N GLU H 282 -1.46 -46.63 -0.42
CA GLU H 282 -1.87 -45.44 0.31
C GLU H 282 -2.84 -44.61 -0.53
N ILE H 283 -3.79 -43.98 0.15
CA ILE H 283 -4.75 -43.09 -0.51
C ILE H 283 -4.81 -41.76 0.24
N GLY H 284 -4.10 -41.67 1.36
CA GLY H 284 -4.03 -40.43 2.11
C GLY H 284 -4.26 -40.60 3.60
N THR H 285 -4.09 -39.52 4.37
CA THR H 285 -4.36 -39.52 5.79
C THR H 285 -5.48 -38.54 6.10
N ILE H 286 -6.34 -38.90 7.05
CA ILE H 286 -7.43 -38.01 7.40
C ILE H 286 -7.02 -37.08 8.54
N ASP H 287 -6.84 -37.64 9.73
CA ASP H 287 -6.45 -36.83 10.88
C ASP H 287 -5.12 -37.28 11.46
N LYS H 288 -5.06 -38.55 11.87
CA LYS H 288 -3.85 -39.16 12.39
C LYS H 288 -3.68 -40.58 11.89
N PHE H 289 -4.55 -41.06 11.00
CA PHE H 289 -4.46 -42.40 10.43
C PHE H 289 -4.07 -42.26 8.96
N ARG H 290 -3.05 -43.02 8.55
CA ARG H 290 -2.69 -43.11 7.14
C ARG H 290 -3.43 -44.29 6.53
N ILE H 291 -4.32 -44.01 5.57
CA ILE H 291 -5.21 -45.04 5.05
C ILE H 291 -4.52 -45.83 3.95
N ILE H 292 -4.66 -47.15 4.01
CA ILE H 292 -4.22 -48.07 2.96
C ILE H 292 -5.47 -48.76 2.41
N GLN H 293 -5.60 -48.78 1.09
CA GLN H 293 -6.68 -49.54 0.47
C GLN H 293 -6.29 -50.99 0.36
N VAL H 294 -7.19 -51.88 0.77
CA VAL H 294 -6.98 -53.32 0.64
C VAL H 294 -7.87 -53.81 -0.50
N PRO H 295 -7.29 -54.17 -1.65
CA PRO H 295 -8.11 -54.59 -2.80
C PRO H 295 -9.11 -55.67 -2.45
N GLU H 296 -8.70 -56.63 -1.64
CA GLU H 296 -9.57 -57.71 -1.19
C GLU H 296 -9.67 -57.67 0.33
N MET H 297 -10.61 -56.87 0.82
CA MET H 297 -10.88 -56.74 2.24
C MET H 297 -12.26 -57.31 2.54
N LEU H 298 -12.31 -58.26 3.47
CA LEU H 298 -13.55 -58.98 3.77
C LEU H 298 -14.52 -58.08 4.51
N HIS H 299 -15.78 -58.53 4.58
CA HIS H 299 -16.84 -57.78 5.23
C HIS H 299 -17.94 -58.73 5.67
N TRP H 300 -18.78 -58.25 6.58
CA TRP H 300 -19.94 -59.01 7.04
C TRP H 300 -21.16 -58.63 6.22
N ALA H 301 -21.84 -59.64 5.69
CA ALA H 301 -23.01 -59.43 4.85
C ALA H 301 -24.28 -59.74 5.62
N GLY H 302 -25.23 -58.82 5.54
CA GLY H 302 -26.50 -59.01 6.22
C GLY H 302 -26.38 -59.07 7.73
N ALA H 303 -25.42 -58.34 8.29
CA ALA H 303 -25.20 -58.30 9.73
C ALA H 303 -25.72 -57.03 10.37
N GLY H 304 -26.39 -56.17 9.62
CA GLY H 304 -26.91 -54.93 10.13
C GLY H 304 -28.39 -55.00 10.47
N ALA H 305 -29.02 -53.83 10.54
CA ALA H 305 -30.43 -53.74 10.84
C ALA H 305 -31.27 -54.07 9.62
N ALA H 306 -32.58 -54.16 9.81
CA ALA H 306 -33.48 -54.44 8.71
C ALA H 306 -33.54 -53.23 7.78
N ALA H 307 -33.30 -53.46 6.50
CA ALA H 307 -33.24 -52.39 5.51
C ALA H 307 -34.63 -52.20 4.90
N THR H 308 -35.32 -51.15 5.32
CA THR H 308 -36.63 -50.83 4.78
C THR H 308 -36.48 -50.03 3.49
N ASP H 309 -37.62 -49.58 2.96
CA ASP H 309 -37.61 -48.80 1.72
C ASP H 309 -36.98 -47.43 1.90
N ALA H 310 -36.81 -46.97 3.14
CA ALA H 310 -36.21 -45.66 3.37
C ALA H 310 -34.72 -45.64 3.08
N ASN H 311 -34.17 -46.72 2.56
CA ASN H 311 -32.75 -46.86 2.24
C ASN H 311 -32.31 -45.73 1.31
N PRO H 312 -31.42 -44.83 1.76
CA PRO H 312 -30.96 -43.75 0.89
C PRO H 312 -29.87 -44.17 -0.09
N GLY H 313 -29.53 -45.46 -0.16
CA GLY H 313 -28.51 -45.91 -1.09
C GLY H 313 -27.35 -46.64 -0.45
N TYR H 314 -27.57 -47.22 0.72
CA TYR H 314 -26.55 -47.99 1.40
C TYR H 314 -26.69 -49.48 1.07
N ARG H 315 -25.55 -50.17 1.03
CA ARG H 315 -25.50 -51.54 0.56
C ARG H 315 -26.26 -52.47 1.50
N THR H 316 -26.96 -53.43 0.92
CA THR H 316 -27.69 -54.45 1.65
C THR H 316 -27.29 -55.84 1.17
N SER H 317 -27.80 -56.85 1.86
CA SER H 317 -27.55 -58.25 1.50
C SER H 317 -28.63 -59.11 2.14
N THR H 318 -29.44 -59.76 1.30
CA THR H 318 -30.58 -60.52 1.79
C THR H 318 -30.14 -61.68 2.67
N VAL H 319 -30.77 -61.82 3.82
CA VAL H 319 -30.61 -62.99 4.68
C VAL H 319 -31.99 -63.37 5.21
N ASN H 320 -32.30 -64.67 5.19
CA ASN H 320 -33.59 -65.18 5.67
C ASN H 320 -34.75 -64.43 5.02
N GLY H 321 -34.60 -64.06 3.76
CA GLY H 321 -35.63 -63.32 3.06
C GLY H 321 -35.49 -61.82 3.16
N THR H 322 -35.66 -61.27 4.36
CA THR H 322 -35.62 -59.83 4.55
C THR H 322 -34.22 -59.29 4.29
N GLU H 323 -34.14 -58.19 3.55
CA GLU H 323 -32.86 -57.61 3.16
C GLU H 323 -32.29 -56.80 4.32
N HIS H 324 -31.16 -57.24 4.85
CA HIS H 324 -30.46 -56.52 5.91
C HIS H 324 -29.31 -55.71 5.33
N TYR H 325 -28.84 -54.74 6.11
CA TYR H 325 -27.74 -53.89 5.69
C TYR H 325 -26.43 -54.68 5.68
N ASP H 326 -25.36 -54.00 5.33
CA ASP H 326 -24.02 -54.57 5.37
C ASP H 326 -23.22 -53.95 6.51
N VAL H 327 -22.08 -54.56 6.80
CA VAL H 327 -21.18 -54.11 7.85
C VAL H 327 -19.77 -54.11 7.29
N TYR H 328 -19.15 -52.93 7.24
CA TYR H 328 -17.82 -52.96 6.67
C TYR H 328 -16.78 -52.60 7.72
N PRO H 329 -15.67 -53.34 7.77
CA PRO H 329 -14.64 -53.09 8.78
C PRO H 329 -13.52 -52.16 8.31
N VAL H 330 -12.83 -51.53 9.25
CA VAL H 330 -11.64 -50.73 8.96
C VAL H 330 -10.61 -51.06 10.03
N LEU H 331 -9.65 -51.91 9.68
CA LEU H 331 -8.66 -52.38 10.64
C LEU H 331 -7.57 -51.33 10.87
N VAL H 332 -7.11 -51.25 12.13
CA VAL H 332 -5.87 -50.58 12.46
C VAL H 332 -5.11 -51.44 13.47
N VAL H 333 -4.13 -52.20 12.97
CA VAL H 333 -3.37 -53.07 13.87
C VAL H 333 -2.16 -52.33 14.40
N GLY H 334 -1.64 -52.82 15.53
CA GLY H 334 -0.50 -52.23 16.17
C GLY H 334 0.70 -53.17 16.14
N ASP H 335 1.87 -52.57 16.36
CA ASP H 335 3.10 -53.35 16.42
C ASP H 335 3.04 -54.32 17.60
N ASP H 336 3.43 -55.57 17.35
CA ASP H 336 3.37 -56.63 18.35
C ASP H 336 1.96 -56.76 18.92
N SER H 337 1.03 -57.18 18.06
CA SER H 337 -0.34 -57.46 18.48
C SER H 337 -0.79 -58.86 18.13
N PHE H 338 -0.12 -59.52 17.20
CA PHE H 338 -0.39 -60.91 16.88
C PHE H 338 0.87 -61.51 16.27
N THR H 339 0.97 -62.83 16.31
CA THR H 339 2.09 -63.54 15.71
C THR H 339 1.56 -64.80 15.05
N THR H 340 1.84 -64.95 13.75
CA THR H 340 1.49 -66.19 13.06
C THR H 340 2.35 -67.33 13.58
N ILE H 341 1.76 -68.52 13.66
CA ILE H 341 2.45 -69.71 14.13
C ILE H 341 2.65 -70.65 12.94
N GLY H 342 3.86 -71.17 12.79
CA GLY H 342 4.19 -72.13 11.75
C GLY H 342 4.70 -73.42 12.35
N PHE H 343 4.31 -74.55 11.74
CA PHE H 343 4.71 -75.86 12.26
C PHE H 343 6.10 -76.23 11.77
N GLN H 344 6.26 -76.38 10.46
CA GLN H 344 7.54 -76.78 9.88
C GLN H 344 8.16 -75.71 8.99
N THR H 345 7.54 -74.53 8.90
CA THR H 345 8.03 -73.44 8.06
C THR H 345 9.46 -73.07 8.43
N ASP H 346 10.32 -72.90 7.42
CA ASP H 346 11.68 -72.43 7.65
C ASP H 346 11.68 -70.92 7.74
N GLY H 347 10.99 -70.42 8.76
CA GLY H 347 10.84 -68.98 8.94
C GLY H 347 9.88 -68.35 7.95
N LYS H 348 8.62 -68.81 7.96
CA LYS H 348 7.61 -68.29 7.05
C LYS H 348 6.24 -68.51 7.67
N SER H 349 5.25 -67.79 7.15
CA SER H 349 3.89 -67.95 7.66
C SER H 349 3.30 -69.30 7.28
N VAL H 350 3.38 -69.69 6.01
CA VAL H 350 2.88 -70.98 5.55
C VAL H 350 3.86 -71.59 4.56
N LYS H 351 4.10 -72.90 4.66
CA LYS H 351 4.92 -73.62 3.69
C LYS H 351 3.99 -74.56 2.95
N PHE H 352 3.60 -74.15 1.74
CA PHE H 352 2.76 -74.99 0.90
C PHE H 352 3.48 -76.28 0.54
N ASN H 353 2.79 -77.41 0.68
CA ASN H 353 3.33 -78.71 0.31
C ASN H 353 2.53 -79.27 -0.86
N VAL H 354 3.20 -79.55 -1.96
CA VAL H 354 2.54 -80.02 -3.18
C VAL H 354 3.06 -81.42 -3.51
N MET H 355 2.13 -82.33 -3.77
CA MET H 355 2.47 -83.70 -4.19
C MET H 355 1.56 -84.03 -5.37
N THR H 356 2.14 -84.07 -6.57
CA THR H 356 1.40 -84.37 -7.78
C THR H 356 1.97 -85.64 -8.41
N LYS H 357 1.09 -86.51 -8.89
CA LYS H 357 1.47 -87.75 -9.53
C LYS H 357 0.83 -87.83 -10.90
N MET H 358 1.64 -87.79 -11.94
CA MET H 358 1.15 -87.80 -13.31
C MET H 358 0.66 -89.20 -13.69
N PRO H 359 -0.26 -89.30 -14.65
CA PRO H 359 -0.72 -90.60 -15.10
C PRO H 359 0.44 -91.41 -15.69
N GLY H 360 0.42 -92.71 -15.47
CA GLY H 360 1.46 -93.58 -15.94
C GLY H 360 1.80 -94.61 -14.86
N LYS H 361 3.10 -94.84 -14.68
CA LYS H 361 3.55 -95.84 -13.72
C LYS H 361 3.20 -95.44 -12.29
N GLU H 362 3.20 -94.14 -11.99
CA GLU H 362 3.04 -93.69 -10.61
C GLU H 362 1.65 -94.01 -10.06
N THR H 363 0.60 -93.67 -10.81
CA THR H 363 -0.75 -93.90 -10.33
C THR H 363 -1.25 -95.31 -10.60
N ALA H 364 -0.50 -96.12 -11.34
CA ALA H 364 -0.93 -97.48 -11.63
C ALA H 364 -0.93 -98.33 -10.37
N ASP H 365 -2.07 -98.99 -10.10
CA ASP H 365 -2.17 -99.86 -8.90
C ASP H 365 -3.06 -101.06 -9.23
N ARG H 366 -3.81 -101.54 -8.24
CA ARG H 366 -4.72 -102.68 -8.47
C ARG H 366 -6.16 -102.16 -8.49
N ASN H 367 -6.37 -100.95 -7.96
CA ASN H 367 -7.72 -100.33 -8.05
C ASN H 367 -7.78 -99.62 -9.39
N ASP H 368 -6.71 -99.70 -10.18
CA ASP H 368 -6.70 -99.13 -11.52
C ASP H 368 -5.46 -99.66 -12.24
N PRO H 369 -5.54 -100.83 -12.85
CA PRO H 369 -4.35 -101.39 -13.50
C PRO H 369 -4.14 -100.88 -14.91
N TYR H 370 -4.26 -99.57 -15.10
CA TYR H 370 -3.97 -98.95 -16.39
C TYR H 370 -3.25 -97.63 -16.18
N GLY H 371 -3.42 -97.04 -15.00
CA GLY H 371 -2.74 -95.80 -14.68
C GLY H 371 -3.11 -94.63 -15.58
N GLU H 372 -4.36 -94.19 -15.50
CA GLU H 372 -4.86 -93.11 -16.33
C GLU H 372 -5.67 -92.12 -15.51
N THR H 373 -5.22 -91.83 -14.29
CA THR H 373 -5.90 -90.90 -13.40
C THR H 373 -4.86 -90.25 -12.50
N GLY H 374 -4.56 -88.98 -12.75
CA GLY H 374 -3.63 -88.23 -11.93
C GLY H 374 -4.34 -87.41 -10.88
N PHE H 375 -3.53 -86.69 -10.09
CA PHE H 375 -4.04 -85.83 -9.04
C PHE H 375 -2.92 -84.94 -8.56
N SER H 376 -3.29 -83.78 -8.01
CA SER H 376 -2.34 -82.86 -7.40
C SER H 376 -3.00 -82.23 -6.19
N SER H 377 -2.28 -82.17 -5.08
CA SER H 377 -2.82 -81.71 -3.82
C SER H 377 -1.84 -80.75 -3.15
N ILE H 378 -2.36 -79.70 -2.54
CA ILE H 378 -1.57 -78.71 -1.83
C ILE H 378 -2.12 -78.58 -0.41
N LYS H 379 -1.24 -78.66 0.58
CA LYS H 379 -1.61 -78.60 1.99
C LYS H 379 -0.65 -77.68 2.74
N TRP H 380 -1.11 -77.19 3.89
CA TRP H 380 -0.30 -76.31 4.72
C TRP H 380 -0.94 -76.22 6.10
N TYR H 381 -0.19 -75.60 7.03
CA TYR H 381 -0.65 -75.36 8.39
C TYR H 381 -0.77 -73.86 8.62
N TYR H 382 -1.64 -73.48 9.55
CA TYR H 382 -1.88 -72.06 9.80
C TYR H 382 -2.43 -71.88 11.20
N GLY H 383 -2.18 -70.70 11.76
CA GLY H 383 -2.74 -70.34 13.05
C GLY H 383 -2.29 -68.96 13.45
N ILE H 384 -2.87 -68.46 14.54
CA ILE H 384 -2.57 -67.13 15.06
C ILE H 384 -2.48 -67.18 16.57
N LEU H 385 -1.47 -66.51 17.12
CA LEU H 385 -1.39 -66.24 18.56
C LEU H 385 -1.61 -64.74 18.75
N VAL H 386 -2.76 -64.38 19.30
CA VAL H 386 -3.05 -62.98 19.58
C VAL H 386 -2.58 -62.65 20.99
N LYS H 387 -1.42 -61.98 21.08
CA LYS H 387 -0.86 -61.66 22.38
C LYS H 387 -1.58 -60.47 23.01
N ARG H 388 -1.58 -59.34 22.32
CA ARG H 388 -2.28 -58.14 22.79
C ARG H 388 -3.47 -57.86 21.89
N PRO H 389 -4.70 -58.15 22.33
CA PRO H 389 -5.87 -57.86 21.50
C PRO H 389 -6.31 -56.41 21.53
N GLU H 390 -5.88 -55.63 22.52
CA GLU H 390 -6.28 -54.23 22.62
C GLU H 390 -5.62 -53.34 21.58
N ARG H 391 -4.59 -53.83 20.90
CA ARG H 391 -3.92 -53.06 19.85
C ARG H 391 -4.55 -53.26 18.48
N ILE H 392 -5.61 -54.06 18.39
CA ILE H 392 -6.37 -54.23 17.15
C ILE H 392 -7.70 -53.53 17.33
N ALA H 393 -7.99 -52.55 16.48
CA ALA H 393 -9.16 -51.69 16.65
C ALA H 393 -9.97 -51.66 15.35
N VAL H 394 -10.91 -52.58 15.22
CA VAL H 394 -11.81 -52.58 14.07
C VAL H 394 -12.96 -51.61 14.34
N MET H 395 -13.51 -51.06 13.27
CA MET H 395 -14.66 -50.18 13.35
C MET H 395 -15.63 -50.52 12.22
N LYS H 396 -16.92 -50.49 12.51
CA LYS H 396 -17.94 -50.94 11.58
C LYS H 396 -18.83 -49.78 11.17
N ALA H 397 -19.33 -49.84 9.94
CA ALA H 397 -20.19 -48.80 9.38
C ALA H 397 -20.93 -49.36 8.18
N VAL H 398 -21.57 -48.47 7.43
CA VAL H 398 -22.24 -48.80 6.18
C VAL H 398 -21.72 -47.87 5.10
N ALA H 399 -21.39 -48.42 3.95
CA ALA H 399 -20.87 -47.63 2.84
C ALA H 399 -21.89 -47.52 1.73
N PRO H 400 -21.81 -46.46 0.91
CA PRO H 400 -22.83 -46.27 -0.13
C PRO H 400 -22.75 -47.35 -1.20
N LEU H 401 -23.84 -47.46 -1.95
CA LEU H 401 -23.95 -48.42 -3.05
C LEU H 401 -22.81 -48.26 -4.05
N MET I 1 55.23 36.41 116.95
CA MET I 1 56.27 35.44 116.62
C MET I 1 55.94 34.79 115.28
N LEU I 2 55.13 35.48 114.48
CA LEU I 2 54.67 34.97 113.19
C LEU I 2 53.99 33.62 113.35
N ASN I 3 53.20 33.51 114.40
CA ASN I 3 52.56 32.25 114.76
C ASN I 3 51.50 31.87 113.73
N TYR I 4 50.85 30.73 113.95
CA TYR I 4 49.93 30.16 112.97
C TYR I 4 48.47 30.27 113.38
N ASN I 5 48.16 30.24 114.67
CA ASN I 5 46.78 30.20 115.17
C ASN I 5 45.99 29.07 114.53
N ALA I 6 44.86 29.39 113.92
CA ALA I 6 43.99 28.39 113.28
C ALA I 6 43.09 29.06 112.25
N PRO I 7 43.57 29.22 111.01
CA PRO I 7 42.76 29.92 110.00
C PRO I 7 41.40 29.29 109.74
N ILE I 8 41.29 27.97 109.84
CA ILE I 8 40.00 27.31 109.60
C ILE I 8 38.96 27.64 110.65
N ASP I 9 39.38 28.20 111.79
CA ASP I 9 38.46 28.57 112.86
C ASP I 9 38.14 30.06 112.86
N GLY I 10 38.49 30.77 111.80
CA GLY I 10 38.26 32.20 111.73
C GLY I 10 39.45 33.02 112.15
N GLN I 11 40.14 32.56 113.20
CA GLN I 11 41.34 33.24 113.67
C GLN I 11 42.45 33.17 112.63
N LYS I 12 42.79 34.30 112.04
CA LYS I 12 43.80 34.32 110.99
C LYS I 12 45.17 33.98 111.55
N SER I 13 46.11 33.74 110.64
CA SER I 13 47.52 33.59 111.02
C SER I 13 48.13 34.96 111.21
N SER I 14 49.45 35.03 111.33
CA SER I 14 50.12 36.32 111.47
C SER I 14 50.75 36.83 110.18
N ILE I 15 51.10 35.96 109.23
CA ILE I 15 51.67 36.39 107.96
C ILE I 15 50.61 36.70 106.91
N ASP I 16 49.38 36.99 107.35
CA ASP I 16 48.29 37.37 106.45
C ASP I 16 47.83 38.76 106.81
N GLY I 17 47.71 39.64 105.81
CA GLY I 17 47.27 41.00 106.04
C GLY I 17 45.77 41.09 106.21
N ALA I 18 45.18 42.14 105.63
CA ALA I 18 43.73 42.34 105.68
C ALA I 18 43.18 42.11 104.28
N GLY I 19 42.52 40.97 104.08
CA GLY I 19 41.97 40.64 102.80
C GLY I 19 42.46 39.31 102.26
N SER I 20 43.71 39.00 102.51
CA SER I 20 44.31 37.75 102.07
C SER I 20 44.42 36.79 103.24
N ASP I 21 43.98 35.55 103.01
CA ASP I 21 44.05 34.50 104.02
C ASP I 21 44.70 33.28 103.39
N GLN I 22 45.03 32.30 104.24
CA GLN I 22 45.77 31.13 103.80
C GLN I 22 45.04 30.43 102.66
N MET I 23 45.74 30.17 101.55
CA MET I 23 45.13 29.60 100.37
C MET I 23 44.50 28.24 100.66
N ASN I 24 45.24 27.36 101.33
CA ASN I 24 44.74 26.06 101.73
C ASN I 24 44.65 25.97 103.24
N THR I 25 43.53 25.43 103.73
CA THR I 25 43.34 25.22 105.16
C THR I 25 43.14 23.77 105.55
N PHE I 26 42.68 22.90 104.64
CA PHE I 26 42.58 21.48 104.92
C PHE I 26 43.41 20.71 103.92
N TYR I 27 43.36 19.37 103.97
CA TYR I 27 44.03 18.52 103.02
C TYR I 27 42.99 17.60 102.40
N TRP I 28 42.63 17.87 101.15
CA TRP I 28 41.53 17.15 100.50
C TRP I 28 41.97 15.73 100.20
N LEU I 29 41.55 14.79 101.04
CA LEU I 29 41.87 13.38 100.84
C LEU I 29 41.21 12.87 99.57
N LYS I 30 42.02 12.42 98.61
CA LYS I 30 41.51 12.02 97.30
C LYS I 30 40.60 10.81 97.39
N LYS I 31 41.10 9.71 97.96
CA LYS I 31 40.30 8.50 98.06
C LYS I 31 39.14 8.70 99.02
N ALA I 32 37.94 8.87 98.48
CA ALA I 32 36.77 9.21 99.27
C ALA I 32 36.10 7.95 99.79
N ILE I 33 35.18 8.14 100.73
CA ILE I 33 34.41 7.04 101.30
C ILE I 33 33.39 6.55 100.28
N ILE I 34 33.18 5.24 100.25
CA ILE I 34 32.19 4.64 99.36
C ILE I 34 31.73 3.32 99.96
N GLN I 35 30.49 2.96 99.67
CA GLN I 35 29.92 1.68 100.09
C GLN I 35 29.90 0.73 98.90
N ALA I 36 30.41 -0.49 99.11
CA ALA I 36 30.48 -1.46 98.04
C ALA I 36 29.10 -2.04 97.76
N ARG I 37 29.02 -2.85 96.70
CA ARG I 37 27.78 -3.54 96.37
C ARG I 37 27.35 -4.38 97.56
N LYS I 38 26.12 -4.16 98.02
CA LYS I 38 25.59 -5.00 99.08
C LYS I 38 25.56 -6.45 98.60
N ASP I 39 26.20 -7.34 99.36
CA ASP I 39 26.36 -8.73 98.97
C ASP I 39 25.02 -9.35 98.60
N GLN I 40 24.92 -9.80 97.35
CA GLN I 40 23.70 -10.43 96.87
C GLN I 40 23.67 -11.89 97.29
N TYR I 41 22.53 -12.33 97.80
CA TYR I 41 22.37 -13.70 98.27
C TYR I 41 21.47 -14.53 97.37
N PHE I 42 20.60 -13.88 96.60
CA PHE I 42 19.64 -14.61 95.77
C PHE I 42 20.13 -14.74 94.32
N MET I 43 20.80 -13.70 93.82
CA MET I 43 21.37 -13.77 92.48
C MET I 43 22.41 -14.87 92.34
N PRO I 44 23.39 -15.05 93.25
CA PRO I 44 24.41 -16.08 93.03
C PRO I 44 23.91 -17.48 93.32
N LEU I 45 22.62 -17.63 93.59
CA LEU I 45 22.03 -18.93 93.88
C LEU I 45 21.65 -19.69 92.62
N ALA I 46 21.89 -19.12 91.45
CA ALA I 46 21.53 -19.74 90.18
C ALA I 46 22.39 -19.16 89.08
N SER I 47 22.41 -19.86 87.94
CA SER I 47 23.16 -19.41 86.78
C SER I 47 22.30 -18.46 85.96
N VAL I 48 22.81 -18.10 84.78
CA VAL I 48 22.13 -17.16 83.88
C VAL I 48 22.05 -17.83 82.51
N THR I 49 20.85 -18.21 82.10
CA THR I 49 20.65 -18.76 80.77
C THR I 49 20.55 -17.64 79.75
N ASN I 50 21.44 -17.66 78.75
CA ASN I 50 21.44 -16.63 77.72
C ASN I 50 20.22 -16.83 76.82
N MET I 51 19.61 -15.72 76.40
CA MET I 51 18.48 -15.78 75.49
C MET I 51 18.95 -15.40 74.10
N PRO I 52 18.94 -16.32 73.13
CA PRO I 52 19.40 -15.97 71.77
C PRO I 52 18.51 -14.91 71.15
N LYS I 53 19.12 -14.05 70.34
CA LYS I 53 18.37 -13.06 69.61
C LYS I 53 17.65 -13.73 68.43
N ASN I 54 16.67 -13.01 67.88
CA ASN I 54 15.79 -13.46 66.82
C ASN I 54 14.92 -14.65 67.23
N MET I 55 14.99 -15.08 68.49
CA MET I 55 14.13 -16.18 68.97
C MET I 55 12.81 -15.61 69.48
N GLY I 56 12.88 -14.67 70.40
CA GLY I 56 11.67 -14.07 70.95
C GLY I 56 11.94 -13.42 72.28
N LYS I 57 10.88 -13.29 73.08
CA LYS I 57 10.98 -12.68 74.39
C LYS I 57 10.64 -13.64 75.53
N THR I 58 10.16 -14.85 75.22
CA THR I 58 9.81 -15.83 76.23
C THR I 58 10.61 -17.11 76.00
N ILE I 59 10.82 -17.85 77.08
CA ILE I 59 11.59 -19.09 77.03
C ILE I 59 10.65 -20.25 77.38
N LYS I 60 11.11 -21.47 77.08
CA LYS I 60 10.34 -22.66 77.38
C LYS I 60 11.31 -23.83 77.57
N VAL I 61 10.92 -24.77 78.42
CA VAL I 61 11.77 -25.92 78.73
C VAL I 61 10.93 -27.19 78.71
N TYR I 62 11.54 -28.32 79.05
CA TYR I 62 10.81 -29.58 79.13
C TYR I 62 11.08 -30.32 80.43
N GLU I 63 10.19 -30.18 81.41
CA GLU I 63 10.29 -31.00 82.61
C GLU I 63 9.86 -32.42 82.31
N TYR I 64 10.70 -33.38 82.68
CA TYR I 64 10.48 -34.80 82.39
C TYR I 64 10.23 -35.51 83.71
N VAL I 65 9.01 -35.97 83.91
CA VAL I 65 8.64 -36.62 85.16
C VAL I 65 9.26 -38.02 85.17
N PRO I 66 9.64 -38.54 86.34
CA PRO I 66 10.16 -39.90 86.40
C PRO I 66 9.03 -40.91 86.28
N LEU I 67 9.41 -42.16 85.98
CA LEU I 67 8.41 -43.22 85.77
C LEU I 67 7.56 -43.41 87.02
N LEU I 68 8.19 -43.44 88.18
CA LEU I 68 7.48 -43.63 89.44
C LEU I 68 7.18 -42.28 90.09
N ASP I 69 6.18 -41.60 89.54
CA ASP I 69 5.75 -40.31 90.06
C ASP I 69 4.27 -40.13 89.81
N ASP I 70 3.57 -39.55 90.79
CA ASP I 70 2.12 -39.40 90.71
C ASP I 70 1.67 -38.46 89.61
N ARG I 71 2.56 -37.60 89.09
CA ARG I 71 2.22 -36.75 87.95
C ARG I 71 2.23 -37.50 86.63
N ASN I 72 2.89 -38.66 86.56
CA ASN I 72 2.98 -39.44 85.33
C ASN I 72 1.62 -40.09 85.06
N ILE I 73 0.73 -39.28 84.51
CA ILE I 73 -0.64 -39.70 84.26
C ILE I 73 -0.79 -40.07 82.78
N ASN I 74 -0.82 -41.36 82.50
CA ASN I 74 -0.90 -41.87 81.14
C ASN I 74 -1.75 -43.14 81.10
N ASP I 75 -2.17 -43.52 79.90
CA ASP I 75 -3.02 -44.70 79.72
C ASP I 75 -2.29 -45.93 79.24
N GLN I 76 -1.02 -45.83 78.82
CA GLN I 76 -0.28 -46.99 78.39
C GLN I 76 0.22 -47.80 79.57
N GLY I 77 -0.60 -48.74 80.04
CA GLY I 77 -0.21 -49.55 81.18
C GLY I 77 -0.78 -50.96 81.14
N ILE I 78 0.09 -51.96 81.27
CA ILE I 78 -0.31 -53.36 81.27
C ILE I 78 0.13 -53.97 82.60
N ASP I 79 -0.80 -54.55 83.33
CA ASP I 79 -0.47 -55.12 84.63
C ASP I 79 0.33 -56.40 84.46
N ALA I 80 0.87 -56.90 85.58
CA ALA I 80 1.77 -58.04 85.53
C ALA I 80 1.11 -59.27 84.93
N ASN I 81 -0.22 -59.35 84.97
CA ASN I 81 -0.93 -60.48 84.39
C ASN I 81 -1.24 -60.30 82.91
N GLY I 82 -0.82 -59.20 82.29
CA GLY I 82 -1.05 -58.99 80.88
C GLY I 82 -2.34 -58.27 80.54
N ALA I 83 -3.16 -57.92 81.53
CA ALA I 83 -4.38 -57.17 81.28
C ALA I 83 -4.08 -55.68 81.31
N HIS I 84 -4.95 -54.89 80.66
CA HIS I 84 -4.80 -53.45 80.69
C HIS I 84 -5.21 -52.89 82.05
N ILE I 85 -4.51 -51.85 82.50
CA ILE I 85 -4.82 -51.18 83.74
C ILE I 85 -4.96 -49.69 83.48
N VAL I 86 -5.68 -49.01 84.37
CA VAL I 86 -5.96 -47.59 84.18
C VAL I 86 -4.70 -46.77 84.38
N ASN I 87 -3.92 -47.06 85.42
CA ASN I 87 -2.73 -46.27 85.70
C ASN I 87 -1.58 -46.61 84.76
N GLY I 88 -0.89 -45.58 84.27
CA GLY I 88 0.21 -45.81 83.35
C GLY I 88 1.49 -46.23 84.03
N ASN I 89 1.77 -45.66 85.20
CA ASN I 89 3.01 -45.97 85.91
C ASN I 89 2.85 -47.30 86.63
N LEU I 90 3.80 -47.63 87.50
CA LEU I 90 3.76 -48.91 88.20
C LEU I 90 2.98 -48.80 89.49
N TYR I 91 3.42 -47.93 90.40
CA TYR I 91 2.67 -47.64 91.60
C TYR I 91 2.70 -46.17 92.01
N GLY I 92 3.52 -45.34 91.36
CA GLY I 92 3.55 -43.93 91.65
C GLY I 92 4.45 -43.58 92.82
N SER I 93 4.00 -42.63 93.65
CA SER I 93 4.78 -42.18 94.80
C SER I 93 4.28 -42.79 96.11
N SER I 94 3.50 -43.87 96.03
CA SER I 94 2.98 -44.50 97.23
C SER I 94 4.11 -45.16 98.01
N LYS I 95 3.89 -45.27 99.33
CA LYS I 95 4.82 -45.95 100.22
C LYS I 95 4.30 -47.28 100.72
N ASP I 96 2.98 -47.46 100.83
CA ASP I 96 2.38 -48.65 101.44
C ASP I 96 2.92 -49.92 100.83
N ILE I 97 3.47 -50.82 101.67
CA ILE I 97 4.19 -51.99 101.17
C ILE I 97 3.26 -52.90 100.38
N GLY I 98 1.99 -52.94 100.73
CA GLY I 98 1.04 -53.73 99.98
C GLY I 98 0.93 -53.29 98.53
N THR I 99 0.79 -51.97 98.33
CA THR I 99 0.68 -51.42 96.98
C THR I 99 2.01 -51.40 96.24
N ILE I 100 3.11 -51.73 96.91
CA ILE I 100 4.39 -51.94 96.24
C ILE I 100 4.56 -53.40 95.82
N THR I 101 4.30 -54.34 96.73
CA THR I 101 4.43 -55.75 96.40
C THR I 101 3.39 -56.15 95.36
N SER I 102 2.24 -55.47 95.33
CA SER I 102 1.38 -55.52 94.18
C SER I 102 1.78 -54.42 93.22
N LYS I 103 1.48 -54.63 91.93
CA LYS I 103 1.86 -53.76 90.82
C LYS I 103 3.38 -53.73 90.63
N LEU I 104 4.13 -54.49 91.41
CA LEU I 104 5.58 -54.61 91.20
C LEU I 104 5.83 -55.41 89.93
N PRO I 105 6.72 -54.96 89.05
CA PRO I 105 6.89 -55.66 87.77
C PRO I 105 7.53 -57.02 87.94
N LEU I 106 6.73 -58.08 87.77
CA LEU I 106 7.20 -59.44 87.96
C LEU I 106 7.08 -60.18 86.63
N LEU I 107 8.21 -60.68 86.14
CA LEU I 107 8.26 -61.41 84.89
C LEU I 107 8.28 -62.92 85.16
N THR I 108 7.92 -63.68 84.14
CA THR I 108 7.92 -65.13 84.21
C THR I 108 8.86 -65.70 83.15
N GLU I 109 8.94 -67.03 83.11
CA GLU I 109 9.80 -67.70 82.14
C GLU I 109 9.38 -67.36 80.71
N ASN I 110 8.08 -67.37 80.46
CA ASN I 110 7.53 -66.98 79.15
C ASN I 110 6.92 -65.59 79.28
N GLY I 111 7.78 -64.57 79.13
CA GLY I 111 7.35 -63.19 79.30
C GLY I 111 6.89 -62.58 78.00
N GLY I 112 5.65 -62.11 78.00
CA GLY I 112 5.09 -61.44 76.83
C GLY I 112 4.88 -59.96 77.07
N ARG I 113 3.78 -59.41 76.57
CA ARG I 113 3.45 -58.01 76.79
C ARG I 113 2.71 -57.91 78.13
N VAL I 114 3.44 -58.19 79.20
CA VAL I 114 2.84 -58.33 80.52
C VAL I 114 3.33 -57.24 81.46
N ASN I 115 4.10 -56.29 80.93
CA ASN I 115 4.54 -55.15 81.74
C ASN I 115 4.88 -53.98 80.84
N ARG I 116 3.97 -53.01 80.75
CA ARG I 116 4.17 -51.84 79.90
C ARG I 116 3.87 -50.56 80.68
N VAL I 117 4.70 -49.55 80.47
CA VAL I 117 4.62 -48.29 81.21
C VAL I 117 4.61 -47.15 80.21
N GLY I 118 4.08 -46.00 80.65
CA GLY I 118 4.09 -44.78 79.87
C GLY I 118 4.92 -43.69 80.52
N PHE I 119 4.96 -42.55 79.85
CA PHE I 119 5.74 -41.40 80.30
C PHE I 119 4.95 -40.13 80.05
N THR I 120 5.43 -39.03 80.61
CA THR I 120 4.72 -37.76 80.56
C THR I 120 5.73 -36.62 80.56
N ARG I 121 5.44 -35.59 79.78
CA ARG I 121 6.32 -34.44 79.63
C ARG I 121 5.54 -33.16 79.92
N LEU I 122 6.15 -32.25 80.68
CA LEU I 122 5.56 -30.97 81.05
C LEU I 122 6.41 -29.83 80.48
N SER I 123 6.08 -28.60 80.86
CA SER I 123 6.78 -27.44 80.33
C SER I 123 6.69 -26.29 81.31
N ARG I 124 7.57 -25.31 81.11
CA ARG I 124 7.58 -24.08 81.89
C ARG I 124 7.84 -22.92 80.95
N GLU I 125 7.81 -21.70 81.50
CA GLU I 125 8.00 -20.51 80.69
C GLU I 125 8.43 -19.34 81.56
N GLY I 126 9.07 -18.36 80.93
CA GLY I 126 9.51 -17.16 81.60
C GLY I 126 9.98 -16.10 80.62
N SER I 127 9.50 -14.87 80.78
CA SER I 127 9.73 -13.81 79.81
C SER I 127 10.68 -12.76 80.39
N ILE I 128 11.47 -12.16 79.50
CA ILE I 128 12.43 -11.14 79.92
C ILE I 128 11.77 -9.77 79.81
N HIS I 129 12.14 -8.87 80.72
CA HIS I 129 11.56 -7.52 80.77
C HIS I 129 12.67 -6.49 80.65
N LYS I 130 12.35 -5.35 80.03
CA LYS I 130 13.33 -4.30 79.83
C LYS I 130 13.39 -3.37 81.02
N PHE I 131 14.61 -3.11 81.51
CA PHE I 131 14.84 -2.22 82.64
C PHE I 131 15.97 -1.27 82.27
N GLY I 132 15.93 -0.06 82.83
CA GLY I 132 17.03 0.86 82.61
C GLY I 132 16.77 2.30 83.04
N PHE I 133 17.77 2.92 83.65
CA PHE I 133 17.71 4.33 84.04
C PHE I 133 18.97 5.05 83.55
N PHE I 134 19.04 6.35 83.83
CA PHE I 134 20.08 7.19 83.26
C PHE I 134 20.25 8.45 84.09
N TYR I 135 21.31 9.19 83.79
CA TYR I 135 21.59 10.46 84.46
C TYR I 135 22.32 11.37 83.48
N GLU I 136 22.31 12.67 83.79
CA GLU I 136 22.89 13.68 82.91
C GLU I 136 23.87 14.55 83.67
N PHE I 137 24.79 15.15 82.91
CA PHE I 137 25.85 15.98 83.48
C PHE I 137 26.29 16.98 82.43
N THR I 138 26.65 18.18 82.87
CA THR I 138 27.15 19.19 81.95
C THR I 138 28.67 19.26 81.99
N GLN I 139 29.25 19.92 80.99
CA GLN I 139 30.70 19.93 80.82
C GLN I 139 31.39 20.62 82.00
N GLU I 140 30.83 21.74 82.46
CA GLU I 140 31.45 22.46 83.57
C GLU I 140 31.42 21.64 84.84
N SER I 141 30.36 20.84 85.03
CA SER I 141 30.26 19.98 86.19
C SER I 141 31.34 18.92 86.26
N LEU I 142 32.04 18.67 85.16
CA LEU I 142 33.20 17.79 85.16
C LEU I 142 34.52 18.55 85.13
N ASP I 143 34.57 19.70 84.45
CA ASP I 143 35.81 20.45 84.35
C ASP I 143 36.09 21.24 85.63
N PHE I 144 35.20 22.17 85.97
CA PHE I 144 35.38 23.03 87.14
C PHE I 144 34.72 22.41 88.37
N ASP I 145 35.14 21.19 88.67
CA ASP I 145 34.65 20.47 89.84
C ASP I 145 35.84 20.04 90.68
N SER I 146 35.62 19.95 91.99
CA SER I 146 36.70 19.62 92.91
C SER I 146 37.27 18.25 92.61
N ASP I 147 36.41 17.28 92.32
CA ASP I 147 36.87 15.94 92.04
C ASP I 147 37.25 15.79 90.57
N ASP I 148 38.43 15.19 90.33
CA ASP I 148 38.84 14.78 88.99
C ASP I 148 38.41 13.36 88.68
N GLN I 149 37.64 12.74 89.58
CA GLN I 149 37.15 11.39 89.34
C GLN I 149 35.63 11.30 89.51
N LEU I 150 34.90 12.38 89.34
CA LEU I 150 33.46 12.36 89.57
C LEU I 150 32.75 11.43 88.60
N LYS I 151 33.20 11.41 87.35
CA LYS I 151 32.59 10.57 86.33
C LYS I 151 32.65 9.09 86.73
N GLU I 152 33.82 8.62 87.14
CA GLU I 152 33.96 7.21 87.49
C GLU I 152 33.12 6.86 88.72
N HIS I 153 33.11 7.76 89.72
CA HIS I 153 32.30 7.52 90.91
C HIS I 153 30.83 7.40 90.55
N LEU I 154 30.33 8.30 89.71
CA LEU I 154 28.92 8.24 89.35
C LEU I 154 28.58 7.03 88.50
N SER I 155 29.45 6.66 87.55
CA SER I 155 29.19 5.46 86.77
C SER I 155 29.19 4.20 87.64
N ARG I 156 30.14 4.12 88.58
CA ARG I 156 30.16 2.97 89.49
C ARG I 156 28.90 2.94 90.36
N GLU I 157 28.46 4.10 90.83
CA GLU I 157 27.24 4.14 91.63
C GLU I 157 26.02 3.72 90.82
N LEU I 158 25.96 4.15 89.56
CA LEU I 158 24.88 3.75 88.67
C LEU I 158 24.85 2.23 88.48
N MET I 159 26.03 1.65 88.22
CA MET I 159 26.11 0.20 88.05
C MET I 159 25.70 -0.53 89.33
N ASN I 160 26.16 -0.03 90.48
CA ASN I 160 25.81 -0.64 91.76
C ASN I 160 24.31 -0.61 91.99
N GLY I 161 23.68 0.53 91.69
CA GLY I 161 22.24 0.62 91.79
C GLY I 161 21.53 -0.34 90.85
N ALA I 162 22.08 -0.52 89.65
CA ALA I 162 21.49 -1.47 88.72
C ALA I 162 21.51 -2.89 89.30
N VAL I 163 22.65 -3.28 89.87
CA VAL I 163 22.76 -4.61 90.47
C VAL I 163 21.77 -4.74 91.64
N GLN I 164 21.66 -3.68 92.45
CA GLN I 164 20.73 -3.69 93.57
C GLN I 164 19.30 -3.91 93.10
N ILE I 165 18.89 -3.18 92.06
CA ILE I 165 17.53 -3.32 91.55
C ILE I 165 17.30 -4.72 90.99
N THR I 166 18.31 -5.27 90.30
CA THR I 166 18.18 -6.63 89.78
C THR I 166 17.97 -7.63 90.90
N GLU I 167 18.74 -7.50 91.98
CA GLU I 167 18.58 -8.40 93.11
C GLU I 167 17.19 -8.24 93.74
N ALA I 168 16.71 -7.00 93.85
CA ALA I 168 15.39 -6.77 94.43
C ALA I 168 14.30 -7.44 93.59
N VAL I 169 14.38 -7.30 92.26
CA VAL I 169 13.36 -7.90 91.40
C VAL I 169 13.45 -9.42 91.46
N LEU I 170 14.66 -9.98 91.55
CA LEU I 170 14.79 -11.43 91.68
C LEU I 170 14.15 -11.92 92.96
N GLN I 171 14.37 -11.20 94.07
CA GLN I 171 13.73 -11.55 95.33
C GLN I 171 12.21 -11.49 95.21
N LYS I 172 11.70 -10.44 94.56
CA LYS I 172 10.26 -10.29 94.40
C LYS I 172 9.68 -11.45 93.62
N ASP I 173 10.32 -11.83 92.51
CA ASP I 173 9.83 -12.94 91.70
C ASP I 173 9.89 -14.25 92.47
N LEU I 174 10.97 -14.48 93.21
CA LEU I 174 11.07 -15.70 94.00
C LEU I 174 9.99 -15.78 95.06
N LEU I 175 9.71 -14.66 95.73
CA LEU I 175 8.67 -14.65 96.75
C LEU I 175 7.28 -14.83 96.14
N ALA I 176 7.07 -14.32 94.93
CA ALA I 176 5.77 -14.42 94.27
C ALA I 176 5.57 -15.74 93.54
N ALA I 177 6.63 -16.54 93.38
CA ALA I 177 6.54 -17.78 92.61
C ALA I 177 6.61 -19.04 93.46
N ALA I 178 6.52 -18.91 94.79
CA ALA I 178 6.65 -20.08 95.66
C ALA I 178 5.48 -21.04 95.48
N GLY I 179 5.80 -22.34 95.40
CA GLY I 179 4.75 -23.33 95.29
C GLY I 179 3.97 -23.51 96.59
N THR I 180 4.67 -23.57 97.72
CA THR I 180 4.04 -23.73 99.02
C THR I 180 4.11 -22.40 99.75
N VAL I 181 2.94 -21.83 100.05
CA VAL I 181 2.90 -20.57 100.77
C VAL I 181 2.19 -20.79 102.10
N LEU I 182 2.97 -21.04 103.14
CA LEU I 182 2.41 -21.28 104.46
C LEU I 182 2.16 -19.96 105.17
N TYR I 183 1.14 -19.94 106.03
CA TYR I 183 0.79 -18.77 106.81
C TYR I 183 0.91 -19.12 108.28
N ALA I 184 1.71 -18.38 109.02
CA ALA I 184 1.93 -18.67 110.43
C ALA I 184 0.69 -18.30 111.24
N GLY I 185 0.66 -18.74 112.50
CA GLY I 185 -0.49 -18.48 113.33
C GLY I 185 -1.71 -19.25 112.84
N ALA I 186 -2.88 -18.66 113.01
CA ALA I 186 -4.13 -19.24 112.55
C ALA I 186 -4.65 -18.57 111.29
N ALA I 187 -3.85 -17.71 110.67
CA ALA I 187 -4.26 -17.02 109.46
C ALA I 187 -4.27 -17.98 108.27
N THR I 188 -5.09 -17.63 107.27
CA THR I 188 -5.14 -18.37 106.02
C THR I 188 -4.71 -17.52 104.83
N SER I 189 -5.31 -16.35 104.65
CA SER I 189 -4.96 -15.44 103.57
C SER I 189 -4.10 -14.31 104.10
N ASP I 190 -3.49 -13.57 103.17
CA ASP I 190 -2.59 -12.50 103.56
C ASP I 190 -3.29 -11.42 104.36
N ALA I 191 -4.59 -11.20 104.10
CA ALA I 191 -5.35 -10.25 104.89
C ALA I 191 -5.53 -10.74 106.32
N THR I 192 -5.65 -12.05 106.50
CA THR I 192 -5.92 -12.63 107.82
C THR I 192 -4.68 -12.66 108.71
N ILE I 193 -3.51 -12.31 108.18
CA ILE I 193 -2.29 -12.26 108.99
C ILE I 193 -2.39 -11.09 109.97
N THR I 194 -2.57 -11.40 111.25
CA THR I 194 -2.66 -10.39 112.29
C THR I 194 -1.63 -10.65 113.38
N GLY I 195 -1.16 -9.57 114.00
CA GLY I 195 -0.32 -9.68 115.17
C GLY I 195 -1.13 -9.50 116.43
N GLU I 196 -2.38 -9.11 116.27
CA GLU I 196 -3.30 -8.95 117.38
C GLU I 196 -4.15 -10.22 117.51
N GLY I 197 -5.14 -10.19 118.39
CA GLY I 197 -6.03 -11.32 118.57
C GLY I 197 -5.48 -12.34 119.55
N SER I 198 -6.28 -13.38 119.78
CA SER I 198 -5.90 -14.42 120.73
C SER I 198 -4.64 -15.15 120.28
N THR I 199 -4.53 -15.43 118.99
CA THR I 199 -3.37 -16.14 118.44
C THR I 199 -2.65 -15.30 117.38
N PRO I 200 -1.64 -14.53 117.76
CA PRO I 200 -0.87 -13.78 116.76
C PRO I 200 -0.24 -14.72 115.74
N SER I 201 -0.10 -14.20 114.52
CA SER I 201 0.52 -14.96 113.43
C SER I 201 2.04 -14.85 113.57
N VAL I 202 2.58 -15.68 114.45
CA VAL I 202 4.01 -15.73 114.72
C VAL I 202 4.49 -17.17 114.56
N ILE I 203 5.63 -17.34 113.89
CA ILE I 203 6.11 -18.68 113.56
C ILE I 203 6.45 -19.45 114.82
N THR I 204 6.07 -20.73 114.84
CA THR I 204 6.39 -21.64 115.93
C THR I 204 7.21 -22.81 115.40
N TYR I 205 7.64 -23.68 116.32
CA TYR I 205 8.45 -24.81 115.94
C TYR I 205 7.66 -25.79 115.08
N LYS I 206 6.39 -26.03 115.41
CA LYS I 206 5.58 -26.98 114.66
C LYS I 206 5.40 -26.53 113.22
N ASN I 207 5.30 -25.22 112.99
CA ASN I 207 5.18 -24.71 111.63
C ASN I 207 6.44 -25.02 110.82
N LEU I 208 7.61 -24.92 111.46
CA LEU I 208 8.86 -25.16 110.73
C LEU I 208 8.98 -26.61 110.29
N MET I 209 8.47 -27.54 111.10
CA MET I 209 8.42 -28.93 110.66
C MET I 209 7.52 -29.08 109.45
N ARG I 210 6.39 -28.37 109.44
CA ARG I 210 5.46 -28.47 108.32
C ARG I 210 6.12 -28.02 107.02
N LEU I 211 6.92 -26.96 107.08
CA LEU I 211 7.67 -26.53 105.92
C LEU I 211 8.66 -27.60 105.48
N ASP I 212 9.35 -28.21 106.44
CA ASP I 212 10.31 -29.26 106.11
C ASP I 212 9.62 -30.51 105.56
N ALA I 213 8.48 -30.88 106.16
CA ALA I 213 7.77 -32.07 105.72
C ALA I 213 7.27 -31.91 104.29
N ILE I 214 6.73 -30.74 103.96
CA ILE I 214 6.21 -30.50 102.62
C ILE I 214 7.33 -30.57 101.59
N LEU I 215 8.45 -29.92 101.90
CA LEU I 215 9.57 -29.89 100.96
C LEU I 215 10.13 -31.28 100.72
N THR I 216 10.32 -32.06 101.79
CA THR I 216 10.89 -33.40 101.62
C THR I 216 9.89 -34.36 100.98
N ASP I 217 8.59 -34.06 101.10
CA ASP I 217 7.58 -34.83 100.39
C ASP I 217 7.45 -34.42 98.94
N ASN I 218 8.14 -33.36 98.52
CA ASN I 218 8.16 -32.91 97.14
C ASN I 218 9.52 -33.14 96.48
N ARG I 219 10.27 -34.12 96.98
CA ARG I 219 11.54 -34.55 96.40
C ARG I 219 12.57 -33.43 96.38
N THR I 220 12.45 -32.49 97.32
CA THR I 220 13.44 -31.43 97.43
C THR I 220 14.71 -31.97 98.08
N PRO I 221 15.87 -31.87 97.43
CA PRO I 221 17.11 -32.34 98.06
C PRO I 221 17.47 -31.49 99.26
N THR I 222 18.14 -32.14 100.22
CA THR I 222 18.59 -31.43 101.43
C THR I 222 19.75 -30.50 101.10
N GLN I 223 20.84 -31.06 100.61
CA GLN I 223 22.05 -30.30 100.27
C GLN I 223 22.48 -29.35 101.39
N GLY I 240 23.07 -33.14 105.95
CA GLY I 240 22.46 -32.12 105.09
C GLY I 240 21.37 -31.35 105.79
N THR I 241 21.42 -30.02 105.66
CA THR I 241 20.45 -29.12 106.26
C THR I 241 19.93 -28.14 105.21
N ARG I 242 18.64 -27.84 105.30
CA ARG I 242 18.04 -26.88 104.38
C ARG I 242 18.40 -25.45 104.78
N VAL I 243 18.26 -24.53 103.82
CA VAL I 243 18.63 -23.14 104.01
C VAL I 243 17.38 -22.27 103.91
N MET I 244 17.27 -21.31 104.82
CA MET I 244 16.05 -20.53 105.00
C MET I 244 16.43 -19.07 105.24
N TYR I 245 15.98 -18.19 104.35
CA TYR I 245 16.38 -16.79 104.37
C TYR I 245 15.31 -15.99 105.13
N VAL I 246 15.73 -15.30 106.18
CA VAL I 246 14.83 -14.58 107.07
C VAL I 246 15.28 -13.14 107.18
N GLY I 247 14.35 -12.22 107.02
CA GLY I 247 14.65 -10.80 107.10
C GLY I 247 15.04 -10.39 108.51
N SER I 248 15.53 -9.15 108.62
CA SER I 248 16.08 -8.65 109.86
C SER I 248 15.01 -8.15 110.83
N GLU I 249 13.74 -8.36 110.51
CA GLU I 249 12.68 -7.94 111.42
C GLU I 249 12.15 -9.09 112.26
N LEU I 250 12.07 -10.29 111.70
CA LEU I 250 11.58 -11.44 112.46
C LEU I 250 12.62 -12.05 113.38
N VAL I 251 13.88 -11.62 113.27
CA VAL I 251 14.95 -12.22 114.08
C VAL I 251 14.70 -12.09 115.57
N PRO I 252 14.22 -10.96 116.10
CA PRO I 252 13.85 -10.96 117.53
C PRO I 252 12.81 -12.00 117.90
N ASP I 253 11.87 -12.28 116.99
CA ASP I 253 10.87 -13.31 117.26
C ASP I 253 11.49 -14.71 117.18
N LEU I 254 12.30 -14.94 116.15
CA LEU I 254 12.91 -16.26 115.98
C LEU I 254 13.85 -16.60 117.14
N LYS I 255 14.60 -15.62 117.62
CA LYS I 255 15.53 -15.84 118.72
C LYS I 255 14.83 -16.10 120.04
N ALA I 256 13.51 -15.90 120.10
CA ALA I 256 12.74 -16.19 121.30
C ALA I 256 11.67 -17.25 121.06
N MET I 257 11.80 -18.02 119.98
CA MET I 257 10.81 -19.04 119.65
C MET I 257 11.03 -20.27 120.54
N LYS I 258 9.94 -20.76 121.11
CA LYS I 258 10.00 -21.89 122.04
C LYS I 258 9.81 -23.20 121.29
N ASP I 259 10.65 -24.19 121.59
CA ASP I 259 10.59 -25.48 120.93
C ASP I 259 9.49 -26.36 121.51
N LEU I 260 9.50 -27.65 121.14
CA LEU I 260 8.48 -28.58 121.61
C LEU I 260 8.55 -28.82 123.12
N PHE I 261 9.70 -28.63 123.75
CA PHE I 261 9.88 -28.93 125.15
C PHE I 261 9.67 -27.75 126.07
N GLY I 262 9.36 -26.56 125.54
CA GLY I 262 9.19 -25.37 126.33
C GLY I 262 10.46 -24.59 126.56
N ASN I 263 11.63 -25.15 126.23
CA ASN I 263 12.89 -24.43 126.33
C ASN I 263 13.10 -23.60 125.07
N LYS I 264 14.30 -23.06 124.89
CA LYS I 264 14.62 -22.28 123.71
C LYS I 264 14.89 -23.22 122.54
N ALA I 265 14.55 -22.75 121.34
CA ALA I 265 14.67 -23.54 120.12
C ALA I 265 15.84 -23.13 119.25
N PHE I 266 16.30 -21.89 119.37
CA PHE I 266 17.43 -21.40 118.59
C PHE I 266 18.72 -22.05 119.09
N ILE I 267 19.59 -22.40 118.15
CA ILE I 267 20.96 -22.81 118.46
C ILE I 267 21.88 -21.72 117.94
N GLU I 268 22.69 -21.15 118.84
CA GLU I 268 23.51 -19.99 118.49
C GLU I 268 24.61 -20.37 117.50
N ILE I 269 25.11 -19.35 116.81
CA ILE I 269 26.16 -19.58 115.81
C ILE I 269 27.47 -19.99 116.47
N GLN I 270 27.77 -19.44 117.64
CA GLN I 270 28.99 -19.81 118.35
C GLN I 270 28.92 -21.25 118.85
N HIS I 271 27.71 -21.78 119.04
CA HIS I 271 27.54 -23.14 119.53
C HIS I 271 27.72 -24.18 118.43
N TYR I 272 27.89 -23.76 117.18
CA TYR I 272 28.04 -24.69 116.07
C TYR I 272 29.23 -25.60 116.30
N GLY I 273 29.06 -26.88 115.95
CA GLY I 273 30.14 -27.84 116.07
C GLY I 273 31.32 -27.50 115.17
N ASP I 274 31.04 -27.12 113.93
CA ASP I 274 32.06 -26.76 112.95
C ASP I 274 31.82 -25.33 112.51
N ALA I 275 32.58 -24.40 113.09
CA ALA I 275 32.43 -22.98 112.79
C ALA I 275 33.15 -22.56 111.52
N GLY I 276 33.52 -23.52 110.67
CA GLY I 276 34.16 -23.20 109.41
C GLY I 276 33.20 -23.18 108.24
N THR I 277 32.33 -24.19 108.18
CA THR I 277 31.32 -24.26 107.14
C THR I 277 30.22 -23.24 107.39
N LEU I 278 30.53 -21.97 107.21
CA LEU I 278 29.61 -20.87 107.50
C LEU I 278 29.11 -20.26 106.20
N MET I 279 27.79 -20.26 106.01
CA MET I 279 27.20 -19.55 104.90
C MET I 279 27.36 -18.04 105.11
N ASN I 280 27.44 -17.31 104.00
CA ASN I 280 27.57 -15.87 104.08
C ASN I 280 26.37 -15.25 104.78
N GLY I 281 26.65 -14.35 105.73
CA GLY I 281 25.59 -13.66 106.44
C GLY I 281 24.64 -14.58 107.19
N GLU I 282 25.17 -15.59 107.88
CA GLU I 282 24.36 -16.62 108.51
C GLU I 282 24.37 -16.45 110.03
N ILE I 283 23.20 -16.62 110.64
CA ILE I 283 23.10 -16.74 112.09
C ILE I 283 22.61 -18.16 112.39
N GLY I 284 22.45 -18.47 113.68
CA GLY I 284 22.31 -19.85 114.08
C GLY I 284 21.08 -20.53 113.49
N THR I 285 21.16 -21.86 113.42
CA THR I 285 20.14 -22.72 112.87
C THR I 285 18.94 -22.83 113.82
N ILE I 286 17.76 -23.00 113.23
CA ILE I 286 16.59 -23.48 113.96
C ILE I 286 16.08 -24.73 113.25
N ASP I 287 15.82 -25.78 114.02
CA ASP I 287 15.37 -27.07 113.48
C ASP I 287 16.36 -27.55 112.41
N LYS I 288 15.87 -27.73 111.19
CA LYS I 288 16.71 -28.17 110.08
C LYS I 288 17.11 -27.01 109.17
N PHE I 289 16.66 -25.80 109.47
CA PHE I 289 16.81 -24.65 108.59
C PHE I 289 17.92 -23.74 109.12
N ARG I 290 18.93 -23.50 108.29
CA ARG I 290 19.96 -22.53 108.64
C ARG I 290 19.42 -21.13 108.40
N ILE I 291 19.53 -20.26 109.40
CA ILE I 291 19.00 -18.91 109.28
C ILE I 291 20.03 -18.01 108.61
N ILE I 292 19.58 -17.22 107.64
CA ILE I 292 20.42 -16.26 106.95
C ILE I 292 19.78 -14.88 107.10
N GLN I 293 20.49 -13.95 107.71
CA GLN I 293 20.01 -12.58 107.87
C GLN I 293 20.37 -11.75 106.64
N VAL I 294 19.55 -11.89 105.60
CA VAL I 294 19.68 -11.08 104.41
C VAL I 294 19.16 -9.68 104.74
N PRO I 295 19.96 -8.63 104.57
CA PRO I 295 19.52 -7.29 104.98
C PRO I 295 18.32 -6.78 104.18
N GLU I 296 18.43 -6.76 102.85
CA GLU I 296 17.37 -6.25 102.00
C GLU I 296 16.40 -7.39 101.66
N MET I 297 15.49 -7.66 102.58
CA MET I 297 14.46 -8.69 102.42
C MET I 297 13.12 -7.98 102.29
N LEU I 298 12.63 -7.88 101.06
CA LEU I 298 11.43 -7.11 100.75
C LEU I 298 10.23 -7.63 101.52
N HIS I 299 9.62 -6.78 102.33
CA HIS I 299 8.44 -7.11 103.09
C HIS I 299 7.19 -6.54 102.42
N TRP I 300 6.03 -6.89 102.98
CA TRP I 300 4.72 -6.51 102.44
C TRP I 300 4.10 -5.49 103.38
N ALA I 301 4.38 -4.22 103.14
CA ALA I 301 3.86 -3.17 104.00
C ALA I 301 2.35 -3.03 103.82
N GLY I 302 1.64 -3.06 104.94
CA GLY I 302 0.20 -2.90 104.93
C GLY I 302 -0.54 -3.91 104.09
N ALA I 303 -0.48 -5.19 104.48
CA ALA I 303 -1.17 -6.24 103.75
C ALA I 303 -1.98 -7.17 104.64
N GLY I 304 -1.96 -7.00 105.95
CA GLY I 304 -2.72 -7.82 106.87
C GLY I 304 -4.05 -7.20 107.22
N ALA I 305 -4.57 -7.58 108.39
CA ALA I 305 -5.87 -7.08 108.84
C ALA I 305 -5.71 -5.71 109.49
N ALA I 306 -6.83 -5.19 109.99
CA ALA I 306 -6.82 -3.88 110.63
C ALA I 306 -6.03 -3.91 111.93
N ALA I 307 -5.38 -2.80 112.23
CA ALA I 307 -4.54 -2.66 113.42
C ALA I 307 -5.28 -1.77 114.43
N THR I 308 -5.78 -2.39 115.50
CA THR I 308 -6.43 -1.65 116.56
C THR I 308 -5.40 -1.23 117.60
N ASP I 309 -5.87 -0.57 118.67
CA ASP I 309 -4.99 -0.20 119.76
C ASP I 309 -4.56 -1.40 120.60
N ALA I 310 -5.15 -2.57 120.37
CA ALA I 310 -4.78 -3.76 121.13
C ALA I 310 -3.42 -4.30 120.74
N ASN I 311 -2.81 -3.76 119.68
CA ASN I 311 -1.54 -4.20 119.10
C ASN I 311 -0.46 -4.37 120.16
N PRO I 312 -0.03 -5.61 120.43
CA PRO I 312 1.00 -5.85 121.47
C PRO I 312 2.41 -5.56 120.96
N GLY I 313 2.60 -4.38 120.37
CA GLY I 313 3.89 -4.00 119.86
C GLY I 313 4.34 -4.80 118.65
N TYR I 314 3.55 -4.77 117.58
CA TYR I 314 3.90 -5.40 116.31
C TYR I 314 3.89 -4.34 115.22
N ARG I 315 4.80 -4.49 114.26
CA ARG I 315 4.96 -3.48 113.22
C ARG I 315 3.69 -3.36 112.39
N THR I 316 3.38 -2.13 111.99
CA THR I 316 2.13 -1.86 111.27
C THR I 316 2.32 -0.67 110.34
N SER I 317 1.88 -0.85 109.08
CA SER I 317 1.94 0.22 108.09
C SER I 317 0.61 0.97 108.00
N THR I 318 0.45 1.79 106.96
CA THR I 318 -0.79 2.51 106.74
C THR I 318 -1.22 2.29 105.28
N VAL I 319 -2.44 1.81 105.09
CA VAL I 319 -3.02 1.62 103.77
C VAL I 319 -4.43 2.17 103.79
N ASN I 320 -4.71 3.14 102.91
CA ASN I 320 -6.01 3.80 102.83
C ASN I 320 -6.43 4.41 104.16
N GLY I 321 -5.46 4.93 104.90
CA GLY I 321 -5.74 5.55 106.19
C GLY I 321 -5.72 4.57 107.34
N THR I 322 -6.51 3.50 107.24
CA THR I 322 -6.56 2.51 108.30
C THR I 322 -5.25 1.75 108.37
N GLU I 323 -4.77 1.53 109.60
CA GLU I 323 -3.50 0.85 109.79
C GLU I 323 -3.65 -0.64 109.50
N HIS I 324 -2.57 -1.25 109.01
CA HIS I 324 -2.58 -2.67 108.68
C HIS I 324 -1.27 -3.30 109.08
N TYR I 325 -1.34 -4.53 109.58
CA TYR I 325 -0.12 -5.25 109.93
C TYR I 325 0.65 -5.63 108.67
N ASP I 326 1.96 -5.76 108.80
CA ASP I 326 2.83 -6.07 107.68
C ASP I 326 3.06 -7.58 107.58
N VAL I 327 3.13 -8.07 106.35
CA VAL I 327 3.30 -9.49 106.08
C VAL I 327 4.76 -9.71 105.73
N TYR I 328 5.50 -10.33 106.64
CA TYR I 328 6.93 -10.50 106.38
C TYR I 328 7.21 -11.90 105.83
N PRO I 329 8.13 -12.02 104.86
CA PRO I 329 8.39 -13.30 104.25
C PRO I 329 9.56 -14.14 104.77
N VAL I 330 9.43 -15.42 104.53
CA VAL I 330 10.46 -16.38 104.90
C VAL I 330 10.74 -17.29 103.71
N LEU I 331 11.72 -16.93 102.90
CA LEU I 331 11.89 -17.59 101.62
C LEU I 331 12.80 -18.81 101.78
N VAL I 332 12.40 -19.92 101.15
CA VAL I 332 13.21 -21.13 101.08
C VAL I 332 13.36 -21.54 99.62
N VAL I 333 14.60 -21.67 99.16
CA VAL I 333 14.88 -21.99 97.75
C VAL I 333 15.64 -23.30 97.70
N GLY I 334 15.11 -24.26 96.95
CA GLY I 334 15.78 -25.52 96.76
C GLY I 334 16.82 -25.47 95.66
N ASP I 335 17.48 -26.61 95.46
CA ASP I 335 18.53 -26.69 94.45
C ASP I 335 17.92 -26.69 93.06
N ASP I 336 18.47 -25.83 92.19
CA ASP I 336 18.10 -25.76 90.78
C ASP I 336 16.59 -25.57 90.62
N SER I 337 16.09 -24.50 91.22
CA SER I 337 14.66 -24.20 91.19
C SER I 337 14.33 -22.98 90.35
N PHE I 338 15.33 -22.28 89.81
CA PHE I 338 15.11 -21.11 88.96
C PHE I 338 16.41 -20.75 88.28
N THR I 339 16.30 -20.15 87.11
CA THR I 339 17.45 -19.63 86.39
C THR I 339 17.09 -18.26 85.81
N THR I 340 18.03 -17.33 85.89
CA THR I 340 17.80 -15.99 85.37
C THR I 340 18.11 -15.95 83.88
N ILE I 341 17.35 -15.13 83.15
CA ILE I 341 17.46 -15.03 81.70
C ILE I 341 17.86 -13.61 81.34
N GLY I 342 18.89 -13.48 80.49
CA GLY I 342 19.33 -12.19 80.01
C GLY I 342 19.54 -12.22 78.51
N PHE I 343 19.91 -11.07 77.97
CA PHE I 343 20.13 -10.90 76.53
C PHE I 343 21.60 -10.72 76.24
N GLN I 344 22.15 -11.60 75.41
CA GLN I 344 23.52 -11.52 74.93
C GLN I 344 24.50 -11.33 76.09
N THR I 345 24.37 -12.19 77.09
CA THR I 345 25.12 -12.10 78.31
C THR I 345 26.41 -12.91 78.20
N ASP I 346 27.15 -12.98 79.31
CA ASP I 346 28.38 -13.77 79.39
C ASP I 346 28.16 -15.03 80.21
N GLY I 347 26.91 -15.37 80.48
CA GLY I 347 26.61 -16.57 81.25
C GLY I 347 27.03 -16.48 82.71
N LYS I 348 27.22 -15.27 83.22
CA LYS I 348 27.59 -15.08 84.61
C LYS I 348 26.56 -14.21 85.33
N SER I 349 26.10 -13.16 84.66
CA SER I 349 25.11 -12.25 85.21
C SER I 349 24.45 -11.48 84.08
N VAL I 350 23.40 -10.75 84.41
CA VAL I 350 22.71 -9.94 83.41
C VAL I 350 23.65 -8.86 82.90
N LYS I 351 23.51 -8.52 81.63
CA LYS I 351 24.43 -7.58 80.99
C LYS I 351 23.87 -6.17 81.07
N PHE I 352 24.66 -5.24 81.61
CA PHE I 352 24.35 -3.82 81.63
C PHE I 352 25.20 -3.14 80.58
N ASN I 353 24.59 -2.28 79.77
CA ASN I 353 25.30 -1.58 78.70
C ASN I 353 25.48 -0.13 79.10
N VAL I 354 26.72 0.25 79.39
CA VAL I 354 27.03 1.63 79.83
C VAL I 354 27.19 2.46 78.56
N MET I 355 26.07 2.97 78.07
CA MET I 355 26.11 3.86 76.91
C MET I 355 26.30 5.28 77.40
N THR I 356 27.53 5.77 77.33
CA THR I 356 27.87 7.11 77.82
C THR I 356 28.30 7.97 76.64
N LYS I 357 27.66 9.12 76.48
CA LYS I 357 28.02 10.11 75.48
C LYS I 357 28.37 11.40 76.21
N MET I 358 29.61 11.81 76.09
CA MET I 358 30.12 12.97 76.82
C MET I 358 30.06 14.21 75.95
N PRO I 359 30.05 15.40 76.56
CA PRO I 359 30.00 16.65 75.77
C PRO I 359 31.10 16.76 74.74
N GLY I 360 30.94 17.68 73.79
CA GLY I 360 31.88 17.83 72.71
C GLY I 360 31.23 17.73 71.35
N LYS I 361 31.92 17.11 70.38
CA LYS I 361 31.35 16.95 69.06
C LYS I 361 30.07 16.12 69.11
N GLU I 362 30.09 15.03 69.89
CA GLU I 362 28.88 14.27 70.13
C GLU I 362 27.94 15.06 71.02
N THR I 363 26.64 14.82 70.83
CA THR I 363 25.58 15.55 71.54
C THR I 363 25.72 17.06 71.32
N ALA I 364 25.60 17.44 70.04
CA ALA I 364 25.65 18.85 69.65
C ALA I 364 24.82 19.00 68.38
N ASP I 365 23.60 19.50 68.54
CA ASP I 365 22.64 19.58 67.44
C ASP I 365 21.91 20.91 67.51
N ARG I 366 20.82 21.02 66.74
CA ARG I 366 20.13 22.30 66.60
C ARG I 366 19.52 22.79 67.91
N ASN I 367 19.29 21.90 68.87
CA ASN I 367 18.80 22.29 70.18
C ASN I 367 19.92 22.53 71.18
N ASP I 368 21.17 22.34 70.77
CA ASP I 368 22.33 22.64 71.61
C ASP I 368 23.56 22.79 70.73
N PRO I 369 23.68 23.89 69.98
CA PRO I 369 24.81 24.02 69.04
C PRO I 369 26.16 23.96 69.72
N TYR I 370 26.27 24.41 70.97
CA TYR I 370 27.55 24.39 71.67
C TYR I 370 27.86 23.03 72.27
N GLY I 371 26.86 22.16 72.42
CA GLY I 371 27.09 20.79 72.83
C GLY I 371 27.78 20.62 74.17
N GLU I 372 27.09 20.98 75.26
CA GLU I 372 27.69 20.92 76.59
C GLU I 372 26.76 20.23 77.57
N THR I 373 26.02 19.22 77.11
CA THR I 373 25.09 18.49 77.97
C THR I 373 25.15 17.01 77.60
N GLY I 374 25.96 16.25 78.33
CA GLY I 374 26.09 14.82 78.11
C GLY I 374 25.14 14.00 78.96
N PHE I 375 25.36 12.69 78.94
CA PHE I 375 24.51 11.77 79.69
C PHE I 375 25.18 10.42 79.78
N SER I 376 24.50 9.49 80.44
CA SER I 376 24.92 8.10 80.54
C SER I 376 23.71 7.25 80.91
N SER I 377 23.56 6.10 80.29
CA SER I 377 22.38 5.27 80.47
C SER I 377 22.78 3.80 80.47
N ILE I 378 22.19 3.03 81.39
CA ILE I 378 22.39 1.59 81.45
C ILE I 378 21.06 0.90 81.23
N LYS I 379 21.04 -0.10 80.35
CA LYS I 379 19.84 -0.89 80.09
C LYS I 379 20.21 -2.36 80.12
N TRP I 380 19.43 -3.15 80.84
CA TRP I 380 19.65 -4.59 80.93
C TRP I 380 18.34 -5.31 80.64
N TYR I 381 18.40 -6.64 80.67
CA TYR I 381 17.23 -7.49 80.45
C TYR I 381 17.20 -8.55 81.53
N TYR I 382 16.08 -8.66 82.24
CA TYR I 382 15.93 -9.63 83.30
C TYR I 382 14.64 -10.42 83.11
N GLY I 383 14.68 -11.68 83.54
CA GLY I 383 13.50 -12.51 83.53
C GLY I 383 13.75 -13.83 84.21
N ILE I 384 12.85 -14.23 85.10
CA ILE I 384 13.02 -15.45 85.88
C ILE I 384 12.40 -16.62 85.12
N LEU I 385 12.95 -17.80 85.35
CA LEU I 385 12.43 -19.06 84.82
C LEU I 385 12.39 -20.04 85.98
N VAL I 386 11.26 -20.05 86.70
CA VAL I 386 11.13 -20.93 87.85
C VAL I 386 10.95 -22.35 87.34
N LYS I 387 12.02 -23.13 87.36
CA LYS I 387 12.02 -24.44 86.72
C LYS I 387 11.27 -25.48 87.55
N ARG I 388 11.41 -25.42 88.87
CA ARG I 388 10.74 -26.34 89.77
C ARG I 388 9.96 -25.54 90.81
N PRO I 389 8.75 -25.08 90.48
CA PRO I 389 7.95 -24.31 91.45
C PRO I 389 7.35 -25.18 92.54
N GLU I 390 8.18 -26.05 93.11
CA GLU I 390 7.79 -26.87 94.25
C GLU I 390 8.79 -26.84 95.39
N ARG I 391 10.05 -26.49 95.14
CA ARG I 391 11.05 -26.35 96.17
C ARG I 391 11.09 -24.96 96.78
N ILE I 392 10.32 -24.02 96.24
CA ILE I 392 10.20 -22.68 96.82
C ILE I 392 9.04 -22.68 97.80
N ALA I 393 9.30 -22.20 99.02
CA ALA I 393 8.28 -22.18 100.05
C ALA I 393 8.47 -20.95 100.92
N VAL I 394 7.49 -20.06 100.92
CA VAL I 394 7.56 -18.82 101.69
C VAL I 394 6.55 -18.89 102.82
N MET I 395 7.02 -18.69 104.04
CA MET I 395 6.15 -18.57 105.19
C MET I 395 5.98 -17.10 105.54
N LYS I 396 4.74 -16.69 105.84
CA LYS I 396 4.43 -15.30 106.11
C LYS I 396 3.94 -15.13 107.55
N ALA I 397 4.33 -14.02 108.16
CA ALA I 397 3.96 -13.72 109.54
C ALA I 397 4.22 -12.25 109.80
N VAL I 398 3.77 -11.78 110.97
CA VAL I 398 4.05 -10.43 111.42
C VAL I 398 5.40 -10.42 112.12
N ALA I 399 5.96 -9.23 112.35
CA ALA I 399 7.26 -9.12 112.99
C ALA I 399 7.14 -8.14 114.15
N PRO I 400 7.97 -8.31 115.20
CA PRO I 400 7.90 -7.39 116.33
C PRO I 400 8.38 -6.00 115.96
N LEU I 401 7.98 -5.03 116.77
CA LEU I 401 8.37 -3.63 116.56
C LEU I 401 9.88 -3.46 116.63
N GLU J 3 -8.08 8.93 76.69
CA GLU J 3 -7.73 10.23 76.13
C GLU J 3 -7.09 11.13 77.19
N LEU J 4 -5.87 11.59 76.92
CA LEU J 4 -5.13 12.44 77.84
C LEU J 4 -4.96 13.81 77.19
N LYS J 5 -5.51 14.84 77.83
CA LYS J 5 -5.47 16.20 77.30
C LYS J 5 -4.19 16.87 77.79
N VAL J 6 -3.34 17.30 76.85
CA VAL J 6 -2.09 17.95 77.18
C VAL J 6 -2.23 19.45 76.95
N ALA J 7 -1.77 20.23 77.92
CA ALA J 7 -1.74 21.68 77.84
C ALA J 7 -0.33 22.15 78.16
N PHE J 8 0.22 23.02 77.32
CA PHE J 8 1.62 23.40 77.39
C PHE J 8 1.75 24.90 77.64
N ASN J 9 2.72 25.28 78.45
CA ASN J 9 2.92 26.68 78.81
C ASN J 9 4.12 27.24 78.07
N LYS J 10 4.04 28.52 77.70
CA LYS J 10 5.07 29.18 76.92
C LYS J 10 6.35 29.44 77.68
N ASP J 11 6.28 29.71 78.99
CA ASP J 11 7.44 30.20 79.71
C ASP J 11 8.10 29.12 80.57
N THR J 12 7.33 28.51 81.47
CA THR J 12 7.88 27.46 82.32
C THR J 12 8.12 26.16 81.56
N TYR J 13 7.65 26.06 80.32
CA TYR J 13 7.82 24.87 79.50
C TYR J 13 7.26 23.64 80.21
N VAL J 14 6.09 23.79 80.79
CA VAL J 14 5.42 22.74 81.54
C VAL J 14 4.22 22.26 80.75
N ALA J 15 4.27 21.00 80.30
CA ALA J 15 3.20 20.39 79.54
C ALA J 15 2.36 19.51 80.46
N THR J 16 1.49 20.15 81.25
CA THR J 16 0.65 19.42 82.18
C THR J 16 -0.27 18.43 81.46
N VAL J 17 -0.07 17.15 81.71
CA VAL J 17 -0.88 16.10 81.05
C VAL J 17 -2.03 15.80 82.00
N LEU J 18 -3.11 16.54 81.83
CA LEU J 18 -4.28 16.32 82.66
C LEU J 18 -5.15 15.21 82.08
N ASP J 19 -6.20 14.86 82.81
CA ASP J 19 -7.15 13.89 82.33
C ASP J 19 -8.00 14.48 81.21
N ALA J 20 -8.82 13.64 80.58
CA ALA J 20 -9.67 14.09 79.50
C ALA J 20 -10.61 15.20 79.94
N SER J 21 -11.28 15.01 81.07
CA SER J 21 -12.16 16.03 81.64
C SER J 21 -11.43 16.81 82.73
N GLY J 22 -10.38 17.51 82.31
CA GLY J 22 -9.57 18.27 83.24
C GLY J 22 -9.86 19.75 83.20
N SER J 23 -8.88 20.55 83.63
CA SER J 23 -9.01 22.01 83.63
C SER J 23 -7.63 22.59 83.32
N VAL J 24 -7.46 23.12 82.11
CA VAL J 24 -6.19 23.67 81.67
C VAL J 24 -5.78 24.80 82.62
N PRO J 25 -4.61 24.73 83.23
CA PRO J 25 -4.22 25.75 84.22
C PRO J 25 -3.96 27.11 83.58
N SER J 26 -3.64 28.10 84.42
CA SER J 26 -3.39 29.45 83.94
C SER J 26 -2.08 29.51 83.17
N GLY J 27 -2.09 30.22 82.04
CA GLY J 27 -0.90 30.41 81.25
C GLY J 27 -0.61 29.30 80.26
N SER J 28 -1.37 28.21 80.28
CA SER J 28 -1.17 27.10 79.38
C SER J 28 -2.23 27.09 78.28
N VAL J 29 -1.88 26.48 77.16
CA VAL J 29 -2.77 26.40 76.00
C VAL J 29 -2.86 24.95 75.56
N ASN J 30 -4.06 24.53 75.19
CA ASN J 30 -4.29 23.16 74.77
C ASN J 30 -3.48 22.84 73.52
N VAL J 31 -2.72 21.74 73.56
CA VAL J 31 -1.84 21.36 72.46
C VAL J 31 -2.21 20.01 71.87
N GLY J 32 -3.27 19.37 72.35
CA GLY J 32 -3.68 18.11 71.76
C GLY J 32 -4.14 17.08 72.76
N THR J 33 -4.44 15.88 72.28
CA THR J 33 -4.95 14.81 73.13
C THR J 33 -4.57 13.47 72.52
N PHE J 34 -4.03 12.58 73.35
CA PHE J 34 -3.63 11.24 72.91
C PHE J 34 -4.01 10.22 73.96
N PHE J 35 -4.14 8.97 73.53
CA PHE J 35 -4.43 7.86 74.42
C PHE J 35 -3.12 7.35 75.02
N HIS J 36 -3.08 7.21 76.36
CA HIS J 36 -1.90 6.60 76.98
C HIS J 36 -1.90 5.09 76.75
N PRO J 37 -2.96 4.35 77.10
CA PRO J 37 -2.99 2.94 76.68
C PRO J 37 -3.27 2.83 75.20
N ASP J 38 -2.26 3.11 74.38
CA ASP J 38 -2.43 3.10 72.93
C ASP J 38 -2.96 1.76 72.47
N GLU J 39 -4.05 1.80 71.71
CA GLU J 39 -4.81 0.59 71.39
C GLU J 39 -3.98 -0.45 70.67
N THR J 40 -3.32 -0.06 69.58
CA THR J 40 -2.61 -1.05 68.75
C THR J 40 -1.30 -1.50 69.39
N TYR J 41 -0.66 -0.63 70.18
CA TYR J 41 0.51 -1.01 70.98
C TYR J 41 0.29 -0.59 72.42
N PRO J 42 -0.12 -1.49 73.31
CA PRO J 42 -0.40 -1.07 74.69
C PRO J 42 0.84 -0.67 75.46
N ASP J 43 1.87 -1.52 75.44
CA ASP J 43 3.16 -1.15 76.01
C ASP J 43 4.04 -0.56 74.92
N SER J 44 5.31 -0.31 75.25
CA SER J 44 6.31 0.22 74.33
C SER J 44 6.05 1.69 74.01
N TYR J 45 4.92 2.23 74.47
CA TYR J 45 4.62 3.64 74.37
C TYR J 45 4.35 4.20 75.76
N VAL J 46 4.87 5.40 76.01
CA VAL J 46 4.82 6.04 77.32
C VAL J 46 4.31 7.45 77.12
N ILE J 47 3.77 8.04 78.19
CA ILE J 47 3.26 9.41 78.15
C ILE J 47 4.29 10.35 77.54
N TYR J 48 5.57 10.13 77.84
CA TYR J 48 6.62 10.97 77.27
C TYR J 48 6.58 10.96 75.75
N HIS J 49 6.23 9.83 75.16
CA HIS J 49 6.15 9.74 73.71
C HIS J 49 4.93 10.49 73.18
N GLY J 50 3.82 10.40 73.91
CA GLY J 50 2.62 11.12 73.48
C GLY J 50 2.81 12.62 73.50
N VAL J 51 3.48 13.13 74.53
CA VAL J 51 3.65 14.60 74.65
C VAL J 51 4.56 15.09 73.53
N ARG J 52 5.54 14.28 73.15
CA ARG J 52 6.52 14.73 72.13
C ARG J 52 5.78 14.99 70.81
N GLU J 53 5.12 13.97 70.27
CA GLU J 53 4.44 14.12 68.96
C GLU J 53 3.47 15.31 69.01
N LEU J 54 2.80 15.53 70.13
CA LEU J 54 1.95 16.71 70.18
C LEU J 54 2.74 18.01 70.09
N LEU J 55 3.95 18.04 70.65
CA LEU J 55 4.81 19.20 70.56
C LEU J 55 5.51 19.31 69.22
N TYR J 56 5.47 18.26 68.39
CA TYR J 56 6.07 18.32 67.06
C TYR J 56 5.17 19.00 66.04
N LYS J 57 3.98 19.42 66.43
CA LYS J 57 3.11 20.18 65.54
C LYS J 57 2.92 21.62 65.98
N ARG J 58 3.47 22.02 67.12
CA ARG J 58 3.30 23.37 67.62
C ARG J 58 4.38 24.28 67.02
N SER J 59 4.51 25.49 67.56
CA SER J 59 5.53 26.43 67.13
C SER J 59 6.35 26.87 68.33
N GLU J 60 7.65 27.08 68.10
CA GLU J 60 8.53 27.53 69.17
C GLU J 60 8.22 28.98 69.55
N VAL J 61 7.83 29.80 68.59
CA VAL J 61 7.49 31.20 68.87
C VAL J 61 6.28 31.28 69.78
N ASP J 62 5.27 30.45 69.52
CA ASP J 62 4.03 30.46 70.28
C ASP J 62 3.48 29.04 70.24
N PRO J 63 3.18 28.44 71.40
CA PRO J 63 2.64 27.07 71.38
C PRO J 63 1.35 26.90 70.59
N ALA J 64 0.45 27.88 70.64
CA ALA J 64 -0.71 27.86 69.77
C ALA J 64 -0.28 28.24 68.36
N GLN J 65 -1.25 28.25 67.43
CA GLN J 65 -0.94 28.54 66.03
C GLN J 65 0.09 27.53 65.53
N PRO J 66 -0.32 26.29 65.30
CA PRO J 66 0.63 25.19 65.12
C PRO J 66 1.60 25.42 63.97
N GLY J 67 2.77 24.78 64.08
CA GLY J 67 3.83 24.90 63.10
C GLY J 67 4.46 23.55 62.83
N PHE J 68 5.72 23.58 62.40
CA PHE J 68 6.42 22.35 62.07
C PHE J 68 7.91 22.44 62.31
N TRP J 69 8.68 21.53 61.71
CA TRP J 69 10.05 21.19 62.08
C TRP J 69 10.98 22.38 62.31
N PRO J 70 11.09 23.34 61.39
CA PRO J 70 11.99 24.48 61.66
C PRO J 70 11.57 25.32 62.84
N GLU J 71 10.26 25.39 63.16
CA GLU J 71 9.80 26.18 64.29
C GLU J 71 9.11 25.36 65.37
N ASN J 72 9.07 24.03 65.25
CA ASN J 72 8.39 23.24 66.26
C ASN J 72 9.22 23.20 67.54
N ILE J 73 8.59 22.71 68.61
CA ILE J 73 9.27 22.58 69.89
C ILE J 73 9.81 21.16 70.01
N THR J 74 11.03 20.95 69.54
CA THR J 74 11.66 19.63 69.56
C THR J 74 12.52 19.41 70.79
N ASN J 75 12.94 20.48 71.46
CA ASN J 75 13.85 20.37 72.59
C ASN J 75 13.11 19.80 73.79
N MET J 76 12.99 18.48 73.86
CA MET J 76 12.29 17.81 74.95
C MET J 76 13.03 17.86 76.26
N GLN J 77 14.31 18.27 76.25
CA GLN J 77 15.07 18.39 77.49
C GLN J 77 14.53 19.52 78.36
N ALA J 78 14.10 20.62 77.76
CA ALA J 78 13.63 21.78 78.52
C ALA J 78 12.19 21.62 78.99
N VAL J 79 11.37 20.85 78.28
CA VAL J 79 9.98 20.68 78.68
C VAL J 79 9.90 19.75 79.87
N THR J 80 9.06 20.11 80.85
CA THR J 80 8.82 19.29 82.03
C THR J 80 7.39 18.78 81.95
N ILE J 81 7.25 17.45 81.98
CA ILE J 81 5.92 16.84 81.92
C ILE J 81 5.40 16.64 83.33
N ASP J 82 4.52 17.55 83.77
CA ASP J 82 3.93 17.44 85.10
C ASP J 82 2.62 16.68 85.06
N ASN J 83 2.70 15.35 85.14
CA ASN J 83 1.52 14.50 85.13
C ASN J 83 0.58 14.85 86.27
N LYS J 84 -0.67 15.18 85.95
CA LYS J 84 -1.69 15.46 86.95
C LYS J 84 -2.92 14.60 86.72
N ALA J 85 -2.78 13.53 85.95
CA ALA J 85 -3.89 12.66 85.59
C ALA J 85 -3.69 11.28 86.19
N THR J 86 -4.77 10.52 86.24
CA THR J 86 -4.72 9.17 86.76
C THR J 86 -3.83 8.30 85.88
N ALA J 87 -3.10 7.38 86.52
CA ALA J 87 -2.17 6.51 85.81
C ALA J 87 -2.93 5.34 85.18
N ARG J 88 -2.22 4.55 84.39
CA ARG J 88 -2.82 3.34 83.84
C ARG J 88 -3.09 2.32 84.94
N LEU J 89 -3.95 1.37 84.63
CA LEU J 89 -4.23 0.24 85.53
C LEU J 89 -3.29 -0.92 85.20
N VAL J 90 -2.00 -0.65 85.36
CA VAL J 90 -0.98 -1.62 84.98
C VAL J 90 -1.08 -2.85 85.88
N LEU J 91 -1.19 -4.02 85.25
CA LEU J 91 -1.21 -5.29 85.97
C LEU J 91 0.24 -5.78 86.08
N ASN J 92 0.84 -5.51 87.24
CA ASN J 92 2.26 -5.77 87.44
C ASN J 92 2.62 -7.23 87.24
N THR J 93 1.86 -8.13 87.87
CA THR J 93 2.06 -9.57 87.74
C THR J 93 0.76 -10.20 87.29
N SER J 94 0.73 -10.64 86.03
CA SER J 94 -0.45 -11.27 85.45
C SER J 94 -0.49 -12.76 85.78
N LEU J 95 -1.61 -13.38 85.45
CA LEU J 95 -1.79 -14.80 85.73
C LEU J 95 -0.80 -15.61 84.88
N PRO J 96 -0.32 -16.76 85.36
CA PRO J 96 0.47 -17.63 84.50
C PRO J 96 -0.34 -18.05 83.29
N ARG J 97 0.34 -18.13 82.13
CA ARG J 97 -0.38 -18.43 80.90
C ARG J 97 -0.99 -19.82 80.95
N VAL J 98 -0.24 -20.80 81.45
CA VAL J 98 -0.71 -22.18 81.54
C VAL J 98 -0.23 -22.74 82.87
N VAL J 99 -1.12 -23.42 83.58
CA VAL J 99 -0.79 -24.03 84.86
C VAL J 99 -1.11 -25.52 84.78
N SER J 100 -0.18 -26.34 85.26
CA SER J 100 -0.33 -27.79 85.22
C SER J 100 -0.44 -28.31 86.65
N THR J 101 -1.43 -29.15 86.90
CA THR J 101 -1.67 -29.71 88.22
C THR J 101 -2.33 -31.07 88.08
N ILE J 102 -2.26 -31.85 89.15
CA ILE J 102 -2.91 -33.16 89.23
C ILE J 102 -4.04 -33.05 90.24
N GLU J 103 -5.02 -33.95 90.13
CA GLU J 103 -6.19 -33.92 90.99
C GLU J 103 -5.81 -33.96 92.46
N GLY J 104 -6.42 -33.12 93.28
CA GLY J 104 -6.10 -33.05 94.68
C GLY J 104 -5.14 -31.93 94.99
N GLY J 105 -4.55 -31.33 93.95
CA GLY J 105 -3.59 -30.26 94.12
C GLY J 105 -4.25 -28.95 94.53
N LYS J 106 -3.57 -27.85 94.23
CA LYS J 106 -4.08 -26.53 94.57
C LYS J 106 -3.38 -25.50 93.70
N VAL J 107 -4.16 -24.66 93.02
CA VAL J 107 -3.63 -23.64 92.13
C VAL J 107 -4.11 -22.28 92.64
N THR J 108 -3.18 -21.42 93.03
CA THR J 108 -3.50 -20.09 93.54
C THR J 108 -3.12 -19.04 92.49
N LEU J 109 -4.13 -18.60 91.75
CA LEU J 109 -3.94 -17.59 90.73
C LEU J 109 -3.89 -16.20 91.37
N SER J 110 -2.99 -15.35 90.88
CA SER J 110 -2.74 -14.06 91.52
C SER J 110 -2.58 -12.95 90.48
N VAL J 111 -2.97 -11.74 90.89
CA VAL J 111 -2.76 -10.52 90.11
C VAL J 111 -2.52 -9.37 91.07
N VAL J 112 -1.68 -8.43 90.66
CA VAL J 112 -1.43 -7.20 91.42
C VAL J 112 -1.70 -6.02 90.49
N ALA J 113 -2.55 -5.10 90.94
CA ALA J 113 -2.95 -3.95 90.15
C ALA J 113 -2.46 -2.66 90.80
N LEU J 114 -2.03 -1.72 89.95
CA LEU J 114 -1.55 -0.42 90.42
C LEU J 114 -2.04 0.67 89.47
N GLY J 115 -2.77 1.64 90.02
CA GLY J 115 -3.20 2.79 89.26
C GLY J 115 -4.71 2.98 89.30
N GLY J 116 -5.21 3.74 88.33
CA GLY J 116 -6.63 4.00 88.23
C GLY J 116 -7.15 4.82 89.40
N LYS J 117 -8.47 4.85 89.52
CA LYS J 117 -9.10 5.48 90.67
C LYS J 117 -8.93 4.60 91.91
N ALA J 118 -9.24 5.17 93.07
CA ALA J 118 -8.99 4.51 94.35
C ALA J 118 -9.72 3.18 94.48
N PRO J 119 -11.04 3.10 94.19
CA PRO J 119 -11.72 1.80 94.34
C PRO J 119 -11.45 0.88 93.16
N LEU J 120 -10.70 -0.19 93.38
CA LEU J 120 -10.45 -1.19 92.34
C LEU J 120 -11.40 -2.37 92.56
N LYS J 121 -12.11 -2.76 91.50
CA LYS J 121 -13.04 -3.88 91.55
C LYS J 121 -12.42 -5.08 90.85
N TYR J 122 -12.39 -6.21 91.54
CA TYR J 122 -11.86 -7.46 91.02
C TYR J 122 -13.01 -8.42 90.74
N LYS J 123 -13.08 -8.94 89.51
CA LYS J 123 -14.07 -9.96 89.21
C LYS J 123 -13.45 -11.02 88.31
N TRP J 124 -13.75 -12.28 88.60
CA TRP J 124 -13.18 -13.43 87.92
C TRP J 124 -14.22 -14.05 86.99
N GLU J 125 -13.74 -14.79 86.00
CA GLU J 125 -14.62 -15.44 85.04
C GLU J 125 -14.01 -16.76 84.62
N PHE J 126 -14.86 -17.71 84.25
CA PHE J 126 -14.44 -19.06 83.92
C PHE J 126 -15.12 -19.48 82.63
N ARG J 127 -14.34 -19.98 81.67
CA ARG J 127 -14.87 -20.54 80.44
C ARG J 127 -14.69 -22.04 80.44
N ALA J 128 -15.73 -22.76 80.05
CA ALA J 128 -15.68 -24.21 79.96
C ALA J 128 -14.55 -24.59 79.00
N PRO J 129 -13.90 -25.75 79.19
CA PRO J 129 -12.65 -25.99 78.45
C PRO J 129 -12.85 -26.19 76.96
N ASN J 130 -14.09 -26.40 76.52
CA ASN J 130 -14.37 -26.46 75.09
C ASN J 130 -15.39 -25.44 74.63
N ALA J 131 -16.10 -24.75 75.52
CA ALA J 131 -17.17 -23.86 75.12
C ALA J 131 -16.61 -22.52 74.65
N SER J 132 -17.53 -21.60 74.32
CA SER J 132 -17.16 -20.28 73.85
C SER J 132 -17.70 -19.14 74.70
N THR J 133 -18.71 -19.38 75.53
CA THR J 133 -19.26 -18.35 76.39
C THR J 133 -18.50 -18.31 77.71
N TRP J 134 -18.43 -17.13 78.32
CA TRP J 134 -17.69 -16.96 79.57
C TRP J 134 -18.67 -16.99 80.74
N THR J 135 -18.67 -18.08 81.49
CA THR J 135 -19.46 -18.15 82.71
C THR J 135 -18.84 -17.25 83.77
N ALA J 136 -19.70 -16.74 84.66
CA ALA J 136 -19.30 -15.82 85.71
C ALA J 136 -19.06 -16.61 86.99
N VAL J 137 -17.85 -16.51 87.53
CA VAL J 137 -17.50 -17.20 88.77
C VAL J 137 -18.18 -16.51 89.93
N SER J 138 -18.98 -17.28 90.68
CA SER J 138 -19.62 -16.73 91.86
C SER J 138 -18.58 -16.50 92.97
N GLY J 139 -18.99 -15.73 93.98
CA GLY J 139 -18.06 -15.37 95.03
C GLY J 139 -16.93 -14.51 94.51
N GLN J 140 -15.70 -14.98 94.68
CA GLN J 140 -14.51 -14.26 94.22
C GLN J 140 -14.45 -12.84 94.78
N THR J 141 -14.51 -11.84 93.88
CA THR J 141 -14.38 -10.44 94.24
C THR J 141 -13.08 -10.18 95.03
N THR J 142 -12.00 -10.84 94.61
CA THR J 142 -10.71 -10.68 95.26
C THR J 142 -9.63 -10.78 94.20
N ALA J 143 -8.39 -10.50 94.60
CA ALA J 143 -7.26 -10.46 93.66
C ALA J 143 -6.52 -11.78 93.55
N ASN J 144 -6.99 -12.83 94.22
CA ASN J 144 -6.30 -14.12 94.17
C ASN J 144 -7.33 -15.24 94.31
N LEU J 145 -7.52 -16.01 93.25
CA LEU J 145 -8.45 -17.14 93.26
C LEU J 145 -7.70 -18.40 93.67
N VAL J 146 -8.25 -19.15 94.63
CA VAL J 146 -7.61 -20.36 95.11
C VAL J 146 -8.51 -21.56 94.89
N LEU J 147 -8.17 -22.41 93.92
CA LEU J 147 -8.88 -23.66 93.72
C LEU J 147 -8.19 -24.77 94.49
N ASP J 148 -8.91 -25.38 95.43
CA ASP J 148 -8.38 -26.45 96.26
C ASP J 148 -9.06 -27.78 95.94
N ASN J 149 -8.30 -28.86 96.14
CA ASN J 149 -8.72 -30.19 95.74
C ASN J 149 -9.27 -30.16 94.31
N ILE J 150 -8.54 -29.52 93.40
CA ILE J 150 -9.00 -29.29 92.05
C ILE J 150 -9.25 -30.62 91.36
N ASP J 151 -10.37 -30.73 90.66
CA ASP J 151 -10.73 -31.95 89.96
C ASP J 151 -10.71 -31.73 88.45
N ALA J 152 -10.94 -32.82 87.71
CA ALA J 152 -10.95 -32.77 86.26
C ALA J 152 -12.13 -31.97 85.71
N ASP J 153 -13.14 -31.68 86.53
CA ASP J 153 -14.26 -30.87 86.10
C ASP J 153 -13.97 -29.38 86.13
N LYS J 154 -12.99 -28.96 86.93
CA LYS J 154 -12.69 -27.55 87.14
C LYS J 154 -11.62 -27.02 86.20
N ALA J 155 -11.16 -27.84 85.27
CA ALA J 155 -10.19 -27.38 84.29
C ALA J 155 -10.85 -26.41 83.31
N GLY J 156 -10.02 -25.60 82.67
CA GLY J 156 -10.49 -24.65 81.69
C GLY J 156 -9.68 -23.37 81.75
N GLU J 157 -10.30 -22.28 81.31
CA GLU J 157 -9.66 -20.98 81.23
C GLU J 157 -10.29 -20.04 82.26
N TYR J 158 -9.46 -19.45 83.11
CA TYR J 158 -9.92 -18.52 84.13
C TYR J 158 -9.38 -17.13 83.82
N LYS J 159 -10.28 -16.15 83.80
CA LYS J 159 -9.98 -14.78 83.41
C LYS J 159 -10.44 -13.82 84.50
N VAL J 160 -9.59 -12.84 84.79
CA VAL J 160 -9.89 -11.80 85.77
C VAL J 160 -9.90 -10.46 85.03
N THR J 161 -10.81 -9.58 85.44
CA THR J 161 -10.95 -8.26 84.84
C THR J 161 -10.96 -7.24 85.97
N VAL J 162 -9.98 -6.34 85.97
CA VAL J 162 -9.79 -5.38 87.04
C VAL J 162 -10.31 -4.04 86.52
N THR J 163 -11.46 -3.61 87.02
CA THR J 163 -12.04 -2.32 86.64
C THR J 163 -12.02 -1.38 87.84
N ASP J 164 -11.73 -0.12 87.56
CA ASP J 164 -11.66 0.89 88.61
C ASP J 164 -12.95 1.70 88.67
N ALA J 165 -12.95 2.78 89.44
CA ALA J 165 -14.13 3.63 89.58
C ALA J 165 -14.42 4.44 88.33
N ALA J 166 -13.53 4.44 87.35
CA ALA J 166 -13.72 5.14 86.09
C ALA J 166 -14.24 4.26 84.97
N GLY J 167 -13.73 3.04 84.84
CA GLY J 167 -14.16 2.15 83.79
C GLY J 167 -13.04 1.75 82.85
N THR J 168 -11.80 1.83 83.33
CA THR J 168 -10.62 1.46 82.53
C THR J 168 -10.19 0.07 82.99
N SER J 169 -10.80 -0.95 82.40
CA SER J 169 -10.58 -2.33 82.80
C SER J 169 -9.41 -2.93 82.02
N VAL J 170 -8.53 -3.62 82.74
CA VAL J 170 -7.45 -4.39 82.14
C VAL J 170 -7.72 -5.86 82.44
N ASP J 171 -7.39 -6.73 81.50
CA ASP J 171 -7.81 -8.12 81.54
C ASP J 171 -6.60 -9.04 81.41
N SER J 172 -6.72 -10.23 81.98
CA SER J 172 -5.67 -11.25 81.92
C SER J 172 -6.31 -12.62 82.08
N THR J 173 -5.83 -13.59 81.31
CA THR J 173 -6.40 -14.92 81.27
C THR J 173 -5.36 -15.97 81.65
N ALA J 174 -5.85 -17.14 82.06
CA ALA J 174 -5.00 -18.24 82.45
C ALA J 174 -5.69 -19.56 82.11
N LEU J 175 -4.93 -20.51 81.59
CA LEU J 175 -5.45 -21.85 81.31
C LEU J 175 -4.98 -22.81 82.38
N VAL J 176 -5.91 -23.58 82.94
CA VAL J 176 -5.62 -24.54 83.99
C VAL J 176 -5.94 -25.91 83.45
N ALA J 177 -4.91 -26.65 83.06
CA ALA J 177 -5.07 -28.02 82.56
C ALA J 177 -4.67 -28.99 83.67
N VAL J 178 -5.66 -29.61 84.30
CA VAL J 178 -5.40 -30.58 85.36
C VAL J 178 -5.58 -31.99 84.80
N GLY J 179 -4.46 -32.65 84.48
CA GLY J 179 -4.51 -34.01 83.98
C GLY J 179 -4.96 -35.00 85.03
N ALA J 180 -5.69 -36.03 84.60
CA ALA J 180 -6.17 -37.05 85.53
C ALA J 180 -6.52 -38.30 84.74
N TYR J 181 -6.63 -39.40 85.47
CA TYR J 181 -7.09 -40.64 84.87
C TYR J 181 -8.53 -40.46 84.38
N PRO J 182 -8.93 -41.12 83.30
CA PRO J 182 -10.24 -40.85 82.74
C PRO J 182 -11.36 -41.52 83.53
N PRO J 183 -12.51 -40.84 83.69
CA PRO J 183 -13.61 -41.31 84.53
C PRO J 183 -14.52 -42.29 83.81
N GLU K 3 -30.75 -94.63 -13.55
CA GLU K 3 -30.22 -94.81 -12.18
C GLU K 3 -30.14 -96.29 -11.85
N LEU K 4 -29.01 -96.74 -11.28
CA LEU K 4 -28.82 -98.18 -10.99
C LEU K 4 -28.57 -98.37 -9.49
N LYS K 5 -29.50 -99.01 -8.79
CA LYS K 5 -29.35 -99.24 -7.33
C LYS K 5 -28.26 -100.30 -7.09
N VAL K 6 -27.31 -100.00 -6.20
CA VAL K 6 -26.23 -100.99 -5.88
C VAL K 6 -26.52 -101.59 -4.50
N ALA K 7 -26.19 -102.87 -4.31
CA ALA K 7 -26.46 -103.55 -3.02
C ALA K 7 -25.23 -104.33 -2.60
N PHE K 8 -24.76 -104.13 -1.37
CA PHE K 8 -23.49 -104.79 -0.95
C PHE K 8 -23.77 -105.84 0.13
N ASN K 9 -23.10 -106.99 0.02
CA ASN K 9 -23.23 -108.06 1.06
C ASN K 9 -21.86 -108.28 1.69
N LYS K 10 -21.54 -107.53 2.75
CA LYS K 10 -20.21 -107.64 3.41
C LYS K 10 -19.75 -109.10 3.46
N ASP K 11 -20.59 -109.99 3.99
CA ASP K 11 -20.23 -111.43 4.11
C ASP K 11 -19.50 -111.91 2.86
N THR K 12 -20.10 -111.74 1.67
CA THR K 12 -19.50 -112.26 0.43
C THR K 12 -18.81 -111.15 -0.34
N TYR K 13 -18.72 -109.95 0.26
CA TYR K 13 -18.13 -108.78 -0.44
C TYR K 13 -18.65 -108.73 -1.87
N VAL K 14 -19.97 -108.90 -2.04
CA VAL K 14 -20.58 -108.86 -3.40
C VAL K 14 -21.35 -107.55 -3.53
N ALA K 15 -21.14 -106.82 -4.63
CA ALA K 15 -21.84 -105.54 -4.87
C ALA K 15 -22.69 -105.67 -6.13
N THR K 16 -23.88 -106.27 -6.00
CA THR K 16 -24.75 -106.49 -7.16
C THR K 16 -25.34 -105.16 -7.61
N VAL K 17 -25.10 -104.77 -8.86
CA VAL K 17 -25.68 -103.52 -9.41
C VAL K 17 -27.05 -103.87 -10.03
N LEU K 18 -28.11 -103.73 -9.25
CA LEU K 18 -29.48 -104.03 -9.75
C LEU K 18 -30.00 -102.80 -10.53
N ASP K 19 -31.07 -102.98 -11.30
CA ASP K 19 -31.68 -101.82 -12.01
C ASP K 19 -32.51 -101.02 -11.02
N ALA K 20 -32.90 -99.80 -11.38
CA ALA K 20 -33.73 -98.96 -10.49
C ALA K 20 -34.77 -99.83 -9.78
N SER K 21 -35.54 -100.61 -10.55
CA SER K 21 -36.58 -101.49 -9.97
C SER K 21 -36.04 -102.91 -9.80
N GLY K 22 -34.98 -103.08 -9.00
CA GLY K 22 -34.42 -104.42 -8.75
C GLY K 22 -34.95 -105.01 -7.45
N SER K 23 -34.10 -105.72 -6.71
CA SER K 23 -34.52 -106.36 -5.43
C SER K 23 -33.28 -106.72 -4.61
N VAL K 24 -32.89 -105.86 -3.67
CA VAL K 24 -31.67 -106.09 -2.85
C VAL K 24 -31.60 -107.57 -2.46
N PRO K 25 -30.60 -108.34 -2.97
CA PRO K 25 -30.47 -109.74 -2.62
C PRO K 25 -30.35 -109.97 -1.12
N SER K 26 -30.75 -111.15 -0.65
CA SER K 26 -30.67 -111.47 0.79
C SER K 26 -29.32 -111.02 1.36
N GLY K 27 -29.34 -110.12 2.34
CA GLY K 27 -28.09 -109.64 2.97
C GLY K 27 -27.57 -108.38 2.31
N SER K 28 -27.58 -108.35 0.98
CA SER K 28 -27.10 -107.15 0.24
C SER K 28 -27.85 -105.91 0.73
N VAL K 29 -27.14 -105.00 1.42
CA VAL K 29 -27.77 -103.74 1.93
C VAL K 29 -27.70 -102.68 0.83
N ASN K 30 -28.79 -101.95 0.61
CA ASN K 30 -28.77 -100.85 -0.39
C ASN K 30 -27.60 -99.91 -0.07
N VAL K 31 -26.61 -99.88 -0.95
CA VAL K 31 -25.41 -99.02 -0.71
C VAL K 31 -25.63 -97.67 -1.40
N GLY K 32 -26.64 -97.58 -2.28
CA GLY K 32 -26.96 -96.31 -2.96
C GLY K 32 -27.27 -96.54 -4.43
N THR K 33 -27.52 -95.47 -5.18
CA THR K 33 -27.79 -95.58 -6.63
C THR K 33 -26.88 -94.64 -7.38
N PHE K 34 -26.77 -94.82 -8.71
CA PHE K 34 -25.95 -93.92 -9.56
C PHE K 34 -26.37 -94.10 -11.02
N PHE K 35 -26.13 -93.09 -11.85
CA PHE K 35 -26.51 -93.17 -13.28
C PHE K 35 -25.33 -93.73 -14.08
N HIS K 36 -25.47 -94.97 -14.57
CA HIS K 36 -24.38 -95.60 -15.36
C HIS K 36 -23.97 -94.67 -16.51
N PRO K 37 -24.86 -94.29 -17.46
CA PRO K 37 -24.48 -93.34 -18.49
C PRO K 37 -24.40 -91.98 -17.83
N ASP K 38 -23.28 -91.67 -17.18
CA ASP K 38 -23.16 -90.39 -16.43
C ASP K 38 -23.75 -89.24 -17.26
N GLU K 39 -24.79 -88.59 -16.74
CA GLU K 39 -25.46 -87.49 -17.48
C GLU K 39 -24.41 -86.57 -18.10
N THR K 40 -23.45 -86.09 -17.32
CA THR K 40 -22.45 -85.13 -17.82
C THR K 40 -21.54 -85.82 -18.81
N TYR K 41 -20.89 -86.91 -18.39
CA TYR K 41 -19.91 -87.62 -19.27
C TYR K 41 -20.37 -89.04 -19.48
N PRO K 42 -21.27 -89.32 -20.45
CA PRO K 42 -21.81 -90.66 -20.62
C PRO K 42 -20.73 -91.67 -20.95
N ASP K 43 -20.04 -91.47 -22.07
CA ASP K 43 -19.01 -92.46 -22.51
C ASP K 43 -17.66 -92.10 -21.87
N SER K 44 -17.63 -91.96 -20.54
CA SER K 44 -16.37 -91.66 -19.82
C SER K 44 -16.32 -92.47 -18.51
N TYR K 45 -17.45 -93.07 -18.12
CA TYR K 45 -17.50 -93.83 -16.85
C TYR K 45 -18.13 -95.20 -17.08
N VAL K 46 -17.88 -96.15 -16.18
CA VAL K 46 -18.41 -97.54 -16.34
C VAL K 46 -19.02 -97.99 -15.00
N ILE K 47 -19.77 -99.09 -14.99
CA ILE K 47 -20.45 -99.55 -13.74
C ILE K 47 -19.47 -99.51 -12.56
N TYR K 48 -18.20 -99.81 -12.78
CA TYR K 48 -17.22 -99.89 -11.66
C TYR K 48 -17.15 -98.54 -10.96
N HIS K 49 -16.82 -97.49 -11.71
CA HIS K 49 -16.65 -96.14 -11.10
C HIS K 49 -17.78 -95.88 -10.09
N GLY K 50 -19.03 -96.00 -10.54
CA GLY K 50 -20.18 -95.74 -9.66
C GLY K 50 -20.09 -96.60 -8.41
N VAL K 51 -20.04 -97.92 -8.57
CA VAL K 51 -19.97 -98.84 -7.40
C VAL K 51 -18.82 -98.39 -6.48
N ARG K 52 -17.64 -98.17 -7.05
CA ARG K 52 -16.46 -97.78 -6.24
C ARG K 52 -16.82 -96.60 -5.33
N GLU K 53 -17.32 -95.50 -5.90
CA GLU K 53 -17.64 -94.30 -5.09
C GLU K 53 -18.72 -94.64 -4.06
N LEU K 54 -19.78 -95.35 -4.49
CA LEU K 54 -20.88 -95.71 -3.58
C LEU K 54 -20.33 -96.46 -2.36
N LEU K 55 -19.26 -97.26 -2.56
CA LEU K 55 -18.68 -98.05 -1.45
C LEU K 55 -17.66 -97.21 -0.68
N TYR K 56 -17.06 -96.22 -1.34
CA TYR K 56 -16.06 -95.34 -0.67
C TYR K 56 -16.73 -94.59 0.47
N LYS K 57 -18.03 -94.36 0.35
CA LYS K 57 -18.75 -93.57 1.38
C LYS K 57 -19.47 -94.50 2.36
N ARG K 58 -19.12 -95.79 2.39
CA ARG K 58 -19.80 -96.76 3.29
C ARG K 58 -18.77 -97.36 4.26
N SER K 59 -19.04 -97.33 5.56
CA SER K 59 -18.07 -97.82 6.58
C SER K 59 -17.68 -99.28 6.33
N GLU K 60 -16.44 -99.63 6.66
CA GLU K 60 -15.97 -101.04 6.50
C GLU K 60 -16.73 -101.92 7.50
N VAL K 61 -16.61 -101.60 8.80
CA VAL K 61 -17.29 -102.40 9.86
C VAL K 61 -18.68 -102.82 9.39
N ASP K 62 -19.50 -101.86 8.95
CA ASP K 62 -20.88 -102.19 8.49
C ASP K 62 -21.19 -101.39 7.21
N PRO K 63 -21.16 -102.01 6.02
CA PRO K 63 -21.54 -101.33 4.80
C PRO K 63 -22.77 -100.47 5.01
N ALA K 64 -23.83 -101.06 5.55
CA ALA K 64 -25.09 -100.32 5.78
C ALA K 64 -24.78 -98.95 6.39
N GLN K 65 -23.93 -98.93 7.42
CA GLN K 65 -23.59 -97.65 8.10
C GLN K 65 -22.62 -96.85 7.21
N PRO K 66 -22.90 -95.55 6.95
CA PRO K 66 -21.98 -94.73 6.17
C PRO K 66 -20.65 -94.53 6.90
N GLY K 67 -19.58 -94.27 6.15
CA GLY K 67 -18.26 -94.04 6.75
C GLY K 67 -17.38 -93.24 5.82
N PHE K 68 -16.16 -92.85 6.24
CA PHE K 68 -15.32 -92.10 5.26
C PHE K 68 -13.91 -92.68 5.19
N TRP K 69 -13.01 -92.01 4.46
CA TRP K 69 -11.62 -92.50 4.25
C TRP K 69 -11.09 -93.35 5.42
N PRO K 70 -10.96 -92.83 6.67
CA PRO K 70 -10.37 -93.62 7.74
C PRO K 70 -10.83 -95.07 7.69
N GLU K 71 -12.15 -95.29 7.69
CA GLU K 71 -12.70 -96.68 7.69
C GLU K 71 -13.84 -96.79 6.68
N ASN K 72 -13.54 -97.30 5.48
CA ASN K 72 -14.59 -97.50 4.45
C ASN K 72 -14.19 -98.67 3.55
N ILE K 73 -15.13 -99.12 2.69
CA ILE K 73 -14.82 -100.22 1.73
C ILE K 73 -14.16 -99.59 0.49
N THR K 74 -12.85 -99.81 0.31
CA THR K 74 -12.14 -99.18 -0.81
C THR K 74 -11.34 -100.22 -1.59
N ASN K 75 -11.01 -101.35 -0.94
CA ASN K 75 -10.29 -102.43 -1.65
C ASN K 75 -11.23 -103.07 -2.68
N MET K 76 -11.31 -102.48 -3.87
CA MET K 76 -12.18 -103.01 -4.95
C MET K 76 -11.64 -104.37 -5.40
N GLN K 77 -10.36 -104.63 -5.15
CA GLN K 77 -9.77 -105.96 -5.48
C GLN K 77 -10.71 -107.06 -4.98
N ALA K 78 -11.31 -106.89 -3.81
CA ALA K 78 -12.15 -107.95 -3.22
C ALA K 78 -13.61 -107.76 -3.64
N VAL K 79 -14.06 -106.50 -3.72
CA VAL K 79 -15.48 -106.23 -4.05
C VAL K 79 -15.85 -106.97 -5.35
N THR K 80 -16.82 -107.89 -5.27
CA THR K 80 -17.26 -108.64 -6.47
C THR K 80 -18.48 -107.97 -7.05
N ILE K 81 -18.32 -107.25 -8.16
CA ILE K 81 -19.46 -106.51 -8.77
C ILE K 81 -20.21 -107.47 -9.71
N ASP K 82 -21.53 -107.63 -9.50
CA ASP K 82 -22.35 -108.51 -10.37
C ASP K 82 -23.48 -107.68 -10.97
N ASN K 83 -23.29 -107.19 -12.20
CA ASN K 83 -24.31 -106.28 -12.81
C ASN K 83 -25.60 -107.04 -13.11
N LYS K 84 -26.65 -106.84 -12.29
CA LYS K 84 -27.96 -107.46 -12.59
C LYS K 84 -28.86 -106.37 -13.17
N ALA K 85 -28.29 -105.47 -13.99
CA ALA K 85 -29.08 -104.33 -14.51
C ALA K 85 -29.20 -104.40 -16.04
N THR K 86 -30.22 -103.75 -16.59
CA THR K 86 -30.45 -103.78 -18.06
C THR K 86 -29.22 -103.26 -18.78
N ALA K 87 -28.92 -103.83 -19.95
CA ALA K 87 -27.72 -103.40 -20.71
C ALA K 87 -27.91 -101.98 -21.23
N ARG K 88 -26.80 -101.24 -21.36
CA ARG K 88 -26.87 -99.84 -21.86
C ARG K 88 -27.31 -99.86 -23.33
N LEU K 89 -28.40 -99.15 -23.66
CA LEU K 89 -28.84 -99.07 -25.08
C LEU K 89 -27.69 -98.50 -25.91
N VAL K 90 -27.20 -99.27 -26.89
CA VAL K 90 -26.07 -98.81 -27.76
C VAL K 90 -26.57 -98.76 -29.21
N LEU K 91 -25.73 -98.26 -30.13
CA LEU K 91 -26.15 -98.13 -31.55
C LEU K 91 -25.06 -98.70 -32.46
N ASN K 92 -24.85 -100.02 -32.43
CA ASN K 92 -23.81 -100.66 -33.28
C ASN K 92 -23.84 -100.04 -34.68
N THR K 93 -25.02 -100.04 -35.31
CA THR K 93 -25.16 -99.41 -36.63
C THR K 93 -25.88 -98.09 -36.45
N SER K 94 -25.35 -97.02 -37.02
CA SER K 94 -26.00 -95.69 -36.93
C SER K 94 -26.32 -95.17 -38.35
N LEU K 95 -27.24 -94.21 -38.44
CA LEU K 95 -27.63 -93.66 -39.77
C LEU K 95 -26.39 -93.17 -40.53
N PRO K 96 -26.25 -93.51 -41.83
CA PRO K 96 -25.10 -93.10 -42.62
C PRO K 96 -24.90 -91.59 -42.60
N ARG K 97 -23.88 -91.10 -41.89
CA ARG K 97 -23.62 -89.64 -41.76
C ARG K 97 -24.25 -88.84 -42.91
N VAL K 98 -23.78 -89.06 -44.15
CA VAL K 98 -24.35 -88.35 -45.33
C VAL K 98 -24.82 -89.38 -46.37
N VAL K 99 -25.87 -89.05 -47.12
CA VAL K 99 -26.43 -90.01 -48.12
C VAL K 99 -26.81 -89.21 -49.39
N SER K 100 -25.91 -89.16 -50.37
CA SER K 100 -26.17 -88.37 -51.60
C SER K 100 -26.89 -89.23 -52.64
N THR K 101 -27.92 -88.67 -53.30
CA THR K 101 -28.68 -89.41 -54.32
C THR K 101 -29.19 -88.44 -55.35
N ILE K 102 -29.76 -88.94 -56.44
CA ILE K 102 -30.35 -88.04 -57.48
C ILE K 102 -31.88 -88.14 -57.37
N GLU K 103 -32.60 -87.19 -57.95
CA GLU K 103 -34.09 -87.27 -57.95
C GLU K 103 -34.48 -88.63 -58.55
N GLY K 104 -34.90 -89.57 -57.70
CA GLY K 104 -35.26 -90.92 -58.16
C GLY K 104 -34.55 -91.97 -57.33
N GLY K 105 -33.23 -91.89 -57.24
CA GLY K 105 -32.44 -92.88 -56.48
C GLY K 105 -33.03 -93.13 -55.11
N LYS K 106 -33.37 -94.39 -54.81
CA LYS K 106 -33.92 -94.75 -53.48
C LYS K 106 -32.79 -94.71 -52.43
N VAL K 107 -33.06 -94.13 -51.26
CA VAL K 107 -32.04 -94.13 -50.17
C VAL K 107 -32.64 -94.87 -48.96
N THR K 108 -31.84 -95.75 -48.34
CA THR K 108 -32.32 -96.51 -47.16
C THR K 108 -31.47 -96.12 -45.97
N LEU K 109 -32.09 -95.55 -44.94
CA LEU K 109 -31.35 -95.22 -43.70
C LEU K 109 -31.54 -96.38 -42.70
N SER K 110 -30.44 -96.90 -42.13
CA SER K 110 -30.56 -98.09 -41.25
C SER K 110 -29.94 -97.82 -39.87
N VAL K 111 -30.51 -98.41 -38.82
CA VAL K 111 -29.99 -98.22 -37.43
C VAL K 111 -30.20 -99.52 -36.65
N VAL K 112 -29.12 -100.06 -36.06
CA VAL K 112 -29.22 -101.33 -35.28
C VAL K 112 -28.91 -101.03 -33.81
N ALA K 113 -29.90 -101.20 -32.93
CA ALA K 113 -29.71 -100.89 -31.49
C ALA K 113 -29.62 -102.18 -30.68
N LEU K 114 -28.65 -102.24 -29.76
CA LEU K 114 -28.51 -103.44 -28.89
C LEU K 114 -28.56 -102.99 -27.43
N GLY K 115 -29.32 -103.71 -26.60
CA GLY K 115 -29.37 -103.39 -25.16
C GLY K 115 -30.70 -102.76 -24.76
N GLY K 116 -30.74 -102.13 -23.58
CA GLY K 116 -31.98 -101.50 -23.10
C GLY K 116 -33.05 -102.54 -22.79
N LYS K 117 -34.26 -102.08 -22.46
CA LYS K 117 -35.37 -103.04 -22.24
C LYS K 117 -35.72 -103.69 -23.58
N ALA K 118 -36.13 -104.97 -23.55
CA ALA K 118 -36.42 -105.70 -24.81
C ALA K 118 -37.21 -104.85 -25.81
N PRO K 119 -38.43 -104.33 -25.52
CA PRO K 119 -39.20 -103.61 -26.52
C PRO K 119 -38.48 -102.35 -27.01
N LEU K 120 -37.68 -102.48 -28.06
CA LEU K 120 -36.94 -101.32 -28.61
C LEU K 120 -37.81 -100.61 -29.66
N LYS K 121 -38.61 -99.64 -29.23
CA LYS K 121 -39.48 -98.89 -30.18
C LYS K 121 -38.62 -97.94 -31.01
N TYR K 122 -39.05 -97.67 -32.25
CA TYR K 122 -38.29 -96.75 -33.15
C TYR K 122 -39.19 -95.60 -33.55
N LYS K 123 -38.59 -94.45 -33.87
CA LYS K 123 -39.37 -93.27 -34.31
C LYS K 123 -38.49 -92.42 -35.24
N TRP K 124 -39.02 -92.01 -36.38
CA TRP K 124 -38.20 -91.25 -37.36
C TRP K 124 -38.69 -89.81 -37.43
N GLU K 125 -37.77 -88.85 -37.35
CA GLU K 125 -38.14 -87.42 -37.49
C GLU K 125 -37.36 -86.83 -38.67
N PHE K 126 -37.89 -85.81 -39.32
CA PHE K 126 -37.21 -85.24 -40.51
C PHE K 126 -37.11 -83.73 -40.38
N ARG K 127 -35.92 -83.19 -40.58
CA ARG K 127 -35.77 -81.71 -40.55
C ARG K 127 -35.48 -81.23 -41.98
N ALA K 128 -36.37 -80.41 -42.54
CA ALA K 128 -36.13 -79.85 -43.90
C ALA K 128 -34.90 -78.96 -43.86
N PRO K 129 -34.21 -78.72 -45.01
CA PRO K 129 -33.06 -77.82 -45.02
C PRO K 129 -33.46 -76.45 -44.54
N ASN K 130 -32.52 -75.73 -43.91
CA ASN K 130 -32.80 -74.37 -43.39
C ASN K 130 -34.08 -74.37 -42.55
N ALA K 131 -34.14 -75.21 -41.53
CA ALA K 131 -35.32 -75.24 -40.62
C ALA K 131 -34.87 -75.64 -39.22
N SER K 132 -35.80 -75.64 -38.27
CA SER K 132 -35.47 -76.03 -36.87
C SER K 132 -36.41 -77.15 -36.42
N THR K 133 -37.68 -77.08 -36.83
CA THR K 133 -38.67 -78.11 -36.44
C THR K 133 -38.26 -79.44 -37.01
N TRP K 134 -38.40 -80.51 -36.23
CA TRP K 134 -38.04 -81.87 -36.70
C TRP K 134 -39.32 -82.63 -37.06
N THR K 135 -39.96 -82.25 -38.18
CA THR K 135 -41.22 -82.90 -38.60
C THR K 135 -41.06 -84.40 -38.55
N ALA K 136 -41.69 -85.05 -37.57
CA ALA K 136 -41.56 -86.52 -37.41
C ALA K 136 -42.15 -87.24 -38.62
N VAL K 137 -41.36 -88.10 -39.27
CA VAL K 137 -41.88 -88.89 -40.43
C VAL K 137 -43.00 -89.81 -39.92
N SER K 138 -44.24 -89.55 -40.34
CA SER K 138 -45.38 -90.39 -39.89
C SER K 138 -45.28 -91.79 -40.50
N GLY K 139 -45.65 -92.83 -39.73
CA GLY K 139 -45.55 -94.21 -40.22
C GLY K 139 -44.13 -94.56 -40.61
N GLN K 140 -43.28 -94.82 -39.61
CA GLN K 140 -41.85 -95.05 -39.92
C GLN K 140 -41.22 -96.02 -38.92
N THR K 141 -41.92 -96.37 -37.85
CA THR K 141 -41.33 -97.22 -36.79
C THR K 141 -40.89 -98.55 -37.39
N THR K 142 -39.70 -98.59 -37.99
CA THR K 142 -39.21 -99.82 -38.65
C THR K 142 -37.71 -99.91 -38.49
N ALA K 143 -37.08 -98.90 -37.90
CA ALA K 143 -35.59 -98.87 -37.78
C ALA K 143 -34.96 -98.93 -39.18
N ASN K 144 -35.73 -98.61 -40.21
CA ASN K 144 -35.21 -98.63 -41.61
C ASN K 144 -36.16 -97.80 -42.49
N LEU K 145 -35.69 -96.64 -42.96
CA LEU K 145 -36.56 -95.75 -43.78
C LEU K 145 -36.12 -95.82 -45.24
N VAL K 146 -36.91 -96.48 -46.09
CA VAL K 146 -36.58 -96.54 -47.54
C VAL K 146 -37.22 -95.31 -48.21
N LEU K 147 -36.40 -94.37 -48.68
CA LEU K 147 -36.92 -93.16 -49.38
C LEU K 147 -36.91 -93.45 -50.88
N ASP K 148 -37.82 -94.31 -51.35
CA ASP K 148 -37.85 -94.69 -52.78
C ASP K 148 -38.29 -93.50 -53.64
N ASN K 149 -37.83 -93.46 -54.89
CA ASN K 149 -38.19 -92.35 -55.82
C ASN K 149 -38.11 -91.02 -55.06
N ILE K 150 -36.97 -90.75 -54.40
CA ILE K 150 -36.86 -89.51 -53.58
C ILE K 150 -36.86 -88.29 -54.51
N ASP K 151 -37.43 -87.18 -54.06
CA ASP K 151 -37.40 -85.93 -54.86
C ASP K 151 -36.57 -84.90 -54.10
N ALA K 152 -36.45 -83.68 -54.64
CA ALA K 152 -35.60 -82.65 -53.99
C ALA K 152 -36.16 -82.27 -52.63
N ASP K 153 -37.50 -82.31 -52.47
CA ASP K 153 -38.13 -81.86 -51.20
C ASP K 153 -37.73 -82.82 -50.07
N LYS K 154 -37.56 -84.10 -50.38
CA LYS K 154 -37.27 -85.09 -49.30
C LYS K 154 -35.78 -85.04 -48.94
N ALA K 155 -35.07 -83.97 -49.32
CA ALA K 155 -33.66 -83.82 -48.91
C ALA K 155 -33.64 -83.14 -47.54
N GLY K 156 -32.53 -83.28 -46.80
CA GLY K 156 -32.45 -82.70 -45.45
C GLY K 156 -31.94 -83.71 -44.45
N GLU K 157 -32.18 -83.47 -43.16
CA GLU K 157 -31.64 -84.37 -42.11
C GLU K 157 -32.73 -85.34 -41.64
N TYR K 158 -32.38 -86.60 -41.40
CA TYR K 158 -33.36 -87.61 -40.91
C TYR K 158 -32.81 -88.21 -39.64
N LYS K 159 -33.60 -88.22 -38.56
CA LYS K 159 -33.08 -88.71 -37.25
C LYS K 159 -33.98 -89.81 -36.69
N VAL K 160 -33.39 -90.81 -36.03
CA VAL K 160 -34.20 -91.89 -35.39
C VAL K 160 -34.21 -91.63 -33.87
N THR K 161 -35.00 -92.41 -33.13
CA THR K 161 -35.04 -92.28 -31.65
C THR K 161 -35.37 -93.65 -31.09
N VAL K 162 -34.36 -94.52 -30.97
CA VAL K 162 -34.62 -95.90 -30.48
C VAL K 162 -34.90 -95.85 -28.97
N THR K 163 -36.16 -95.80 -28.58
CA THR K 163 -36.51 -95.77 -27.15
C THR K 163 -36.78 -97.18 -26.68
N ASP K 164 -36.25 -97.55 -25.51
CA ASP K 164 -36.56 -98.89 -24.95
C ASP K 164 -37.85 -98.79 -24.13
N ALA K 165 -38.43 -99.93 -23.74
CA ALA K 165 -39.64 -99.91 -22.89
C ALA K 165 -39.42 -98.97 -21.71
N ALA K 166 -38.25 -99.07 -21.07
CA ALA K 166 -37.92 -98.19 -19.92
C ALA K 166 -38.11 -96.72 -20.33
N GLY K 167 -37.35 -96.25 -21.31
CA GLY K 167 -37.45 -94.86 -21.76
C GLY K 167 -36.15 -94.38 -22.38
N THR K 168 -35.02 -94.97 -21.98
CA THR K 168 -33.70 -94.58 -22.52
C THR K 168 -33.76 -94.60 -24.04
N SER K 169 -33.32 -93.54 -24.70
CA SER K 169 -33.44 -93.47 -26.17
C SER K 169 -32.07 -93.16 -26.83
N VAL K 170 -31.66 -93.97 -27.81
CA VAL K 170 -30.41 -93.65 -28.57
C VAL K 170 -30.85 -93.07 -29.92
N ASP K 171 -30.18 -92.03 -30.39
CA ASP K 171 -30.62 -91.36 -31.65
C ASP K 171 -29.46 -91.32 -32.66
N SER K 172 -29.79 -91.23 -33.95
CA SER K 172 -28.74 -91.12 -35.00
C SER K 172 -29.31 -90.30 -36.18
N THR K 173 -28.48 -89.48 -36.82
CA THR K 173 -29.00 -88.60 -37.90
C THR K 173 -28.27 -88.89 -39.19
N ALA K 174 -28.91 -88.62 -40.33
CA ALA K 174 -28.27 -88.80 -41.65
C ALA K 174 -28.73 -87.71 -42.60
N LEU K 175 -27.77 -86.95 -43.15
CA LEU K 175 -28.12 -85.85 -44.09
C LEU K 175 -28.35 -86.44 -45.49
N VAL K 176 -29.61 -86.48 -45.94
CA VAL K 176 -29.91 -86.99 -47.31
C VAL K 176 -29.80 -85.82 -48.30
N ALA K 177 -29.00 -85.98 -49.35
CA ALA K 177 -28.85 -84.91 -50.38
C ALA K 177 -29.40 -85.43 -51.71
N VAL K 178 -30.40 -84.74 -52.28
CA VAL K 178 -31.04 -85.22 -53.53
C VAL K 178 -30.62 -84.31 -54.70
N GLY K 179 -30.08 -84.89 -55.77
CA GLY K 179 -29.65 -84.11 -56.94
C GLY K 179 -30.82 -83.85 -57.88
N ALA K 180 -31.18 -82.59 -58.08
CA ALA K 180 -32.34 -82.25 -58.93
C ALA K 180 -31.87 -81.94 -60.36
N TYR K 181 -32.79 -82.01 -61.34
CA TYR K 181 -32.43 -81.75 -62.76
C TYR K 181 -33.56 -80.98 -63.42
N PRO K 182 -33.26 -79.90 -64.19
CA PRO K 182 -34.31 -79.09 -64.80
C PRO K 182 -35.46 -79.94 -65.32
N GLU L 3 -27.40 38.18 -75.83
CA GLU L 3 -27.31 37.98 -74.39
C GLU L 3 -27.74 36.57 -73.99
N LEU L 4 -26.79 35.64 -74.01
CA LEU L 4 -27.04 34.29 -73.54
C LEU L 4 -26.90 34.25 -72.02
N LYS L 5 -27.96 33.81 -71.34
CA LYS L 5 -27.94 33.73 -69.89
C LYS L 5 -27.45 32.34 -69.46
N VAL L 6 -26.53 32.32 -68.51
CA VAL L 6 -25.95 31.07 -68.02
C VAL L 6 -26.44 30.83 -66.60
N ALA L 7 -26.86 29.60 -66.33
CA ALA L 7 -27.18 29.15 -64.99
C ALA L 7 -26.12 28.13 -64.55
N PHE L 8 -26.19 27.72 -63.28
CA PHE L 8 -25.22 26.75 -62.78
C PHE L 8 -25.72 26.05 -61.52
N ASN L 9 -25.86 24.74 -61.58
CA ASN L 9 -26.21 23.95 -60.40
C ASN L 9 -24.90 23.45 -59.79
N LYS L 10 -24.76 23.66 -58.47
CA LYS L 10 -23.50 23.33 -57.82
C LYS L 10 -23.32 21.84 -57.59
N ASP L 11 -24.39 21.06 -57.59
CA ASP L 11 -24.29 19.62 -57.32
C ASP L 11 -23.88 18.85 -58.56
N THR L 12 -24.69 18.90 -59.62
CA THR L 12 -24.39 18.16 -60.84
C THR L 12 -23.31 18.82 -61.68
N TYR L 13 -22.99 20.08 -61.40
CA TYR L 13 -22.00 20.84 -62.17
C TYR L 13 -22.39 20.89 -63.65
N VAL L 14 -23.57 21.43 -63.91
CA VAL L 14 -24.10 21.58 -65.26
C VAL L 14 -24.39 23.06 -65.48
N ALA L 15 -23.69 23.66 -66.44
CA ALA L 15 -23.87 25.08 -66.75
C ALA L 15 -24.80 25.20 -67.95
N THR L 16 -26.08 25.44 -67.68
CA THR L 16 -27.09 25.54 -68.73
C THR L 16 -27.06 26.92 -69.34
N VAL L 17 -26.63 27.01 -70.60
CA VAL L 17 -26.52 28.30 -71.29
C VAL L 17 -27.86 28.63 -71.94
N LEU L 18 -28.74 29.28 -71.19
CA LEU L 18 -30.06 29.62 -71.69
C LEU L 18 -30.01 30.90 -72.51
N ASP L 19 -31.08 31.15 -73.25
CA ASP L 19 -31.23 32.38 -74.00
C ASP L 19 -31.69 33.50 -73.07
N ALA L 20 -32.02 34.66 -73.63
CA ALA L 20 -32.38 35.81 -72.80
C ALA L 20 -33.73 35.65 -72.12
N SER L 21 -34.57 34.74 -72.59
CA SER L 21 -35.92 34.57 -72.07
C SER L 21 -36.17 33.14 -71.63
N GLY L 22 -35.12 32.46 -71.14
CA GLY L 22 -35.25 31.12 -70.63
C GLY L 22 -35.73 31.09 -69.19
N SER L 23 -35.91 29.87 -68.69
CA SER L 23 -36.30 29.64 -67.31
C SER L 23 -35.21 28.79 -66.65
N VAL L 24 -34.61 29.31 -65.59
CA VAL L 24 -33.51 28.63 -64.92
C VAL L 24 -34.00 27.30 -64.37
N PRO L 25 -33.23 26.23 -64.52
CA PRO L 25 -33.67 24.92 -64.02
C PRO L 25 -33.76 24.91 -62.51
N SER L 26 -34.62 24.04 -61.99
CA SER L 26 -34.76 23.88 -60.55
C SER L 26 -33.45 23.41 -59.94
N GLY L 27 -32.78 24.28 -59.19
CA GLY L 27 -31.48 24.01 -58.60
C GLY L 27 -30.39 24.94 -59.08
N SER L 28 -30.41 25.30 -60.36
CA SER L 28 -29.41 26.22 -60.90
C SER L 28 -29.71 27.65 -60.47
N VAL L 29 -28.69 28.49 -60.55
CA VAL L 29 -28.79 29.88 -60.10
C VAL L 29 -28.08 30.77 -61.12
N ASN L 30 -28.63 31.95 -61.37
CA ASN L 30 -28.07 32.89 -62.33
C ASN L 30 -26.63 33.24 -61.98
N VAL L 31 -25.71 33.06 -62.94
CA VAL L 31 -24.31 33.38 -62.70
C VAL L 31 -23.80 34.51 -63.58
N GLY L 32 -24.56 34.93 -64.57
CA GLY L 32 -24.15 36.06 -65.40
C GLY L 32 -24.69 35.90 -66.81
N THR L 33 -24.28 36.84 -67.66
CA THR L 33 -24.69 36.87 -69.05
C THR L 33 -23.52 37.30 -69.90
N PHE L 34 -23.47 36.80 -71.14
CA PHE L 34 -22.43 37.18 -72.09
C PHE L 34 -22.97 37.10 -73.50
N PHE L 35 -22.37 37.88 -74.40
CA PHE L 35 -22.72 37.86 -75.81
C PHE L 35 -21.99 36.69 -76.48
N HIS L 36 -22.74 35.67 -76.91
CA HIS L 36 -22.11 34.56 -77.62
C HIS L 36 -21.46 35.01 -78.92
N PRO L 37 -22.13 35.79 -79.78
CA PRO L 37 -21.40 36.48 -80.85
C PRO L 37 -20.76 37.74 -80.31
N ASP L 38 -19.57 37.62 -79.72
CA ASP L 38 -18.90 38.74 -79.06
C ASP L 38 -18.95 39.99 -79.93
N GLU L 39 -19.31 41.11 -79.30
CA GLU L 39 -19.56 42.34 -80.04
C GLU L 39 -18.34 42.80 -80.83
N THR L 40 -17.17 42.76 -80.20
CA THR L 40 -15.94 43.22 -80.85
C THR L 40 -15.30 42.16 -81.72
N TYR L 41 -14.90 41.02 -81.15
CA TYR L 41 -14.37 39.94 -81.98
C TYR L 41 -15.45 38.88 -82.14
N PRO L 42 -16.13 38.82 -83.28
CA PRO L 42 -17.33 37.98 -83.37
C PRO L 42 -17.05 36.52 -83.71
N ASP L 43 -15.90 36.22 -84.29
CA ASP L 43 -15.57 34.88 -84.75
C ASP L 43 -14.27 34.39 -84.15
N SER L 44 -14.09 34.61 -82.84
CA SER L 44 -12.91 34.14 -82.14
C SER L 44 -13.22 33.32 -80.89
N TYR L 45 -14.28 33.66 -80.15
CA TYR L 45 -14.62 32.96 -78.92
C TYR L 45 -15.86 32.12 -79.12
N VAL L 46 -15.93 31.02 -78.37
CA VAL L 46 -17.08 30.12 -78.39
C VAL L 46 -17.76 30.14 -77.03
N ILE L 47 -18.84 29.38 -76.88
CA ILE L 47 -19.62 29.41 -75.65
C ILE L 47 -18.75 29.05 -74.45
N TYR L 48 -17.88 28.04 -74.61
CA TYR L 48 -16.94 27.71 -73.55
C TYR L 48 -16.08 28.91 -73.17
N HIS L 49 -15.66 29.70 -74.16
CA HIS L 49 -14.86 30.87 -73.89
C HIS L 49 -15.64 31.99 -73.22
N GLY L 50 -16.92 31.78 -72.98
CA GLY L 50 -17.73 32.76 -72.27
C GLY L 50 -18.18 32.25 -70.92
N VAL L 51 -18.32 30.93 -70.80
CA VAL L 51 -18.63 30.33 -69.50
C VAL L 51 -17.42 30.43 -68.57
N ARG L 52 -16.21 30.26 -69.13
CA ARG L 52 -15.00 30.37 -68.31
C ARG L 52 -14.85 31.76 -67.73
N GLU L 53 -15.16 32.79 -68.51
CA GLU L 53 -15.11 34.17 -68.03
C GLU L 53 -16.24 34.48 -67.05
N LEU L 54 -17.22 33.59 -66.90
CA LEU L 54 -18.33 33.83 -65.98
C LEU L 54 -18.20 33.08 -64.67
N LEU L 55 -17.55 31.92 -64.66
CA LEU L 55 -17.36 31.15 -63.44
C LEU L 55 -16.08 31.52 -62.70
N TYR L 56 -15.13 32.19 -63.37
CA TYR L 56 -13.97 32.73 -62.67
C TYR L 56 -14.41 33.73 -61.62
N LYS L 57 -15.39 34.56 -61.94
CA LYS L 57 -16.00 35.46 -60.96
C LYS L 57 -17.21 34.79 -60.32
N ARG L 58 -16.92 33.77 -59.52
CA ARG L 58 -17.93 33.04 -58.76
C ARG L 58 -17.25 32.42 -57.55
N SER L 59 -18.00 31.64 -56.78
CA SER L 59 -17.49 31.11 -55.51
C SER L 59 -17.76 29.61 -55.42
N GLU L 60 -16.73 28.85 -55.06
CA GLU L 60 -16.90 27.42 -54.86
C GLU L 60 -17.86 27.14 -53.70
N VAL L 61 -17.80 27.97 -52.66
CA VAL L 61 -18.62 27.74 -51.47
C VAL L 61 -20.10 27.78 -51.83
N ASP L 62 -20.48 28.76 -52.65
CA ASP L 62 -21.84 28.84 -53.16
C ASP L 62 -21.82 29.55 -54.51
N PRO L 63 -22.08 28.84 -55.61
CA PRO L 63 -22.05 29.49 -56.93
C PRO L 63 -23.19 30.46 -57.14
N ALA L 64 -23.40 31.35 -56.18
CA ALA L 64 -24.34 32.45 -56.30
C ALA L 64 -23.71 33.79 -55.95
N GLN L 65 -22.81 33.82 -54.97
CA GLN L 65 -22.10 35.04 -54.61
C GLN L 65 -20.84 35.17 -55.47
N PRO L 66 -20.41 36.40 -55.75
CA PRO L 66 -19.18 36.58 -56.53
C PRO L 66 -17.95 36.20 -55.74
N GLY L 67 -16.88 35.90 -56.46
CA GLY L 67 -15.63 35.52 -55.85
C GLY L 67 -14.49 35.71 -56.81
N PHE L 68 -13.30 35.30 -56.38
CA PHE L 68 -12.11 35.50 -57.20
C PHE L 68 -11.15 34.35 -56.98
N TRP L 69 -9.88 34.55 -57.37
CA TRP L 69 -8.86 33.53 -57.58
C TRP L 69 -8.78 32.45 -56.52
N PRO L 70 -8.58 32.76 -55.23
CA PRO L 70 -8.37 31.68 -54.25
C PRO L 70 -9.55 30.73 -54.13
N GLU L 71 -10.77 31.24 -54.34
CA GLU L 71 -11.99 30.43 -54.22
C GLU L 71 -12.92 30.79 -55.38
N ASN L 72 -12.81 30.06 -56.48
CA ASN L 72 -13.70 30.23 -57.62
C ASN L 72 -13.76 28.94 -58.42
N ILE L 73 -14.72 28.89 -59.34
CA ILE L 73 -14.95 27.71 -60.16
C ILE L 73 -14.07 27.77 -61.40
N THR L 74 -12.82 27.34 -61.27
CA THR L 74 -11.88 27.36 -62.37
C THR L 74 -11.51 25.97 -62.88
N ASN L 75 -11.94 24.91 -62.21
CA ASN L 75 -11.76 23.56 -62.72
C ASN L 75 -12.76 23.36 -63.85
N MET L 76 -12.26 23.58 -65.07
CA MET L 76 -13.12 23.52 -66.25
C MET L 76 -13.11 22.13 -66.85
N GLN L 77 -13.32 21.12 -66.03
CA GLN L 77 -13.41 19.75 -66.50
C GLN L 77 -14.65 19.07 -65.90
N ALA L 78 -15.07 19.54 -64.74
CA ALA L 78 -16.24 18.95 -64.09
C ALA L 78 -17.54 19.56 -64.60
N VAL L 79 -17.51 20.84 -64.99
CA VAL L 79 -18.70 21.46 -65.56
C VAL L 79 -19.01 20.82 -66.91
N THR L 80 -20.28 20.65 -67.20
CA THR L 80 -20.75 20.08 -68.46
C THR L 80 -21.77 21.05 -69.05
N ILE L 81 -21.31 21.90 -69.96
CA ILE L 81 -22.15 22.91 -70.58
C ILE L 81 -23.33 22.23 -71.28
N ASP L 82 -24.54 22.54 -70.83
CA ASP L 82 -25.76 22.00 -71.43
C ASP L 82 -26.44 23.15 -72.16
N ASN L 83 -26.27 23.18 -73.48
CA ASN L 83 -26.72 24.31 -74.28
C ASN L 83 -28.20 24.20 -74.59
N LYS L 84 -28.95 25.26 -74.31
CA LYS L 84 -30.36 25.37 -74.71
C LYS L 84 -30.63 26.72 -75.34
N ALA L 85 -29.62 27.32 -75.96
CA ALA L 85 -29.74 28.61 -76.62
C ALA L 85 -29.73 28.40 -78.12
N THR L 86 -30.58 29.16 -78.83
CA THR L 86 -30.73 28.99 -80.26
C THR L 86 -29.39 29.18 -80.97
N ALA L 87 -29.11 28.29 -81.92
CA ALA L 87 -27.83 28.35 -82.62
C ALA L 87 -27.68 29.67 -83.36
N ARG L 88 -26.45 30.17 -83.40
CA ARG L 88 -26.19 31.49 -83.97
C ARG L 88 -26.58 31.52 -85.44
N LEU L 89 -27.08 32.67 -85.87
CA LEU L 89 -27.44 32.85 -87.28
C LEU L 89 -26.17 32.86 -88.12
N VAL L 90 -25.97 31.79 -88.89
CA VAL L 90 -24.78 31.65 -89.72
C VAL L 90 -25.24 31.56 -91.17
N LEU L 91 -24.40 32.01 -92.09
CA LEU L 91 -24.73 31.99 -93.51
C LEU L 91 -23.99 30.83 -94.16
N ASN L 92 -24.70 29.73 -94.41
CA ASN L 92 -24.06 28.53 -94.94
C ASN L 92 -23.49 28.78 -96.33
N THR L 93 -24.26 29.40 -97.21
CA THR L 93 -23.80 29.78 -98.54
C THR L 93 -24.08 31.25 -98.76
N SER L 94 -23.03 32.05 -98.79
CA SER L 94 -23.16 33.48 -99.03
C SER L 94 -23.15 33.77 -100.52
N LEU L 95 -23.49 35.01 -100.87
CA LEU L 95 -23.53 35.44 -102.26
C LEU L 95 -22.13 35.44 -102.84
N PRO L 96 -21.97 35.20 -104.14
CA PRO L 96 -20.64 35.29 -104.75
C PRO L 96 -20.09 36.70 -104.65
N ARG L 97 -18.76 36.80 -104.61
CA ARG L 97 -18.12 38.11 -104.51
C ARG L 97 -18.48 38.98 -105.73
N VAL L 98 -18.42 38.39 -106.92
CA VAL L 98 -18.65 39.15 -108.15
C VAL L 98 -19.43 38.27 -109.13
N VAL L 99 -20.36 38.88 -109.84
CA VAL L 99 -21.00 38.26 -111.00
C VAL L 99 -20.97 39.28 -112.14
N SER L 100 -20.94 38.78 -113.38
CA SER L 100 -20.76 39.67 -114.52
C SER L 100 -21.39 39.01 -115.75
N THR L 101 -22.44 39.65 -116.27
CA THR L 101 -23.10 39.18 -117.48
C THR L 101 -23.21 40.31 -118.49
N ILE L 102 -23.98 40.09 -119.56
CA ILE L 102 -24.23 41.12 -120.55
C ILE L 102 -25.68 41.57 -120.43
N GLU L 103 -25.97 42.74 -121.00
CA GLU L 103 -27.32 43.28 -120.96
C GLU L 103 -28.29 42.33 -121.66
N GLY L 104 -29.24 41.77 -120.90
CA GLY L 104 -30.17 40.77 -121.39
C GLY L 104 -30.04 39.43 -120.69
N GLY L 105 -28.89 39.16 -120.09
CA GLY L 105 -28.68 37.92 -119.39
C GLY L 105 -29.46 37.86 -118.10
N LYS L 106 -29.35 36.72 -117.42
CA LYS L 106 -30.10 36.45 -116.19
C LYS L 106 -29.11 36.17 -115.07
N VAL L 107 -29.03 37.08 -114.11
CA VAL L 107 -28.21 36.89 -112.92
C VAL L 107 -29.13 36.53 -111.76
N THR L 108 -28.80 35.45 -111.06
CA THR L 108 -29.56 34.99 -109.90
C THR L 108 -28.62 34.92 -108.70
N LEU L 109 -29.11 35.35 -107.55
CA LEU L 109 -28.35 35.32 -106.31
C LEU L 109 -29.12 34.53 -105.26
N SER L 110 -28.38 33.73 -104.49
CA SER L 110 -29.02 32.84 -103.52
C SER L 110 -28.22 32.85 -102.24
N VAL L 111 -28.92 32.81 -101.11
CA VAL L 111 -28.30 32.80 -99.79
C VAL L 111 -29.00 31.75 -98.94
N VAL L 112 -28.22 30.97 -98.21
CA VAL L 112 -28.74 29.92 -97.33
C VAL L 112 -28.30 30.24 -95.91
N ALA L 113 -29.25 30.26 -94.98
CA ALA L 113 -28.99 30.61 -93.59
C ALA L 113 -29.36 29.44 -92.69
N LEU L 114 -28.51 29.18 -91.70
CA LEU L 114 -28.74 28.13 -90.71
C LEU L 114 -28.58 28.74 -89.32
N GLY L 115 -29.68 29.21 -88.75
CA GLY L 115 -29.68 29.81 -87.42
C GLY L 115 -30.86 29.32 -86.63
N GLY L 116 -31.26 30.10 -85.63
CA GLY L 116 -32.39 29.68 -84.82
C GLY L 116 -33.55 30.65 -84.80
N LYS L 117 -34.64 30.27 -85.47
CA LYS L 117 -35.92 30.97 -85.44
C LYS L 117 -36.92 30.23 -86.31
N ALA L 118 -38.20 30.43 -86.07
CA ALA L 118 -39.20 29.93 -87.02
C ALA L 118 -39.33 30.88 -88.20
N PRO L 119 -39.62 32.19 -87.99
CA PRO L 119 -39.79 33.07 -89.16
C PRO L 119 -38.49 33.75 -89.62
N LEU L 120 -37.67 33.01 -90.36
CA LEU L 120 -36.44 33.57 -90.91
C LEU L 120 -36.81 34.46 -92.10
N LYS L 121 -37.00 35.74 -91.83
CA LYS L 121 -37.36 36.69 -92.87
C LYS L 121 -36.11 37.23 -93.56
N TYR L 122 -36.28 37.65 -94.81
CA TYR L 122 -35.18 38.12 -95.64
C TYR L 122 -35.41 39.56 -96.06
N LYS L 123 -34.36 40.15 -96.64
CA LYS L 123 -34.36 41.54 -97.08
C LYS L 123 -33.43 41.67 -98.28
N TRP L 124 -33.57 42.77 -99.02
CA TRP L 124 -32.73 43.00 -100.19
C TRP L 124 -32.58 44.50 -100.39
N GLU L 125 -31.35 44.95 -100.58
CA GLU L 125 -31.04 46.35 -100.86
C GLU L 125 -30.20 46.44 -102.12
N PHE L 126 -29.94 47.67 -102.56
CA PHE L 126 -29.28 47.88 -103.84
C PHE L 126 -28.61 49.26 -103.82
N ARG L 127 -27.30 49.29 -104.08
CA ARG L 127 -26.56 50.54 -104.15
C ARG L 127 -26.05 50.73 -105.58
N ALA L 128 -26.39 51.86 -106.19
CA ALA L 128 -25.85 52.21 -107.49
C ALA L 128 -24.35 52.49 -107.35
N PRO L 129 -23.56 52.24 -108.38
CA PRO L 129 -22.11 52.36 -108.22
C PRO L 129 -21.61 53.80 -108.37
N ASN L 130 -22.34 54.76 -107.81
CA ASN L 130 -21.80 56.09 -107.57
C ASN L 130 -22.36 56.65 -106.27
N ALA L 131 -23.26 55.90 -105.63
CA ALA L 131 -24.05 56.43 -104.54
C ALA L 131 -23.43 56.13 -103.18
N SER L 132 -24.18 56.42 -102.11
CA SER L 132 -23.75 56.13 -100.75
C SER L 132 -24.78 55.40 -99.91
N THR L 133 -26.08 55.53 -100.20
CA THR L 133 -27.13 54.91 -99.41
C THR L 133 -27.74 53.74 -100.16
N TRP L 134 -28.18 52.74 -99.40
CA TRP L 134 -28.83 51.57 -99.96
C TRP L 134 -30.31 51.86 -100.22
N THR L 135 -30.81 51.36 -101.34
CA THR L 135 -32.20 51.54 -101.72
C THR L 135 -32.92 50.20 -101.62
N ALA L 136 -34.11 50.21 -101.03
CA ALA L 136 -34.84 48.97 -100.78
C ALA L 136 -35.30 48.33 -102.08
N VAL L 137 -35.01 47.04 -102.24
CA VAL L 137 -35.47 46.27 -103.39
C VAL L 137 -36.89 45.78 -103.10
N SER L 138 -37.88 46.50 -103.61
CA SER L 138 -39.27 46.17 -103.32
C SER L 138 -39.65 44.83 -103.94
N GLY L 139 -40.56 44.12 -103.28
CA GLY L 139 -41.07 42.86 -103.81
C GLY L 139 -40.31 41.63 -103.37
N GLN L 140 -39.08 41.46 -103.85
CA GLN L 140 -38.31 40.26 -103.56
C GLN L 140 -37.89 40.22 -102.09
N THR L 141 -38.46 39.27 -101.33
CA THR L 141 -38.17 39.15 -99.90
C THR L 141 -37.92 37.69 -99.50
N THR L 142 -37.72 36.80 -100.47
CA THR L 142 -37.59 35.37 -100.18
C THR L 142 -36.32 34.83 -100.84
N ALA L 143 -35.24 34.76 -100.05
CA ALA L 143 -34.02 34.07 -100.43
C ALA L 143 -33.52 34.43 -101.82
N ASN L 144 -33.69 33.51 -102.77
CA ASN L 144 -33.21 33.72 -104.13
C ASN L 144 -33.84 34.96 -104.74
N LEU L 145 -32.99 35.83 -105.29
CA LEU L 145 -33.42 37.02 -106.01
C LEU L 145 -33.01 36.86 -107.47
N VAL L 146 -33.97 36.92 -108.37
CA VAL L 146 -33.75 36.68 -109.79
C VAL L 146 -33.87 38.00 -110.54
N LEU L 147 -32.87 38.31 -111.34
CA LEU L 147 -32.87 39.50 -112.19
C LEU L 147 -32.86 39.01 -113.64
N ASP L 148 -33.99 39.14 -114.31
CA ASP L 148 -34.15 38.68 -115.68
C ASP L 148 -34.19 39.87 -116.63
N ASN L 149 -33.55 39.71 -117.79
CA ASN L 149 -33.40 40.78 -118.77
C ASN L 149 -32.78 42.02 -118.10
N ILE L 150 -31.64 41.78 -117.48
CA ILE L 150 -30.98 42.79 -116.65
C ILE L 150 -30.52 43.93 -117.54
N ASP L 151 -30.85 45.16 -117.16
CA ASP L 151 -30.40 46.33 -117.90
C ASP L 151 -29.13 46.88 -117.27
N ALA L 152 -28.57 47.90 -117.93
CA ALA L 152 -27.37 48.54 -117.41
C ALA L 152 -27.65 49.29 -116.11
N ASP L 153 -28.85 49.88 -115.99
CA ASP L 153 -29.18 50.63 -114.77
C ASP L 153 -29.27 49.71 -113.55
N LYS L 154 -29.58 48.43 -113.77
CA LYS L 154 -29.62 47.47 -112.68
C LYS L 154 -28.25 46.83 -112.46
N ALA L 155 -27.29 47.69 -112.14
CA ALA L 155 -25.93 47.27 -111.84
C ALA L 155 -25.47 47.98 -110.58
N GLY L 156 -24.55 47.35 -109.86
CA GLY L 156 -24.07 47.90 -108.62
C GLY L 156 -23.76 46.85 -107.58
N GLU L 157 -24.37 46.97 -106.40
CA GLU L 157 -24.12 46.05 -105.31
C GLU L 157 -25.44 45.70 -104.63
N TYR L 158 -25.70 44.40 -104.48
CA TYR L 158 -26.89 43.89 -103.83
C TYR L 158 -26.50 43.23 -102.52
N LYS L 159 -27.28 43.46 -101.47
CA LYS L 159 -26.96 42.97 -100.13
C LYS L 159 -28.19 42.37 -99.48
N VAL L 160 -28.15 41.07 -99.22
CA VAL L 160 -29.23 40.41 -98.48
C VAL L 160 -29.05 40.69 -97.00
N THR L 161 -30.14 40.49 -96.23
CA THR L 161 -30.10 40.68 -94.78
C THR L 161 -31.04 39.65 -94.15
N VAL L 162 -30.46 38.54 -93.71
CA VAL L 162 -31.23 37.45 -93.11
C VAL L 162 -31.42 37.76 -91.63
N THR L 163 -32.63 38.14 -91.25
CA THR L 163 -32.95 38.46 -89.87
C THR L 163 -33.85 37.38 -89.28
N ASP L 164 -33.48 36.89 -88.10
CA ASP L 164 -34.27 35.86 -87.45
C ASP L 164 -35.49 36.45 -86.75
N ALA L 165 -36.15 35.66 -85.91
CA ALA L 165 -37.33 36.11 -85.19
C ALA L 165 -37.07 37.25 -84.22
N ALA L 166 -36.11 37.12 -83.32
CA ALA L 166 -35.97 38.14 -82.28
C ALA L 166 -35.15 39.34 -82.73
N GLY L 167 -33.84 39.16 -82.89
CA GLY L 167 -33.02 40.28 -83.32
C GLY L 167 -31.86 40.01 -84.26
N THR L 168 -31.46 38.76 -84.42
CA THR L 168 -30.19 38.48 -85.07
C THR L 168 -30.27 38.66 -86.58
N SER L 169 -29.25 39.29 -87.16
CA SER L 169 -29.20 39.54 -88.60
C SER L 169 -27.80 39.25 -89.13
N VAL L 170 -27.73 38.67 -90.31
CA VAL L 170 -26.48 38.45 -91.03
C VAL L 170 -26.67 38.89 -92.47
N ASP L 171 -25.65 39.51 -93.05
CA ASP L 171 -25.72 40.06 -94.39
C ASP L 171 -24.57 39.54 -95.25
N SER L 172 -24.72 39.76 -96.55
CA SER L 172 -23.71 39.36 -97.53
C SER L 172 -24.01 40.08 -98.84
N THR L 173 -22.97 40.63 -99.46
CA THR L 173 -23.11 41.46 -100.64
C THR L 173 -22.62 40.72 -101.88
N ALA L 174 -22.97 41.28 -103.04
CA ALA L 174 -22.55 40.70 -104.31
C ALA L 174 -22.60 41.79 -105.37
N LEU L 175 -21.44 42.22 -105.85
CA LEU L 175 -21.40 43.28 -106.86
C LEU L 175 -21.72 42.69 -108.22
N VAL L 176 -22.55 43.39 -108.99
CA VAL L 176 -23.06 42.91 -110.27
C VAL L 176 -22.62 43.89 -111.36
N ALA L 177 -22.01 43.37 -112.41
CA ALA L 177 -21.58 44.17 -113.55
C ALA L 177 -22.26 43.69 -114.83
N VAL L 178 -22.57 44.63 -115.71
CA VAL L 178 -23.22 44.31 -116.98
C VAL L 178 -22.64 45.16 -118.09
N GLY L 179 -21.92 44.53 -119.02
CA GLY L 179 -21.46 45.23 -120.21
C GLY L 179 -22.63 45.66 -121.07
N ALA L 180 -22.56 46.90 -121.55
CA ALA L 180 -23.66 47.49 -122.31
C ALA L 180 -23.18 47.77 -123.73
N TYR L 181 -23.63 46.95 -124.66
CA TYR L 181 -23.32 47.20 -126.06
C TYR L 181 -24.12 48.39 -126.57
N PRO L 182 -23.62 49.13 -127.56
CA PRO L 182 -24.30 50.35 -128.01
C PRO L 182 -25.70 50.05 -128.51
N PRO L 183 -26.64 50.96 -128.28
CA PRO L 183 -28.04 50.69 -128.66
C PRO L 183 -28.18 50.53 -130.16
#